data_5L1E
#
_entry.id   5L1E
#
_cell.length_a   92.677
_cell.length_b   109.858
_cell.length_c   602.462
_cell.angle_alpha   90.00
_cell.angle_beta   90.00
_cell.angle_gamma   90.00
#
_symmetry.space_group_name_H-M   'P 21 21 21'
#
loop_
_entity.id
_entity.type
_entity.pdbx_description
1 polymer 'Glutamate receptor 2'
2 non-polymer 2-acetamido-2-deoxy-beta-D-glucopyranose
3 non-polymer 3-(2-chlorophenyl)-2-(2-{6-[(diethylamino)methyl]pyridin-2-yl}ethyl)-6-fluoroquinazolin-4(3H)-one
#
_entity_poly.entity_id   1
_entity_poly.type   'polypeptide(L)'
_entity_poly.pdbx_seq_one_letter_code
;NSIQIGGLFPRGADQEYSAFRVGMVQFSTSEFRLTPHIDNLEVANSFAVTNAFCSQFSRGVYAIFGFYDKKSVNTITSFC
GTLHVSFITPSFPTDGTHPFVIQMRPDLKGALLSLIEYYQWDKFAYLYDSDRGLSTLQAVLDSAAEKKWQVTAINVGNIN
NDKKDETYRSLFQDLELKKERRVILDCERDKVNDIVDQVITIGKHVKGYHYIIANLGFTDGDLLKIQFGGAEVSGFQIVD
YDDSLVSKFIERWSTLEEKEYPGAHTATIKYTSALTYDAVQVMTEAFRNLRKQRIEISRRGNAGDCLANPAVPWGQGVEI
ERALKQVQVEGLSGNIKFDQNGKRINYTINIMELKTNGPRKIGYWSEVDKMVLTEDDTSGLEQKTVVVTTILESPYVMMK
KNHEMLEGNERYEGYCVDLAAEIAKHCGFKYKLTIVGDGKYGARDADTKIWNGMVGELVYGKADIAIAPLTITLVREEVI
DFSKPFMSLGISIMIKKPQKSKPGVFSFLDPLAYEIWMCIVFAYIGVSVVLFLVSDTDSTNEFGIFNSLWFSLGAFMQQG
ADISPRSLSGRIVGGVWWFFTLIIISSYTANLAAFLTVERMVSPIESAEDLSKQTEIAYGTLDSGSTKEFFRRSKIAVFD
KMWTYMRSAEPSVFVRTTAEGVARVRKSKGKYAYLLESTMNEYIEQRKPCDTMKVGGNLDSKGYGIATPKGSSLGTPVNL
AVLKLSEQGVLDKLKNKWWYDKGECGAKDSGSKEKTSALSLSNVAGVFYILVGGLGLAMLVALIEFCYKSRAEAKRMKGL
VPR
;
_entity_poly.pdbx_strand_id   A,B,C,D
#
loop_
_chem_comp.id
_chem_comp.type
_chem_comp.name
_chem_comp.formula
6ZQ non-polymer 3-(2-chlorophenyl)-2-(2-{6-[(diethylamino)methyl]pyridin-2-yl}ethyl)-6-fluoroquinazolin-4(3H)-one 'C26 H26 Cl F N4 O'
NAG D-saccharide, beta linking 2-acetamido-2-deoxy-beta-D-glucopyranose 'C8 H15 N O6'
#
# COMPACT_ATOMS: atom_id res chain seq x y z
N ASN A 1 1.93 -62.30 62.54
CA ASN A 1 1.28 -61.08 62.98
C ASN A 1 2.18 -59.86 62.75
N SER A 2 3.38 -59.91 63.31
CA SER A 2 4.33 -58.80 63.21
C SER A 2 4.89 -58.72 61.79
N ILE A 3 4.32 -57.85 60.97
CA ILE A 3 4.80 -57.60 59.62
C ILE A 3 5.61 -56.31 59.65
N GLN A 4 6.89 -56.39 59.30
CA GLN A 4 7.81 -55.27 59.44
C GLN A 4 7.73 -54.33 58.23
N ILE A 5 7.73 -53.03 58.51
CA ILE A 5 7.69 -52.01 57.47
C ILE A 5 8.64 -50.87 57.84
N GLY A 6 9.15 -50.20 56.81
CA GLY A 6 10.10 -49.12 57.01
C GLY A 6 9.39 -47.77 57.00
N GLY A 7 9.75 -46.92 57.98
CA GLY A 7 9.12 -45.62 58.12
C GLY A 7 10.10 -44.46 58.05
N LEU A 8 9.91 -43.58 57.07
CA LEU A 8 10.79 -42.45 56.82
C LEU A 8 9.97 -41.17 56.95
N PHE A 9 10.26 -40.38 57.99
CA PHE A 9 9.44 -39.21 58.31
C PHE A 9 10.33 -37.99 58.50
N PRO A 10 9.99 -36.85 57.89
CA PRO A 10 10.79 -35.64 58.07
C PRO A 10 10.71 -35.11 59.51
N ARG A 11 11.68 -34.26 59.84
CA ARG A 11 11.83 -33.77 61.20
C ARG A 11 10.86 -32.65 61.56
N GLY A 12 10.24 -32.02 60.58
CA GLY A 12 9.23 -31.01 60.83
C GLY A 12 7.81 -31.48 60.61
N ALA A 13 7.58 -32.76 60.40
CA ALA A 13 6.25 -33.30 60.08
C ALA A 13 5.69 -33.96 61.33
N ASP A 14 5.01 -33.18 62.15
CA ASP A 14 4.42 -33.71 63.38
C ASP A 14 3.04 -34.29 63.12
N GLN A 15 2.13 -33.47 62.60
CA GLN A 15 0.79 -33.96 62.30
C GLN A 15 0.81 -35.08 61.27
N GLU A 16 1.76 -35.03 60.33
CA GLU A 16 1.86 -36.09 59.33
C GLU A 16 2.22 -37.42 59.96
N TYR A 17 3.07 -37.41 61.00
CA TYR A 17 3.41 -38.65 61.69
C TYR A 17 2.30 -39.07 62.65
N SER A 18 1.77 -38.14 63.42
CA SER A 18 0.70 -38.47 64.36
C SER A 18 -0.51 -39.05 63.63
N ALA A 19 -0.69 -38.70 62.35
CA ALA A 19 -1.74 -39.32 61.56
C ALA A 19 -1.41 -40.77 61.25
N PHE A 20 -0.12 -41.13 61.23
CA PHE A 20 0.25 -42.51 60.95
C PHE A 20 -0.06 -43.42 62.12
N ARG A 21 0.13 -42.93 63.36
CA ARG A 21 -0.14 -43.75 64.53
C ARG A 21 -1.64 -43.97 64.71
N VAL A 22 -2.44 -42.94 64.42
CA VAL A 22 -3.89 -43.09 64.51
C VAL A 22 -4.38 -44.12 63.49
N GLY A 23 -3.73 -44.18 62.33
CA GLY A 23 -4.05 -45.22 61.37
C GLY A 23 -3.65 -46.60 61.84
N MET A 24 -2.56 -46.67 62.62
CA MET A 24 -2.10 -47.97 63.11
C MET A 24 -3.08 -48.57 64.11
N VAL A 25 -3.85 -47.74 64.81
CA VAL A 25 -4.81 -48.24 65.78
C VAL A 25 -6.15 -48.55 65.11
N GLN A 26 -6.60 -47.67 64.22
CA GLN A 26 -7.93 -47.83 63.64
C GLN A 26 -8.03 -49.07 62.76
N PHE A 27 -6.93 -49.45 62.10
CA PHE A 27 -6.95 -50.54 61.13
C PHE A 27 -6.29 -51.81 61.64
N SER A 28 -5.81 -51.83 62.87
CA SER A 28 -5.20 -53.04 63.42
C SER A 28 -6.28 -54.02 63.85
N THR A 29 -6.12 -55.27 63.46
CA THR A 29 -7.08 -56.32 63.78
C THR A 29 -6.40 -57.42 64.59
N SER A 30 -7.12 -58.51 64.81
CA SER A 30 -6.58 -59.66 65.52
C SER A 30 -5.85 -60.64 64.60
N GLU A 31 -6.08 -60.57 63.29
CA GLU A 31 -5.40 -61.47 62.37
C GLU A 31 -3.90 -61.20 62.33
N PHE A 32 -3.51 -59.94 62.21
CA PHE A 32 -2.11 -59.57 62.20
C PHE A 32 -2.02 -58.09 62.55
N ARG A 33 -0.78 -57.62 62.75
CA ARG A 33 -0.56 -56.23 63.14
C ARG A 33 0.81 -55.78 62.67
N LEU A 34 0.84 -54.67 61.92
CA LEU A 34 2.07 -54.18 61.32
C LEU A 34 3.02 -53.69 62.40
N THR A 35 4.32 -53.94 62.21
CA THR A 35 5.36 -53.51 63.14
C THR A 35 6.27 -52.50 62.47
N PRO A 36 6.04 -51.21 62.64
CA PRO A 36 6.87 -50.21 61.96
C PRO A 36 8.22 -50.04 62.64
N HIS A 37 9.20 -49.62 61.83
CA HIS A 37 10.48 -49.14 62.33
C HIS A 37 10.67 -47.72 61.82
N ILE A 38 10.69 -46.76 62.74
CA ILE A 38 10.66 -45.35 62.40
C ILE A 38 12.03 -44.73 62.65
N ASP A 39 12.45 -43.87 61.72
CA ASP A 39 13.68 -43.10 61.85
C ASP A 39 13.42 -41.71 61.29
N ASN A 40 13.65 -40.69 62.10
CA ASN A 40 13.44 -39.31 61.68
C ASN A 40 14.71 -38.80 61.02
N LEU A 41 14.59 -38.35 59.77
CA LEU A 41 15.74 -37.91 58.99
C LEU A 41 15.37 -36.64 58.23
N GLU A 42 16.40 -35.91 57.80
CA GLU A 42 16.22 -34.77 56.91
C GLU A 42 15.97 -35.31 55.51
N VAL A 43 14.74 -35.12 55.01
CA VAL A 43 14.33 -35.79 53.79
C VAL A 43 15.06 -35.24 52.57
N ALA A 44 15.53 -33.99 52.65
CA ALA A 44 16.21 -33.39 51.50
C ALA A 44 17.56 -34.04 51.24
N ASN A 45 18.32 -34.32 52.30
CA ASN A 45 19.63 -34.96 52.17
C ASN A 45 19.44 -36.39 51.65
N SER A 46 19.84 -36.62 50.40
CA SER A 46 19.64 -37.92 49.78
C SER A 46 20.61 -38.98 50.29
N PHE A 47 21.77 -38.59 50.82
CA PHE A 47 22.67 -39.57 51.42
C PHE A 47 22.05 -40.18 52.67
N ALA A 48 21.46 -39.35 53.53
CA ALA A 48 20.75 -39.86 54.70
C ALA A 48 19.57 -40.72 54.27
N VAL A 49 18.90 -40.35 53.18
CA VAL A 49 17.82 -41.17 52.64
C VAL A 49 18.37 -42.50 52.15
N THR A 50 19.52 -42.47 51.46
CA THR A 50 20.17 -43.71 51.05
C THR A 50 20.61 -44.54 52.24
N ASN A 51 21.14 -43.88 53.27
CA ASN A 51 21.58 -44.58 54.47
C ASN A 51 20.39 -45.14 55.24
N ALA A 52 19.29 -44.40 55.29
CA ALA A 52 18.12 -44.86 56.04
C ALA A 52 17.37 -45.96 55.30
N PHE A 53 17.23 -45.83 53.97
CA PHE A 53 16.60 -46.89 53.19
C PHE A 53 17.35 -48.20 53.34
N CYS A 54 18.67 -48.16 53.29
CA CYS A 54 19.47 -49.36 53.52
C CYS A 54 19.39 -49.80 54.98
N SER A 55 19.16 -48.87 55.91
CA SER A 55 18.96 -49.24 57.30
C SER A 55 17.67 -50.03 57.49
N GLN A 56 16.70 -49.85 56.60
CA GLN A 56 15.47 -50.62 56.64
C GLN A 56 15.57 -51.91 55.85
N PHE A 57 16.24 -51.86 54.69
CA PHE A 57 16.35 -53.06 53.85
C PHE A 57 17.13 -54.16 54.54
N SER A 58 18.10 -53.79 55.39
CA SER A 58 18.84 -54.81 56.13
C SER A 58 17.97 -55.46 57.20
N ARG A 59 17.20 -54.65 57.93
CA ARG A 59 16.33 -55.18 58.98
C ARG A 59 15.23 -56.07 58.44
N GLY A 60 15.08 -56.18 57.12
CA GLY A 60 14.14 -57.12 56.53
C GLY A 60 12.70 -56.66 56.57
N VAL A 61 12.43 -55.46 56.06
CA VAL A 61 11.05 -54.99 55.97
C VAL A 61 10.39 -55.60 54.74
N TYR A 62 9.07 -55.53 54.70
CA TYR A 62 8.30 -56.01 53.56
C TYR A 62 7.78 -54.88 52.70
N ALA A 63 7.57 -53.70 53.30
CA ALA A 63 7.21 -52.49 52.56
C ALA A 63 7.79 -51.30 53.30
N ILE A 64 7.86 -50.17 52.62
CA ILE A 64 8.39 -48.94 53.21
C ILE A 64 7.40 -47.82 52.93
N PHE A 65 7.16 -46.99 53.95
CA PHE A 65 6.31 -45.82 53.83
C PHE A 65 7.12 -44.59 54.23
N GLY A 66 7.13 -43.58 53.36
CA GLY A 66 7.92 -42.39 53.61
C GLY A 66 7.55 -41.21 52.73
N PHE A 67 8.54 -40.34 52.51
CA PHE A 67 8.38 -39.10 51.75
C PHE A 67 9.60 -38.91 50.86
N TYR A 68 9.58 -37.85 50.05
CA TYR A 68 10.77 -37.42 49.33
C TYR A 68 10.61 -35.98 48.88
N ASP A 69 11.75 -35.33 48.70
CA ASP A 69 11.86 -33.99 48.13
C ASP A 69 12.38 -34.12 46.70
N LYS A 70 12.47 -32.98 46.00
CA LYS A 70 12.98 -32.99 44.63
C LYS A 70 14.37 -33.58 44.57
N LYS A 71 15.20 -33.32 45.57
CA LYS A 71 16.58 -33.79 45.54
C LYS A 71 16.66 -35.30 45.79
N SER A 72 15.80 -35.83 46.66
CA SER A 72 15.92 -37.21 47.11
C SER A 72 15.00 -38.17 46.38
N VAL A 73 14.05 -37.69 45.58
CA VAL A 73 13.05 -38.58 44.99
C VAL A 73 13.70 -39.60 44.06
N ASN A 74 14.76 -39.19 43.36
CA ASN A 74 15.44 -40.11 42.46
C ASN A 74 16.12 -41.25 43.22
N THR A 75 16.61 -40.97 44.43
CA THR A 75 17.25 -42.01 45.23
C THR A 75 16.27 -43.11 45.59
N ILE A 76 15.09 -42.72 46.07
CA ILE A 76 14.06 -43.70 46.44
C ILE A 76 13.66 -44.52 45.22
N THR A 77 13.27 -43.84 44.14
CA THR A 77 12.65 -44.51 42.99
C THR A 77 13.57 -45.56 42.39
N SER A 78 14.86 -45.24 42.25
CA SER A 78 15.77 -46.18 41.59
C SER A 78 16.15 -47.33 42.52
N PHE A 79 16.28 -47.06 43.82
CA PHE A 79 16.55 -48.14 44.76
C PHE A 79 15.39 -49.13 44.81
N CYS A 80 14.15 -48.62 44.80
CA CYS A 80 12.99 -49.49 44.80
C CYS A 80 12.76 -50.18 43.47
N GLY A 81 13.39 -49.69 42.40
CA GLY A 81 13.24 -50.31 41.09
C GLY A 81 14.11 -51.53 40.92
N THR A 82 15.30 -51.50 41.52
CA THR A 82 16.23 -52.62 41.41
C THR A 82 16.09 -53.63 42.55
N LEU A 83 15.74 -53.17 43.74
CA LEU A 83 15.59 -54.05 44.90
C LEU A 83 14.17 -54.59 45.06
N HIS A 84 13.21 -54.09 44.27
CA HIS A 84 11.82 -54.54 44.28
C HIS A 84 11.12 -54.26 45.61
N VAL A 85 11.67 -53.38 46.43
CA VAL A 85 11.02 -52.96 47.66
C VAL A 85 9.89 -51.99 47.32
N SER A 86 8.71 -52.25 47.86
CA SER A 86 7.56 -51.40 47.60
C SER A 86 7.61 -50.15 48.47
N PHE A 87 7.26 -49.00 47.89
CA PHE A 87 7.34 -47.72 48.57
C PHE A 87 6.02 -46.98 48.44
N ILE A 88 5.43 -46.61 49.58
CA ILE A 88 4.19 -45.85 49.63
C ILE A 88 4.51 -44.47 50.17
N THR A 89 3.94 -43.44 49.55
CA THR A 89 4.26 -42.07 49.96
C THR A 89 3.07 -41.16 49.71
N PRO A 90 2.91 -40.11 50.52
CA PRO A 90 1.96 -39.04 50.20
C PRO A 90 2.58 -37.87 49.46
N SER A 91 3.87 -37.92 49.14
CA SER A 91 4.52 -36.86 48.38
C SER A 91 4.08 -36.92 46.92
N PHE A 92 4.53 -35.92 46.16
CA PHE A 92 4.03 -35.68 44.81
C PHE A 92 4.30 -36.88 43.90
N PRO A 93 3.50 -37.07 42.86
CA PRO A 93 3.72 -38.18 41.93
C PRO A 93 4.99 -37.96 41.10
N THR A 94 5.61 -39.07 40.71
CA THR A 94 6.82 -38.99 39.91
C THR A 94 6.50 -38.47 38.51
N ASP A 95 7.51 -37.84 37.90
CA ASP A 95 7.37 -37.27 36.56
C ASP A 95 7.49 -38.36 35.49
N GLY A 96 6.63 -39.36 35.61
CA GLY A 96 6.60 -40.46 34.67
C GLY A 96 6.25 -41.75 35.36
N THR A 97 6.55 -42.86 34.68
CA THR A 97 6.19 -44.20 35.13
C THR A 97 7.36 -44.82 35.89
N HIS A 98 7.22 -44.95 37.20
CA HIS A 98 8.22 -45.57 38.04
C HIS A 98 7.56 -46.69 38.86
N PRO A 99 8.07 -47.91 38.79
CA PRO A 99 7.44 -49.02 39.51
C PRO A 99 7.91 -49.10 40.96
N PHE A 100 7.25 -49.99 41.71
CA PHE A 100 7.50 -50.18 43.14
C PHE A 100 7.40 -48.85 43.88
N VAL A 101 6.43 -48.04 43.47
CA VAL A 101 6.09 -46.79 44.14
C VAL A 101 4.57 -46.71 44.20
N ILE A 102 4.05 -46.34 45.35
CA ILE A 102 2.61 -46.19 45.56
C ILE A 102 2.37 -44.74 45.98
N GLN A 103 2.14 -43.88 44.99
CA GLN A 103 1.98 -42.45 45.25
C GLN A 103 0.53 -42.18 45.66
N MET A 104 0.34 -41.87 46.95
CA MET A 104 -1.01 -41.63 47.44
C MET A 104 -1.57 -40.32 46.96
N ARG A 105 -0.71 -39.36 46.62
CA ARG A 105 -1.19 -38.06 46.17
C ARG A 105 -1.76 -38.20 44.75
N PRO A 106 -2.93 -37.63 44.48
CA PRO A 106 -3.49 -37.69 43.13
C PRO A 106 -2.86 -36.65 42.20
N ASP A 107 -3.05 -36.88 40.90
CA ASP A 107 -2.44 -36.04 39.88
C ASP A 107 -3.23 -34.74 39.76
N LEU A 108 -2.65 -33.65 40.25
CA LEU A 108 -3.35 -32.36 40.28
C LEU A 108 -3.39 -31.69 38.91
N LYS A 109 -2.53 -32.11 37.97
CA LYS A 109 -2.40 -31.42 36.69
C LYS A 109 -3.75 -31.28 36.00
N GLY A 110 -4.51 -32.38 35.91
CA GLY A 110 -5.78 -32.36 35.22
C GLY A 110 -6.81 -31.44 35.87
N ALA A 111 -6.64 -31.12 37.14
CA ALA A 111 -7.56 -30.21 37.81
C ALA A 111 -7.27 -28.76 37.43
N LEU A 112 -6.01 -28.36 37.50
CA LEU A 112 -5.64 -26.96 37.26
C LEU A 112 -5.90 -26.57 35.80
N LEU A 113 -5.46 -27.40 34.86
CA LEU A 113 -5.73 -27.14 33.45
C LEU A 113 -7.22 -26.93 33.19
N SER A 114 -8.06 -27.78 33.79
CA SER A 114 -9.50 -27.63 33.60
C SER A 114 -10.03 -26.39 34.29
N LEU A 115 -9.58 -26.12 35.52
CA LEU A 115 -10.08 -24.96 36.25
C LEU A 115 -9.78 -23.66 35.51
N ILE A 116 -8.61 -23.57 34.90
CA ILE A 116 -8.28 -22.39 34.11
C ILE A 116 -9.19 -22.31 32.89
N GLU A 117 -9.55 -23.46 32.33
CA GLU A 117 -10.42 -23.47 31.15
C GLU A 117 -11.85 -23.11 31.51
N TYR A 118 -12.27 -23.37 32.75
CA TYR A 118 -13.60 -22.96 33.19
C TYR A 118 -13.71 -21.44 33.23
N TYR A 119 -12.81 -20.79 33.97
CA TYR A 119 -12.83 -19.34 34.10
C TYR A 119 -12.56 -18.62 32.79
N GLN A 120 -12.19 -19.35 31.72
CA GLN A 120 -11.90 -18.76 30.42
C GLN A 120 -10.76 -17.74 30.52
N TRP A 121 -9.63 -18.19 31.08
CA TRP A 121 -8.42 -17.39 31.13
C TRP A 121 -7.59 -17.63 29.87
N ASP A 122 -7.11 -16.55 29.27
CA ASP A 122 -6.14 -16.64 28.18
C ASP A 122 -4.88 -15.84 28.47
N LYS A 123 -4.69 -15.40 29.71
CA LYS A 123 -3.49 -14.70 30.14
C LYS A 123 -3.45 -14.69 31.65
N PHE A 124 -2.41 -15.29 32.24
CA PHE A 124 -2.34 -15.42 33.69
C PHE A 124 -0.89 -15.58 34.12
N ALA A 125 -0.66 -15.29 35.40
CA ALA A 125 0.64 -15.51 36.02
C ALA A 125 0.66 -16.85 36.73
N TYR A 126 1.87 -17.34 37.02
CA TYR A 126 2.05 -18.68 37.57
C TYR A 126 3.35 -18.69 38.36
N LEU A 127 3.23 -18.54 39.68
CA LEU A 127 4.40 -18.50 40.57
C LEU A 127 4.60 -19.90 41.14
N TYR A 128 5.64 -20.58 40.68
CA TYR A 128 5.88 -21.97 41.04
C TYR A 128 7.08 -22.10 41.97
N ASP A 129 7.08 -23.21 42.72
CA ASP A 129 8.15 -23.55 43.64
C ASP A 129 8.66 -24.94 43.27
N SER A 130 9.97 -25.04 43.00
CA SER A 130 10.55 -26.30 42.55
C SER A 130 10.51 -27.40 43.60
N ASP A 131 10.16 -27.08 44.85
CA ASP A 131 10.20 -28.07 45.93
C ASP A 131 9.35 -29.29 45.63
N ARG A 132 8.26 -29.11 44.86
CA ARG A 132 7.38 -30.21 44.50
C ARG A 132 7.44 -30.54 43.02
N GLY A 133 8.62 -30.42 42.42
CA GLY A 133 8.80 -30.75 41.02
C GLY A 133 8.14 -29.76 40.08
N LEU A 134 8.61 -29.74 38.82
CA LEU A 134 8.06 -28.86 37.80
C LEU A 134 7.12 -29.60 36.85
N SER A 135 6.52 -30.69 37.31
CA SER A 135 5.59 -31.44 36.47
C SER A 135 4.34 -30.62 36.16
N THR A 136 3.81 -29.91 37.15
CA THR A 136 2.66 -29.05 36.92
C THR A 136 3.00 -27.88 36.01
N LEU A 137 4.23 -27.37 36.08
CA LEU A 137 4.62 -26.25 35.24
C LEU A 137 4.80 -26.69 33.79
N GLN A 138 5.38 -27.87 33.57
CA GLN A 138 5.54 -28.35 32.20
C GLN A 138 4.20 -28.53 31.50
N ALA A 139 3.13 -28.79 32.25
CA ALA A 139 1.82 -28.98 31.65
C ALA A 139 1.24 -27.67 31.15
N VAL A 140 1.30 -26.61 31.97
CA VAL A 140 0.74 -25.33 31.55
C VAL A 140 1.55 -24.74 30.41
N LEU A 141 2.86 -25.03 30.36
CA LEU A 141 3.68 -24.57 29.25
C LEU A 141 3.38 -25.36 27.98
N ASP A 142 3.16 -26.67 28.11
CA ASP A 142 2.75 -27.47 26.96
C ASP A 142 1.39 -27.03 26.44
N SER A 143 0.43 -26.84 27.34
CA SER A 143 -0.91 -26.39 26.96
C SER A 143 -0.98 -24.91 26.61
N ALA A 144 0.13 -24.18 26.77
CA ALA A 144 0.13 -22.77 26.40
C ALA A 144 0.04 -22.59 24.89
N ALA A 145 0.61 -23.53 24.12
CA ALA A 145 0.61 -23.40 22.67
C ALA A 145 -0.69 -23.87 22.04
N GLU A 146 -1.37 -24.85 22.65
CA GLU A 146 -2.60 -25.37 22.07
C GLU A 146 -3.73 -24.35 22.17
N LYS A 147 -3.88 -23.72 23.34
CA LYS A 147 -4.97 -22.77 23.58
C LYS A 147 -4.50 -21.32 23.53
N LYS A 148 -3.26 -21.08 23.11
CA LYS A 148 -2.75 -19.73 22.85
C LYS A 148 -2.78 -18.84 24.10
N TRP A 149 -2.39 -19.41 25.24
CA TRP A 149 -2.25 -18.63 26.46
C TRP A 149 -0.95 -17.81 26.40
N GLN A 150 -0.78 -16.95 27.41
CA GLN A 150 0.43 -16.12 27.54
C GLN A 150 0.83 -16.16 29.01
N VAL A 151 1.64 -17.16 29.36
CA VAL A 151 1.97 -17.46 30.76
C VAL A 151 3.15 -16.62 31.20
N THR A 152 3.07 -16.10 32.42
CA THR A 152 4.12 -15.30 33.03
C THR A 152 4.72 -16.11 34.17
N ALA A 153 5.55 -17.08 33.81
CA ALA A 153 6.06 -18.06 34.76
C ALA A 153 7.28 -17.51 35.50
N ILE A 154 7.21 -17.46 36.83
CA ILE A 154 8.29 -16.95 37.67
C ILE A 154 8.64 -18.02 38.69
N ASN A 155 9.90 -18.47 38.68
CA ASN A 155 10.37 -19.39 39.71
C ASN A 155 10.44 -18.66 41.04
N VAL A 156 9.34 -18.66 41.80
CA VAL A 156 9.30 -17.96 43.09
C VAL A 156 9.98 -18.74 44.20
N GLY A 157 10.36 -20.00 43.94
CA GLY A 157 10.87 -20.85 45.01
C GLY A 157 12.21 -20.40 45.56
N ASN A 158 13.19 -20.21 44.67
CA ASN A 158 14.56 -19.88 45.09
C ASN A 158 14.62 -18.42 45.54
N ILE A 159 14.26 -18.21 46.81
CA ILE A 159 14.39 -16.92 47.47
C ILE A 159 14.87 -17.16 48.89
N ASN A 160 15.53 -16.16 49.46
CA ASN A 160 15.97 -16.20 50.85
C ASN A 160 14.97 -15.45 51.74
N ASN A 161 15.04 -15.75 53.03
CA ASN A 161 14.05 -15.25 53.98
C ASN A 161 14.46 -13.95 54.68
N ASP A 162 15.69 -13.49 54.49
CA ASP A 162 16.10 -12.20 55.05
C ASP A 162 16.03 -11.06 54.05
N LYS A 163 15.96 -11.36 52.76
CA LYS A 163 15.64 -10.38 51.73
C LYS A 163 14.24 -10.61 51.17
N LYS A 164 13.36 -11.22 51.97
CA LYS A 164 12.06 -11.65 51.47
C LYS A 164 11.13 -10.47 51.24
N ASP A 165 11.21 -9.45 52.10
CA ASP A 165 10.31 -8.30 51.97
C ASP A 165 10.66 -7.44 50.77
N GLU A 166 11.93 -7.44 50.36
CA GLU A 166 12.33 -6.59 49.24
C GLU A 166 12.01 -7.24 47.90
N THR A 167 12.24 -8.55 47.77
CA THR A 167 12.06 -9.22 46.49
C THR A 167 10.59 -9.47 46.16
N TYR A 168 9.75 -9.71 47.18
CA TYR A 168 8.33 -9.93 46.93
C TYR A 168 7.66 -8.65 46.41
N ARG A 169 8.00 -7.50 46.98
CA ARG A 169 7.53 -6.24 46.42
C ARG A 169 8.13 -5.99 45.05
N SER A 170 9.34 -6.48 44.81
CA SER A 170 9.94 -6.37 43.49
C SER A 170 9.30 -7.34 42.50
N LEU A 171 8.65 -8.39 42.98
CA LEU A 171 8.01 -9.35 42.08
C LEU A 171 6.72 -8.76 41.50
N PHE A 172 5.85 -8.23 42.35
CA PHE A 172 4.56 -7.73 41.89
C PHE A 172 4.68 -6.47 41.06
N GLN A 173 5.78 -5.73 41.19
CA GLN A 173 6.03 -4.62 40.28
C GLN A 173 6.43 -5.10 38.89
N ASP A 174 6.88 -6.35 38.78
CA ASP A 174 7.06 -6.97 37.46
C ASP A 174 5.74 -7.50 36.93
N LEU A 175 4.91 -8.07 37.80
CA LEU A 175 3.57 -8.48 37.42
C LEU A 175 2.67 -7.30 37.09
N GLU A 176 3.04 -6.11 37.55
CA GLU A 176 2.31 -4.89 37.22
C GLU A 176 2.62 -4.39 35.81
N LEU A 177 3.69 -4.89 35.18
CA LEU A 177 4.09 -4.41 33.87
C LEU A 177 3.10 -4.83 32.78
N LYS A 178 2.43 -5.95 32.96
CA LYS A 178 1.35 -6.38 32.07
C LYS A 178 -0.02 -6.07 32.62
N LYS A 179 -0.11 -5.44 33.79
CA LYS A 179 -1.36 -5.29 34.55
C LYS A 179 -2.02 -6.65 34.76
N GLU A 180 -1.28 -7.53 35.45
CA GLU A 180 -1.72 -8.89 35.67
C GLU A 180 -2.72 -8.94 36.81
N ARG A 181 -3.84 -9.63 36.59
CA ARG A 181 -4.90 -9.75 37.59
C ARG A 181 -5.33 -11.20 37.79
N ARG A 182 -4.53 -12.16 37.36
CA ARG A 182 -4.88 -13.58 37.39
C ARG A 182 -3.64 -14.40 37.72
N VAL A 183 -3.47 -14.73 38.99
CA VAL A 183 -2.26 -15.38 39.50
C VAL A 183 -2.58 -16.80 39.94
N ILE A 184 -1.61 -17.68 39.77
CA ILE A 184 -1.68 -19.07 40.23
C ILE A 184 -0.54 -19.28 41.21
N LEU A 185 -0.87 -19.66 42.44
CA LEU A 185 0.13 -19.89 43.49
C LEU A 185 0.37 -21.40 43.60
N ASP A 186 1.30 -21.90 42.78
CA ASP A 186 1.65 -23.32 42.79
C ASP A 186 2.77 -23.55 43.81
N CYS A 187 2.42 -23.33 45.08
CA CYS A 187 3.36 -23.47 46.18
C CYS A 187 2.76 -24.35 47.27
N GLU A 188 3.62 -24.77 48.20
CA GLU A 188 3.15 -25.47 49.39
C GLU A 188 2.48 -24.46 50.33
N ARG A 189 1.66 -24.99 51.24
CA ARG A 189 0.81 -24.14 52.09
C ARG A 189 1.63 -23.12 52.87
N ASP A 190 2.88 -23.42 53.18
CA ASP A 190 3.70 -22.48 53.95
C ASP A 190 4.10 -21.28 53.10
N LYS A 191 4.60 -21.51 51.89
CA LYS A 191 4.92 -20.41 51.01
C LYS A 191 3.68 -19.62 50.61
N VAL A 192 2.53 -20.29 50.52
CA VAL A 192 1.29 -19.60 50.21
C VAL A 192 0.98 -18.57 51.27
N ASN A 193 1.06 -18.96 52.55
CA ASN A 193 0.83 -18.01 53.62
C ASN A 193 1.90 -16.91 53.64
N ASP A 194 3.09 -17.20 53.14
CA ASP A 194 4.11 -16.16 53.01
C ASP A 194 3.77 -15.21 51.86
N ILE A 195 3.29 -15.75 50.74
CA ILE A 195 2.84 -14.91 49.64
C ILE A 195 1.63 -14.09 50.07
N VAL A 196 0.65 -14.75 50.67
CA VAL A 196 -0.60 -14.08 51.06
C VAL A 196 -0.33 -12.97 52.06
N ASP A 197 0.64 -13.18 52.97
CA ASP A 197 0.99 -12.13 53.92
C ASP A 197 1.51 -10.89 53.21
N GLN A 198 2.28 -11.08 52.13
CA GLN A 198 2.81 -9.95 51.38
C GLN A 198 1.76 -9.35 50.44
N VAL A 199 0.79 -10.15 49.98
CA VAL A 199 -0.25 -9.64 49.10
C VAL A 199 -1.09 -8.60 49.83
N ILE A 200 -1.38 -8.83 51.11
CA ILE A 200 -2.16 -7.88 51.88
C ILE A 200 -1.37 -6.60 52.13
N THR A 201 -0.06 -6.74 52.38
CA THR A 201 0.77 -5.59 52.73
C THR A 201 0.81 -4.58 51.59
N ILE A 202 1.10 -5.04 50.38
CA ILE A 202 1.08 -4.14 49.23
C ILE A 202 -0.35 -3.82 48.81
N GLY A 203 -1.31 -4.68 49.14
CA GLY A 203 -2.71 -4.38 48.88
C GLY A 203 -3.21 -4.86 47.53
N LYS A 204 -2.77 -6.04 47.10
CA LYS A 204 -3.26 -6.65 45.86
C LYS A 204 -4.28 -7.74 46.14
N HIS A 205 -5.28 -7.43 46.96
CA HIS A 205 -6.29 -8.40 47.34
C HIS A 205 -7.69 -7.79 47.31
N VAL A 206 -7.90 -6.78 46.47
CA VAL A 206 -9.17 -6.06 46.44
C VAL A 206 -9.98 -6.50 45.22
N LYS A 207 -11.19 -5.95 45.09
CA LYS A 207 -12.11 -6.26 44.01
C LYS A 207 -11.43 -6.16 42.65
N GLY A 208 -11.23 -7.30 41.99
CA GLY A 208 -10.56 -7.33 40.71
C GLY A 208 -9.56 -8.46 40.61
N TYR A 209 -8.68 -8.56 41.59
CA TYR A 209 -7.68 -9.62 41.60
C TYR A 209 -8.35 -10.98 41.79
N HIS A 210 -7.81 -12.00 41.11
CA HIS A 210 -8.31 -13.35 41.22
C HIS A 210 -7.11 -14.29 41.33
N TYR A 211 -7.06 -15.06 42.41
CA TYR A 211 -5.96 -15.99 42.66
C TYR A 211 -6.45 -17.43 42.56
N ILE A 212 -5.50 -18.32 42.33
CA ILE A 212 -5.73 -19.76 42.40
C ILE A 212 -4.65 -20.34 43.31
N ILE A 213 -5.07 -21.16 44.26
CA ILE A 213 -4.16 -21.87 45.15
C ILE A 213 -4.06 -23.29 44.61
N ALA A 214 -2.99 -23.57 43.86
CA ALA A 214 -2.86 -24.82 43.13
C ALA A 214 -2.23 -25.89 44.02
N ASN A 215 -2.98 -26.30 45.04
CA ASN A 215 -2.61 -27.46 45.84
C ASN A 215 -3.88 -28.03 46.46
N LEU A 216 -3.76 -29.27 46.94
CA LEU A 216 -4.92 -30.01 47.44
C LEU A 216 -5.40 -29.51 48.80
N GLY A 217 -4.66 -28.64 49.46
CA GLY A 217 -5.05 -28.16 50.77
C GLY A 217 -5.51 -26.71 50.77
N PHE A 218 -6.70 -26.45 50.22
CA PHE A 218 -7.21 -25.08 50.18
C PHE A 218 -7.63 -24.61 51.57
N THR A 219 -8.47 -25.40 52.25
CA THR A 219 -8.93 -25.04 53.59
C THR A 219 -7.91 -25.29 54.68
N ASP A 220 -6.76 -25.90 54.34
CA ASP A 220 -5.78 -26.25 55.37
C ASP A 220 -5.00 -25.04 55.86
N GLY A 221 -4.75 -24.07 55.00
CA GLY A 221 -4.04 -22.86 55.38
C GLY A 221 -4.94 -21.88 56.10
N ASP A 222 -4.45 -20.65 56.22
CA ASP A 222 -5.18 -19.55 56.83
C ASP A 222 -5.76 -18.68 55.72
N LEU A 223 -7.09 -18.70 55.58
CA LEU A 223 -7.77 -17.99 54.51
C LEU A 223 -8.58 -16.80 54.99
N LEU A 224 -8.62 -16.53 56.30
CA LEU A 224 -9.46 -15.46 56.81
C LEU A 224 -8.87 -14.07 56.56
N LYS A 225 -7.62 -13.98 56.11
CA LYS A 225 -6.97 -12.69 55.94
C LYS A 225 -7.16 -12.08 54.56
N ILE A 226 -7.56 -12.88 53.57
CA ILE A 226 -7.96 -12.37 52.27
C ILE A 226 -9.41 -12.73 51.93
N GLN A 227 -10.17 -13.15 52.93
CA GLN A 227 -11.59 -13.47 52.71
C GLN A 227 -12.40 -12.20 52.47
N PHE A 228 -12.20 -11.19 53.31
CA PHE A 228 -12.95 -9.94 53.22
C PHE A 228 -12.29 -8.92 52.30
N GLY A 229 -11.17 -9.27 51.65
CA GLY A 229 -10.52 -8.32 50.77
C GLY A 229 -11.37 -7.96 49.55
N GLY A 230 -12.19 -8.91 49.08
CA GLY A 230 -13.01 -8.75 47.90
C GLY A 230 -12.51 -9.50 46.70
N ALA A 231 -11.20 -9.73 46.61
CA ALA A 231 -10.64 -10.48 45.51
C ALA A 231 -11.07 -11.93 45.58
N GLU A 232 -11.50 -12.47 44.44
CA GLU A 232 -11.90 -13.87 44.37
C GLU A 232 -10.68 -14.78 44.51
N VAL A 233 -10.86 -15.88 45.23
CA VAL A 233 -9.80 -16.87 45.43
C VAL A 233 -10.36 -18.25 45.12
N SER A 234 -9.59 -19.04 44.38
CA SER A 234 -9.94 -20.41 44.07
C SER A 234 -8.94 -21.36 44.71
N GLY A 235 -9.24 -22.65 44.64
CA GLY A 235 -8.35 -23.65 45.20
C GLY A 235 -8.86 -25.05 44.94
N PHE A 236 -8.20 -26.01 45.55
CA PHE A 236 -8.53 -27.42 45.39
C PHE A 236 -8.57 -28.09 46.76
N GLN A 237 -9.57 -28.96 46.95
CA GLN A 237 -9.78 -29.65 48.23
C GLN A 237 -9.99 -31.13 47.96
N ILE A 238 -9.19 -31.97 48.62
CA ILE A 238 -9.28 -33.42 48.46
C ILE A 238 -9.86 -34.02 49.73
N VAL A 239 -9.60 -33.40 50.87
CA VAL A 239 -10.17 -33.85 52.14
C VAL A 239 -11.57 -33.28 52.29
N ASP A 240 -12.56 -33.98 51.76
CA ASP A 240 -13.93 -33.49 51.76
C ASP A 240 -14.53 -33.66 53.16
N TYR A 241 -14.76 -32.54 53.85
CA TYR A 241 -15.39 -32.57 55.17
C TYR A 241 -16.90 -32.69 55.10
N ASP A 242 -17.47 -32.73 53.89
CA ASP A 242 -18.90 -32.99 53.73
C ASP A 242 -19.22 -34.47 53.94
N ASP A 243 -18.33 -35.35 53.51
CA ASP A 243 -18.58 -36.79 53.61
C ASP A 243 -18.69 -37.22 55.07
N SER A 244 -19.40 -38.34 55.28
CA SER A 244 -19.63 -38.84 56.63
C SER A 244 -18.38 -39.49 57.21
N LEU A 245 -17.66 -40.28 56.40
CA LEU A 245 -16.48 -40.99 56.89
C LEU A 245 -15.49 -40.03 57.52
N VAL A 246 -15.28 -38.86 56.90
CA VAL A 246 -14.40 -37.85 57.47
C VAL A 246 -15.02 -37.27 58.73
N SER A 247 -16.33 -36.98 58.68
CA SER A 247 -17.01 -36.42 59.84
C SER A 247 -16.90 -37.32 61.05
N LYS A 248 -16.85 -38.64 60.83
CA LYS A 248 -16.57 -39.57 61.92
C LYS A 248 -15.13 -39.42 62.41
N PHE A 249 -14.17 -39.39 61.47
CA PHE A 249 -12.77 -39.28 61.85
C PHE A 249 -12.50 -37.98 62.59
N ILE A 250 -13.10 -36.88 62.14
CA ILE A 250 -12.83 -35.58 62.76
C ILE A 250 -13.34 -35.57 64.19
N GLU A 251 -14.46 -36.25 64.46
CA GLU A 251 -14.96 -36.33 65.83
C GLU A 251 -13.91 -36.94 66.76
N ARG A 252 -13.35 -38.09 66.38
CA ARG A 252 -12.29 -38.70 67.17
C ARG A 252 -11.03 -37.85 67.14
N TRP A 253 -10.74 -37.25 65.98
CA TRP A 253 -9.54 -36.41 65.86
C TRP A 253 -9.66 -35.16 66.72
N SER A 254 -10.83 -34.55 66.77
CA SER A 254 -11.00 -33.29 67.49
C SER A 254 -10.83 -33.44 68.99
N THR A 255 -11.02 -34.65 69.53
CA THR A 255 -11.00 -34.84 70.97
C THR A 255 -9.61 -35.11 71.52
N LEU A 256 -8.72 -35.67 70.71
CA LEU A 256 -7.45 -36.21 71.21
C LEU A 256 -6.61 -35.13 71.90
N GLU A 257 -5.79 -35.57 72.84
CA GLU A 257 -4.92 -34.67 73.59
C GLU A 257 -3.73 -34.26 72.73
N GLU A 258 -3.44 -32.96 72.70
CA GLU A 258 -2.42 -32.42 71.83
C GLU A 258 -1.01 -32.66 72.33
N LYS A 259 -0.84 -33.10 73.58
CA LYS A 259 0.50 -33.37 74.09
C LYS A 259 1.04 -34.67 73.54
N GLU A 260 0.22 -35.73 73.52
CA GLU A 260 0.67 -37.01 72.99
C GLU A 260 0.70 -37.01 71.47
N TYR A 261 -0.41 -36.58 70.84
CA TYR A 261 -0.47 -36.43 69.40
C TYR A 261 -0.30 -34.96 69.06
N PRO A 262 0.89 -34.51 68.70
CA PRO A 262 1.06 -33.10 68.32
C PRO A 262 0.27 -32.78 67.05
N GLY A 263 -0.32 -31.59 67.02
CA GLY A 263 -1.09 -31.16 65.88
C GLY A 263 -2.22 -32.12 65.55
N ALA A 264 -3.24 -32.16 66.39
CA ALA A 264 -4.35 -33.09 66.18
C ALA A 264 -5.63 -32.60 66.83
N HIS A 265 -5.52 -31.62 67.73
CA HIS A 265 -6.69 -31.11 68.43
C HIS A 265 -7.54 -30.17 67.57
N THR A 266 -7.16 -29.94 66.32
CA THR A 266 -7.90 -29.06 65.43
C THR A 266 -9.04 -29.82 64.76
N ALA A 267 -9.90 -29.05 64.09
CA ALA A 267 -11.05 -29.60 63.38
C ALA A 267 -10.74 -29.99 61.94
N THR A 268 -9.52 -29.74 61.47
CA THR A 268 -9.13 -30.04 60.10
C THR A 268 -7.80 -30.79 60.11
N ILE A 269 -7.53 -31.47 59.00
CA ILE A 269 -6.32 -32.27 58.84
C ILE A 269 -5.69 -31.94 57.50
N LYS A 270 -4.37 -31.82 57.47
CA LYS A 270 -3.67 -31.50 56.24
C LYS A 270 -3.79 -32.65 55.25
N TYR A 271 -3.84 -32.28 53.95
CA TYR A 271 -3.94 -33.31 52.91
C TYR A 271 -2.72 -34.22 52.89
N THR A 272 -1.59 -33.76 53.39
CA THR A 272 -0.45 -34.66 53.63
C THR A 272 -0.81 -35.68 54.71
N SER A 273 -1.20 -35.19 55.89
CA SER A 273 -1.52 -36.09 57.00
C SER A 273 -2.73 -36.96 56.69
N ALA A 274 -3.71 -36.43 55.96
CA ALA A 274 -4.90 -37.22 55.62
C ALA A 274 -4.53 -38.40 54.74
N LEU A 275 -3.60 -38.21 53.80
CA LEU A 275 -3.17 -39.32 52.96
C LEU A 275 -2.34 -40.33 53.74
N THR A 276 -1.66 -39.88 54.79
CA THR A 276 -0.93 -40.81 55.66
C THR A 276 -1.87 -41.78 56.33
N TYR A 277 -2.97 -41.26 56.90
CA TYR A 277 -3.99 -42.12 57.51
C TYR A 277 -4.55 -43.10 56.50
N ASP A 278 -4.80 -42.66 55.27
CA ASP A 278 -5.32 -43.55 54.24
C ASP A 278 -4.23 -44.49 53.72
N ALA A 279 -2.97 -44.06 53.73
CA ALA A 279 -1.89 -44.93 53.30
C ALA A 279 -1.78 -46.17 54.18
N VAL A 280 -2.07 -46.03 55.48
CA VAL A 280 -2.09 -47.19 56.36
C VAL A 280 -3.14 -48.18 55.90
N GLN A 281 -4.33 -47.67 55.54
CA GLN A 281 -5.43 -48.54 55.14
C GLN A 281 -5.10 -49.30 53.86
N VAL A 282 -4.28 -48.74 52.99
CA VAL A 282 -3.87 -49.46 51.79
C VAL A 282 -2.87 -50.56 52.15
N MET A 283 -1.91 -50.26 53.01
CA MET A 283 -0.93 -51.25 53.42
C MET A 283 -1.58 -52.36 54.25
N THR A 284 -2.58 -52.02 55.05
CA THR A 284 -3.32 -53.03 55.80
C THR A 284 -3.99 -54.03 54.86
N GLU A 285 -4.95 -53.54 54.06
CA GLU A 285 -5.72 -54.43 53.19
C GLU A 285 -4.86 -55.14 52.15
N ALA A 286 -3.67 -54.62 51.85
CA ALA A 286 -2.81 -55.29 50.88
C ALA A 286 -2.25 -56.59 51.46
N PHE A 287 -1.66 -56.50 52.66
CA PHE A 287 -1.19 -57.72 53.32
C PHE A 287 -2.34 -58.62 53.74
N ARG A 288 -3.52 -58.04 54.00
CA ARG A 288 -4.70 -58.84 54.28
C ARG A 288 -5.10 -59.68 53.08
N ASN A 289 -5.11 -59.07 51.89
CA ASN A 289 -5.36 -59.81 50.67
C ASN A 289 -4.25 -60.81 50.37
N LEU A 290 -3.04 -60.58 50.90
CA LEU A 290 -1.99 -61.57 50.74
C LEU A 290 -2.25 -62.81 51.57
N ARG A 291 -2.88 -62.65 52.74
CA ARG A 291 -3.27 -63.80 53.54
C ARG A 291 -4.35 -64.61 52.84
N LYS A 292 -5.44 -63.95 52.43
CA LYS A 292 -6.58 -64.66 51.84
C LYS A 292 -6.19 -65.40 50.57
N GLN A 293 -5.25 -64.86 49.80
CA GLN A 293 -4.80 -65.53 48.59
C GLN A 293 -3.75 -66.60 48.87
N ARG A 294 -3.38 -66.81 50.14
CA ARG A 294 -2.45 -67.86 50.56
C ARG A 294 -1.11 -67.74 49.82
N ILE A 295 -0.41 -66.66 50.13
CA ILE A 295 0.89 -66.37 49.54
C ILE A 295 1.91 -66.22 50.67
N GLU A 296 3.08 -66.83 50.47
CA GLU A 296 4.16 -66.79 51.45
C GLU A 296 5.06 -65.60 51.16
N ILE A 297 5.17 -64.68 52.12
CA ILE A 297 5.83 -63.40 51.89
C ILE A 297 7.03 -63.18 52.80
N SER A 298 7.30 -64.06 53.75
CA SER A 298 8.39 -63.82 54.70
C SER A 298 9.74 -64.12 54.06
N ARG A 299 10.77 -63.46 54.57
CA ARG A 299 12.08 -63.50 53.95
C ARG A 299 12.76 -64.85 54.17
N ARG A 300 13.44 -65.33 53.12
CA ARG A 300 14.15 -66.60 53.21
C ARG A 300 15.35 -66.52 54.15
N GLY A 301 15.93 -65.33 54.31
CA GLY A 301 17.05 -65.15 55.20
C GLY A 301 17.44 -63.69 55.36
N ASN A 302 18.75 -63.42 55.37
CA ASN A 302 19.23 -62.06 55.47
C ASN A 302 19.13 -61.36 54.12
N ALA A 303 18.63 -60.12 54.14
CA ALA A 303 18.64 -59.32 52.92
C ALA A 303 20.05 -58.89 52.54
N GLY A 304 20.91 -58.69 53.54
CA GLY A 304 22.31 -58.38 53.28
C GLY A 304 22.56 -56.90 53.11
N ASP A 305 23.73 -56.59 52.56
CA ASP A 305 24.10 -55.22 52.28
C ASP A 305 23.38 -54.74 51.02
N CYS A 306 22.69 -53.60 51.13
CA CYS A 306 21.89 -53.10 50.02
C CYS A 306 22.73 -52.86 48.77
N LEU A 307 24.02 -52.57 48.94
CA LEU A 307 24.94 -52.42 47.82
C LEU A 307 25.41 -53.76 47.26
N ALA A 308 24.50 -54.73 47.16
CA ALA A 308 24.87 -56.05 46.69
C ALA A 308 25.24 -56.00 45.22
N ASN A 309 26.44 -56.49 44.90
CA ASN A 309 26.90 -56.53 43.53
C ASN A 309 27.43 -57.93 43.22
N PRO A 310 26.76 -58.67 42.32
CA PRO A 310 25.58 -58.31 41.51
C PRO A 310 24.31 -58.05 42.33
N ALA A 311 23.37 -57.33 41.72
CA ALA A 311 22.16 -56.92 42.43
C ALA A 311 21.25 -58.12 42.66
N VAL A 312 20.79 -58.27 43.90
CA VAL A 312 19.91 -59.36 44.28
C VAL A 312 18.52 -58.78 44.55
N PRO A 313 17.51 -59.13 43.75
CA PRO A 313 16.13 -58.72 44.07
C PRO A 313 15.30 -59.87 44.61
N TRP A 314 14.62 -59.67 45.73
CA TRP A 314 13.81 -60.73 46.31
C TRP A 314 12.53 -60.89 45.51
N GLY A 315 12.20 -62.14 45.15
CA GLY A 315 11.09 -62.37 44.25
C GLY A 315 9.73 -62.13 44.88
N GLN A 316 9.64 -62.26 46.20
CA GLN A 316 8.36 -62.09 46.87
C GLN A 316 8.00 -60.62 47.07
N GLY A 317 8.84 -59.69 46.61
CA GLY A 317 8.43 -58.30 46.60
C GLY A 317 7.45 -57.99 45.47
N VAL A 318 7.50 -58.78 44.40
CA VAL A 318 6.58 -58.56 43.28
C VAL A 318 5.14 -58.72 43.73
N GLU A 319 4.87 -59.78 44.49
CA GLU A 319 3.51 -60.02 44.97
C GLU A 319 3.05 -58.92 45.92
N ILE A 320 3.99 -58.30 46.64
CA ILE A 320 3.62 -57.17 47.49
C ILE A 320 3.23 -55.97 46.63
N GLU A 321 3.95 -55.75 45.53
CA GLU A 321 3.53 -54.73 44.57
C GLU A 321 2.16 -55.05 44.00
N ARG A 322 1.99 -56.28 43.51
CA ARG A 322 0.72 -56.67 42.90
C ARG A 322 -0.43 -56.60 43.91
N ALA A 323 -0.16 -56.88 45.18
CA ALA A 323 -1.21 -56.80 46.19
C ALA A 323 -1.50 -55.35 46.57
N LEU A 324 -0.47 -54.51 46.64
CA LEU A 324 -0.70 -53.10 46.96
C LEU A 324 -1.50 -52.41 45.88
N LYS A 325 -1.22 -52.72 44.61
CA LYS A 325 -1.88 -52.08 43.49
C LYS A 325 -3.23 -52.70 43.15
N GLN A 326 -3.70 -53.67 43.93
CA GLN A 326 -5.05 -54.21 43.80
C GLN A 326 -5.98 -53.71 44.89
N VAL A 327 -5.51 -52.82 45.75
CA VAL A 327 -6.30 -52.30 46.87
C VAL A 327 -7.29 -51.25 46.34
N GLN A 328 -8.55 -51.37 46.72
CA GLN A 328 -9.58 -50.41 46.35
C GLN A 328 -10.49 -50.19 47.56
N VAL A 329 -10.14 -49.20 48.38
CA VAL A 329 -10.87 -48.91 49.61
C VAL A 329 -11.35 -47.47 49.61
N GLU A 330 -12.05 -47.07 50.66
CA GLU A 330 -12.56 -45.72 50.82
C GLU A 330 -11.89 -45.05 52.01
N GLY A 331 -11.54 -43.78 51.84
CA GLY A 331 -10.86 -43.04 52.89
C GLY A 331 -11.12 -41.54 52.85
N LEU A 332 -10.18 -40.77 53.43
CA LEU A 332 -10.35 -39.32 53.48
C LEU A 332 -10.19 -38.66 52.11
N SER A 333 -9.54 -39.33 51.16
CA SER A 333 -9.29 -38.78 49.84
C SER A 333 -10.29 -39.28 48.80
N GLY A 334 -11.52 -39.58 49.23
CA GLY A 334 -12.46 -40.18 48.31
C GLY A 334 -12.06 -41.61 47.99
N ASN A 335 -12.42 -42.05 46.78
CA ASN A 335 -12.03 -43.37 46.33
C ASN A 335 -10.52 -43.44 46.15
N ILE A 336 -9.93 -44.55 46.60
CA ILE A 336 -8.49 -44.77 46.53
C ILE A 336 -8.26 -46.01 45.68
N LYS A 337 -7.74 -45.81 44.48
CA LYS A 337 -7.48 -46.90 43.56
C LYS A 337 -6.22 -46.59 42.77
N PHE A 338 -5.46 -47.62 42.43
CA PHE A 338 -4.15 -47.47 41.81
C PHE A 338 -4.09 -48.21 40.49
N ASP A 339 -3.37 -47.62 39.53
CA ASP A 339 -3.16 -48.23 38.23
C ASP A 339 -1.92 -49.12 38.30
N GLN A 340 -1.45 -49.60 37.14
CA GLN A 340 -0.29 -50.46 37.13
C GLN A 340 0.99 -49.70 37.48
N ASN A 341 0.97 -48.38 37.41
CA ASN A 341 2.14 -47.56 37.72
C ASN A 341 2.13 -47.01 39.13
N GLY A 342 1.03 -47.13 39.86
CA GLY A 342 0.92 -46.59 41.19
C GLY A 342 0.29 -45.22 41.27
N LYS A 343 -0.08 -44.63 40.14
CA LYS A 343 -0.77 -43.34 40.15
C LYS A 343 -2.20 -43.52 40.65
N ARG A 344 -2.67 -42.53 41.41
CA ARG A 344 -4.07 -42.53 41.82
C ARG A 344 -4.97 -42.40 40.59
N ILE A 345 -6.06 -43.17 40.58
CA ILE A 345 -7.06 -43.11 39.52
C ILE A 345 -8.43 -43.03 40.18
N ASN A 346 -9.45 -42.84 39.34
CA ASN A 346 -10.86 -42.84 39.75
C ASN A 346 -11.15 -41.84 40.86
N TYR A 347 -10.23 -40.92 41.13
CA TYR A 347 -10.30 -40.07 42.30
C TYR A 347 -11.20 -38.86 42.05
N THR A 348 -11.47 -38.12 43.13
CA THR A 348 -12.36 -36.97 43.09
C THR A 348 -11.70 -35.80 43.80
N ILE A 349 -11.67 -34.64 43.13
CA ILE A 349 -11.11 -33.43 43.69
C ILE A 349 -12.16 -32.33 43.64
N ASN A 350 -12.41 -31.70 44.78
CA ASN A 350 -13.36 -30.60 44.88
C ASN A 350 -12.68 -29.28 44.55
N ILE A 351 -13.45 -28.35 44.01
CA ILE A 351 -12.99 -27.01 43.67
C ILE A 351 -13.73 -26.02 44.57
N MET A 352 -12.97 -25.20 45.28
CA MET A 352 -13.51 -24.33 46.31
C MET A 352 -13.18 -22.87 45.99
N GLU A 353 -14.21 -22.04 45.99
CA GLU A 353 -14.04 -20.59 45.90
C GLU A 353 -14.28 -19.97 47.28
N LEU A 354 -13.50 -18.93 47.58
CA LEU A 354 -13.62 -18.23 48.84
C LEU A 354 -14.54 -17.03 48.67
N LYS A 355 -15.66 -17.04 49.38
CA LYS A 355 -16.62 -15.94 49.37
C LYS A 355 -16.57 -15.22 50.71
N THR A 356 -17.60 -14.40 50.97
CA THR A 356 -17.65 -13.68 52.24
C THR A 356 -18.03 -14.60 53.39
N ASN A 357 -18.77 -15.67 53.12
CA ASN A 357 -19.21 -16.61 54.14
C ASN A 357 -18.28 -17.79 54.32
N GLY A 358 -17.01 -17.66 53.90
CA GLY A 358 -16.05 -18.73 54.06
C GLY A 358 -15.97 -19.62 52.84
N PRO A 359 -15.28 -20.76 52.98
CA PRO A 359 -15.11 -21.66 51.85
C PRO A 359 -16.44 -22.21 51.36
N ARG A 360 -16.48 -22.60 50.09
CA ARG A 360 -17.71 -23.07 49.49
C ARG A 360 -17.39 -24.00 48.33
N LYS A 361 -17.97 -25.20 48.38
CA LYS A 361 -17.81 -26.17 47.30
C LYS A 361 -18.57 -25.70 46.06
N ILE A 362 -17.85 -25.51 44.96
CA ILE A 362 -18.47 -24.98 43.75
C ILE A 362 -18.35 -25.96 42.59
N GLY A 363 -17.25 -26.72 42.55
CA GLY A 363 -17.01 -27.60 41.42
C GLY A 363 -16.26 -28.86 41.81
N TYR A 364 -16.15 -29.76 40.84
CA TYR A 364 -15.35 -30.97 40.97
C TYR A 364 -15.10 -31.55 39.58
N TRP A 365 -13.97 -32.22 39.43
CA TRP A 365 -13.60 -32.87 38.18
C TRP A 365 -13.22 -34.32 38.46
N SER A 366 -13.16 -35.10 37.38
CA SER A 366 -12.79 -36.51 37.45
C SER A 366 -11.96 -36.85 36.21
N GLU A 367 -11.21 -37.95 36.32
CA GLU A 367 -10.29 -38.32 35.25
C GLU A 367 -11.04 -38.78 34.01
N VAL A 368 -12.36 -38.82 34.09
CA VAL A 368 -13.20 -39.09 32.92
C VAL A 368 -14.23 -38.00 32.66
N ASP A 369 -14.58 -37.17 33.66
CA ASP A 369 -15.50 -36.07 33.46
C ASP A 369 -14.95 -34.83 34.16
N LYS A 370 -15.06 -33.68 33.49
CA LYS A 370 -14.46 -32.45 33.97
C LYS A 370 -15.53 -31.45 34.41
N MET A 371 -15.19 -30.65 35.42
CA MET A 371 -15.93 -29.44 35.83
C MET A 371 -17.44 -29.67 35.81
N VAL A 372 -17.89 -30.61 36.63
CA VAL A 372 -19.25 -31.14 36.47
C VAL A 372 -20.26 -30.40 37.34
N LEU A 373 -19.86 -30.02 38.57
CA LEU A 373 -20.82 -29.70 39.64
C LEU A 373 -21.97 -28.80 39.20
N THR A 374 -23.17 -29.38 39.14
CA THR A 374 -24.40 -28.63 38.95
C THR A 374 -25.49 -29.23 39.83
N GLU A 375 -25.96 -28.48 40.82
CA GLU A 375 -25.48 -27.13 41.09
C GLU A 375 -25.50 -26.84 42.59
N ASP A 376 -24.86 -25.74 42.99
CA ASP A 376 -24.86 -25.31 44.38
C ASP A 376 -26.01 -24.33 44.63
N ASP A 377 -27.22 -24.81 44.35
CA ASP A 377 -28.42 -24.02 44.59
C ASP A 377 -28.64 -23.81 46.08
N THR A 378 -28.26 -24.78 46.91
CA THR A 378 -28.34 -24.62 48.36
C THR A 378 -27.29 -23.61 48.82
N SER A 379 -27.31 -23.32 50.12
CA SER A 379 -26.49 -22.26 50.73
C SER A 379 -26.90 -20.95 50.07
N GLY A 380 -25.96 -20.14 49.60
CA GLY A 380 -26.27 -18.93 48.88
C GLY A 380 -26.68 -17.81 49.81
N LEU A 381 -25.92 -16.70 49.80
CA LEU A 381 -26.18 -15.55 50.64
C LEU A 381 -27.05 -14.49 49.96
N GLU A 382 -26.99 -14.41 48.63
CA GLU A 382 -27.76 -13.43 47.85
C GLU A 382 -27.42 -12.00 48.29
N GLN A 383 -26.16 -11.63 48.09
CA GLN A 383 -25.66 -10.31 48.45
C GLN A 383 -24.63 -9.87 47.42
N LYS A 384 -24.82 -8.67 46.86
CA LYS A 384 -23.92 -8.13 45.85
C LYS A 384 -24.16 -6.64 45.62
N THR A 385 -23.09 -5.86 45.61
CA THR A 385 -23.14 -4.43 45.33
C THR A 385 -22.31 -4.15 44.09
N VAL A 386 -22.99 -3.92 42.96
CA VAL A 386 -22.30 -3.73 41.69
C VAL A 386 -21.54 -2.40 41.69
N VAL A 387 -20.36 -2.40 41.07
CA VAL A 387 -19.50 -1.22 41.01
C VAL A 387 -19.68 -0.56 39.65
N VAL A 388 -20.18 0.67 39.64
CA VAL A 388 -20.39 1.45 38.42
C VAL A 388 -19.41 2.61 38.40
N THR A 389 -18.74 2.81 37.26
CA THR A 389 -17.75 3.85 37.11
C THR A 389 -18.23 4.91 36.12
N THR A 390 -17.83 6.15 36.37
CA THR A 390 -18.20 7.28 35.52
C THR A 390 -17.23 8.42 35.81
N ILE A 391 -17.44 9.55 35.11
CA ILE A 391 -16.52 10.67 35.14
C ILE A 391 -17.30 11.96 35.40
N LEU A 392 -16.67 12.89 36.11
CA LEU A 392 -17.27 14.17 36.47
C LEU A 392 -17.17 15.12 35.29
N GLU A 393 -18.21 15.14 34.45
CA GLU A 393 -18.27 16.06 33.33
C GLU A 393 -19.73 16.45 33.11
N SER A 394 -19.99 17.75 33.14
CA SER A 394 -21.35 18.28 33.00
C SER A 394 -21.91 18.01 31.60
N PRO A 395 -23.21 17.72 31.50
CA PRO A 395 -24.17 17.58 32.60
C PRO A 395 -24.42 16.13 32.99
N TYR A 396 -23.52 15.24 32.58
CA TYR A 396 -23.75 13.80 32.76
C TYR A 396 -23.62 13.41 34.23
N VAL A 397 -22.53 13.83 34.88
CA VAL A 397 -22.34 13.60 36.31
C VAL A 397 -21.76 14.89 36.90
N MET A 398 -22.55 15.59 37.70
CA MET A 398 -22.11 16.80 38.36
C MET A 398 -22.29 16.66 39.87
N MET A 399 -21.38 17.25 40.62
CA MET A 399 -21.53 17.28 42.07
C MET A 399 -22.66 18.21 42.47
N LYS A 400 -23.41 17.82 43.49
CA LYS A 400 -24.53 18.64 43.94
C LYS A 400 -24.02 19.89 44.64
N LYS A 401 -24.97 20.80 44.92
CA LYS A 401 -24.63 22.06 45.55
C LYS A 401 -24.12 21.85 46.98
N ASN A 402 -24.79 20.99 47.74
CA ASN A 402 -24.36 20.68 49.10
C ASN A 402 -23.83 19.24 49.16
N HIS A 403 -22.72 18.97 48.48
CA HIS A 403 -22.24 17.60 48.33
C HIS A 403 -21.50 17.09 49.56
N GLU A 404 -21.03 17.97 50.43
CA GLU A 404 -20.33 17.52 51.63
C GLU A 404 -21.28 17.00 52.69
N MET A 405 -22.53 17.47 52.69
CA MET A 405 -23.49 17.00 53.69
C MET A 405 -23.98 15.59 53.37
N LEU A 406 -24.26 15.31 52.11
CA LEU A 406 -24.82 14.02 51.71
C LEU A 406 -23.74 12.95 51.67
N GLU A 407 -24.16 11.71 51.38
CA GLU A 407 -23.25 10.58 51.34
C GLU A 407 -23.85 9.48 50.48
N GLY A 408 -22.98 8.75 49.80
CA GLY A 408 -23.39 7.61 49.00
C GLY A 408 -23.61 7.93 47.53
N ASN A 409 -24.81 7.63 47.04
CA ASN A 409 -25.17 7.94 45.66
C ASN A 409 -25.81 9.31 45.52
N GLU A 410 -26.42 9.84 46.58
CA GLU A 410 -27.00 11.18 46.55
C GLU A 410 -25.96 12.28 46.44
N ARG A 411 -24.67 11.95 46.46
CA ARG A 411 -23.64 12.97 46.33
C ARG A 411 -23.62 13.59 44.94
N TYR A 412 -23.98 12.84 43.92
CA TYR A 412 -23.87 13.27 42.54
C TYR A 412 -25.24 13.26 41.86
N GLU A 413 -25.36 14.06 40.80
CA GLU A 413 -26.60 14.16 40.05
C GLU A 413 -26.28 14.50 38.60
N GLY A 414 -27.08 13.97 37.69
CA GLY A 414 -26.88 14.25 36.28
C GLY A 414 -27.68 13.30 35.42
N TYR A 415 -27.44 13.39 34.11
CA TYR A 415 -28.13 12.54 33.14
C TYR A 415 -27.87 11.07 33.42
N CYS A 416 -26.59 10.68 33.52
CA CYS A 416 -26.26 9.28 33.76
C CYS A 416 -26.63 8.85 35.18
N VAL A 417 -26.62 9.78 36.13
CA VAL A 417 -27.04 9.45 37.50
C VAL A 417 -28.48 8.96 37.50
N ASP A 418 -29.36 9.65 36.78
CA ASP A 418 -30.73 9.20 36.65
C ASP A 418 -30.83 7.97 35.74
N LEU A 419 -29.95 7.88 34.74
CA LEU A 419 -29.94 6.70 33.89
C LEU A 419 -29.47 5.46 34.65
N ALA A 420 -28.59 5.64 35.64
CA ALA A 420 -28.13 4.50 36.43
C ALA A 420 -29.28 3.84 37.19
N ALA A 421 -30.18 4.66 37.74
CA ALA A 421 -31.34 4.10 38.43
C ALA A 421 -32.31 3.44 37.46
N GLU A 422 -32.41 3.97 36.24
CA GLU A 422 -33.33 3.40 35.25
C GLU A 422 -32.85 2.04 34.78
N ILE A 423 -31.54 1.87 34.61
CA ILE A 423 -31.01 0.56 34.22
C ILE A 423 -31.08 -0.41 35.39
N ALA A 424 -30.89 0.07 36.61
CA ALA A 424 -30.98 -0.80 37.79
C ALA A 424 -32.41 -1.23 38.08
N LYS A 425 -33.40 -0.55 37.51
CA LYS A 425 -34.79 -0.90 37.78
C LYS A 425 -35.23 -2.09 36.94
N HIS A 426 -34.83 -2.12 35.67
CA HIS A 426 -35.23 -3.20 34.76
C HIS A 426 -34.28 -4.39 34.80
N CYS A 427 -33.19 -4.31 35.57
CA CYS A 427 -32.33 -5.45 35.85
C CYS A 427 -32.41 -5.92 37.29
N GLY A 428 -32.50 -5.00 38.25
CA GLY A 428 -32.73 -5.35 39.63
C GLY A 428 -31.46 -5.62 40.43
N PHE A 429 -30.71 -4.56 40.73
CA PHE A 429 -29.49 -4.71 41.51
C PHE A 429 -29.18 -3.40 42.23
N LYS A 430 -28.57 -3.52 43.41
CA LYS A 430 -28.10 -2.36 44.16
C LYS A 430 -26.72 -1.98 43.66
N TYR A 431 -26.52 -0.69 43.37
CA TYR A 431 -25.32 -0.21 42.72
C TYR A 431 -24.58 0.79 43.59
N LYS A 432 -23.32 1.03 43.22
CA LYS A 432 -22.43 1.94 43.94
C LYS A 432 -21.71 2.82 42.92
N LEU A 433 -21.99 4.11 42.95
CA LEU A 433 -21.45 5.04 41.96
C LEU A 433 -20.04 5.46 42.34
N THR A 434 -19.06 5.13 41.48
CA THR A 434 -17.66 5.46 41.72
C THR A 434 -17.16 6.41 40.63
N ILE A 435 -16.07 7.11 40.95
CA ILE A 435 -15.45 8.08 40.04
C ILE A 435 -14.11 7.53 39.58
N VAL A 436 -13.82 7.70 38.29
CA VAL A 436 -12.55 7.22 37.75
C VAL A 436 -11.42 8.14 38.20
N GLY A 437 -10.19 7.63 38.07
CA GLY A 437 -9.03 8.36 38.56
C GLY A 437 -8.70 9.56 37.67
N ASP A 438 -8.49 10.71 38.31
CA ASP A 438 -8.03 11.97 37.70
C ASP A 438 -8.83 12.40 36.47
N GLY A 439 -9.96 11.75 36.21
CA GLY A 439 -10.77 12.10 35.07
C GLY A 439 -10.18 11.65 33.74
N LYS A 440 -10.14 10.34 33.52
CA LYS A 440 -9.58 9.76 32.32
C LYS A 440 -10.70 9.37 31.36
N TYR A 441 -10.29 8.90 30.18
CA TYR A 441 -11.19 8.36 29.16
C TYR A 441 -10.64 7.02 28.70
N GLY A 442 -11.32 6.42 27.71
CA GLY A 442 -10.88 5.15 27.18
C GLY A 442 -9.80 5.27 26.13
N ALA A 443 -8.55 5.01 26.50
CA ALA A 443 -7.43 5.13 25.58
C ALA A 443 -6.41 4.04 25.87
N ARG A 444 -5.58 3.74 24.88
CA ARG A 444 -4.56 2.71 24.98
C ARG A 444 -3.21 3.30 24.62
N ASP A 445 -2.22 3.09 25.49
CA ASP A 445 -0.87 3.55 25.23
C ASP A 445 -0.25 2.77 24.07
N ALA A 446 0.75 3.37 23.44
CA ALA A 446 1.40 2.72 22.32
C ALA A 446 2.51 1.79 22.76
N ASP A 447 3.39 2.27 23.64
CA ASP A 447 4.50 1.47 24.15
C ASP A 447 4.00 0.30 24.98
N THR A 448 3.52 0.59 26.20
CA THR A 448 3.15 -0.47 27.13
C THR A 448 1.84 -1.15 26.77
N LYS A 449 1.05 -0.54 25.89
CA LYS A 449 -0.26 -1.08 25.51
C LYS A 449 -1.14 -1.31 26.74
N ILE A 450 -1.13 -0.34 27.65
CA ILE A 450 -1.93 -0.37 28.86
C ILE A 450 -3.16 0.50 28.65
N TRP A 451 -4.34 -0.07 28.90
CA TRP A 451 -5.56 0.73 28.89
C TRP A 451 -5.65 1.57 30.16
N ASN A 452 -6.35 2.69 30.05
CA ASN A 452 -6.52 3.59 31.19
C ASN A 452 -7.97 4.06 31.24
N GLY A 453 -8.33 4.63 32.38
CA GLY A 453 -9.63 5.28 32.51
C GLY A 453 -10.78 4.32 32.72
N MET A 454 -11.96 4.75 32.25
CA MET A 454 -13.18 4.01 32.51
C MET A 454 -13.16 2.65 31.84
N VAL A 455 -12.57 2.55 30.65
CA VAL A 455 -12.46 1.25 29.98
C VAL A 455 -11.47 0.36 30.71
N GLY A 456 -10.43 0.95 31.32
CA GLY A 456 -9.46 0.16 32.04
C GLY A 456 -10.02 -0.48 33.29
N GLU A 457 -10.86 0.26 34.03
CA GLU A 457 -11.45 -0.29 35.24
C GLU A 457 -12.47 -1.38 34.99
N LEU A 458 -12.79 -1.66 33.73
CA LEU A 458 -13.60 -2.82 33.35
C LEU A 458 -12.75 -4.00 32.92
N VAL A 459 -11.70 -3.76 32.12
CA VAL A 459 -10.84 -4.83 31.69
C VAL A 459 -10.00 -5.37 32.84
N TYR A 460 -9.71 -4.53 33.83
CA TYR A 460 -8.88 -4.91 34.97
C TYR A 460 -9.67 -5.28 36.20
N GLY A 461 -11.01 -5.28 36.12
CA GLY A 461 -11.85 -5.79 37.18
C GLY A 461 -12.18 -4.83 38.30
N LYS A 462 -11.64 -3.60 38.28
CA LYS A 462 -11.89 -2.65 39.35
C LYS A 462 -13.32 -2.11 39.33
N ALA A 463 -14.12 -2.45 38.33
CA ALA A 463 -15.53 -2.12 38.28
C ALA A 463 -16.23 -3.14 37.42
N ASP A 464 -17.58 -3.14 37.49
CA ASP A 464 -18.38 -4.11 36.76
C ASP A 464 -19.11 -3.53 35.55
N ILE A 465 -19.35 -2.21 35.52
CA ILE A 465 -20.05 -1.60 34.39
C ILE A 465 -19.65 -0.14 34.33
N ALA A 466 -19.69 0.44 33.13
CA ALA A 466 -19.31 1.82 32.90
C ALA A 466 -20.45 2.55 32.22
N ILE A 467 -21.15 3.39 32.98
CA ILE A 467 -22.23 4.23 32.47
C ILE A 467 -21.71 5.66 32.43
N ALA A 468 -21.47 6.18 31.23
CA ALA A 468 -20.87 7.49 31.03
C ALA A 468 -20.96 7.89 29.56
N PRO A 469 -20.68 9.15 29.22
CA PRO A 469 -20.55 9.49 27.79
C PRO A 469 -19.29 8.88 27.19
N LEU A 470 -19.34 7.59 26.89
CA LEU A 470 -18.19 6.86 26.37
C LEU A 470 -18.37 6.65 24.87
N THR A 471 -17.41 7.14 24.10
CA THR A 471 -17.50 7.06 22.64
C THR A 471 -17.48 5.61 22.18
N ILE A 472 -18.37 5.29 21.25
CA ILE A 472 -18.43 3.94 20.66
C ILE A 472 -17.42 3.89 19.53
N THR A 473 -16.28 3.24 19.78
CA THR A 473 -15.22 3.10 18.79
C THR A 473 -14.91 1.61 18.57
N LEU A 474 -14.00 1.36 17.63
CA LEU A 474 -13.63 -0.02 17.30
C LEU A 474 -12.60 -0.58 18.26
N VAL A 475 -11.61 0.23 18.64
CA VAL A 475 -10.54 -0.26 19.52
C VAL A 475 -11.09 -0.62 20.89
N ARG A 476 -12.19 0.01 21.30
CA ARG A 476 -12.79 -0.26 22.60
C ARG A 476 -13.73 -1.46 22.57
N GLU A 477 -14.42 -1.67 21.44
CA GLU A 477 -15.31 -2.82 21.33
C GLU A 477 -14.52 -4.13 21.36
N GLU A 478 -13.24 -4.09 20.98
CA GLU A 478 -12.42 -5.30 21.00
C GLU A 478 -12.06 -5.74 22.42
N VAL A 479 -12.15 -4.83 23.40
CA VAL A 479 -11.78 -5.15 24.76
C VAL A 479 -12.96 -5.10 25.73
N ILE A 480 -14.06 -4.43 25.40
CA ILE A 480 -15.27 -4.43 26.21
C ILE A 480 -16.46 -4.51 25.28
N ASP A 481 -17.62 -4.88 25.84
CA ASP A 481 -18.84 -5.03 25.07
C ASP A 481 -19.75 -3.83 25.32
N PHE A 482 -19.98 -3.04 24.27
CA PHE A 482 -20.82 -1.86 24.36
C PHE A 482 -22.29 -2.24 24.26
N SER A 483 -23.13 -1.42 24.89
CA SER A 483 -24.57 -1.50 24.67
C SER A 483 -24.90 -0.83 23.33
N LYS A 484 -26.18 -0.76 23.02
CA LYS A 484 -26.62 0.02 21.88
C LYS A 484 -26.63 1.50 22.24
N PRO A 485 -26.54 2.40 21.26
CA PRO A 485 -26.36 3.82 21.56
C PRO A 485 -27.60 4.40 22.25
N PHE A 486 -27.38 5.01 23.42
CA PHE A 486 -28.45 5.67 24.14
C PHE A 486 -28.53 7.16 23.85
N MET A 487 -27.67 7.68 22.98
CA MET A 487 -27.67 9.10 22.64
C MET A 487 -26.82 9.34 21.39
N SER A 488 -27.43 9.31 20.22
CA SER A 488 -26.70 9.56 18.98
C SER A 488 -26.24 11.01 18.91
N LEU A 489 -25.14 11.23 18.20
CA LEU A 489 -24.56 12.56 18.11
C LEU A 489 -23.60 12.60 16.92
N GLY A 490 -22.95 13.74 16.76
CA GLY A 490 -21.96 13.94 15.72
C GLY A 490 -21.26 15.26 15.92
N ILE A 491 -20.15 15.44 15.19
CA ILE A 491 -19.37 16.66 15.30
C ILE A 491 -20.18 17.83 14.73
N SER A 492 -20.20 18.94 15.46
CA SER A 492 -21.04 20.08 15.09
C SER A 492 -20.24 21.37 15.03
N ILE A 493 -20.92 22.50 14.85
CA ILE A 493 -20.29 23.81 14.73
C ILE A 493 -20.90 24.73 15.77
N MET A 494 -20.05 25.45 16.50
CA MET A 494 -20.47 26.41 17.51
C MET A 494 -19.97 27.79 17.12
N ILE A 495 -20.89 28.76 17.09
CA ILE A 495 -20.57 30.15 16.79
C ILE A 495 -21.40 31.06 17.69
N LYS A 496 -21.01 32.33 17.74
CA LYS A 496 -21.81 33.34 18.42
C LYS A 496 -22.90 33.86 17.48
N LYS A 497 -24.14 33.81 17.94
CA LYS A 497 -25.25 34.24 17.09
C LYS A 497 -25.39 35.75 17.14
N PRO A 498 -25.41 36.44 15.99
CA PRO A 498 -25.73 37.87 15.95
C PRO A 498 -27.16 38.12 16.44
N GLN A 499 -27.48 39.18 17.18
CA GLN A 499 -26.64 40.35 17.52
C GLN A 499 -26.12 41.07 16.27
N LYS A 500 -27.03 41.24 15.30
CA LYS A 500 -26.73 41.95 14.06
C LYS A 500 -27.53 43.24 13.90
N SER A 501 -28.76 43.28 14.39
CA SER A 501 -29.59 44.48 14.23
C SER A 501 -29.08 45.59 15.13
N LYS A 502 -29.17 46.83 14.63
CA LYS A 502 -28.73 48.01 15.36
C LYS A 502 -29.76 49.13 15.23
N PRO A 503 -30.88 49.01 15.94
CA PRO A 503 -31.90 50.06 15.89
C PRO A 503 -31.58 51.21 16.83
N GLY A 504 -32.06 52.39 16.47
CA GLY A 504 -31.85 53.57 17.29
C GLY A 504 -32.09 54.84 16.50
N VAL A 505 -31.34 55.88 16.87
CA VAL A 505 -31.42 57.17 16.19
C VAL A 505 -30.09 57.63 15.62
N PHE A 506 -28.95 57.10 16.09
CA PHE A 506 -27.67 57.45 15.49
C PHE A 506 -27.48 56.77 14.13
N SER A 507 -28.14 55.64 13.92
CA SER A 507 -28.09 54.96 12.62
C SER A 507 -29.06 55.57 11.62
N PHE A 508 -29.80 56.61 12.00
CA PHE A 508 -30.62 57.36 11.07
C PHE A 508 -29.80 58.32 10.21
N LEU A 509 -28.60 58.69 10.66
CA LEU A 509 -27.67 59.51 9.90
C LEU A 509 -26.46 58.69 9.45
N ASP A 510 -26.70 57.43 9.09
CA ASP A 510 -25.65 56.47 8.79
C ASP A 510 -25.20 56.50 7.32
N PRO A 511 -26.13 56.49 6.32
CA PRO A 511 -25.66 56.47 4.93
C PRO A 511 -24.82 57.69 4.61
N LEU A 512 -25.46 58.85 4.52
CA LEU A 512 -24.71 60.11 4.54
C LEU A 512 -23.84 60.15 5.79
N ALA A 513 -22.54 60.29 5.60
CA ALA A 513 -21.59 60.05 6.66
C ALA A 513 -21.73 61.09 7.77
N TYR A 514 -20.94 60.88 8.84
CA TYR A 514 -20.98 61.72 10.02
C TYR A 514 -20.73 63.19 9.70
N GLU A 515 -20.02 63.47 8.61
CA GLU A 515 -19.67 64.84 8.25
C GLU A 515 -20.66 65.50 7.31
N ILE A 516 -21.35 64.73 6.46
CA ILE A 516 -22.20 65.34 5.44
C ILE A 516 -23.42 65.99 6.08
N TRP A 517 -24.00 65.34 7.09
CA TRP A 517 -25.16 65.93 7.77
C TRP A 517 -24.83 67.27 8.41
N MET A 518 -23.57 67.51 8.74
CA MET A 518 -23.14 68.81 9.24
C MET A 518 -22.61 69.72 8.13
N CYS A 519 -22.40 69.19 6.93
CA CYS A 519 -21.99 70.00 5.80
C CYS A 519 -23.16 70.45 4.93
N ILE A 520 -24.28 69.73 4.98
CA ILE A 520 -25.46 70.12 4.22
C ILE A 520 -26.07 71.40 4.80
N VAL A 521 -25.98 71.58 6.12
CA VAL A 521 -26.57 72.76 6.74
C VAL A 521 -25.81 74.03 6.42
N PHE A 522 -24.55 73.91 5.98
CA PHE A 522 -23.80 75.09 5.56
C PHE A 522 -24.24 75.57 4.18
N ALA A 523 -24.70 74.65 3.32
CA ALA A 523 -25.27 75.05 2.04
C ALA A 523 -26.72 75.52 2.17
N TYR A 524 -27.41 75.10 3.22
CA TYR A 524 -28.80 75.53 3.42
C TYR A 524 -28.85 77.00 3.82
N ILE A 525 -28.04 77.40 4.79
CA ILE A 525 -27.98 78.82 5.16
C ILE A 525 -27.20 79.64 4.14
N GLY A 526 -26.34 79.00 3.34
CA GLY A 526 -25.56 79.73 2.36
C GLY A 526 -26.35 80.14 1.14
N VAL A 527 -27.42 79.41 0.84
CA VAL A 527 -28.29 79.80 -0.26
C VAL A 527 -29.41 80.72 0.23
N SER A 528 -29.90 80.50 1.46
CA SER A 528 -30.93 81.37 2.01
C SER A 528 -30.41 82.79 2.24
N VAL A 529 -29.10 82.98 2.33
CA VAL A 529 -28.53 84.32 2.44
C VAL A 529 -28.27 84.93 1.07
N VAL A 530 -28.18 84.11 0.02
CA VAL A 530 -28.01 84.64 -1.33
C VAL A 530 -29.33 85.20 -1.87
N LEU A 531 -30.44 84.49 -1.61
CA LEU A 531 -31.74 85.01 -1.99
C LEU A 531 -32.08 86.29 -1.23
N PHE A 532 -31.38 86.58 -0.14
CA PHE A 532 -31.54 87.85 0.54
C PHE A 532 -31.01 89.00 -0.29
N LEU A 533 -29.99 88.74 -1.12
CA LEU A 533 -29.30 89.79 -1.84
C LEU A 533 -29.85 90.01 -3.25
N VAL A 534 -30.31 88.95 -3.92
CA VAL A 534 -30.75 89.08 -5.30
C VAL A 534 -32.05 89.90 -5.39
N SER A 535 -32.86 89.87 -4.33
CA SER A 535 -34.11 90.62 -4.32
C SER A 535 -33.88 92.06 -3.89
N ILE A 545 -35.97 91.70 7.82
CA ILE A 545 -35.24 90.45 7.64
C ILE A 545 -36.13 89.26 7.97
N PHE A 546 -37.28 89.53 8.58
CA PHE A 546 -38.13 88.44 9.05
C PHE A 546 -38.98 87.85 7.92
N ASN A 547 -39.29 88.63 6.89
CA ASN A 547 -40.11 88.13 5.80
C ASN A 547 -39.29 87.51 4.68
N SER A 548 -38.03 87.94 4.52
CA SER A 548 -37.20 87.39 3.45
C SER A 548 -36.74 85.98 3.78
N LEU A 549 -36.49 85.70 5.06
CA LEU A 549 -36.16 84.34 5.46
C LEU A 549 -37.40 83.45 5.42
N TRP A 550 -38.58 84.02 5.64
CA TRP A 550 -39.81 83.28 5.43
C TRP A 550 -40.04 83.00 3.95
N PHE A 551 -39.48 83.84 3.08
CA PHE A 551 -39.57 83.60 1.65
C PHE A 551 -38.48 82.65 1.17
N SER A 552 -37.26 82.77 1.72
CA SER A 552 -36.19 81.87 1.33
C SER A 552 -36.46 80.46 1.83
N LEU A 553 -36.99 80.33 3.05
CA LEU A 553 -37.42 79.01 3.51
C LEU A 553 -38.61 78.51 2.70
N GLY A 554 -39.45 79.42 2.20
CA GLY A 554 -40.54 79.00 1.33
C GLY A 554 -40.05 78.57 -0.04
N ALA A 555 -38.88 79.04 -0.44
CA ALA A 555 -38.27 78.64 -1.70
C ALA A 555 -37.35 77.44 -1.54
N PHE A 556 -37.16 76.95 -0.31
CA PHE A 556 -36.32 75.78 -0.06
C PHE A 556 -37.13 74.49 -0.07
N MET A 557 -38.35 74.52 0.48
CA MET A 557 -39.18 73.32 0.49
C MET A 557 -39.58 72.92 -0.93
N GLN A 558 -39.77 73.89 -1.82
CA GLN A 558 -40.15 73.61 -3.20
C GLN A 558 -38.93 73.79 -4.10
N GLN A 559 -38.00 72.83 -3.94
CA GLN A 559 -36.74 72.79 -4.69
C GLN A 559 -35.89 74.01 -4.39
N GLY A 560 -35.93 75.02 -5.26
CA GLY A 560 -35.10 76.20 -5.11
C GLY A 560 -35.79 77.51 -5.44
N ILE A 563 -39.30 82.29 -5.56
CA ILE A 563 -40.55 82.13 -6.29
C ILE A 563 -41.10 83.49 -6.69
N SER A 564 -41.13 84.42 -5.73
CA SER A 564 -41.60 85.78 -6.00
C SER A 564 -40.69 86.80 -5.32
N PRO A 565 -40.03 87.66 -6.13
CA PRO A 565 -40.07 87.69 -7.59
C PRO A 565 -39.26 86.57 -8.24
N ARG A 566 -38.00 86.40 -7.82
CA ARG A 566 -37.12 85.35 -8.31
C ARG A 566 -36.97 85.41 -9.83
N SER A 567 -36.05 86.24 -10.30
CA SER A 567 -35.82 86.37 -11.74
C SER A 567 -34.40 86.88 -11.97
N LEU A 568 -33.85 86.51 -13.12
CA LEU A 568 -32.54 86.97 -13.59
C LEU A 568 -31.41 86.50 -12.70
N SER A 569 -31.31 87.04 -11.48
CA SER A 569 -30.23 86.66 -10.58
C SER A 569 -30.67 85.57 -9.60
N GLY A 570 -31.87 85.68 -9.05
CA GLY A 570 -32.38 84.65 -8.16
C GLY A 570 -32.80 83.37 -8.84
N ARG A 571 -32.86 83.38 -10.18
CA ARG A 571 -33.26 82.17 -10.90
C ARG A 571 -32.12 81.16 -10.92
N ILE A 572 -30.92 81.58 -11.31
CA ILE A 572 -29.79 80.66 -11.37
C ILE A 572 -29.37 80.19 -9.98
N VAL A 573 -29.75 80.92 -8.93
CA VAL A 573 -29.45 80.48 -7.57
C VAL A 573 -30.14 79.15 -7.28
N GLY A 574 -31.41 79.04 -7.65
CA GLY A 574 -32.11 77.77 -7.51
C GLY A 574 -31.77 76.78 -8.61
N GLY A 575 -31.38 77.27 -9.79
CA GLY A 575 -31.04 76.40 -10.90
C GLY A 575 -29.82 75.55 -10.67
N VAL A 576 -28.97 75.96 -9.72
CA VAL A 576 -27.86 75.15 -9.25
C VAL A 576 -28.17 74.46 -7.92
N TRP A 577 -28.94 75.09 -7.03
CA TRP A 577 -29.27 74.47 -5.75
C TRP A 577 -30.13 73.22 -5.94
N TRP A 578 -31.06 73.26 -6.89
CA TRP A 578 -31.86 72.07 -7.18
C TRP A 578 -30.99 70.93 -7.68
N PHE A 579 -30.00 71.24 -8.52
CA PHE A 579 -29.08 70.23 -9.02
C PHE A 579 -28.24 69.63 -7.88
N PHE A 580 -27.98 70.41 -6.83
CA PHE A 580 -27.20 69.92 -5.71
C PHE A 580 -28.04 69.04 -4.78
N THR A 581 -29.24 69.49 -4.43
CA THR A 581 -30.13 68.67 -3.63
C THR A 581 -30.60 67.43 -4.38
N LEU A 582 -30.49 67.43 -5.72
CA LEU A 582 -30.80 66.23 -6.49
C LEU A 582 -29.71 65.17 -6.33
N ILE A 583 -28.45 65.61 -6.28
CA ILE A 583 -27.34 64.67 -6.12
C ILE A 583 -27.36 64.06 -4.73
N ILE A 584 -27.72 64.86 -3.71
CA ILE A 584 -27.65 64.38 -2.33
C ILE A 584 -28.70 63.32 -2.06
N ILE A 585 -29.95 63.57 -2.47
CA ILE A 585 -31.01 62.60 -2.17
C ILE A 585 -30.85 61.35 -3.03
N SER A 586 -30.24 61.48 -4.22
CA SER A 586 -29.98 60.30 -5.04
C SER A 586 -28.80 59.51 -4.51
N SER A 587 -27.78 60.20 -3.99
CA SER A 587 -26.69 59.51 -3.31
C SER A 587 -27.18 58.88 -2.02
N TYR A 588 -28.10 59.55 -1.32
CA TYR A 588 -28.65 59.01 -0.09
C TYR A 588 -29.47 57.75 -0.36
N THR A 589 -30.32 57.79 -1.39
CA THR A 589 -31.22 56.66 -1.63
C THR A 589 -30.48 55.47 -2.23
N ALA A 590 -29.51 55.73 -3.10
CA ALA A 590 -28.73 54.64 -3.67
C ALA A 590 -27.88 53.94 -2.62
N ASN A 591 -27.28 54.71 -1.72
CA ASN A 591 -26.49 54.12 -0.65
C ASN A 591 -27.38 53.39 0.36
N LEU A 592 -28.55 53.95 0.66
CA LEU A 592 -29.47 53.30 1.58
C LEU A 592 -29.95 51.95 1.05
N ALA A 593 -30.03 51.81 -0.27
CA ALA A 593 -30.38 50.51 -0.84
C ALA A 593 -29.21 49.53 -0.77
N ALA A 594 -27.98 50.06 -0.72
CA ALA A 594 -26.81 49.18 -0.71
C ALA A 594 -26.71 48.43 0.60
N PHE A 595 -26.90 49.12 1.74
CA PHE A 595 -26.83 48.45 3.02
C PHE A 595 -27.95 47.43 3.19
N LEU A 596 -29.13 47.71 2.61
CA LEU A 596 -30.24 46.77 2.72
C LEU A 596 -30.05 45.57 1.80
N THR A 597 -29.30 45.74 0.70
CA THR A 597 -29.03 44.62 -0.18
C THR A 597 -27.91 43.73 0.34
N VAL A 598 -26.94 44.31 1.06
CA VAL A 598 -25.87 43.52 1.63
C VAL A 598 -26.40 42.59 2.71
N GLU A 599 -27.33 43.09 3.54
CA GLU A 599 -27.89 42.26 4.60
C GLU A 599 -28.75 41.13 4.03
N ARG A 600 -29.31 41.31 2.83
CA ARG A 600 -30.13 40.28 2.22
C ARG A 600 -29.26 39.17 1.64
N MET A 601 -27.94 39.32 1.66
CA MET A 601 -27.06 38.27 1.20
C MET A 601 -27.16 37.06 2.12
N VAL A 602 -26.98 37.32 3.41
CA VAL A 602 -27.10 36.32 4.47
C VAL A 602 -25.97 35.32 4.39
N SER A 603 -24.89 35.59 5.11
CA SER A 603 -23.78 34.66 5.26
C SER A 603 -23.15 34.85 6.63
N PRO A 604 -22.69 33.76 7.27
CA PRO A 604 -22.67 32.39 6.75
C PRO A 604 -23.99 31.65 6.93
N ILE A 605 -24.33 30.81 5.95
CA ILE A 605 -25.51 29.96 6.03
C ILE A 605 -25.16 28.70 6.83
N GLU A 606 -26.15 28.17 7.56
CA GLU A 606 -25.91 27.04 8.45
C GLU A 606 -25.51 25.78 7.69
N SER A 607 -24.22 25.63 7.43
CA SER A 607 -23.70 24.43 6.78
C SER A 607 -22.20 24.38 6.98
N ALA A 608 -21.65 23.17 6.84
CA ALA A 608 -20.22 22.96 7.05
C ALA A 608 -19.39 23.38 5.85
N GLU A 609 -19.91 23.21 4.64
CA GLU A 609 -19.17 23.64 3.45
C GLU A 609 -19.10 25.16 3.36
N ASP A 610 -20.12 25.87 3.87
CA ASP A 610 -20.06 27.32 3.91
C ASP A 610 -19.03 27.83 4.92
N LEU A 611 -18.69 27.02 5.92
CA LEU A 611 -17.65 27.40 6.86
C LEU A 611 -16.26 27.18 6.27
N SER A 612 -16.12 26.21 5.37
CA SER A 612 -14.82 25.93 4.78
C SER A 612 -14.45 26.90 3.67
N LYS A 613 -15.44 27.53 3.05
CA LYS A 613 -15.20 28.33 1.85
C LYS A 613 -14.71 29.74 2.14
N GLN A 614 -14.68 30.17 3.39
CA GLN A 614 -14.21 31.50 3.74
C GLN A 614 -13.24 31.41 4.92
N THR A 615 -12.37 32.42 5.01
CA THR A 615 -11.35 32.46 6.07
C THR A 615 -11.40 33.73 6.90
N GLU A 616 -12.47 34.51 6.81
CA GLU A 616 -12.65 35.63 7.73
C GLU A 616 -12.87 35.13 9.14
N ILE A 617 -13.98 34.43 9.36
CA ILE A 617 -14.24 33.75 10.62
C ILE A 617 -13.44 32.46 10.63
N ALA A 618 -12.46 32.36 11.53
CA ALA A 618 -11.62 31.19 11.61
C ALA A 618 -12.33 30.06 12.34
N TYR A 619 -11.72 28.87 12.30
CA TYR A 619 -12.28 27.71 12.98
C TYR A 619 -11.16 26.76 13.37
N GLY A 620 -11.43 25.96 14.41
CA GLY A 620 -10.47 25.00 14.91
C GLY A 620 -11.14 23.99 15.81
N THR A 621 -10.38 22.95 16.15
CA THR A 621 -10.86 21.86 16.98
C THR A 621 -9.94 21.71 18.20
N LEU A 622 -10.12 20.61 18.93
CA LEU A 622 -9.31 20.32 20.09
C LEU A 622 -7.97 19.71 19.66
N ASP A 623 -6.95 19.95 20.49
CA ASP A 623 -5.59 19.55 20.11
C ASP A 623 -5.41 18.03 20.12
N SER A 624 -6.10 17.33 21.01
CA SER A 624 -5.93 15.89 21.16
C SER A 624 -7.29 15.25 21.41
N GLY A 625 -7.87 14.65 20.37
CA GLY A 625 -9.15 14.00 20.52
C GLY A 625 -9.60 13.38 19.21
N SER A 626 -10.71 12.64 19.30
CA SER A 626 -11.29 12.03 18.12
C SER A 626 -11.79 13.07 17.13
N THR A 627 -12.11 14.27 17.63
CA THR A 627 -12.54 15.35 16.74
C THR A 627 -11.45 15.69 15.73
N LYS A 628 -10.22 15.87 16.21
CA LYS A 628 -9.12 16.23 15.33
C LYS A 628 -8.76 15.09 14.39
N GLU A 629 -8.75 13.86 14.90
CA GLU A 629 -8.34 12.72 14.08
C GLU A 629 -9.33 12.41 12.97
N PHE A 630 -10.59 12.84 13.09
CA PHE A 630 -11.56 12.62 12.04
C PHE A 630 -11.15 13.36 10.76
N PHE A 631 -10.87 14.66 10.89
CA PHE A 631 -10.49 15.45 9.72
C PHE A 631 -9.21 14.93 9.08
N ARG A 632 -8.32 14.35 9.88
CA ARG A 632 -7.00 13.92 9.41
C ARG A 632 -7.12 12.92 8.27
N ARG A 633 -7.62 11.71 8.56
CA ARG A 633 -7.64 10.63 7.58
C ARG A 633 -8.91 10.60 6.75
N SER A 634 -9.77 11.61 6.88
CA SER A 634 -11.00 11.64 6.10
C SER A 634 -10.67 11.84 4.62
N LYS A 635 -11.32 11.04 3.76
CA LYS A 635 -11.11 11.15 2.33
C LYS A 635 -12.36 11.67 1.63
N ILE A 636 -12.87 12.81 2.10
CA ILE A 636 -14.00 13.50 1.49
C ILE A 636 -13.53 14.87 1.04
N ALA A 637 -14.13 15.36 -0.04
CA ALA A 637 -13.71 16.65 -0.60
C ALA A 637 -13.96 17.79 0.37
N VAL A 638 -15.11 17.77 1.05
CA VAL A 638 -15.48 18.90 1.91
C VAL A 638 -14.64 18.90 3.18
N PHE A 639 -14.37 17.73 3.75
CA PHE A 639 -13.67 17.67 5.03
C PHE A 639 -12.16 17.78 4.89
N ASP A 640 -11.59 17.31 3.77
CA ASP A 640 -10.15 17.38 3.61
C ASP A 640 -9.67 18.82 3.47
N LYS A 641 -10.47 19.67 2.82
CA LYS A 641 -10.13 21.08 2.71
C LYS A 641 -10.10 21.75 4.08
N MET A 642 -11.03 21.37 4.96
CA MET A 642 -11.02 21.89 6.32
C MET A 642 -9.78 21.43 7.09
N TRP A 643 -9.31 20.21 6.81
CA TRP A 643 -8.14 19.70 7.50
C TRP A 643 -6.88 20.47 7.08
N THR A 644 -6.67 20.62 5.77
CA THR A 644 -5.49 21.33 5.27
C THR A 644 -5.43 22.75 5.83
N TYR A 645 -6.58 23.42 5.92
CA TYR A 645 -6.62 24.77 6.47
C TYR A 645 -6.20 24.77 7.94
N MET A 646 -6.85 23.94 8.76
CA MET A 646 -6.53 23.90 10.17
C MET A 646 -5.11 23.41 10.42
N ARG A 647 -4.60 22.54 9.54
CA ARG A 647 -3.24 22.02 9.72
C ARG A 647 -2.19 23.11 9.56
N SER A 648 -2.44 24.08 8.67
CA SER A 648 -1.47 25.11 8.37
C SER A 648 -1.93 26.51 8.77
N ALA A 649 -2.99 26.62 9.56
CA ALA A 649 -3.48 27.94 9.97
C ALA A 649 -2.55 28.54 11.01
N GLU A 650 -2.16 29.79 10.80
CA GLU A 650 -1.27 30.49 11.72
C GLU A 650 -1.85 31.86 12.08
N PRO A 651 -1.95 32.16 13.39
CA PRO A 651 -1.52 31.35 14.54
C PRO A 651 -2.38 30.12 14.79
N SER A 652 -2.03 29.35 15.83
CA SER A 652 -2.65 28.06 16.07
C SER A 652 -4.13 28.20 16.39
N VAL A 653 -4.99 27.61 15.55
CA VAL A 653 -6.43 27.65 15.77
C VAL A 653 -6.90 26.61 16.77
N PHE A 654 -6.03 25.70 17.20
CA PHE A 654 -6.39 24.67 18.14
C PHE A 654 -6.23 25.18 19.57
N VAL A 655 -6.92 24.52 20.50
CA VAL A 655 -6.94 24.93 21.90
C VAL A 655 -6.53 23.75 22.78
N ARG A 656 -6.19 24.09 24.02
CA ARG A 656 -5.72 23.08 24.97
C ARG A 656 -6.87 22.21 25.48
N THR A 657 -7.89 22.83 26.07
CA THR A 657 -9.02 22.14 26.64
C THR A 657 -10.32 22.65 26.02
N THR A 658 -11.41 21.94 26.30
CA THR A 658 -12.72 22.39 25.88
C THR A 658 -13.19 23.61 26.67
N ALA A 659 -12.67 23.80 27.87
CA ALA A 659 -13.00 25.01 28.63
C ALA A 659 -12.45 26.25 27.96
N GLU A 660 -11.40 26.11 27.16
CA GLU A 660 -10.86 27.23 26.39
C GLU A 660 -11.53 27.38 25.03
N GLY A 661 -11.94 26.27 24.41
CA GLY A 661 -12.57 26.35 23.11
C GLY A 661 -13.88 27.10 23.13
N VAL A 662 -14.62 27.03 24.23
CA VAL A 662 -15.83 27.82 24.38
C VAL A 662 -15.50 29.27 24.69
N ALA A 663 -14.53 29.49 25.59
CA ALA A 663 -14.20 30.84 26.02
C ALA A 663 -13.52 31.65 24.93
N ARG A 664 -12.97 31.01 23.90
CA ARG A 664 -12.35 31.75 22.81
C ARG A 664 -13.37 32.25 21.79
N VAL A 665 -14.45 31.51 21.59
CA VAL A 665 -15.48 31.95 20.66
C VAL A 665 -16.23 33.14 21.23
N ARG A 666 -16.44 33.17 22.55
CA ARG A 666 -17.21 34.25 23.17
C ARG A 666 -16.46 35.58 23.11
N LYS A 667 -15.13 35.55 23.03
CA LYS A 667 -14.31 36.76 23.04
C LYS A 667 -13.70 37.07 21.68
N SER A 668 -14.21 36.46 20.61
CA SER A 668 -13.69 36.67 19.27
C SER A 668 -14.55 37.62 18.44
N LYS A 669 -15.57 38.23 19.05
CA LYS A 669 -16.47 39.15 18.35
C LYS A 669 -17.11 38.49 17.13
N GLY A 670 -17.46 37.20 17.27
CA GLY A 670 -18.07 36.48 16.17
C GLY A 670 -17.12 36.14 15.05
N LYS A 671 -15.82 36.18 15.27
CA LYS A 671 -14.82 35.90 14.25
C LYS A 671 -14.05 34.61 14.52
N TYR A 672 -14.69 33.63 15.16
CA TYR A 672 -14.07 32.34 15.40
C TYR A 672 -15.14 31.31 15.71
N ALA A 673 -15.03 30.15 15.10
CA ALA A 673 -15.92 29.01 15.36
C ALA A 673 -15.14 27.89 16.04
N TYR A 674 -15.88 27.01 16.71
CA TYR A 674 -15.29 25.87 17.41
C TYR A 674 -16.09 24.62 17.08
N LEU A 675 -15.40 23.58 16.66
CA LEU A 675 -16.01 22.30 16.30
C LEU A 675 -15.89 21.32 17.46
N LEU A 676 -16.98 20.62 17.74
CA LEU A 676 -17.02 19.62 18.80
C LEU A 676 -18.30 18.81 18.62
N GLU A 677 -18.51 17.85 19.54
CA GLU A 677 -19.68 16.98 19.46
C GLU A 677 -20.96 17.79 19.68
N SER A 678 -22.06 17.29 19.11
CA SER A 678 -23.33 18.01 19.19
C SER A 678 -23.86 18.03 20.62
N THR A 679 -23.65 16.95 21.37
CA THR A 679 -24.18 16.89 22.73
C THR A 679 -23.55 17.95 23.63
N MET A 680 -22.22 18.04 23.61
CA MET A 680 -21.55 19.10 24.36
C MET A 680 -21.91 20.47 23.81
N ASN A 681 -22.13 20.57 22.50
CA ASN A 681 -22.51 21.85 21.90
C ASN A 681 -23.92 22.26 22.31
N GLU A 682 -24.85 21.30 22.32
CA GLU A 682 -26.23 21.61 22.69
C GLU A 682 -26.39 21.91 24.18
N TYR A 683 -25.36 21.65 24.99
CA TYR A 683 -25.45 21.95 26.41
C TYR A 683 -24.86 23.31 26.77
N ILE A 684 -23.85 23.77 26.04
CA ILE A 684 -23.33 25.12 26.25
C ILE A 684 -24.34 26.15 25.78
N GLU A 685 -25.12 25.82 24.75
CA GLU A 685 -26.11 26.76 24.23
C GLU A 685 -27.17 27.09 25.27
N GLN A 686 -27.46 26.16 26.18
CA GLN A 686 -28.50 26.34 27.19
C GLN A 686 -27.92 26.68 28.57
N ARG A 687 -26.73 27.26 28.60
CA ARG A 687 -26.11 27.72 29.84
C ARG A 687 -25.66 29.15 29.67
N LYS A 688 -25.81 29.95 30.72
CA LYS A 688 -25.52 31.38 30.66
C LYS A 688 -24.08 31.68 30.27
N PRO A 689 -23.84 32.82 29.59
CA PRO A 689 -24.84 33.85 29.24
C PRO A 689 -25.52 33.65 27.89
N CYS A 690 -25.74 32.38 27.50
CA CYS A 690 -26.58 32.03 26.35
C CYS A 690 -26.04 32.61 25.04
N ASP A 691 -24.72 32.68 24.91
CA ASP A 691 -24.10 33.34 23.76
C ASP A 691 -23.40 32.38 22.81
N THR A 692 -23.93 31.16 22.67
CA THR A 692 -23.51 30.23 21.64
C THR A 692 -24.75 29.69 20.93
N MET A 693 -24.52 28.96 19.84
CA MET A 693 -25.65 28.46 19.04
C MET A 693 -25.17 27.33 18.14
N LYS A 694 -25.81 26.17 18.25
CA LYS A 694 -25.55 25.09 17.31
C LYS A 694 -26.09 25.46 15.94
N VAL A 695 -25.22 25.41 14.93
CA VAL A 695 -25.58 25.77 13.56
C VAL A 695 -25.23 24.61 12.64
N GLY A 696 -26.14 24.30 11.73
CA GLY A 696 -25.93 23.22 10.79
C GLY A 696 -26.11 21.84 11.41
N GLY A 697 -26.14 20.80 10.58
CA GLY A 697 -26.28 19.45 11.07
C GLY A 697 -24.96 18.84 11.53
N ASN A 698 -25.03 17.57 11.88
CA ASN A 698 -23.85 16.86 12.36
C ASN A 698 -23.03 16.35 11.17
N LEU A 699 -21.72 16.24 11.40
CA LEU A 699 -20.81 15.91 10.31
C LEU A 699 -20.69 14.40 10.10
N ASP A 700 -20.71 13.63 11.18
CA ASP A 700 -20.59 12.19 11.10
C ASP A 700 -21.62 11.55 12.04
N SER A 701 -21.62 10.22 12.08
CA SER A 701 -22.59 9.46 12.86
C SER A 701 -21.87 8.63 13.91
N LYS A 702 -22.16 8.89 15.17
CA LYS A 702 -21.57 8.16 16.29
C LYS A 702 -22.55 8.19 17.45
N GLY A 703 -22.15 7.59 18.57
CA GLY A 703 -23.03 7.55 19.72
C GLY A 703 -22.30 7.14 20.98
N TYR A 704 -23.00 7.27 22.10
CA TYR A 704 -22.52 6.86 23.42
C TYR A 704 -23.19 5.56 23.83
N GLY A 705 -22.45 4.71 24.54
CA GLY A 705 -22.98 3.45 25.01
C GLY A 705 -22.42 3.07 26.36
N ILE A 706 -23.09 2.12 27.01
CA ILE A 706 -22.67 1.60 28.29
C ILE A 706 -21.80 0.37 28.07
N ALA A 707 -20.71 0.28 28.83
CA ALA A 707 -19.71 -0.76 28.61
C ALA A 707 -19.73 -1.78 29.73
N THR A 708 -19.39 -3.02 29.38
CA THR A 708 -19.33 -4.15 30.29
C THR A 708 -18.14 -5.02 29.92
N PRO A 709 -17.54 -5.71 30.90
CA PRO A 709 -16.49 -6.68 30.57
C PRO A 709 -17.04 -7.79 29.68
N LYS A 710 -16.22 -8.22 28.73
CA LYS A 710 -16.66 -9.25 27.79
C LYS A 710 -16.98 -10.55 28.52
N GLY A 711 -18.11 -11.16 28.16
CA GLY A 711 -18.54 -12.37 28.82
C GLY A 711 -19.13 -12.17 30.19
N SER A 712 -19.59 -10.95 30.51
CA SER A 712 -20.22 -10.71 31.79
C SER A 712 -21.68 -11.11 31.77
N SER A 713 -22.16 -11.60 32.91
CA SER A 713 -23.54 -12.08 32.99
C SER A 713 -24.53 -10.97 32.71
N LEU A 714 -24.22 -9.75 33.15
CA LEU A 714 -25.11 -8.61 32.94
C LEU A 714 -24.85 -7.90 31.62
N GLY A 715 -24.26 -8.57 30.64
CA GLY A 715 -23.98 -7.95 29.36
C GLY A 715 -25.21 -7.75 28.50
N THR A 716 -25.76 -8.84 27.98
CA THR A 716 -26.97 -8.74 27.16
C THR A 716 -28.18 -8.21 27.93
N PRO A 717 -28.41 -8.52 29.21
CA PRO A 717 -29.56 -7.91 29.90
C PRO A 717 -29.54 -6.39 29.90
N VAL A 718 -28.37 -5.78 30.01
CA VAL A 718 -28.30 -4.32 29.98
C VAL A 718 -28.43 -3.81 28.55
N ASN A 719 -27.86 -4.54 27.59
CA ASN A 719 -28.00 -4.16 26.18
C ASN A 719 -29.47 -4.14 25.77
N LEU A 720 -30.22 -5.17 26.14
CA LEU A 720 -31.65 -5.18 25.89
C LEU A 720 -32.37 -4.11 26.69
N ALA A 721 -31.86 -3.78 27.88
CA ALA A 721 -32.53 -2.78 28.73
C ALA A 721 -32.38 -1.38 28.17
N VAL A 722 -31.31 -1.10 27.42
CA VAL A 722 -31.14 0.21 26.82
C VAL A 722 -32.18 0.43 25.72
N LEU A 723 -32.43 -0.60 24.91
CA LEU A 723 -33.42 -0.49 23.85
C LEU A 723 -34.82 -0.25 24.42
N LYS A 724 -35.13 -0.86 25.57
CA LYS A 724 -36.45 -0.70 26.17
C LYS A 724 -36.69 0.74 26.60
N LEU A 725 -35.65 1.45 27.05
CA LEU A 725 -35.82 2.84 27.45
C LEU A 725 -35.97 3.76 26.24
N SER A 726 -35.36 3.41 25.11
CA SER A 726 -35.37 4.30 23.96
C SER A 726 -36.74 4.33 23.28
N GLU A 727 -37.38 3.16 23.18
CA GLU A 727 -38.67 3.10 22.49
C GLU A 727 -39.81 3.60 23.36
N GLN A 728 -39.72 3.43 24.68
CA GLN A 728 -40.75 3.94 25.57
C GLN A 728 -40.69 5.46 25.75
N GLY A 729 -39.67 6.11 25.22
CA GLY A 729 -39.56 7.55 25.37
C GLY A 729 -38.87 8.00 26.63
N VAL A 730 -38.02 7.16 27.20
CA VAL A 730 -37.32 7.51 28.44
C VAL A 730 -36.01 8.22 28.16
N LEU A 731 -35.25 7.75 27.16
CA LEU A 731 -33.96 8.36 26.86
C LEU A 731 -34.13 9.79 26.37
N ASP A 732 -35.11 10.03 25.50
CA ASP A 732 -35.37 11.38 25.02
C ASP A 732 -35.99 12.26 26.09
N LYS A 733 -36.68 11.67 27.06
CA LYS A 733 -37.19 12.44 28.18
C LYS A 733 -36.07 12.83 29.15
N LEU A 734 -35.13 11.91 29.38
CA LEU A 734 -33.96 12.24 30.19
C LEU A 734 -33.07 13.26 29.49
N LYS A 735 -32.93 13.13 28.16
CA LYS A 735 -32.19 14.12 27.40
C LYS A 735 -32.80 15.50 27.52
N ASN A 736 -34.13 15.58 27.43
CA ASN A 736 -34.82 16.85 27.57
C ASN A 736 -34.77 17.37 29.01
N LYS A 737 -34.56 16.50 29.99
CA LYS A 737 -34.63 16.91 31.39
C LYS A 737 -33.44 17.77 31.77
N TRP A 738 -32.22 17.25 31.57
CA TRP A 738 -31.03 17.95 32.03
C TRP A 738 -30.55 19.02 31.07
N TRP A 739 -30.89 18.91 29.78
CA TRP A 739 -30.44 19.90 28.80
C TRP A 739 -31.33 21.15 28.82
N TYR A 740 -32.61 20.98 28.49
CA TYR A 740 -33.48 22.11 28.22
C TYR A 740 -34.18 22.62 29.47
N ASP A 741 -34.91 21.74 30.17
CA ASP A 741 -35.71 22.19 31.31
C ASP A 741 -34.84 22.72 32.44
N LYS A 742 -33.85 21.93 32.87
CA LYS A 742 -32.92 22.42 33.87
C LYS A 742 -31.90 23.41 33.30
N GLY A 743 -31.89 23.60 31.98
CA GLY A 743 -30.99 24.57 31.40
C GLY A 743 -31.35 25.99 31.79
N GLU A 744 -30.32 26.85 31.82
CA GLU A 744 -30.47 28.22 32.27
C GLU A 744 -30.77 29.20 31.14
N CYS A 745 -31.02 28.69 29.93
CA CYS A 745 -31.43 29.51 28.79
C CYS A 745 -32.61 28.86 28.09
N GLY A 746 -33.59 28.41 28.89
CA GLY A 746 -34.76 27.77 28.32
C GLY A 746 -35.57 28.70 27.44
N ALA A 747 -35.57 30.01 27.75
CA ALA A 747 -36.20 30.98 26.87
C ALA A 747 -35.46 31.12 25.55
N LYS A 748 -34.18 30.76 25.51
CA LYS A 748 -33.39 30.77 24.28
C LYS A 748 -33.49 29.47 23.51
N ASP A 749 -34.47 28.63 23.83
CA ASP A 749 -34.64 27.32 23.18
C ASP A 749 -36.05 27.19 22.63
N SER A 750 -36.71 28.32 22.36
CA SER A 750 -38.06 28.32 21.78
C SER A 750 -38.28 29.34 20.67
N GLY A 751 -37.58 30.48 20.64
CA GLY A 751 -37.80 31.49 19.63
C GLY A 751 -36.81 31.34 18.49
N SER A 752 -37.34 31.15 17.28
CA SER A 752 -36.51 31.01 16.09
C SER A 752 -36.23 32.38 15.49
N LYS A 753 -35.04 32.54 14.94
CA LYS A 753 -34.61 33.82 14.37
C LYS A 753 -34.89 33.80 12.87
N GLU A 754 -35.91 34.56 12.44
CA GLU A 754 -36.31 34.62 11.05
C GLU A 754 -35.97 35.98 10.46
N LYS A 755 -35.79 36.01 9.14
CA LYS A 755 -35.43 37.22 8.43
C LYS A 755 -36.68 38.08 8.21
N THR A 756 -36.72 39.25 8.84
CA THR A 756 -37.84 40.17 8.68
C THR A 756 -37.77 40.81 7.29
N SER A 757 -38.75 40.50 6.44
CA SER A 757 -38.73 41.03 5.07
C SER A 757 -38.99 42.53 5.05
N ALA A 758 -39.86 43.01 5.93
CA ALA A 758 -40.25 44.42 5.92
C ALA A 758 -39.19 45.29 6.57
N LEU A 759 -39.35 46.60 6.40
CA LEU A 759 -38.45 47.58 6.99
C LEU A 759 -38.91 47.92 8.40
N SER A 760 -37.94 48.03 9.31
CA SER A 760 -38.25 48.15 10.73
C SER A 760 -38.95 49.48 11.04
N LEU A 761 -39.60 49.52 12.20
CA LEU A 761 -40.33 50.69 12.66
C LEU A 761 -39.48 51.64 13.47
N SER A 762 -38.59 51.10 14.32
CA SER A 762 -37.69 51.96 15.09
C SER A 762 -36.73 52.73 14.20
N ASN A 763 -36.50 52.26 12.98
CA ASN A 763 -35.72 53.02 12.01
C ASN A 763 -36.47 54.29 11.60
N VAL A 764 -37.78 54.18 11.36
CA VAL A 764 -38.57 55.32 10.95
C VAL A 764 -38.88 56.26 12.11
N ALA A 765 -38.71 55.79 13.36
CA ALA A 765 -39.01 56.62 14.52
C ALA A 765 -38.14 57.87 14.55
N GLY A 766 -36.92 57.79 14.03
CA GLY A 766 -36.05 58.95 13.97
C GLY A 766 -36.58 60.05 13.07
N VAL A 767 -37.44 59.72 12.12
CA VAL A 767 -38.03 60.74 11.26
C VAL A 767 -39.29 61.33 11.88
N PHE A 768 -40.03 60.56 12.67
CA PHE A 768 -41.22 61.09 13.32
C PHE A 768 -40.86 62.05 14.45
N TYR A 769 -39.76 61.77 15.16
CA TYR A 769 -39.39 62.62 16.28
C TYR A 769 -38.81 63.96 15.82
N ILE A 770 -38.14 63.97 14.66
CA ILE A 770 -37.67 65.24 14.11
C ILE A 770 -38.81 66.01 13.44
N LEU A 771 -39.89 65.33 13.08
CA LEU A 771 -41.06 65.99 12.50
C LEU A 771 -41.89 66.67 13.59
N VAL A 772 -42.32 65.90 14.59
CA VAL A 772 -43.12 66.46 15.67
C VAL A 772 -42.32 67.48 16.46
N GLY A 773 -40.99 67.30 16.55
CA GLY A 773 -40.15 68.33 17.13
C GLY A 773 -40.23 69.65 16.39
N GLY A 774 -40.44 69.58 15.07
CA GLY A 774 -40.68 70.79 14.31
C GLY A 774 -42.11 71.28 14.39
N LEU A 775 -43.06 70.37 14.54
CA LEU A 775 -44.45 70.78 14.79
C LEU A 775 -44.59 71.50 16.12
N GLY A 776 -43.79 71.10 17.12
CA GLY A 776 -43.80 71.84 18.38
C GLY A 776 -43.10 73.17 18.26
N LEU A 777 -42.05 73.23 17.45
CA LEU A 777 -41.39 74.51 17.17
C LEU A 777 -42.25 75.40 16.30
N ALA A 778 -43.18 74.83 15.55
CA ALA A 778 -44.04 75.63 14.68
C ALA A 778 -45.09 76.40 15.48
N MET A 779 -45.48 75.89 16.65
CA MET A 779 -46.44 76.59 17.49
C MET A 779 -45.79 77.68 18.34
N LEU A 780 -44.47 77.64 18.51
CA LEU A 780 -43.79 78.67 19.28
C LEU A 780 -43.57 79.94 18.47
N VAL A 781 -43.29 79.78 17.17
CA VAL A 781 -43.11 80.94 16.31
C VAL A 781 -44.44 81.57 15.92
N ALA A 782 -45.55 80.81 15.99
CA ALA A 782 -46.84 81.36 15.62
C ALA A 782 -47.33 82.40 16.62
N LEU A 783 -46.93 82.27 17.88
CA LEU A 783 -47.42 83.20 18.91
C LEU A 783 -46.60 84.48 18.94
N ILE A 784 -45.31 84.42 18.63
CA ILE A 784 -44.50 85.64 18.61
C ILE A 784 -44.79 86.48 17.39
N GLU A 785 -45.34 85.89 16.33
CA GLU A 785 -45.71 86.65 15.14
C GLU A 785 -47.05 87.34 15.29
N PHE A 786 -47.86 86.93 16.27
CA PHE A 786 -49.18 87.51 16.49
C PHE A 786 -49.18 88.67 17.46
N CYS A 787 -48.05 88.95 18.12
CA CYS A 787 -47.98 90.04 19.09
C CYS A 787 -46.93 91.07 18.71
N TYR A 788 -45.67 90.66 18.52
CA TYR A 788 -44.60 91.60 18.20
C TYR A 788 -44.67 92.04 16.73
N ASN B 1 54.74 -42.54 44.32
CA ASN B 1 53.65 -41.63 44.67
C ASN B 1 52.52 -41.74 43.66
N SER B 2 51.80 -42.86 43.69
CA SER B 2 50.73 -43.13 42.74
C SER B 2 49.40 -42.73 43.38
N ILE B 3 48.78 -41.69 42.84
CA ILE B 3 47.52 -41.16 43.36
C ILE B 3 46.36 -41.87 42.67
N GLN B 4 45.39 -42.33 43.45
CA GLN B 4 44.25 -43.08 42.93
C GLN B 4 43.03 -42.16 42.82
N ILE B 5 42.26 -42.36 41.76
CA ILE B 5 41.18 -41.46 41.39
C ILE B 5 39.97 -42.29 40.93
N GLY B 6 38.78 -41.80 41.27
CA GLY B 6 37.54 -42.45 40.83
C GLY B 6 37.10 -41.91 39.47
N GLY B 7 36.88 -42.84 38.53
CA GLY B 7 36.48 -42.47 37.19
C GLY B 7 35.11 -42.98 36.79
N LEU B 8 34.15 -42.06 36.65
CA LEU B 8 32.76 -42.38 36.35
C LEU B 8 32.43 -41.88 34.95
N PHE B 9 32.26 -42.81 34.01
CA PHE B 9 32.02 -42.48 32.61
C PHE B 9 30.80 -43.24 32.11
N PRO B 10 29.88 -42.58 31.41
CA PRO B 10 28.75 -43.29 30.79
C PRO B 10 29.22 -44.20 29.66
N ARG B 11 28.26 -44.95 29.13
CA ARG B 11 28.58 -45.95 28.11
C ARG B 11 28.71 -45.32 26.73
N GLY B 12 27.73 -44.50 26.34
CA GLY B 12 27.75 -43.93 25.01
C GLY B 12 28.82 -42.88 24.80
N ALA B 13 29.45 -42.41 25.87
CA ALA B 13 30.48 -41.39 25.80
C ALA B 13 31.82 -42.07 25.57
N ASP B 14 32.35 -41.94 24.36
CA ASP B 14 33.64 -42.53 23.99
C ASP B 14 34.73 -41.49 23.80
N GLN B 15 34.44 -40.40 23.08
CA GLN B 15 35.44 -39.36 22.89
C GLN B 15 35.78 -38.69 24.21
N GLU B 16 34.79 -38.55 25.10
CA GLU B 16 35.06 -37.99 26.42
C GLU B 16 36.09 -38.85 27.16
N TYR B 17 35.89 -40.16 27.18
CA TYR B 17 36.86 -41.05 27.81
C TYR B 17 38.20 -41.01 27.10
N SER B 18 38.17 -40.86 25.77
CA SER B 18 39.42 -40.68 25.02
C SER B 18 40.18 -39.47 25.51
N ALA B 19 39.49 -38.33 25.66
CA ALA B 19 40.15 -37.11 26.09
C ALA B 19 40.74 -37.27 27.49
N PHE B 20 40.06 -38.00 28.36
CA PHE B 20 40.59 -38.25 29.70
C PHE B 20 41.92 -39.00 29.62
N ARG B 21 41.98 -40.03 28.76
CA ARG B 21 43.22 -40.80 28.63
C ARG B 21 44.34 -39.95 28.05
N VAL B 22 44.00 -39.06 27.11
CA VAL B 22 44.99 -38.15 26.54
C VAL B 22 45.51 -37.19 27.60
N GLY B 23 44.61 -36.63 28.41
CA GLY B 23 45.04 -35.66 29.42
C GLY B 23 46.02 -36.26 30.42
N MET B 24 45.81 -37.51 30.80
CA MET B 24 46.70 -38.13 31.77
C MET B 24 48.12 -38.24 31.22
N VAL B 25 48.26 -38.77 30.02
CA VAL B 25 49.60 -38.95 29.42
C VAL B 25 50.28 -37.59 29.25
N GLN B 26 49.53 -36.57 28.84
CA GLN B 26 50.12 -35.26 28.59
C GLN B 26 50.59 -34.61 29.89
N PHE B 27 49.94 -34.91 31.01
CA PHE B 27 50.22 -34.23 32.27
C PHE B 27 50.89 -35.10 33.32
N SER B 28 50.97 -36.42 33.10
CA SER B 28 51.61 -37.30 34.08
C SER B 28 53.08 -36.94 34.21
N THR B 29 53.55 -36.80 35.44
CA THR B 29 54.93 -36.44 35.70
C THR B 29 55.74 -37.66 36.18
N SER B 30 57.04 -37.44 36.35
CA SER B 30 57.94 -38.54 36.68
C SER B 30 57.83 -38.90 38.16
N GLU B 31 57.44 -37.96 39.02
CA GLU B 31 57.47 -38.21 40.45
C GLU B 31 56.12 -38.57 41.05
N PHE B 32 55.01 -38.32 40.34
CA PHE B 32 53.71 -38.80 40.78
C PHE B 32 52.82 -38.96 39.55
N ARG B 33 51.68 -39.64 39.75
CA ARG B 33 50.81 -39.97 38.64
C ARG B 33 49.36 -40.03 39.11
N LEU B 34 48.48 -40.38 38.18
CA LEU B 34 47.05 -40.54 38.43
C LEU B 34 46.67 -41.98 38.12
N THR B 35 46.23 -42.71 39.13
CA THR B 35 45.85 -44.12 38.98
C THR B 35 44.33 -44.23 39.04
N PRO B 36 43.64 -44.16 37.90
CA PRO B 36 42.18 -44.17 37.92
C PRO B 36 41.60 -45.58 37.96
N HIS B 37 40.47 -45.70 38.65
CA HIS B 37 39.60 -46.86 38.56
C HIS B 37 38.36 -46.43 37.79
N ILE B 38 38.13 -47.07 36.64
CA ILE B 38 37.10 -46.64 35.70
C ILE B 38 35.92 -47.59 35.85
N ASP B 39 34.81 -47.08 36.38
CA ASP B 39 33.54 -47.79 36.42
C ASP B 39 32.66 -47.24 35.31
N ASN B 40 32.48 -48.02 34.25
CA ASN B 40 31.54 -47.64 33.20
C ASN B 40 30.13 -48.05 33.63
N LEU B 41 29.22 -47.08 33.60
CA LEU B 41 27.88 -47.27 34.17
C LEU B 41 26.87 -46.49 33.34
N GLU B 42 25.60 -46.74 33.64
CA GLU B 42 24.52 -45.93 33.08
C GLU B 42 24.22 -44.80 34.06
N VAL B 43 24.41 -43.56 33.60
CA VAL B 43 24.41 -42.42 34.51
C VAL B 43 23.03 -42.13 35.09
N ALA B 44 21.96 -42.65 34.48
CA ALA B 44 20.62 -42.27 34.90
C ALA B 44 20.19 -42.99 36.17
N ASN B 45 20.64 -44.23 36.39
CA ASN B 45 20.17 -45.04 37.49
C ASN B 45 20.81 -44.57 38.79
N SER B 46 20.00 -43.99 39.69
CA SER B 46 20.52 -43.41 40.91
C SER B 46 21.18 -44.46 41.80
N PHE B 47 20.62 -45.67 41.83
CA PHE B 47 21.25 -46.74 42.61
C PHE B 47 22.61 -47.09 42.06
N ALA B 48 22.74 -47.14 40.73
CA ALA B 48 24.01 -47.49 40.11
C ALA B 48 25.09 -46.50 40.50
N VAL B 49 24.78 -45.21 40.42
CA VAL B 49 25.74 -44.18 40.81
C VAL B 49 26.10 -44.32 42.29
N THR B 50 25.08 -44.53 43.13
CA THR B 50 25.33 -44.81 44.54
C THR B 50 26.23 -46.03 44.70
N ASN B 51 25.87 -47.11 44.03
CA ASN B 51 26.66 -48.34 44.11
C ASN B 51 28.08 -48.12 43.61
N ALA B 52 28.25 -47.32 42.55
CA ALA B 52 29.57 -47.07 42.01
C ALA B 52 30.37 -46.10 42.86
N PHE B 53 29.71 -45.14 43.52
CA PHE B 53 30.42 -44.21 44.37
C PHE B 53 31.06 -44.92 45.56
N CYS B 54 30.37 -45.93 46.10
CA CYS B 54 30.91 -46.66 47.24
C CYS B 54 32.01 -47.62 46.84
N SER B 55 31.93 -48.17 45.62
CA SER B 55 33.03 -48.98 45.10
C SER B 55 34.31 -48.15 44.98
N GLN B 56 34.17 -46.86 44.64
CA GLN B 56 35.33 -45.98 44.59
C GLN B 56 35.76 -45.55 45.99
N PHE B 57 34.80 -45.28 46.88
CA PHE B 57 35.15 -44.81 48.21
C PHE B 57 35.82 -45.90 49.03
N SER B 58 35.38 -47.16 48.84
CA SER B 58 36.00 -48.26 49.56
C SER B 58 37.40 -48.56 49.03
N ARG B 59 37.63 -48.35 47.73
CA ARG B 59 38.98 -48.50 47.20
C ARG B 59 39.90 -47.37 47.64
N GLY B 60 39.36 -46.33 48.26
CA GLY B 60 40.18 -45.30 48.87
C GLY B 60 40.73 -44.27 47.91
N VAL B 61 39.93 -43.82 46.94
CA VAL B 61 40.39 -42.79 46.02
C VAL B 61 40.51 -41.46 46.75
N TYR B 62 41.33 -40.57 46.20
CA TYR B 62 41.53 -39.24 46.78
C TYR B 62 40.66 -38.18 46.13
N ALA B 63 40.14 -38.44 44.92
CA ALA B 63 39.20 -37.56 44.26
C ALA B 63 38.49 -38.37 43.18
N ILE B 64 37.35 -37.84 42.72
CA ILE B 64 36.51 -38.54 41.76
C ILE B 64 36.19 -37.59 40.61
N PHE B 65 36.48 -38.04 39.40
CA PHE B 65 36.00 -37.37 38.19
C PHE B 65 34.82 -38.18 37.64
N GLY B 66 33.76 -37.48 37.26
CA GLY B 66 32.59 -38.18 36.78
C GLY B 66 31.61 -37.25 36.11
N PHE B 67 30.39 -37.76 35.93
CA PHE B 67 29.29 -37.06 35.30
C PHE B 67 28.03 -37.26 36.13
N TYR B 68 26.93 -36.64 35.70
CA TYR B 68 25.64 -36.89 36.31
C TYR B 68 24.53 -36.42 35.38
N ASP B 69 23.35 -36.99 35.58
CA ASP B 69 22.16 -36.66 34.83
C ASP B 69 21.31 -35.68 35.64
N LYS B 70 20.09 -35.41 35.18
CA LYS B 70 19.16 -34.62 35.98
C LYS B 70 18.78 -35.36 37.26
N LYS B 71 18.65 -36.68 37.18
CA LYS B 71 18.23 -37.47 38.33
C LYS B 71 19.38 -37.70 39.30
N SER B 72 20.51 -38.18 38.80
CA SER B 72 21.60 -38.65 39.65
C SER B 72 22.42 -37.53 40.28
N VAL B 73 22.26 -36.29 39.83
CA VAL B 73 23.13 -35.21 40.30
C VAL B 73 23.01 -35.04 41.81
N ASN B 74 21.78 -35.07 42.33
CA ASN B 74 21.60 -34.89 43.76
C ASN B 74 22.20 -36.06 44.55
N THR B 75 22.28 -37.23 43.94
CA THR B 75 22.97 -38.35 44.59
C THR B 75 24.44 -38.02 44.81
N ILE B 76 25.09 -37.43 43.81
CA ILE B 76 26.51 -37.10 43.91
C ILE B 76 26.73 -36.01 44.95
N THR B 77 25.95 -34.94 44.87
CA THR B 77 26.23 -33.75 45.68
C THR B 77 26.16 -34.06 47.17
N SER B 78 25.09 -34.72 47.61
CA SER B 78 24.95 -35.01 49.04
C SER B 78 25.94 -36.06 49.49
N PHE B 79 26.24 -37.04 48.63
CA PHE B 79 27.21 -38.07 48.99
C PHE B 79 28.59 -37.47 49.21
N CYS B 80 29.02 -36.59 48.30
CA CYS B 80 30.30 -35.92 48.49
C CYS B 80 30.21 -34.87 49.59
N GLY B 81 29.06 -34.19 49.70
CA GLY B 81 28.93 -33.13 50.68
C GLY B 81 29.05 -33.62 52.12
N THR B 82 28.70 -34.88 52.37
CA THR B 82 28.82 -35.44 53.71
C THR B 82 30.14 -36.16 53.92
N LEU B 83 30.65 -36.84 52.88
CA LEU B 83 31.89 -37.60 52.99
C LEU B 83 33.13 -36.77 52.70
N HIS B 84 32.97 -35.51 52.30
CA HIS B 84 34.07 -34.59 52.02
C HIS B 84 34.93 -35.05 50.84
N VAL B 85 34.45 -35.99 50.05
CA VAL B 85 35.16 -36.42 48.84
C VAL B 85 34.99 -35.35 47.77
N SER B 86 36.02 -35.14 46.97
CA SER B 86 36.02 -34.11 45.95
C SER B 86 35.56 -34.69 44.62
N PHE B 87 34.60 -34.02 43.98
CA PHE B 87 34.02 -34.46 42.72
C PHE B 87 34.25 -33.40 41.65
N ILE B 88 34.70 -33.85 40.47
CA ILE B 88 35.03 -32.96 39.36
C ILE B 88 34.27 -33.44 38.13
N THR B 89 33.55 -32.52 37.48
CA THR B 89 32.63 -32.95 36.44
C THR B 89 32.53 -31.89 35.34
N PRO B 90 32.35 -32.31 34.10
CA PRO B 90 31.95 -31.39 33.02
C PRO B 90 30.46 -31.31 32.77
N SER B 91 29.64 -31.89 33.64
CA SER B 91 28.20 -31.81 33.49
C SER B 91 27.71 -30.42 33.89
N PHE B 92 26.41 -30.18 33.69
CA PHE B 92 25.86 -28.86 33.90
C PHE B 92 25.91 -28.48 35.39
N PRO B 93 26.00 -27.19 35.69
CA PRO B 93 26.29 -26.77 37.07
C PRO B 93 25.16 -27.10 38.03
N THR B 94 25.45 -26.95 39.31
CA THR B 94 24.47 -27.19 40.37
C THR B 94 23.63 -25.94 40.59
N ASP B 95 22.31 -26.13 40.64
CA ASP B 95 21.40 -25.02 40.91
C ASP B 95 21.50 -24.62 42.37
N GLY B 96 22.64 -24.07 42.77
CA GLY B 96 22.87 -23.72 44.15
C GLY B 96 24.34 -23.84 44.48
N THR B 97 24.62 -23.79 45.78
CA THR B 97 25.99 -23.79 46.31
C THR B 97 26.25 -25.10 47.04
N HIS B 98 26.58 -26.12 46.27
CA HIS B 98 26.89 -27.43 46.84
C HIS B 98 28.40 -27.60 46.91
N PRO B 99 28.99 -27.80 48.09
CA PRO B 99 30.46 -27.89 48.19
C PRO B 99 30.98 -29.25 47.73
N PHE B 100 32.31 -29.31 47.65
CA PHE B 100 33.04 -30.53 47.26
C PHE B 100 32.65 -31.00 45.86
N VAL B 101 32.22 -30.07 45.01
CA VAL B 101 31.93 -30.36 43.62
C VAL B 101 32.70 -29.36 42.77
N ILE B 102 33.41 -29.86 41.77
CA ILE B 102 34.20 -29.04 40.86
C ILE B 102 33.52 -29.11 39.50
N GLN B 103 32.72 -28.09 39.18
CA GLN B 103 32.00 -28.02 37.91
C GLN B 103 32.93 -27.40 36.87
N MET B 104 33.34 -28.21 35.89
CA MET B 104 34.20 -27.71 34.83
C MET B 104 33.42 -26.90 33.81
N ARG B 105 32.14 -27.22 33.62
CA ARG B 105 31.33 -26.45 32.68
C ARG B 105 30.97 -25.10 33.31
N PRO B 106 31.14 -24.00 32.59
CA PRO B 106 30.74 -22.69 33.11
C PRO B 106 29.26 -22.43 32.92
N ASP B 107 28.80 -21.33 33.52
CA ASP B 107 27.38 -20.99 33.57
C ASP B 107 26.96 -20.40 32.23
N LEU B 108 26.27 -21.21 31.42
CA LEU B 108 25.86 -20.76 30.09
C LEU B 108 24.70 -19.77 30.14
N LYS B 109 23.80 -19.92 31.12
CA LYS B 109 22.53 -19.20 31.10
C LYS B 109 22.73 -17.69 31.04
N GLY B 110 23.70 -17.17 31.80
CA GLY B 110 23.95 -15.74 31.78
C GLY B 110 24.28 -15.21 30.41
N ALA B 111 25.00 -16.01 29.62
CA ALA B 111 25.36 -15.59 28.27
C ALA B 111 24.15 -15.58 27.35
N LEU B 112 23.28 -16.59 27.46
CA LEU B 112 22.10 -16.64 26.61
C LEU B 112 21.12 -15.52 26.93
N LEU B 113 20.96 -15.20 28.22
CA LEU B 113 20.13 -14.06 28.60
C LEU B 113 20.63 -12.78 27.96
N SER B 114 21.94 -12.66 27.75
CA SER B 114 22.49 -11.45 27.15
C SER B 114 22.34 -11.45 25.63
N LEU B 115 22.55 -12.61 24.99
CA LEU B 115 22.47 -12.67 23.54
C LEU B 115 21.05 -12.36 23.06
N ILE B 116 20.04 -12.85 23.78
CA ILE B 116 18.66 -12.51 23.44
C ILE B 116 18.45 -11.01 23.54
N GLU B 117 19.12 -10.34 24.48
CA GLU B 117 19.00 -8.89 24.59
C GLU B 117 19.61 -8.19 23.39
N TYR B 118 20.77 -8.67 22.92
CA TYR B 118 21.46 -7.98 21.83
C TYR B 118 20.61 -7.93 20.57
N TYR B 119 20.06 -9.07 20.16
CA TYR B 119 19.18 -9.11 19.00
C TYR B 119 17.86 -8.40 19.23
N GLN B 120 17.61 -7.89 20.44
CA GLN B 120 16.41 -7.12 20.75
C GLN B 120 15.14 -7.94 20.54
N TRP B 121 15.22 -9.24 20.83
CA TRP B 121 14.07 -10.10 20.67
C TRP B 121 13.01 -9.80 21.73
N ASP B 122 11.75 -9.79 21.32
CA ASP B 122 10.63 -9.57 22.22
C ASP B 122 9.67 -10.75 22.28
N LYS B 123 9.56 -11.55 21.23
CA LYS B 123 8.79 -12.78 21.23
C LYS B 123 9.56 -13.83 20.45
N PHE B 124 9.70 -15.02 21.02
CA PHE B 124 10.53 -16.05 20.42
C PHE B 124 10.06 -17.42 20.91
N ALA B 125 10.58 -18.46 20.27
CA ALA B 125 10.28 -19.84 20.61
C ALA B 125 11.48 -20.48 21.27
N TYR B 126 11.24 -21.17 22.39
CA TYR B 126 12.29 -21.82 23.17
C TYR B 126 12.03 -23.32 23.14
N LEU B 127 13.00 -24.08 22.65
CA LEU B 127 12.90 -25.53 22.60
C LEU B 127 13.84 -26.15 23.62
N TYR B 128 13.36 -27.18 24.31
CA TYR B 128 14.09 -27.77 25.43
C TYR B 128 13.66 -29.21 25.62
N ASP B 129 14.52 -29.98 26.27
CA ASP B 129 14.23 -31.36 26.63
C ASP B 129 14.38 -31.55 28.13
N SER B 130 13.44 -32.29 28.73
CA SER B 130 13.47 -32.52 30.17
C SER B 130 14.58 -33.46 30.61
N ASP B 131 15.27 -34.09 29.66
CA ASP B 131 16.39 -34.96 30.02
C ASP B 131 17.58 -34.15 30.50
N ARG B 132 18.02 -33.18 29.69
CA ARG B 132 19.11 -32.31 30.10
C ARG B 132 18.74 -31.51 31.35
N GLY B 133 17.55 -30.93 31.35
CA GLY B 133 17.08 -30.17 32.49
C GLY B 133 16.22 -29.00 32.01
N LEU B 134 16.20 -27.95 32.83
CA LEU B 134 15.41 -26.77 32.49
C LEU B 134 15.87 -25.53 33.25
N SER B 135 17.07 -25.54 33.84
CA SER B 135 17.53 -24.39 34.61
C SER B 135 17.70 -23.14 33.74
N THR B 136 18.08 -23.32 32.47
CA THR B 136 18.10 -22.19 31.55
C THR B 136 16.68 -21.77 31.18
N LEU B 137 15.76 -22.74 31.07
CA LEU B 137 14.36 -22.41 30.82
C LEU B 137 13.75 -21.67 32.01
N GLN B 138 14.12 -22.07 33.23
CA GLN B 138 13.72 -21.29 34.39
C GLN B 138 14.27 -19.88 34.33
N ALA B 139 15.47 -19.70 33.77
CA ALA B 139 16.09 -18.39 33.73
C ALA B 139 15.45 -17.48 32.70
N VAL B 140 15.15 -18.01 31.51
CA VAL B 140 14.51 -17.17 30.49
C VAL B 140 13.09 -16.80 30.93
N LEU B 141 12.41 -17.73 31.62
CA LEU B 141 11.08 -17.40 32.13
C LEU B 141 11.16 -16.45 33.32
N ASP B 142 12.24 -16.52 34.11
CA ASP B 142 12.41 -15.59 35.22
C ASP B 142 12.48 -14.14 34.72
N SER B 143 13.13 -13.93 33.58
CA SER B 143 13.29 -12.59 33.02
C SER B 143 12.41 -12.38 31.79
N ALA B 144 11.36 -13.17 31.64
CA ALA B 144 10.38 -12.91 30.57
C ALA B 144 9.39 -11.83 30.98
N ALA B 145 9.04 -11.77 32.27
CA ALA B 145 8.21 -10.67 32.78
C ALA B 145 9.05 -9.42 32.98
N GLU B 146 10.23 -9.58 33.58
CA GLU B 146 11.08 -8.43 33.88
C GLU B 146 11.48 -7.67 32.63
N LYS B 147 11.62 -8.37 31.50
CA LYS B 147 12.06 -7.75 30.25
C LYS B 147 11.03 -7.86 29.14
N LYS B 148 9.79 -8.24 29.47
CA LYS B 148 8.66 -8.24 28.54
C LYS B 148 8.96 -9.09 27.29
N TRP B 149 8.94 -10.40 27.51
CA TRP B 149 9.11 -11.39 26.46
C TRP B 149 7.88 -12.29 26.40
N GLN B 150 7.46 -12.62 25.19
CA GLN B 150 6.32 -13.50 24.96
C GLN B 150 6.85 -14.86 24.51
N VAL B 151 7.31 -15.65 25.47
CA VAL B 151 7.94 -16.94 25.19
C VAL B 151 6.86 -17.97 24.88
N THR B 152 7.13 -18.82 23.90
CA THR B 152 6.27 -19.95 23.54
C THR B 152 7.12 -21.21 23.72
N ALA B 153 7.29 -21.65 24.97
CA ALA B 153 8.19 -22.75 25.28
C ALA B 153 7.56 -24.09 24.91
N ILE B 154 8.35 -24.94 24.26
CA ILE B 154 7.90 -26.25 23.82
C ILE B 154 8.88 -27.30 24.33
N ASN B 155 8.37 -28.29 25.06
CA ASN B 155 9.21 -29.41 25.49
C ASN B 155 9.30 -30.42 24.36
N VAL B 156 10.50 -30.65 23.85
CA VAL B 156 10.73 -31.56 22.74
C VAL B 156 11.47 -32.82 23.18
N GLY B 157 11.57 -33.07 24.48
CA GLY B 157 12.37 -34.17 24.98
C GLY B 157 11.74 -35.53 24.92
N ASN B 158 10.60 -35.70 25.59
CA ASN B 158 9.94 -37.00 25.69
C ASN B 158 9.20 -37.28 24.38
N ILE B 159 9.95 -37.76 23.39
CA ILE B 159 9.40 -38.17 22.10
C ILE B 159 10.06 -39.48 21.69
N ASN B 160 9.26 -40.37 21.12
CA ASN B 160 9.79 -41.65 20.65
C ASN B 160 10.59 -41.44 19.37
N ASN B 161 11.49 -42.39 19.12
CA ASN B 161 12.44 -42.27 18.01
C ASN B 161 11.89 -42.78 16.68
N ASP B 162 10.69 -43.34 16.66
CA ASP B 162 10.06 -43.77 15.41
C ASP B 162 9.05 -42.76 14.88
N LYS B 163 8.42 -41.99 15.76
CA LYS B 163 7.47 -40.94 15.36
C LYS B 163 8.14 -39.58 15.32
N LYS B 164 9.41 -39.51 14.88
CA LYS B 164 10.13 -38.24 14.87
C LYS B 164 9.63 -37.33 13.75
N ASP B 165 9.47 -37.87 12.55
CA ASP B 165 9.04 -37.06 11.42
C ASP B 165 7.62 -36.55 11.61
N GLU B 166 6.78 -37.31 12.33
CA GLU B 166 5.40 -36.91 12.54
C GLU B 166 5.29 -35.80 13.58
N THR B 167 5.99 -35.95 14.71
CA THR B 167 5.87 -34.98 15.79
C THR B 167 6.55 -33.66 15.45
N TYR B 168 7.70 -33.73 14.77
CA TYR B 168 8.40 -32.50 14.38
C TYR B 168 7.63 -31.76 13.30
N ARG B 169 7.03 -32.48 12.35
CA ARG B 169 6.14 -31.85 11.38
C ARG B 169 4.94 -31.22 12.08
N SER B 170 4.40 -31.90 13.10
CA SER B 170 3.32 -31.33 13.89
C SER B 170 3.80 -30.19 14.78
N LEU B 171 5.08 -30.14 15.10
CA LEU B 171 5.60 -29.09 15.98
C LEU B 171 5.57 -27.74 15.28
N PHE B 172 6.18 -27.64 14.10
CA PHE B 172 6.28 -26.37 13.40
C PHE B 172 4.95 -25.91 12.80
N GLN B 173 3.89 -26.71 12.90
CA GLN B 173 2.56 -26.22 12.54
C GLN B 173 2.00 -25.31 13.63
N ASP B 174 2.22 -25.67 14.89
CA ASP B 174 1.82 -24.80 16.00
C ASP B 174 2.70 -23.56 16.10
N LEU B 175 3.93 -23.63 15.59
CA LEU B 175 4.78 -22.44 15.53
C LEU B 175 4.40 -21.50 14.41
N GLU B 176 3.69 -21.99 13.39
CA GLU B 176 3.20 -21.14 12.32
C GLU B 176 1.95 -20.37 12.72
N LEU B 177 1.35 -20.69 13.88
CA LEU B 177 0.19 -19.94 14.34
C LEU B 177 0.56 -18.51 14.66
N LYS B 178 1.67 -18.32 15.38
CA LYS B 178 2.19 -17.00 15.69
C LYS B 178 3.06 -16.44 14.57
N LYS B 179 3.16 -17.14 13.44
CA LYS B 179 4.15 -16.84 12.39
C LYS B 179 5.54 -16.70 13.00
N GLU B 180 5.88 -17.62 13.89
CA GLU B 180 7.13 -17.52 14.63
C GLU B 180 8.31 -17.74 13.70
N ARG B 181 9.35 -16.92 13.88
CA ARG B 181 10.59 -17.04 13.11
C ARG B 181 11.83 -17.15 13.97
N ARG B 182 11.80 -16.71 15.23
CA ARG B 182 12.97 -16.70 16.10
C ARG B 182 12.84 -17.85 17.08
N VAL B 183 13.68 -18.87 16.91
CA VAL B 183 13.63 -20.09 17.70
C VAL B 183 14.96 -20.30 18.40
N ILE B 184 14.91 -20.60 19.70
CA ILE B 184 16.08 -20.99 20.47
C ILE B 184 16.11 -22.51 20.54
N LEU B 185 17.30 -23.09 20.44
CA LEU B 185 17.49 -24.54 20.53
C LEU B 185 18.37 -24.84 21.74
N ASP B 186 17.74 -25.00 22.90
CA ASP B 186 18.43 -25.39 24.14
C ASP B 186 18.40 -26.92 24.19
N CYS B 187 19.38 -27.55 23.55
CA CYS B 187 19.34 -29.00 23.37
C CYS B 187 20.75 -29.57 23.44
N GLU B 188 20.82 -30.90 23.36
CA GLU B 188 22.08 -31.59 23.17
C GLU B 188 22.56 -31.43 21.72
N ARG B 189 23.86 -31.60 21.53
CA ARG B 189 24.44 -31.50 20.18
C ARG B 189 23.74 -32.46 19.23
N ASP B 190 23.64 -33.73 19.60
CA ASP B 190 23.02 -34.72 18.73
C ASP B 190 21.55 -34.38 18.47
N LYS B 191 20.86 -33.83 19.48
CA LYS B 191 19.46 -33.51 19.29
C LYS B 191 19.27 -32.26 18.46
N VAL B 192 20.26 -31.37 18.40
CA VAL B 192 20.18 -30.21 17.53
C VAL B 192 20.16 -30.65 16.07
N ASN B 193 21.11 -31.50 15.67
CA ASN B 193 21.19 -31.95 14.29
C ASN B 193 19.91 -32.66 13.86
N ASP B 194 19.23 -33.35 14.79
CA ASP B 194 17.95 -33.95 14.46
C ASP B 194 16.92 -32.88 14.15
N ILE B 195 16.84 -31.84 14.99
CA ILE B 195 15.93 -30.74 14.72
C ILE B 195 16.31 -30.03 13.43
N VAL B 196 17.60 -29.78 13.25
CA VAL B 196 18.06 -29.08 12.04
C VAL B 196 17.71 -29.86 10.79
N ASP B 197 17.87 -31.19 10.84
CA ASP B 197 17.56 -32.03 9.68
C ASP B 197 16.11 -31.85 9.24
N GLN B 198 15.19 -31.75 10.20
CA GLN B 198 13.78 -31.59 9.84
C GLN B 198 13.45 -30.14 9.51
N VAL B 199 14.17 -29.18 10.07
CA VAL B 199 14.01 -27.79 9.68
C VAL B 199 14.31 -27.62 8.19
N ILE B 200 15.26 -28.40 7.68
CA ILE B 200 15.64 -28.30 6.28
C ILE B 200 14.55 -28.88 5.38
N THR B 201 14.01 -30.04 5.77
CA THR B 201 13.08 -30.76 4.90
C THR B 201 11.79 -29.98 4.69
N ILE B 202 11.27 -29.37 5.77
CA ILE B 202 10.09 -28.52 5.60
C ILE B 202 10.47 -27.20 4.96
N GLY B 203 11.71 -26.76 5.14
CA GLY B 203 12.21 -25.57 4.51
C GLY B 203 12.11 -24.28 5.29
N LYS B 204 12.25 -24.33 6.61
CA LYS B 204 12.18 -23.12 7.44
C LYS B 204 13.57 -22.69 7.88
N HIS B 205 14.43 -22.40 6.89
CA HIS B 205 15.80 -21.97 7.16
C HIS B 205 16.32 -21.02 6.08
N VAL B 206 15.43 -20.32 5.40
CA VAL B 206 15.83 -19.37 4.37
C VAL B 206 15.90 -17.98 4.98
N LYS B 207 16.13 -16.97 4.13
CA LYS B 207 16.21 -15.59 4.58
C LYS B 207 14.94 -15.19 5.30
N GLY B 208 15.04 -14.98 6.61
CA GLY B 208 13.88 -14.66 7.42
C GLY B 208 13.98 -15.24 8.81
N TYR B 209 14.31 -16.52 8.91
CA TYR B 209 14.41 -17.19 10.20
C TYR B 209 15.77 -16.89 10.86
N HIS B 210 15.81 -17.08 12.17
CA HIS B 210 17.00 -16.80 12.97
C HIS B 210 17.01 -17.75 14.15
N TYR B 211 18.05 -18.57 14.26
CA TYR B 211 18.11 -19.63 15.25
C TYR B 211 19.25 -19.39 16.24
N ILE B 212 19.05 -19.89 17.45
CA ILE B 212 20.06 -19.84 18.51
C ILE B 212 20.27 -21.25 19.04
N ILE B 213 21.51 -21.69 19.07
CA ILE B 213 21.87 -22.99 19.65
C ILE B 213 22.43 -22.71 21.05
N ALA B 214 21.63 -23.03 22.07
CA ALA B 214 21.99 -22.72 23.46
C ALA B 214 22.78 -23.88 24.04
N ASN B 215 24.06 -23.94 23.69
CA ASN B 215 24.99 -24.90 24.26
C ASN B 215 26.40 -24.37 24.04
N LEU B 216 27.36 -24.97 24.74
CA LEU B 216 28.75 -24.55 24.63
C LEU B 216 29.48 -25.17 23.45
N GLY B 217 28.79 -25.93 22.61
CA GLY B 217 29.42 -26.53 21.44
C GLY B 217 28.77 -26.11 20.14
N PHE B 218 29.07 -24.90 19.66
CA PHE B 218 28.52 -24.45 18.40
C PHE B 218 29.21 -25.15 17.23
N THR B 219 30.54 -25.03 17.16
CA THR B 219 31.30 -25.69 16.10
C THR B 219 31.31 -27.21 16.24
N ASP B 220 30.83 -27.75 17.36
CA ASP B 220 30.76 -29.20 17.52
C ASP B 220 29.72 -29.80 16.59
N GLY B 221 28.52 -29.21 16.56
CA GLY B 221 27.47 -29.73 15.70
C GLY B 221 27.77 -29.48 14.23
N ASP B 222 27.24 -30.36 13.39
CA ASP B 222 27.40 -30.28 11.95
C ASP B 222 26.49 -29.17 11.43
N LEU B 223 27.07 -28.02 11.10
CA LEU B 223 26.31 -26.82 10.79
C LEU B 223 26.22 -26.51 9.31
N LEU B 224 27.12 -27.05 8.48
CA LEU B 224 27.15 -26.71 7.06
C LEU B 224 25.81 -26.97 6.38
N LYS B 225 24.96 -27.82 6.95
CA LYS B 225 23.70 -28.17 6.32
C LYS B 225 22.76 -26.96 6.21
N ILE B 226 22.83 -26.03 7.17
CA ILE B 226 22.02 -24.82 7.11
C ILE B 226 22.92 -23.60 6.99
N GLN B 227 24.07 -23.78 6.33
CA GLN B 227 24.99 -22.66 6.16
C GLN B 227 24.57 -21.78 4.99
N PHE B 228 24.12 -22.38 3.90
CA PHE B 228 23.74 -21.65 2.69
C PHE B 228 22.24 -21.41 2.59
N GLY B 229 21.47 -21.81 3.60
CA GLY B 229 20.02 -21.70 3.52
C GLY B 229 19.54 -20.27 3.38
N GLY B 230 20.15 -19.36 4.14
CA GLY B 230 19.74 -17.96 4.10
C GLY B 230 19.45 -17.42 5.48
N ALA B 231 18.84 -18.25 6.34
CA ALA B 231 18.58 -17.85 7.70
C ALA B 231 19.89 -17.62 8.45
N GLU B 232 19.84 -16.77 9.46
CA GLU B 232 20.97 -16.55 10.34
C GLU B 232 20.91 -17.51 11.52
N VAL B 233 22.08 -17.93 11.99
CA VAL B 233 22.20 -18.87 13.11
C VAL B 233 23.25 -18.33 14.05
N SER B 234 22.91 -18.31 15.35
CA SER B 234 23.81 -17.86 16.39
C SER B 234 24.04 -18.98 17.39
N GLY B 235 25.09 -18.85 18.18
CA GLY B 235 25.38 -19.87 19.16
C GLY B 235 26.50 -19.44 20.09
N PHE B 236 27.07 -20.42 20.78
CA PHE B 236 28.11 -20.17 21.77
C PHE B 236 29.20 -21.20 21.64
N GLN B 237 30.43 -20.80 21.99
CA GLN B 237 31.58 -21.68 21.92
C GLN B 237 32.47 -21.43 23.13
N ILE B 238 32.89 -22.51 23.77
CA ILE B 238 33.87 -22.43 24.85
C ILE B 238 35.24 -22.97 24.43
N VAL B 239 35.29 -23.89 23.47
CA VAL B 239 36.54 -24.39 22.93
C VAL B 239 36.87 -23.55 21.71
N ASP B 240 37.73 -22.55 21.90
CA ASP B 240 38.06 -21.61 20.83
C ASP B 240 39.23 -22.18 20.03
N TYR B 241 38.98 -22.49 18.76
CA TYR B 241 40.01 -22.99 17.86
C TYR B 241 40.95 -21.90 17.37
N ASP B 242 40.80 -20.67 17.87
CA ASP B 242 41.69 -19.59 17.51
C ASP B 242 42.87 -19.45 18.47
N ASP B 243 42.68 -19.79 19.74
CA ASP B 243 43.77 -19.76 20.71
C ASP B 243 44.87 -20.72 20.28
N SER B 244 46.12 -20.30 20.48
CA SER B 244 47.25 -21.05 19.95
C SER B 244 47.46 -22.37 20.69
N LEU B 245 47.10 -22.43 21.97
CA LEU B 245 47.27 -23.68 22.72
C LEU B 245 46.41 -24.79 22.13
N VAL B 246 45.20 -24.44 21.69
CA VAL B 246 44.28 -25.44 21.15
C VAL B 246 44.82 -26.03 19.86
N SER B 247 45.40 -25.19 18.99
CA SER B 247 45.96 -25.68 17.74
C SER B 247 47.02 -26.73 18.00
N LYS B 248 47.90 -26.49 18.98
CA LYS B 248 48.88 -27.51 19.36
C LYS B 248 48.21 -28.79 19.81
N PHE B 249 47.05 -28.68 20.45
CA PHE B 249 46.34 -29.89 20.86
C PHE B 249 45.65 -30.56 19.68
N ILE B 250 45.05 -29.77 18.79
CA ILE B 250 44.32 -30.35 17.66
C ILE B 250 45.27 -31.10 16.74
N GLU B 251 46.45 -30.53 16.48
CA GLU B 251 47.42 -31.20 15.61
C GLU B 251 47.78 -32.58 16.14
N ARG B 252 47.93 -32.70 17.47
CA ARG B 252 48.17 -34.01 18.05
C ARG B 252 46.88 -34.84 18.08
N TRP B 253 45.76 -34.19 18.41
CA TRP B 253 44.48 -34.89 18.53
C TRP B 253 44.10 -35.57 17.22
N SER B 254 44.16 -34.82 16.11
CA SER B 254 43.75 -35.35 14.81
C SER B 254 44.69 -36.45 14.32
N THR B 255 45.85 -36.62 14.93
CA THR B 255 46.82 -37.60 14.46
C THR B 255 46.63 -38.99 15.08
N LEU B 256 45.92 -39.08 16.20
CA LEU B 256 45.77 -40.35 16.90
C LEU B 256 44.87 -41.30 16.12
N GLU B 257 45.16 -42.59 16.24
CA GLU B 257 44.41 -43.60 15.49
C GLU B 257 43.02 -43.77 16.07
N GLU B 258 42.03 -43.85 15.18
CA GLU B 258 40.63 -43.91 15.61
C GLU B 258 40.28 -45.24 16.27
N LYS B 259 41.12 -46.27 16.11
CA LYS B 259 40.84 -47.54 16.76
C LYS B 259 41.14 -47.49 18.25
N GLU B 260 42.23 -46.83 18.63
CA GLU B 260 42.62 -46.78 20.04
C GLU B 260 41.75 -45.80 20.83
N TYR B 261 41.78 -44.53 20.47
CA TYR B 261 40.98 -43.51 21.12
C TYR B 261 39.79 -43.18 20.22
N PRO B 262 38.61 -43.76 20.46
CA PRO B 262 37.50 -43.58 19.51
C PRO B 262 37.02 -42.14 19.44
N GLY B 263 36.72 -41.71 18.22
CA GLY B 263 36.19 -40.38 17.96
C GLY B 263 37.19 -39.26 18.15
N ALA B 264 38.44 -39.45 17.74
CA ALA B 264 39.50 -38.50 18.03
C ALA B 264 40.29 -38.04 16.81
N HIS B 265 40.14 -38.67 15.66
CA HIS B 265 40.98 -38.33 14.51
C HIS B 265 40.57 -37.04 13.83
N THR B 266 39.38 -36.51 14.13
CA THR B 266 38.92 -35.28 13.49
C THR B 266 39.64 -34.07 14.08
N ALA B 267 39.34 -32.89 13.54
CA ALA B 267 39.90 -31.65 14.02
C ALA B 267 39.04 -30.98 15.08
N THR B 268 37.83 -31.49 15.32
CA THR B 268 36.92 -30.94 16.32
C THR B 268 36.93 -31.81 17.58
N ILE B 269 36.70 -31.18 18.72
CA ILE B 269 36.58 -31.87 19.99
C ILE B 269 35.37 -31.30 20.74
N LYS B 270 34.55 -32.19 21.27
CA LYS B 270 33.32 -31.76 21.94
C LYS B 270 33.64 -30.91 23.17
N TYR B 271 32.69 -30.05 23.53
CA TYR B 271 32.89 -29.20 24.71
C TYR B 271 32.84 -30.00 26.00
N THR B 272 32.07 -31.10 26.02
CA THR B 272 32.16 -32.05 27.12
C THR B 272 33.53 -32.72 27.12
N SER B 273 33.96 -33.22 25.96
CA SER B 273 35.25 -33.90 25.87
C SER B 273 36.40 -32.96 26.22
N ALA B 274 36.35 -31.72 25.74
CA ALA B 274 37.44 -30.78 25.98
C ALA B 274 37.60 -30.51 27.46
N LEU B 275 36.49 -30.23 28.16
CA LEU B 275 36.56 -30.01 29.60
C LEU B 275 37.12 -31.24 30.32
N THR B 276 36.90 -32.44 29.77
CA THR B 276 37.46 -33.64 30.36
C THR B 276 38.98 -33.58 30.35
N TYR B 277 39.57 -33.19 29.21
CA TYR B 277 41.01 -32.98 29.14
C TYR B 277 41.44 -31.92 30.13
N ASP B 278 40.75 -30.77 30.14
CA ASP B 278 41.09 -29.70 31.06
C ASP B 278 40.87 -30.12 32.51
N ALA B 279 39.89 -30.98 32.77
CA ALA B 279 39.66 -31.45 34.13
C ALA B 279 40.89 -32.16 34.68
N VAL B 280 41.52 -33.02 33.86
CA VAL B 280 42.72 -33.70 34.29
C VAL B 280 43.81 -32.71 34.66
N GLN B 281 43.91 -31.62 33.90
CA GLN B 281 44.92 -30.60 34.19
C GLN B 281 44.70 -29.98 35.56
N VAL B 282 43.45 -29.80 35.97
CA VAL B 282 43.15 -29.26 37.29
C VAL B 282 43.59 -30.23 38.38
N MET B 283 43.15 -31.48 38.28
CA MET B 283 43.47 -32.48 39.31
C MET B 283 44.97 -32.65 39.46
N THR B 284 45.71 -32.67 38.35
CA THR B 284 47.15 -32.83 38.42
C THR B 284 47.80 -31.67 39.17
N GLU B 285 47.43 -30.43 38.81
CA GLU B 285 47.99 -29.27 39.50
C GLU B 285 47.54 -29.21 40.96
N ALA B 286 46.32 -29.70 41.26
CA ALA B 286 45.84 -29.68 42.63
C ALA B 286 46.71 -30.54 43.53
N PHE B 287 46.97 -31.79 43.12
CA PHE B 287 47.82 -32.65 43.91
C PHE B 287 49.29 -32.21 43.86
N ARG B 288 49.70 -31.55 42.78
CA ARG B 288 51.06 -31.04 42.70
C ARG B 288 51.29 -29.94 43.72
N ASN B 289 50.33 -29.02 43.87
CA ASN B 289 50.46 -27.94 44.84
C ASN B 289 50.42 -28.47 46.27
N LEU B 290 49.70 -29.57 46.51
CA LEU B 290 49.67 -30.17 47.84
C LEU B 290 51.05 -30.70 48.22
N ARG B 291 51.78 -31.25 47.25
CA ARG B 291 53.15 -31.69 47.53
C ARG B 291 54.06 -30.49 47.76
N LYS B 292 53.82 -29.39 47.05
CA LYS B 292 54.66 -28.21 47.20
C LYS B 292 54.43 -27.53 48.55
N GLN B 293 53.18 -27.44 48.97
CA GLN B 293 52.85 -26.77 50.23
C GLN B 293 53.10 -27.63 51.46
N ARG B 294 53.64 -28.84 51.28
CA ARG B 294 54.21 -29.63 52.37
C ARG B 294 53.15 -30.11 53.37
N ILE B 295 52.11 -30.75 52.84
CA ILE B 295 51.07 -31.37 53.66
C ILE B 295 50.78 -32.76 53.11
N GLU B 296 50.75 -33.75 54.00
CA GLU B 296 50.57 -35.14 53.60
C GLU B 296 49.08 -35.47 53.44
N ILE B 297 48.77 -36.26 52.42
CA ILE B 297 47.39 -36.61 52.11
C ILE B 297 47.22 -38.12 52.04
N SER B 298 48.07 -38.84 52.77
CA SER B 298 47.96 -40.30 52.81
C SER B 298 46.87 -40.72 53.78
N ARG B 299 46.12 -41.75 53.38
CA ARG B 299 45.02 -42.25 54.20
C ARG B 299 45.55 -42.99 55.42
N ARG B 300 44.75 -42.99 56.49
CA ARG B 300 45.12 -43.72 57.69
C ARG B 300 44.97 -45.23 57.49
N GLY B 301 43.90 -45.65 56.81
CA GLY B 301 43.66 -47.05 56.53
C GLY B 301 42.54 -47.25 55.54
N ASN B 302 41.73 -48.29 55.75
CA ASN B 302 40.57 -48.52 54.90
C ASN B 302 39.45 -47.56 55.27
N ALA B 303 38.88 -46.89 54.26
CA ALA B 303 37.74 -46.02 54.51
C ALA B 303 36.54 -46.82 54.99
N GLY B 304 36.42 -48.08 54.58
CA GLY B 304 35.35 -48.94 55.03
C GLY B 304 34.08 -48.83 54.21
N ASP B 305 32.94 -48.88 54.89
CA ASP B 305 31.65 -48.78 54.23
C ASP B 305 31.27 -47.31 54.07
N CYS B 306 30.74 -46.97 52.89
CA CYS B 306 30.25 -45.62 52.66
C CYS B 306 29.05 -45.30 53.54
N LEU B 307 28.22 -46.31 53.84
CA LEU B 307 27.09 -46.15 54.75
C LEU B 307 27.58 -46.20 56.19
N ALA B 308 28.50 -45.30 56.52
CA ALA B 308 29.12 -45.27 57.83
C ALA B 308 28.19 -44.59 58.83
N ASN B 309 27.89 -45.29 59.93
CA ASN B 309 27.10 -44.71 61.00
C ASN B 309 27.84 -44.89 62.32
N PRO B 310 28.21 -43.78 62.98
CA PRO B 310 28.02 -42.39 62.53
C PRO B 310 28.87 -42.02 61.31
N ALA B 311 28.52 -40.92 60.65
CA ALA B 311 29.22 -40.51 59.45
C ALA B 311 30.65 -40.09 59.78
N VAL B 312 31.61 -40.70 59.08
CA VAL B 312 33.03 -40.41 59.31
C VAL B 312 33.58 -39.60 58.14
N PRO B 313 33.67 -38.28 58.25
CA PRO B 313 34.27 -37.49 57.18
C PRO B 313 35.77 -37.31 57.38
N TRP B 314 36.58 -37.86 56.48
CA TRP B 314 38.02 -37.77 56.65
C TRP B 314 38.49 -36.32 56.57
N GLY B 315 39.40 -35.95 57.47
CA GLY B 315 39.76 -34.56 57.64
C GLY B 315 40.66 -34.01 56.56
N GLN B 316 41.52 -34.85 55.97
CA GLN B 316 42.39 -34.37 54.91
C GLN B 316 41.65 -34.07 53.62
N GLY B 317 40.39 -34.47 53.51
CA GLY B 317 39.63 -34.17 52.31
C GLY B 317 39.38 -32.68 52.12
N VAL B 318 39.20 -31.95 53.22
CA VAL B 318 38.95 -30.52 53.12
C VAL B 318 40.16 -29.78 52.58
N GLU B 319 41.36 -30.35 52.72
CA GLU B 319 42.54 -29.76 52.12
C GLU B 319 42.60 -30.00 50.62
N ILE B 320 42.03 -31.10 50.14
CA ILE B 320 41.93 -31.33 48.71
C ILE B 320 40.93 -30.37 48.08
N GLU B 321 39.84 -30.08 48.78
CA GLU B 321 38.88 -29.09 48.31
C GLU B 321 39.54 -27.72 48.17
N ARG B 322 40.26 -27.29 49.21
CA ARG B 322 40.96 -26.01 49.16
C ARG B 322 41.98 -26.00 48.03
N ALA B 323 42.64 -27.13 47.78
CA ALA B 323 43.65 -27.19 46.73
C ALA B 323 43.02 -27.10 45.35
N LEU B 324 41.95 -27.84 45.12
CA LEU B 324 41.34 -27.89 43.79
C LEU B 324 40.78 -26.54 43.39
N LYS B 325 40.12 -25.83 44.31
CA LYS B 325 39.48 -24.57 43.94
C LYS B 325 40.49 -23.46 43.74
N GLN B 326 41.66 -23.54 44.37
CA GLN B 326 42.71 -22.56 44.18
C GLN B 326 43.49 -22.75 42.89
N VAL B 327 43.23 -23.82 42.14
CA VAL B 327 43.94 -24.06 40.89
C VAL B 327 43.50 -23.02 39.86
N GLN B 328 44.47 -22.45 39.15
CA GLN B 328 44.21 -21.44 38.12
C GLN B 328 45.16 -21.71 36.96
N VAL B 329 44.65 -22.28 35.87
CA VAL B 329 45.43 -22.61 34.69
C VAL B 329 44.63 -22.23 33.45
N GLU B 330 45.30 -22.26 32.30
CA GLU B 330 44.69 -22.01 31.00
C GLU B 330 44.59 -23.33 30.25
N GLY B 331 43.40 -23.62 29.72
CA GLY B 331 43.16 -24.85 29.00
C GLY B 331 42.29 -24.66 27.78
N LEU B 332 41.65 -25.74 27.31
CA LEU B 332 40.82 -25.64 26.12
C LEU B 332 39.59 -24.77 26.33
N SER B 333 39.18 -24.57 27.58
CA SER B 333 38.03 -23.74 27.91
C SER B 333 38.42 -22.32 28.34
N GLY B 334 39.52 -21.81 27.80
CA GLY B 334 39.96 -20.48 28.18
C GLY B 334 40.54 -20.49 29.59
N ASN B 335 40.31 -19.39 30.31
CA ASN B 335 40.80 -19.27 31.68
C ASN B 335 39.97 -20.14 32.61
N ILE B 336 40.65 -20.99 33.37
CA ILE B 336 40.01 -21.96 34.26
C ILE B 336 40.34 -21.58 35.70
N LYS B 337 39.38 -21.00 36.40
CA LYS B 337 39.53 -20.75 37.83
C LYS B 337 38.16 -20.85 38.50
N PHE B 338 38.18 -21.22 39.77
CA PHE B 338 36.96 -21.54 40.51
C PHE B 338 36.80 -20.60 41.70
N ASP B 339 35.55 -20.43 42.12
CA ASP B 339 35.23 -19.68 43.33
C ASP B 339 35.30 -20.63 44.53
N GLN B 340 34.63 -20.27 45.63
CA GLN B 340 34.62 -21.15 46.80
C GLN B 340 33.58 -22.26 46.68
N ASN B 341 32.68 -22.18 45.72
CA ASN B 341 31.61 -23.16 45.55
C ASN B 341 31.85 -24.13 44.40
N GLY B 342 32.95 -23.99 43.67
CA GLY B 342 33.25 -24.87 42.57
C GLY B 342 32.75 -24.41 41.22
N LYS B 343 32.08 -23.26 41.14
CA LYS B 343 31.62 -22.74 39.86
C LYS B 343 32.77 -22.06 39.12
N ARG B 344 32.68 -22.11 37.79
CA ARG B 344 33.65 -21.39 36.97
C ARG B 344 33.46 -19.89 37.12
N ILE B 345 34.58 -19.18 37.23
CA ILE B 345 34.59 -17.72 37.26
C ILE B 345 35.65 -17.25 36.27
N ASN B 346 35.53 -15.97 35.89
CA ASN B 346 36.53 -15.33 35.03
C ASN B 346 36.67 -16.07 33.70
N TYR B 347 35.58 -16.65 33.22
CA TYR B 347 35.59 -17.44 32.00
C TYR B 347 35.10 -16.61 30.81
N THR B 348 35.25 -17.19 29.62
CA THR B 348 35.01 -16.48 28.38
C THR B 348 34.21 -17.38 27.44
N ILE B 349 32.96 -17.02 27.20
CA ILE B 349 32.08 -17.74 26.29
C ILE B 349 32.03 -16.96 24.98
N ASN B 350 32.59 -17.53 23.91
CA ASN B 350 32.58 -16.86 22.63
C ASN B 350 31.19 -16.93 22.00
N ILE B 351 30.87 -15.89 21.23
CA ILE B 351 29.57 -15.73 20.60
C ILE B 351 29.79 -15.73 19.09
N MET B 352 29.29 -16.74 18.41
CA MET B 352 29.57 -16.94 17.00
C MET B 352 28.28 -16.97 16.19
N GLU B 353 28.37 -16.47 14.96
CA GLU B 353 27.27 -16.54 14.01
C GLU B 353 27.71 -17.29 12.77
N LEU B 354 26.73 -17.75 12.00
CA LEU B 354 26.96 -18.59 10.83
C LEU B 354 26.60 -17.79 9.58
N LYS B 355 27.62 -17.36 8.84
CA LYS B 355 27.42 -16.62 7.60
C LYS B 355 27.55 -17.56 6.40
N THR B 356 28.08 -17.04 5.29
CA THR B 356 28.27 -17.87 4.10
C THR B 356 29.55 -18.69 4.22
N ASN B 357 30.65 -18.08 4.65
CA ASN B 357 31.92 -18.78 4.71
C ASN B 357 31.95 -19.83 5.80
N GLY B 358 31.21 -19.61 6.89
CA GLY B 358 31.18 -20.55 7.98
C GLY B 358 31.02 -19.87 9.32
N PRO B 359 31.50 -20.50 10.39
CA PRO B 359 31.39 -19.91 11.72
C PRO B 359 32.37 -18.76 11.88
N ARG B 360 31.86 -17.62 12.36
CA ARG B 360 32.66 -16.42 12.53
C ARG B 360 32.42 -15.84 13.92
N LYS B 361 33.51 -15.57 14.64
CA LYS B 361 33.40 -15.04 15.99
C LYS B 361 32.94 -13.59 15.97
N ILE B 362 31.89 -13.29 16.74
CA ILE B 362 31.39 -11.93 16.88
C ILE B 362 31.91 -11.28 18.15
N GLY B 363 31.92 -12.02 19.25
CA GLY B 363 32.41 -11.46 20.50
C GLY B 363 32.44 -12.53 21.57
N TYR B 364 32.70 -12.08 22.80
CA TYR B 364 32.80 -12.97 23.94
C TYR B 364 31.93 -12.45 25.08
N TRP B 365 31.46 -13.37 25.91
CA TRP B 365 30.70 -13.03 27.10
C TRP B 365 31.51 -13.38 28.34
N SER B 366 31.52 -12.48 29.31
CA SER B 366 32.24 -12.68 30.56
C SER B 366 31.31 -12.34 31.73
N GLU B 367 31.72 -12.78 32.92
CA GLU B 367 30.93 -12.49 34.12
C GLU B 367 31.02 -11.02 34.48
N VAL B 368 32.20 -10.43 34.36
CA VAL B 368 32.37 -9.02 34.74
C VAL B 368 31.90 -8.10 33.62
N ASP B 369 32.16 -8.48 32.36
CA ASP B 369 31.91 -7.58 31.23
C ASP B 369 30.58 -7.82 30.53
N LYS B 370 30.01 -9.02 30.66
CA LYS B 370 28.87 -9.45 29.86
C LYS B 370 29.32 -9.48 28.40
N MET B 371 28.41 -9.18 27.46
CA MET B 371 28.73 -9.30 26.04
C MET B 371 29.44 -8.06 25.52
N VAL B 372 30.54 -8.27 24.81
CA VAL B 372 31.21 -7.23 24.03
C VAL B 372 31.58 -7.81 22.68
N LEU B 373 31.49 -6.98 21.64
CA LEU B 373 31.74 -7.42 20.28
C LEU B 373 33.09 -6.88 19.78
N THR B 374 33.82 -7.72 19.06
CA THR B 374 35.04 -7.33 18.34
C THR B 374 34.71 -7.52 16.86
N GLU B 375 34.12 -6.48 16.27
CA GLU B 375 33.46 -6.63 14.99
C GLU B 375 34.43 -6.96 13.86
N ASP B 376 33.98 -7.83 12.95
CA ASP B 376 34.74 -8.12 11.75
C ASP B 376 34.49 -7.09 10.66
N ASP B 377 33.31 -6.48 10.64
CA ASP B 377 32.95 -5.53 9.60
C ASP B 377 32.80 -4.12 10.16
N THR B 378 33.30 -3.16 9.40
CA THR B 378 32.96 -1.76 9.53
C THR B 378 32.73 -1.26 8.10
N SER B 379 31.79 -1.92 7.43
CA SER B 379 31.68 -2.01 5.97
C SER B 379 32.82 -2.87 5.45
N GLY B 380 32.53 -4.12 5.10
CA GLY B 380 31.17 -4.64 5.14
C GLY B 380 30.48 -4.48 3.80
N LEU B 381 29.24 -4.00 3.82
CA LEU B 381 28.52 -3.67 2.59
C LEU B 381 27.57 -2.53 2.94
N GLU B 382 27.83 -1.34 2.40
CA GLU B 382 27.07 -0.15 2.74
C GLU B 382 26.19 0.38 1.61
N GLN B 383 26.46 -0.01 0.36
CA GLN B 383 25.94 0.67 -0.82
C GLN B 383 26.41 2.12 -0.72
N LYS B 384 25.53 3.11 -0.66
CA LYS B 384 25.97 4.48 -0.38
C LYS B 384 24.77 5.35 -0.06
N THR B 385 25.01 6.37 0.75
CA THR B 385 24.02 7.41 1.02
C THR B 385 24.14 8.47 -0.06
N VAL B 386 23.11 8.60 -0.90
CA VAL B 386 23.14 9.55 -2.00
C VAL B 386 23.08 10.96 -1.44
N VAL B 387 24.07 11.78 -1.76
CA VAL B 387 24.13 13.16 -1.28
C VAL B 387 23.28 14.03 -2.21
N VAL B 388 22.26 14.67 -1.65
CA VAL B 388 21.34 15.51 -2.39
C VAL B 388 21.56 16.96 -1.98
N THR B 389 21.55 17.85 -2.96
CA THR B 389 21.77 19.28 -2.70
C THR B 389 20.55 20.08 -3.15
N THR B 390 20.34 21.21 -2.49
CA THR B 390 19.26 22.13 -2.80
C THR B 390 19.56 23.48 -2.16
N ILE B 391 18.71 24.46 -2.48
CA ILE B 391 18.90 25.83 -2.04
C ILE B 391 17.76 26.23 -1.12
N LEU B 392 18.08 27.07 -0.13
CA LEU B 392 17.11 27.59 0.83
C LEU B 392 16.31 28.70 0.16
N GLU B 393 15.24 28.32 -0.53
CA GLU B 393 14.37 29.28 -1.21
C GLU B 393 12.92 28.85 -1.05
N SER B 394 12.11 29.73 -0.48
CA SER B 394 10.70 29.46 -0.26
C SER B 394 9.94 29.50 -1.57
N PRO B 395 8.97 28.58 -1.76
CA PRO B 395 8.57 27.53 -0.82
C PRO B 395 9.16 26.16 -1.15
N TYR B 396 10.12 26.12 -2.08
CA TYR B 396 10.68 24.84 -2.51
C TYR B 396 11.38 24.14 -1.33
N VAL B 397 12.23 24.87 -0.62
CA VAL B 397 12.90 24.35 0.57
C VAL B 397 12.97 25.48 1.60
N MET B 398 12.47 25.21 2.80
CA MET B 398 12.49 26.17 3.88
C MET B 398 12.87 25.46 5.18
N MET B 399 13.49 26.19 6.08
CA MET B 399 13.79 25.67 7.40
C MET B 399 12.55 25.75 8.28
N LYS B 400 12.29 24.69 9.02
CA LYS B 400 11.09 24.61 9.84
C LYS B 400 11.16 25.61 10.99
N LYS B 401 9.99 25.90 11.57
CA LYS B 401 9.92 26.90 12.64
C LYS B 401 10.71 26.44 13.87
N ASN B 402 10.71 25.14 14.14
CA ASN B 402 11.55 24.59 15.21
C ASN B 402 12.70 23.80 14.60
N HIS B 403 13.52 24.48 13.79
CA HIS B 403 14.62 23.81 13.12
C HIS B 403 15.76 23.44 14.06
N GLU B 404 15.87 24.12 15.20
CA GLU B 404 16.98 23.85 16.11
C GLU B 404 16.75 22.57 16.92
N MET B 405 15.53 22.35 17.38
CA MET B 405 15.26 21.14 18.17
C MET B 405 15.33 19.90 17.30
N LEU B 406 14.84 19.98 16.07
CA LEU B 406 14.89 18.84 15.16
C LEU B 406 16.28 18.71 14.54
N GLU B 407 16.47 17.63 13.78
CA GLU B 407 17.77 17.33 13.19
C GLU B 407 17.60 16.27 12.13
N GLY B 408 18.58 16.21 11.23
CA GLY B 408 18.57 15.21 10.17
C GLY B 408 17.98 15.76 8.88
N ASN B 409 16.97 15.08 8.34
CA ASN B 409 16.27 15.53 7.15
C ASN B 409 14.97 16.25 7.45
N GLU B 410 14.45 16.13 8.67
CA GLU B 410 13.20 16.79 9.02
C GLU B 410 13.37 18.30 9.16
N ARG B 411 14.58 18.76 9.46
CA ARG B 411 14.79 20.18 9.77
C ARG B 411 14.45 21.11 8.62
N TYR B 412 14.16 20.58 7.43
CA TYR B 412 13.72 21.37 6.30
C TYR B 412 12.39 20.85 5.78
N GLU B 413 11.58 21.77 5.23
CA GLU B 413 10.31 21.41 4.64
C GLU B 413 10.06 22.30 3.43
N GLY B 414 9.29 21.78 2.48
CA GLY B 414 8.98 22.51 1.28
C GLY B 414 8.58 21.58 0.16
N TYR B 415 8.42 22.16 -1.03
CA TYR B 415 8.01 21.38 -2.20
C TYR B 415 9.08 20.34 -2.55
N CYS B 416 10.31 20.79 -2.78
CA CYS B 416 11.37 19.86 -3.13
C CYS B 416 11.66 18.89 -1.99
N VAL B 417 11.40 19.30 -0.75
CA VAL B 417 11.53 18.39 0.38
C VAL B 417 10.55 17.22 0.22
N ASP B 418 9.28 17.53 -0.06
CA ASP B 418 8.31 16.49 -0.38
C ASP B 418 8.67 15.76 -1.66
N LEU B 419 9.27 16.47 -2.62
CA LEU B 419 9.68 15.83 -3.87
C LEU B 419 10.83 14.87 -3.65
N ALA B 420 11.68 15.14 -2.64
CA ALA B 420 12.82 14.26 -2.36
C ALA B 420 12.34 12.85 -2.04
N ALA B 421 11.34 12.73 -1.15
CA ALA B 421 10.84 11.42 -0.77
C ALA B 421 10.13 10.74 -1.94
N GLU B 422 9.26 11.48 -2.64
CA GLU B 422 8.54 10.89 -3.77
C GLU B 422 9.49 10.45 -4.87
N ILE B 423 10.64 11.13 -5.01
CA ILE B 423 11.67 10.64 -5.90
C ILE B 423 12.35 9.40 -5.31
N ALA B 424 12.65 9.44 -4.01
CA ALA B 424 13.31 8.30 -3.37
C ALA B 424 12.39 7.09 -3.31
N LYS B 425 11.08 7.29 -3.31
CA LYS B 425 10.16 6.17 -3.18
C LYS B 425 10.20 5.27 -4.42
N HIS B 426 10.05 5.86 -5.60
CA HIS B 426 10.04 5.08 -6.83
C HIS B 426 11.44 4.68 -7.29
N CYS B 427 12.48 5.11 -6.59
CA CYS B 427 13.84 4.62 -6.82
C CYS B 427 14.24 3.60 -5.75
N GLY B 428 14.27 4.02 -4.49
CA GLY B 428 14.53 3.10 -3.40
C GLY B 428 15.75 3.43 -2.57
N PHE B 429 16.36 4.58 -2.80
CA PHE B 429 17.57 4.96 -2.07
C PHE B 429 17.22 5.87 -0.90
N LYS B 430 18.21 6.05 -0.02
CA LYS B 430 18.09 6.96 1.12
C LYS B 430 18.87 8.23 0.81
N TYR B 431 18.27 9.37 1.10
CA TYR B 431 18.80 10.66 0.71
C TYR B 431 19.36 11.43 1.90
N LYS B 432 20.33 12.30 1.63
CA LYS B 432 20.85 13.24 2.61
C LYS B 432 20.70 14.65 2.04
N LEU B 433 19.87 15.46 2.69
CA LEU B 433 19.63 16.83 2.25
C LEU B 433 20.82 17.69 2.66
N THR B 434 21.51 18.28 1.68
CA THR B 434 22.66 19.14 1.92
C THR B 434 22.42 20.48 1.25
N ILE B 435 22.65 21.57 1.98
CA ILE B 435 22.57 22.90 1.40
C ILE B 435 23.89 23.20 0.70
N VAL B 436 23.80 23.65 -0.56
CA VAL B 436 24.99 23.93 -1.35
C VAL B 436 25.89 24.94 -0.65
N GLY B 437 25.29 25.85 0.11
CA GLY B 437 26.05 26.79 0.91
C GLY B 437 26.61 27.98 0.16
N ASP B 438 26.44 28.03 -1.16
CA ASP B 438 26.94 29.17 -1.95
C ASP B 438 26.14 30.47 -1.72
N GLY B 439 24.80 30.49 -1.87
CA GLY B 439 23.97 29.34 -2.14
C GLY B 439 23.33 29.30 -3.52
N LYS B 440 23.60 30.31 -4.34
CA LYS B 440 23.01 30.37 -5.67
C LYS B 440 23.51 29.23 -6.55
N TYR B 441 22.78 28.95 -7.61
CA TYR B 441 23.06 27.83 -8.50
C TYR B 441 23.72 28.33 -9.78
N GLY B 442 24.79 27.64 -10.19
CA GLY B 442 25.57 28.05 -11.35
C GLY B 442 24.85 27.89 -12.68
N ALA B 443 25.12 28.70 -13.71
CA ALA B 443 26.09 29.83 -13.82
C ALA B 443 27.58 29.43 -13.77
N ARG B 444 28.38 30.15 -14.54
CA ARG B 444 29.81 29.90 -14.65
C ARG B 444 30.54 31.24 -14.76
N ASP B 445 31.75 31.29 -14.19
CA ASP B 445 32.51 32.52 -14.17
C ASP B 445 33.11 32.82 -15.55
N ALA B 446 33.50 34.09 -15.73
CA ALA B 446 33.94 34.58 -17.03
C ALA B 446 35.31 34.06 -17.44
N ASP B 447 36.36 34.55 -16.79
CA ASP B 447 37.72 34.14 -17.12
C ASP B 447 38.16 32.91 -16.34
N THR B 448 37.65 32.73 -15.12
CA THR B 448 37.99 31.54 -14.34
C THR B 448 37.39 30.29 -14.97
N LYS B 449 36.13 30.37 -15.41
CA LYS B 449 35.42 29.25 -16.02
C LYS B 449 35.42 28.03 -15.10
N ILE B 450 35.16 28.28 -13.82
CA ILE B 450 34.91 27.24 -12.83
C ILE B 450 33.43 27.29 -12.47
N TRP B 451 32.75 26.16 -12.61
CA TRP B 451 31.34 26.10 -12.23
C TRP B 451 31.20 26.35 -10.73
N ASN B 452 30.07 26.94 -10.35
CA ASN B 452 29.75 27.19 -8.96
C ASN B 452 28.34 26.71 -8.67
N GLY B 453 27.96 26.75 -7.40
CA GLY B 453 26.61 26.45 -7.03
C GLY B 453 26.25 24.97 -7.11
N MET B 454 24.95 24.73 -7.26
CA MET B 454 24.42 23.37 -7.20
C MET B 454 24.94 22.52 -8.35
N VAL B 455 24.88 23.06 -9.58
CA VAL B 455 25.39 22.32 -10.73
C VAL B 455 26.85 21.95 -10.52
N GLY B 456 27.63 22.87 -9.94
CA GLY B 456 29.05 22.60 -9.75
C GLY B 456 29.30 21.41 -8.85
N GLU B 457 28.52 21.28 -7.78
CA GLU B 457 28.69 20.13 -6.89
C GLU B 457 28.40 18.82 -7.60
N LEU B 458 27.61 18.85 -8.67
CA LEU B 458 27.36 17.63 -9.44
C LEU B 458 28.52 17.29 -10.36
N VAL B 459 29.12 18.31 -10.98
CA VAL B 459 30.18 18.06 -11.96
C VAL B 459 31.46 17.64 -11.26
N TYR B 460 31.79 18.27 -10.13
CA TYR B 460 33.02 17.97 -9.40
C TYR B 460 32.86 16.83 -8.39
N GLY B 461 31.70 16.20 -8.33
CA GLY B 461 31.51 15.01 -7.52
C GLY B 461 31.10 15.24 -6.09
N LYS B 462 31.02 16.50 -5.65
CA LYS B 462 30.65 16.77 -4.25
C LYS B 462 29.21 16.44 -3.93
N ALA B 463 28.44 15.96 -4.91
CA ALA B 463 27.10 15.46 -4.69
C ALA B 463 26.76 14.48 -5.80
N ASP B 464 25.68 13.74 -5.61
CA ASP B 464 25.25 12.75 -6.59
C ASP B 464 23.93 13.10 -7.28
N ILE B 465 23.19 14.08 -6.76
CA ILE B 465 21.97 14.54 -7.43
C ILE B 465 21.60 15.91 -6.84
N ALA B 466 20.85 16.69 -7.60
CA ALA B 466 20.38 18.01 -7.19
C ALA B 466 18.91 18.13 -7.53
N ILE B 467 18.10 18.57 -6.58
CA ILE B 467 16.68 18.80 -6.79
C ILE B 467 16.33 20.15 -6.18
N ALA B 468 15.80 21.06 -7.02
CA ALA B 468 15.56 22.45 -6.65
C ALA B 468 14.91 23.18 -7.82
N PRO B 469 14.52 24.46 -7.68
CA PRO B 469 14.09 25.23 -8.85
C PRO B 469 15.25 25.55 -9.78
N LEU B 470 15.72 24.55 -10.52
CA LEU B 470 16.87 24.69 -11.40
C LEU B 470 16.40 24.90 -12.83
N THR B 471 16.78 26.03 -13.41
CA THR B 471 16.31 26.39 -14.74
C THR B 471 16.99 25.55 -15.80
N ILE B 472 16.21 24.93 -16.69
CA ILE B 472 16.74 24.06 -17.73
C ILE B 472 17.30 24.92 -18.86
N THR B 473 18.61 25.17 -18.82
CA THR B 473 19.30 25.93 -19.86
C THR B 473 20.19 25.01 -20.67
N LEU B 474 20.62 25.53 -21.83
CA LEU B 474 21.56 24.76 -22.66
C LEU B 474 22.95 24.74 -22.04
N VAL B 475 23.37 25.87 -21.45
CA VAL B 475 24.72 25.95 -20.88
C VAL B 475 24.91 24.93 -19.78
N ARG B 476 23.85 24.57 -19.07
CA ARG B 476 23.93 23.53 -18.04
C ARG B 476 23.80 22.14 -18.63
N GLU B 477 22.91 21.96 -19.61
CA GLU B 477 22.72 20.66 -20.25
C GLU B 477 24.00 20.14 -20.90
N GLU B 478 24.92 21.03 -21.29
CA GLU B 478 26.17 20.58 -21.88
C GLU B 478 27.02 19.80 -20.89
N VAL B 479 26.91 20.09 -19.60
CA VAL B 479 27.81 19.49 -18.63
C VAL B 479 27.12 18.43 -17.78
N ILE B 480 25.80 18.56 -17.60
CA ILE B 480 25.03 17.61 -16.81
C ILE B 480 23.83 17.15 -17.64
N ASP B 481 23.06 16.23 -17.07
CA ASP B 481 21.87 15.68 -17.70
C ASP B 481 20.65 16.05 -16.88
N PHE B 482 19.72 16.77 -17.49
CA PHE B 482 18.51 17.20 -16.82
C PHE B 482 17.40 16.16 -16.96
N SER B 483 16.46 16.21 -16.03
CA SER B 483 15.22 15.46 -16.14
C SER B 483 14.18 16.30 -16.89
N LYS B 484 13.07 15.66 -17.24
CA LYS B 484 11.95 16.34 -17.88
C LYS B 484 11.37 17.38 -16.92
N PRO B 485 10.53 18.31 -17.41
CA PRO B 485 10.06 19.38 -16.52
C PRO B 485 9.00 18.86 -15.55
N PHE B 486 9.20 19.13 -14.27
CA PHE B 486 8.17 18.86 -13.27
C PHE B 486 7.35 20.09 -12.93
N MET B 487 7.71 21.27 -13.46
CA MET B 487 6.96 22.49 -13.19
C MET B 487 7.28 23.47 -14.32
N SER B 488 6.32 23.64 -15.24
CA SER B 488 6.49 24.59 -16.34
C SER B 488 6.09 25.98 -15.88
N LEU B 489 6.78 26.98 -16.43
CA LEU B 489 6.60 28.36 -15.98
C LEU B 489 7.07 29.30 -17.09
N GLY B 490 6.95 30.59 -16.81
CA GLY B 490 7.42 31.63 -17.71
C GLY B 490 7.40 32.97 -16.99
N ILE B 491 7.90 33.99 -17.69
CA ILE B 491 7.91 35.33 -17.13
C ILE B 491 6.50 35.89 -17.12
N SER B 492 6.12 36.53 -16.02
CA SER B 492 4.79 37.09 -15.87
C SER B 492 4.87 38.37 -15.05
N ILE B 493 3.72 39.02 -14.88
CA ILE B 493 3.63 40.39 -14.38
C ILE B 493 2.99 40.38 -12.99
N MET B 494 3.46 41.27 -12.12
CA MET B 494 3.00 41.36 -10.74
C MET B 494 2.72 42.80 -10.37
N ILE B 495 1.50 43.07 -9.88
CA ILE B 495 1.08 44.40 -9.46
C ILE B 495 0.15 44.31 -8.26
N LYS B 496 -0.27 45.45 -7.73
CA LYS B 496 -1.22 45.49 -6.63
C LYS B 496 -2.62 45.11 -7.13
N LYS B 497 -3.56 45.03 -6.19
CA LYS B 497 -4.93 44.64 -6.52
C LYS B 497 -5.73 45.76 -7.19
N PRO B 498 -5.71 47.00 -6.65
CA PRO B 498 -5.16 47.53 -5.39
C PRO B 498 -6.00 47.25 -4.11
N GLN B 499 -7.32 47.47 -4.04
CA GLN B 499 -8.18 48.06 -5.07
C GLN B 499 -8.32 49.55 -4.86
N LYS B 500 -8.17 49.97 -3.61
CA LYS B 500 -8.33 51.36 -3.18
C LYS B 500 -9.77 51.83 -3.38
N SER B 501 -10.07 53.04 -2.90
CA SER B 501 -11.42 53.58 -2.99
C SER B 501 -11.73 54.18 -4.36
N LYS B 502 -10.71 54.60 -5.11
CA LYS B 502 -10.88 55.37 -6.33
C LYS B 502 -11.74 56.63 -6.09
N PRO B 503 -11.36 57.49 -5.14
CA PRO B 503 -12.18 58.67 -4.86
C PRO B 503 -11.68 59.91 -5.59
N GLY B 504 -12.44 60.99 -5.51
CA GLY B 504 -12.05 62.25 -6.13
C GLY B 504 -13.19 62.95 -6.85
N VAL B 505 -12.85 63.72 -7.87
CA VAL B 505 -13.86 64.39 -8.68
C VAL B 505 -13.94 63.80 -10.09
N PHE B 506 -12.94 63.06 -10.54
CA PHE B 506 -13.05 62.36 -11.81
C PHE B 506 -14.04 61.21 -11.73
N SER B 507 -14.25 60.65 -10.53
CA SER B 507 -15.20 59.58 -10.32
C SER B 507 -16.60 60.08 -10.04
N PHE B 508 -16.79 61.41 -9.99
CA PHE B 508 -18.11 61.98 -9.80
C PHE B 508 -19.02 61.78 -11.01
N LEU B 509 -18.44 61.45 -12.16
CA LEU B 509 -19.18 61.28 -13.41
C LEU B 509 -18.98 59.89 -13.99
N ASP B 510 -19.05 58.87 -13.13
CA ASP B 510 -18.78 57.50 -13.55
C ASP B 510 -20.02 56.79 -14.11
N PRO B 511 -21.12 56.63 -13.34
CA PRO B 511 -22.21 55.77 -13.82
C PRO B 511 -22.84 56.33 -15.08
N LEU B 512 -23.51 57.47 -14.96
CA LEU B 512 -23.79 58.29 -16.14
C LEU B 512 -22.47 58.50 -16.87
N ALA B 513 -22.32 57.86 -18.03
CA ALA B 513 -21.04 57.87 -18.73
C ALA B 513 -20.62 59.29 -19.09
N TYR B 514 -19.33 59.42 -19.42
CA TYR B 514 -18.76 60.72 -19.81
C TYR B 514 -19.58 61.40 -20.89
N GLU B 515 -20.20 60.61 -21.78
CA GLU B 515 -20.94 61.18 -22.90
C GLU B 515 -22.29 61.76 -22.45
N ILE B 516 -22.95 61.12 -21.49
CA ILE B 516 -24.28 61.56 -21.10
C ILE B 516 -24.21 62.89 -20.35
N TRP B 517 -23.16 63.12 -19.57
CA TRP B 517 -23.00 64.40 -18.89
C TRP B 517 -22.81 65.55 -19.87
N MET B 518 -22.34 65.28 -21.08
CA MET B 518 -22.16 66.29 -22.10
C MET B 518 -23.28 66.31 -23.13
N CYS B 519 -24.24 65.39 -23.03
CA CYS B 519 -25.43 65.43 -23.86
C CYS B 519 -26.67 65.91 -23.10
N ILE B 520 -26.62 65.92 -21.77
CA ILE B 520 -27.71 66.49 -21.00
C ILE B 520 -27.73 68.01 -21.16
N VAL B 521 -26.58 68.63 -21.39
CA VAL B 521 -26.52 70.08 -21.56
C VAL B 521 -27.07 70.50 -22.91
N PHE B 522 -27.11 69.60 -23.89
CA PHE B 522 -27.70 69.94 -25.18
C PHE B 522 -29.21 70.02 -25.08
N ALA B 523 -29.83 69.13 -24.30
CA ALA B 523 -31.27 69.20 -24.09
C ALA B 523 -31.64 70.35 -23.16
N TYR B 524 -30.73 70.70 -22.23
CA TYR B 524 -31.01 71.80 -21.31
C TYR B 524 -31.10 73.13 -22.06
N ILE B 525 -30.16 73.38 -22.97
CA ILE B 525 -30.25 74.57 -23.81
C ILE B 525 -31.28 74.41 -24.92
N GLY B 526 -31.62 73.16 -25.27
CA GLY B 526 -32.59 72.92 -26.32
C GLY B 526 -34.04 73.05 -25.89
N VAL B 527 -34.29 72.99 -24.58
CA VAL B 527 -35.61 73.22 -24.03
C VAL B 527 -35.77 74.67 -23.57
N SER B 528 -34.70 75.28 -23.04
CA SER B 528 -34.74 76.69 -22.69
C SER B 528 -34.92 77.58 -23.90
N VAL B 529 -34.56 77.11 -25.10
CA VAL B 529 -34.78 77.89 -26.30
C VAL B 529 -36.17 77.65 -26.86
N VAL B 530 -36.86 76.60 -26.43
CA VAL B 530 -38.22 76.36 -26.89
C VAL B 530 -39.22 77.19 -26.09
N LEU B 531 -38.99 77.33 -24.79
CA LEU B 531 -39.79 78.24 -23.98
C LEU B 531 -39.63 79.69 -24.45
N PHE B 532 -38.58 79.98 -25.21
CA PHE B 532 -38.42 81.29 -25.82
C PHE B 532 -39.48 81.53 -26.89
N LEU B 533 -39.90 80.47 -27.59
CA LEU B 533 -40.74 80.60 -28.78
C LEU B 533 -42.23 80.41 -28.50
N VAL B 534 -42.61 79.77 -27.39
CA VAL B 534 -43.99 79.41 -27.16
C VAL B 534 -44.72 80.39 -26.24
N SER B 535 -44.02 81.38 -25.69
CA SER B 535 -44.65 82.35 -24.80
C SER B 535 -45.22 83.53 -25.58
N ILE B 545 -34.54 89.25 -24.07
CA ILE B 545 -33.85 87.96 -24.08
C ILE B 545 -33.32 87.64 -22.68
N PHE B 546 -33.11 88.68 -21.88
CA PHE B 546 -32.55 88.47 -20.54
C PHE B 546 -33.59 87.96 -19.56
N ASN B 547 -34.86 88.35 -19.72
CA ASN B 547 -35.91 87.91 -18.82
C ASN B 547 -36.59 86.62 -19.27
N SER B 548 -36.55 86.30 -20.56
CA SER B 548 -37.13 85.05 -21.03
C SER B 548 -36.24 83.86 -20.69
N LEU B 549 -34.93 84.00 -20.86
CA LEU B 549 -33.99 82.98 -20.39
C LEU B 549 -33.98 82.88 -18.87
N TRP B 550 -34.38 83.96 -18.17
CA TRP B 550 -34.52 83.89 -16.72
C TRP B 550 -35.75 83.07 -16.33
N PHE B 551 -36.82 83.16 -17.13
CA PHE B 551 -38.02 82.38 -16.86
C PHE B 551 -37.90 80.95 -17.38
N SER B 552 -37.05 80.73 -18.40
CA SER B 552 -36.91 79.40 -18.97
C SER B 552 -36.20 78.46 -18.01
N LEU B 553 -35.08 78.91 -17.44
CA LEU B 553 -34.47 78.16 -16.35
C LEU B 553 -35.19 78.37 -15.03
N GLY B 554 -36.07 79.38 -14.95
CA GLY B 554 -37.01 79.45 -13.84
C GLY B 554 -38.09 78.38 -13.90
N ALA B 555 -38.28 77.78 -15.06
CA ALA B 555 -39.14 76.61 -15.21
C ALA B 555 -38.36 75.31 -15.24
N PHE B 556 -37.03 75.38 -15.25
CA PHE B 556 -36.22 74.16 -15.31
C PHE B 556 -35.95 73.60 -13.92
N MET B 557 -35.81 74.48 -12.93
CA MET B 557 -35.47 74.02 -11.59
C MET B 557 -36.65 73.29 -10.93
N GLN B 558 -37.87 73.79 -11.16
CA GLN B 558 -39.07 73.18 -10.58
C GLN B 558 -39.77 72.35 -11.67
N GLN B 559 -39.14 71.20 -11.97
CA GLN B 559 -39.61 70.25 -12.97
C GLN B 559 -39.51 70.83 -14.38
N GLY B 560 -40.64 71.27 -14.94
CA GLY B 560 -40.66 71.78 -16.30
C GLY B 560 -41.56 72.98 -16.48
N SER B 567 -50.85 78.43 -21.22
CA SER B 567 -50.70 78.11 -22.63
C SER B 567 -50.60 76.61 -22.85
N LEU B 568 -51.03 76.16 -24.03
CA LEU B 568 -51.00 74.74 -24.37
C LEU B 568 -49.71 74.32 -25.04
N SER B 569 -49.04 75.24 -25.74
CA SER B 569 -47.78 74.88 -26.37
C SER B 569 -46.65 74.80 -25.35
N GLY B 570 -46.68 75.63 -24.31
CA GLY B 570 -45.66 75.57 -23.29
C GLY B 570 -45.88 74.54 -22.21
N ARG B 571 -47.02 73.86 -22.23
CA ARG B 571 -47.29 72.84 -21.25
C ARG B 571 -46.73 71.49 -21.69
N ILE B 572 -46.89 71.15 -22.98
CA ILE B 572 -46.31 69.91 -23.48
C ILE B 572 -44.78 69.98 -23.53
N VAL B 573 -44.22 71.19 -23.49
CA VAL B 573 -42.77 71.33 -23.38
C VAL B 573 -42.31 70.97 -21.98
N GLY B 574 -43.01 71.49 -20.96
CA GLY B 574 -42.68 71.17 -19.59
C GLY B 574 -43.06 69.78 -19.15
N GLY B 575 -43.89 69.09 -19.93
CA GLY B 575 -44.29 67.74 -19.60
C GLY B 575 -43.36 66.68 -20.14
N VAL B 576 -42.95 66.82 -21.40
CA VAL B 576 -42.03 65.87 -21.99
C VAL B 576 -40.62 66.06 -21.43
N TRP B 577 -40.27 67.30 -21.07
CA TRP B 577 -39.01 67.54 -20.38
C TRP B 577 -39.01 66.91 -19.00
N TRP B 578 -40.13 67.00 -18.29
CA TRP B 578 -40.25 66.39 -16.97
C TRP B 578 -40.14 64.87 -17.06
N PHE B 579 -40.66 64.28 -18.14
CA PHE B 579 -40.55 62.84 -18.33
C PHE B 579 -39.12 62.43 -18.68
N PHE B 580 -38.41 63.28 -19.44
CA PHE B 580 -37.04 62.98 -19.81
C PHE B 580 -36.11 63.06 -18.61
N THR B 581 -36.21 64.14 -17.83
CA THR B 581 -35.32 64.29 -16.68
C THR B 581 -35.66 63.31 -15.57
N LEU B 582 -36.92 62.84 -15.52
CA LEU B 582 -37.29 61.82 -14.54
C LEU B 582 -36.56 60.51 -14.79
N ILE B 583 -36.38 60.16 -16.06
CA ILE B 583 -35.68 58.92 -16.41
C ILE B 583 -34.22 59.01 -15.98
N ILE B 584 -33.56 60.12 -16.30
CA ILE B 584 -32.14 60.24 -16.02
C ILE B 584 -31.87 60.21 -14.51
N ILE B 585 -32.63 61.00 -13.75
CA ILE B 585 -32.41 61.04 -12.30
C ILE B 585 -32.69 59.70 -11.66
N SER B 586 -33.62 58.92 -12.23
CA SER B 586 -33.86 57.58 -11.72
C SER B 586 -32.79 56.60 -12.18
N SER B 587 -32.45 56.62 -13.47
CA SER B 587 -31.34 55.80 -13.96
C SER B 587 -30.01 56.22 -13.36
N TYR B 588 -29.90 57.48 -12.91
CA TYR B 588 -28.73 57.92 -12.17
C TYR B 588 -28.69 57.27 -10.79
N THR B 589 -29.83 57.26 -10.10
CA THR B 589 -29.87 56.67 -8.77
C THR B 589 -29.79 55.15 -8.81
N ALA B 590 -30.46 54.53 -9.79
CA ALA B 590 -30.52 53.08 -9.84
C ALA B 590 -29.15 52.48 -10.12
N ASN B 591 -28.37 53.11 -11.01
CA ASN B 591 -27.03 52.60 -11.29
C ASN B 591 -26.06 52.91 -10.16
N LEU B 592 -26.27 54.02 -9.44
CA LEU B 592 -25.42 54.35 -8.31
C LEU B 592 -25.53 53.32 -7.20
N ALA B 593 -26.72 52.72 -7.04
CA ALA B 593 -26.88 51.68 -6.04
C ALA B 593 -26.15 50.40 -6.44
N ALA B 594 -26.15 50.09 -7.74
CA ALA B 594 -25.54 48.85 -8.20
C ALA B 594 -24.03 48.85 -8.00
N PHE B 595 -23.39 50.01 -8.18
CA PHE B 595 -21.96 50.10 -7.97
C PHE B 595 -21.58 50.29 -6.51
N LEU B 596 -22.56 50.47 -5.63
CA LEU B 596 -22.34 50.48 -4.19
C LEU B 596 -22.65 49.14 -3.53
N THR B 597 -23.31 48.25 -4.24
CA THR B 597 -23.59 46.90 -3.76
C THR B 597 -22.46 45.93 -4.10
N VAL B 598 -22.06 45.89 -5.35
CA VAL B 598 -21.04 44.98 -5.85
C VAL B 598 -19.84 45.80 -6.30
N GLU B 599 -18.73 45.69 -5.58
CA GLU B 599 -17.51 46.41 -5.92
C GLU B 599 -16.64 45.52 -6.80
N ARG B 600 -16.47 45.91 -8.06
CA ARG B 600 -15.60 45.19 -8.97
C ARG B 600 -14.21 45.81 -8.98
N MET B 601 -13.22 45.00 -9.36
CA MET B 601 -11.81 45.37 -9.29
C MET B 601 -11.26 45.43 -10.71
N VAL B 602 -10.90 46.64 -11.15
CA VAL B 602 -10.45 46.86 -12.52
C VAL B 602 -8.96 46.64 -12.60
N SER B 603 -8.53 45.71 -13.44
CA SER B 603 -7.12 45.45 -13.64
C SER B 603 -6.53 46.48 -14.59
N PRO B 604 -5.60 47.33 -14.16
CA PRO B 604 -5.05 48.34 -15.07
C PRO B 604 -4.24 47.74 -16.21
N ILE B 605 -3.66 46.57 -16.03
CA ILE B 605 -2.86 45.90 -17.05
C ILE B 605 -3.69 44.77 -17.64
N GLU B 606 -3.88 44.80 -18.96
CA GLU B 606 -4.62 43.76 -19.66
C GLU B 606 -3.73 42.57 -20.00
N SER B 607 -2.58 42.82 -20.60
CA SER B 607 -1.64 41.76 -20.94
C SER B 607 -0.24 42.36 -21.00
N ALA B 608 0.68 41.67 -21.68
CA ALA B 608 2.08 42.10 -21.70
C ALA B 608 2.25 43.40 -22.49
N GLU B 609 1.52 43.56 -23.59
CA GLU B 609 1.74 44.71 -24.45
C GLU B 609 1.05 45.96 -23.94
N ASP B 610 -0.07 45.81 -23.20
CA ASP B 610 -0.82 46.99 -22.79
C ASP B 610 -0.09 47.80 -21.73
N LEU B 611 0.76 47.17 -20.92
CA LEU B 611 1.55 47.94 -19.96
C LEU B 611 2.68 48.69 -20.67
N SER B 612 3.20 48.13 -21.77
CA SER B 612 4.25 48.81 -22.51
C SER B 612 3.73 49.98 -23.32
N LYS B 613 2.42 50.02 -23.60
CA LYS B 613 1.87 51.10 -24.41
C LYS B 613 1.75 52.41 -23.63
N GLN B 614 1.71 52.35 -22.30
CA GLN B 614 1.59 53.54 -21.47
C GLN B 614 2.82 53.66 -20.57
N THR B 615 3.13 54.90 -20.21
CA THR B 615 4.29 55.20 -19.37
C THR B 615 3.91 55.79 -18.02
N GLU B 616 2.65 55.62 -17.60
CA GLU B 616 2.25 56.05 -16.27
C GLU B 616 2.74 55.07 -15.21
N ILE B 617 2.40 53.80 -15.37
CA ILE B 617 2.83 52.75 -14.44
C ILE B 617 4.11 52.14 -14.98
N ALA B 618 5.17 52.20 -14.16
CA ALA B 618 6.48 51.71 -14.58
C ALA B 618 6.57 50.19 -14.40
N TYR B 619 7.68 49.63 -14.87
CA TYR B 619 7.91 48.19 -14.80
C TYR B 619 9.38 47.90 -15.04
N GLY B 620 9.87 46.85 -14.39
CA GLY B 620 11.27 46.46 -14.52
C GLY B 620 11.46 45.03 -14.06
N THR B 621 12.68 44.54 -14.22
CA THR B 621 13.06 43.19 -13.84
C THR B 621 14.24 43.23 -12.87
N LEU B 622 14.82 42.06 -12.62
CA LEU B 622 16.00 41.97 -11.75
C LEU B 622 17.23 42.45 -12.49
N ASP B 623 18.18 43.01 -11.72
CA ASP B 623 19.34 43.67 -12.32
C ASP B 623 20.22 42.70 -13.09
N SER B 624 20.23 41.42 -12.71
CA SER B 624 21.10 40.44 -13.34
C SER B 624 20.49 39.06 -13.18
N GLY B 625 20.08 38.45 -14.29
CA GLY B 625 19.51 37.13 -14.24
C GLY B 625 18.90 36.74 -15.57
N SER B 626 18.20 35.61 -15.58
CA SER B 626 17.57 35.10 -16.77
C SER B 626 16.32 35.88 -17.16
N THR B 627 15.78 36.71 -16.26
CA THR B 627 14.66 37.56 -16.62
C THR B 627 15.10 38.70 -17.52
N LYS B 628 16.21 39.36 -17.15
CA LYS B 628 16.69 40.50 -17.93
C LYS B 628 17.26 40.07 -19.27
N GLU B 629 18.09 39.02 -19.26
CA GLU B 629 18.74 38.55 -20.48
C GLU B 629 17.75 38.16 -21.56
N PHE B 630 16.49 37.87 -21.18
CA PHE B 630 15.48 37.55 -22.18
C PHE B 630 15.13 38.77 -23.01
N PHE B 631 14.86 39.90 -22.35
CA PHE B 631 14.46 41.10 -23.08
C PHE B 631 15.58 41.65 -23.95
N ARG B 632 16.83 41.41 -23.57
CA ARG B 632 17.98 41.91 -24.32
C ARG B 632 17.95 41.39 -25.76
N ARG B 633 18.15 40.08 -25.93
CA ARG B 633 18.14 39.45 -27.25
C ARG B 633 16.75 38.95 -27.62
N SER B 634 15.70 39.69 -27.28
CA SER B 634 14.34 39.21 -27.53
C SER B 634 14.06 39.10 -29.02
N LYS B 635 14.33 40.17 -29.77
CA LYS B 635 14.12 40.21 -31.22
C LYS B 635 12.64 40.01 -31.57
N ILE B 636 11.76 40.56 -30.74
CA ILE B 636 10.32 40.57 -30.98
C ILE B 636 9.82 42.00 -30.79
N ALA B 637 8.84 42.39 -31.62
CA ALA B 637 8.44 43.79 -31.67
C ALA B 637 7.91 44.28 -30.33
N VAL B 638 7.08 43.48 -29.65
CA VAL B 638 6.50 43.93 -28.39
C VAL B 638 7.56 43.99 -27.30
N PHE B 639 8.43 42.98 -27.23
CA PHE B 639 9.39 42.92 -26.14
C PHE B 639 10.58 43.84 -26.36
N ASP B 640 11.01 44.05 -27.61
CA ASP B 640 12.10 44.97 -27.87
C ASP B 640 11.72 46.41 -27.51
N LYS B 641 10.43 46.73 -27.55
CA LYS B 641 9.97 48.02 -27.09
C LYS B 641 10.05 48.13 -25.56
N MET B 642 9.76 47.03 -24.87
CA MET B 642 9.89 47.02 -23.41
C MET B 642 11.35 47.12 -23.00
N TRP B 643 12.23 46.38 -23.67
CA TRP B 643 13.66 46.42 -23.34
C TRP B 643 14.23 47.81 -23.53
N THR B 644 13.95 48.44 -24.67
CA THR B 644 14.47 49.77 -24.95
C THR B 644 13.91 50.80 -23.96
N TYR B 645 12.71 50.56 -23.43
CA TYR B 645 12.21 51.43 -22.37
C TYR B 645 13.03 51.25 -21.09
N MET B 646 13.14 50.01 -20.62
CA MET B 646 13.84 49.73 -19.37
C MET B 646 15.33 50.02 -19.46
N ARG B 647 15.91 49.98 -20.67
CA ARG B 647 17.32 50.31 -20.81
C ARG B 647 17.57 51.79 -20.61
N SER B 648 16.67 52.65 -21.10
CA SER B 648 16.81 54.09 -21.00
C SER B 648 15.82 54.70 -20.01
N ALA B 649 15.27 53.89 -19.10
CA ALA B 649 14.34 54.40 -18.09
C ALA B 649 15.12 54.96 -16.91
N GLU B 650 14.76 56.18 -16.51
CA GLU B 650 15.39 56.82 -15.35
C GLU B 650 14.33 57.46 -14.47
N PRO B 651 14.44 57.30 -13.14
CA PRO B 651 15.52 56.60 -12.40
C PRO B 651 15.53 55.09 -12.60
N SER B 652 16.55 54.43 -12.03
CA SER B 652 16.82 53.03 -12.31
C SER B 652 15.63 52.16 -11.95
N VAL B 653 15.11 51.43 -12.94
CA VAL B 653 13.94 50.57 -12.74
C VAL B 653 14.32 49.17 -12.31
N PHE B 654 15.60 48.87 -12.16
CA PHE B 654 16.06 47.55 -11.75
C PHE B 654 16.39 47.55 -10.26
N VAL B 655 16.24 46.39 -9.64
CA VAL B 655 16.44 46.25 -8.20
C VAL B 655 17.60 45.29 -7.94
N ARG B 656 18.09 45.31 -6.70
CA ARG B 656 19.25 44.51 -6.35
C ARG B 656 18.90 43.04 -6.22
N THR B 657 18.00 42.72 -5.30
CA THR B 657 17.58 41.34 -5.04
C THR B 657 16.11 41.17 -5.37
N THR B 658 15.68 39.90 -5.34
CA THR B 658 14.25 39.61 -5.49
C THR B 658 13.45 40.18 -4.33
N ALA B 659 14.07 40.31 -3.16
CA ALA B 659 13.37 40.84 -1.99
C ALA B 659 13.02 42.32 -2.18
N GLU B 660 13.93 43.10 -2.77
CA GLU B 660 13.64 44.51 -3.00
C GLU B 660 12.60 44.69 -4.11
N GLY B 661 12.52 43.74 -5.04
CA GLY B 661 11.55 43.86 -6.12
C GLY B 661 10.12 43.72 -5.64
N VAL B 662 9.89 42.85 -4.66
CA VAL B 662 8.53 42.66 -4.13
C VAL B 662 8.12 43.88 -3.32
N ALA B 663 9.01 44.36 -2.44
CA ALA B 663 8.66 45.46 -1.55
C ALA B 663 8.42 46.76 -2.31
N ARG B 664 9.09 46.95 -3.45
CA ARG B 664 8.92 48.19 -4.20
C ARG B 664 7.52 48.29 -4.78
N VAL B 665 6.94 47.16 -5.20
CA VAL B 665 5.57 47.18 -5.69
C VAL B 665 4.60 47.56 -4.58
N ARG B 666 4.89 47.12 -3.35
CA ARG B 666 4.00 47.39 -2.22
C ARG B 666 4.01 48.85 -1.79
N LYS B 667 5.03 49.62 -2.20
CA LYS B 667 5.14 51.01 -1.78
C LYS B 667 5.05 51.99 -2.95
N SER B 668 4.57 51.52 -4.11
CA SER B 668 4.50 52.36 -5.31
C SER B 668 3.11 52.91 -5.57
N LYS B 669 2.13 52.63 -4.71
CA LYS B 669 0.77 53.15 -4.85
C LYS B 669 0.17 52.79 -6.20
N GLY B 670 0.48 51.58 -6.68
CA GLY B 670 -0.10 51.09 -7.91
C GLY B 670 0.49 51.69 -9.18
N LYS B 671 1.75 52.15 -9.11
CA LYS B 671 2.40 52.77 -10.26
C LYS B 671 3.71 52.10 -10.62
N TYR B 672 3.91 50.84 -10.21
CA TYR B 672 5.11 50.11 -10.57
C TYR B 672 4.80 48.63 -10.68
N ALA B 673 5.32 48.00 -11.74
CA ALA B 673 5.14 46.58 -11.98
C ALA B 673 6.49 45.87 -11.89
N TYR B 674 6.43 44.54 -11.73
CA TYR B 674 7.62 43.72 -11.67
C TYR B 674 7.41 42.46 -12.48
N LEU B 675 8.47 42.01 -13.15
CA LEU B 675 8.43 40.84 -14.02
C LEU B 675 9.32 39.76 -13.45
N LEU B 676 8.78 38.55 -13.32
CA LEU B 676 9.50 37.44 -12.72
C LEU B 676 8.79 36.15 -13.09
N GLU B 677 9.45 35.03 -12.78
CA GLU B 677 8.89 33.72 -13.08
C GLU B 677 7.53 33.55 -12.42
N SER B 678 6.64 32.80 -13.09
CA SER B 678 5.28 32.65 -12.60
C SER B 678 5.23 31.91 -11.27
N THR B 679 6.12 30.94 -11.07
CA THR B 679 6.10 30.15 -9.84
C THR B 679 6.27 31.04 -8.62
N MET B 680 7.34 31.84 -8.60
CA MET B 680 7.55 32.75 -7.47
C MET B 680 6.43 33.77 -7.37
N ASN B 681 5.95 34.26 -8.51
CA ASN B 681 4.87 35.24 -8.49
C ASN B 681 3.58 34.64 -7.94
N GLU B 682 3.23 33.42 -8.38
CA GLU B 682 2.04 32.75 -7.86
C GLU B 682 2.17 32.52 -6.36
N TYR B 683 3.38 32.22 -5.88
CA TYR B 683 3.56 31.97 -4.45
C TYR B 683 3.39 33.25 -3.65
N ILE B 684 4.02 34.34 -4.09
CA ILE B 684 3.88 35.63 -3.41
C ILE B 684 2.42 36.03 -3.34
N GLU B 685 1.63 35.69 -4.36
CA GLU B 685 0.21 35.99 -4.37
C GLU B 685 -0.53 35.35 -3.20
N GLN B 686 -0.01 34.25 -2.65
CA GLN B 686 -0.68 33.53 -1.58
C GLN B 686 0.03 33.71 -0.24
N ARG B 687 0.68 34.84 -0.04
CA ARG B 687 1.35 35.16 1.22
C ARG B 687 0.97 36.56 1.66
N LYS B 688 0.74 36.72 2.96
CA LYS B 688 0.28 38.00 3.52
C LYS B 688 1.29 39.12 3.28
N PRO B 689 0.79 40.37 3.16
CA PRO B 689 -0.60 40.80 3.36
C PRO B 689 -1.49 40.75 2.11
N CYS B 690 -1.17 39.85 1.17
CA CYS B 690 -2.08 39.50 0.07
C CYS B 690 -2.41 40.70 -0.81
N ASP B 691 -1.38 41.46 -1.18
CA ASP B 691 -1.58 42.66 -1.98
C ASP B 691 -1.07 42.56 -3.41
N THR B 692 -0.29 41.54 -3.74
CA THR B 692 0.22 41.35 -5.09
C THR B 692 -0.68 40.38 -5.87
N MET B 693 -0.44 40.30 -7.18
CA MET B 693 -1.28 39.47 -8.03
C MET B 693 -0.58 39.21 -9.36
N LYS B 694 -0.68 37.97 -9.83
CA LYS B 694 -0.24 37.63 -11.18
C LYS B 694 -1.34 37.96 -12.18
N VAL B 695 -0.99 38.66 -13.25
CA VAL B 695 -1.92 39.05 -14.29
C VAL B 695 -1.34 38.67 -15.64
N GLY B 696 -2.21 38.23 -16.55
CA GLY B 696 -1.80 37.89 -17.91
C GLY B 696 -1.07 36.58 -18.01
N GLY B 697 -0.90 36.07 -19.22
CA GLY B 697 -0.20 34.81 -19.41
C GLY B 697 1.30 34.95 -19.33
N ASN B 698 1.97 33.80 -19.42
CA ASN B 698 3.43 33.77 -19.34
C ASN B 698 4.04 34.16 -20.68
N LEU B 699 5.25 34.74 -20.62
CA LEU B 699 5.91 35.28 -21.79
C LEU B 699 6.75 34.25 -22.54
N ASP B 700 7.22 33.21 -21.89
CA ASP B 700 8.09 32.23 -22.53
C ASP B 700 7.85 30.85 -21.95
N SER B 701 8.50 29.86 -22.55
CA SER B 701 8.31 28.44 -22.21
C SER B 701 9.63 27.91 -21.65
N LYS B 702 9.69 27.78 -20.33
CA LYS B 702 10.84 27.16 -19.66
C LYS B 702 10.29 26.25 -18.56
N GLY B 703 11.19 25.71 -17.74
CA GLY B 703 10.76 24.84 -16.67
C GLY B 703 11.91 24.50 -15.74
N TYR B 704 11.57 23.79 -14.67
CA TYR B 704 12.53 23.29 -13.70
C TYR B 704 12.78 21.80 -13.92
N GLY B 705 13.99 21.36 -13.56
CA GLY B 705 14.36 19.97 -13.76
C GLY B 705 15.23 19.46 -12.62
N ILE B 706 15.43 18.15 -12.63
CA ILE B 706 16.28 17.46 -11.67
C ILE B 706 17.59 17.11 -12.38
N ALA B 707 18.70 17.57 -11.83
CA ALA B 707 20.00 17.48 -12.50
C ALA B 707 20.82 16.32 -11.97
N THR B 708 21.47 15.60 -12.88
CA THR B 708 22.26 14.43 -12.58
C THR B 708 23.57 14.50 -13.35
N PRO B 709 24.69 14.12 -12.73
CA PRO B 709 25.96 14.05 -13.46
C PRO B 709 25.87 13.08 -14.64
N LYS B 710 26.57 13.41 -15.71
CA LYS B 710 26.50 12.60 -16.93
C LYS B 710 27.11 11.23 -16.70
N GLY B 711 26.53 10.23 -17.36
CA GLY B 711 27.01 8.87 -17.22
C GLY B 711 26.68 8.22 -15.90
N SER B 712 25.93 8.89 -15.03
CA SER B 712 25.60 8.33 -13.73
C SER B 712 24.49 7.31 -13.85
N SER B 713 24.52 6.33 -12.95
CA SER B 713 23.48 5.31 -12.91
C SER B 713 22.11 5.93 -12.64
N LEU B 714 22.07 6.91 -11.74
CA LEU B 714 20.81 7.55 -11.34
C LEU B 714 20.15 8.32 -12.46
N GLY B 715 20.84 8.54 -13.58
CA GLY B 715 20.33 9.36 -14.66
C GLY B 715 18.98 8.91 -15.21
N THR B 716 18.99 7.84 -16.01
CA THR B 716 17.77 7.39 -16.67
C THR B 716 16.62 7.10 -15.71
N PRO B 717 16.82 6.46 -14.55
CA PRO B 717 15.65 6.17 -13.69
C PRO B 717 14.94 7.41 -13.18
N VAL B 718 15.68 8.40 -12.68
CA VAL B 718 15.04 9.59 -12.12
C VAL B 718 14.24 10.32 -13.18
N ASN B 719 14.78 10.38 -14.41
CA ASN B 719 14.05 11.00 -15.51
C ASN B 719 12.72 10.29 -15.74
N LEU B 720 12.75 8.96 -15.84
CA LEU B 720 11.52 8.20 -16.00
C LEU B 720 10.59 8.40 -14.81
N ALA B 721 11.15 8.47 -13.60
CA ALA B 721 10.34 8.58 -12.39
C ALA B 721 9.55 9.88 -12.37
N VAL B 722 10.14 10.97 -12.88
CA VAL B 722 9.44 12.25 -12.88
C VAL B 722 8.21 12.18 -13.78
N LEU B 723 8.32 11.50 -14.92
CA LEU B 723 7.18 11.36 -15.81
C LEU B 723 6.06 10.54 -15.17
N LYS B 724 6.41 9.62 -14.28
CA LYS B 724 5.37 8.85 -13.59
C LYS B 724 4.62 9.71 -12.58
N LEU B 725 5.32 10.65 -11.95
CA LEU B 725 4.67 11.52 -10.96
C LEU B 725 3.67 12.47 -11.63
N SER B 726 4.04 13.03 -12.78
CA SER B 726 3.13 13.93 -13.49
C SER B 726 1.86 13.22 -13.91
N GLU B 727 2.00 12.02 -14.48
CA GLU B 727 0.83 11.29 -14.95
C GLU B 727 0.03 10.67 -13.83
N GLN B 728 0.61 10.56 -12.63
CA GLN B 728 -0.12 10.15 -11.45
C GLN B 728 -0.64 11.33 -10.65
N GLY B 729 -0.64 12.53 -11.23
CA GLY B 729 -1.17 13.71 -10.56
C GLY B 729 -0.46 14.06 -9.28
N VAL B 730 0.81 13.68 -9.15
CA VAL B 730 1.55 13.95 -7.92
C VAL B 730 2.11 15.36 -7.94
N LEU B 731 2.83 15.71 -9.00
CA LEU B 731 3.45 17.04 -9.10
C LEU B 731 2.40 18.14 -9.00
N ASP B 732 1.26 17.96 -9.69
CA ASP B 732 0.20 18.95 -9.61
C ASP B 732 -0.36 19.05 -8.19
N LYS B 733 -0.50 17.90 -7.52
CA LYS B 733 -1.00 17.92 -6.14
C LYS B 733 0.00 18.58 -5.19
N LEU B 734 1.28 18.26 -5.34
CA LEU B 734 2.29 18.82 -4.45
C LEU B 734 2.38 20.33 -4.59
N LYS B 735 2.38 20.83 -5.83
CA LYS B 735 2.36 22.28 -6.05
C LYS B 735 1.10 22.89 -5.45
N ASN B 736 -0.05 22.25 -5.65
CA ASN B 736 -1.28 22.74 -5.05
C ASN B 736 -1.21 22.70 -3.52
N LYS B 737 -0.37 21.82 -2.97
CA LYS B 737 -0.31 21.68 -1.52
C LYS B 737 0.55 22.76 -0.88
N TRP B 738 1.67 23.12 -1.50
CA TRP B 738 2.57 24.09 -0.90
C TRP B 738 2.30 25.52 -1.33
N TRP B 739 1.77 25.72 -2.53
CA TRP B 739 1.40 27.07 -2.96
C TRP B 739 0.09 27.51 -2.34
N TYR B 740 -1.01 26.82 -2.67
CA TYR B 740 -2.34 27.28 -2.32
C TYR B 740 -2.81 26.74 -0.96
N ASP B 741 -2.66 25.45 -0.71
CA ASP B 741 -3.11 24.87 0.56
C ASP B 741 -2.37 25.51 1.73
N LYS B 742 -1.04 25.37 1.76
CA LYS B 742 -0.23 26.01 2.79
C LYS B 742 -0.33 27.53 2.75
N GLY B 743 -0.86 28.11 1.68
CA GLY B 743 -0.90 29.56 1.56
C GLY B 743 -1.75 30.20 2.64
N GLU B 744 -1.41 31.45 2.95
CA GLU B 744 -2.11 32.23 3.97
C GLU B 744 -3.35 32.94 3.40
N CYS B 745 -3.23 33.49 2.20
CA CYS B 745 -4.38 34.01 1.46
C CYS B 745 -4.97 32.86 0.66
N GLY B 746 -6.13 32.37 1.08
CA GLY B 746 -6.69 31.18 0.47
C GLY B 746 -7.10 31.39 -0.97
N ALA B 747 -7.21 30.27 -1.69
CA ALA B 747 -7.71 30.31 -3.06
C ALA B 747 -9.17 30.70 -3.10
N LYS B 748 -9.93 30.35 -2.05
CA LYS B 748 -11.32 30.75 -1.94
C LYS B 748 -11.47 32.19 -1.47
N ASP B 749 -10.43 32.78 -0.90
CA ASP B 749 -10.50 34.17 -0.46
C ASP B 749 -10.66 35.12 -1.64
N SER B 750 -10.11 34.76 -2.80
CA SER B 750 -10.22 35.59 -3.99
C SER B 750 -11.50 35.32 -4.78
N GLY B 751 -12.30 34.34 -4.37
CA GLY B 751 -13.53 34.02 -5.08
C GLY B 751 -14.77 34.46 -4.34
N SER B 752 -14.88 35.76 -4.06
CA SER B 752 -16.03 36.38 -3.40
C SER B 752 -16.26 35.81 -2.01
N LYS B 753 -15.77 36.52 -0.99
CA LYS B 753 -15.86 36.03 0.38
C LYS B 753 -16.47 37.05 1.32
N GLU B 754 -15.99 38.29 1.30
CA GLU B 754 -16.36 39.29 2.28
C GLU B 754 -17.57 40.09 1.83
N LYS B 755 -17.98 41.06 2.67
CA LYS B 755 -19.13 41.91 2.40
C LYS B 755 -19.18 43.10 3.36
N THR B 756 -18.20 43.98 3.30
CA THR B 756 -18.17 45.18 4.13
C THR B 756 -18.54 46.41 3.30
N SER B 757 -19.18 47.37 3.96
CA SER B 757 -19.67 48.56 3.27
C SER B 757 -19.74 49.72 4.24
N ALA B 758 -19.63 50.94 3.69
CA ALA B 758 -19.71 52.18 4.46
C ALA B 758 -20.02 53.30 3.49
N LEU B 759 -19.64 54.53 3.86
CA LEU B 759 -19.83 55.68 2.98
C LEU B 759 -18.83 56.76 3.38
N SER B 760 -18.32 57.48 2.39
CA SER B 760 -17.25 58.45 2.58
C SER B 760 -17.71 59.85 2.18
N LEU B 761 -17.00 60.84 2.72
CA LEU B 761 -17.18 62.23 2.32
C LEU B 761 -16.29 62.64 1.16
N SER B 762 -15.21 61.89 0.91
CA SER B 762 -14.19 62.30 -0.04
C SER B 762 -14.77 62.66 -1.40
N ASN B 763 -15.76 61.90 -1.86
CA ASN B 763 -16.36 62.17 -3.16
C ASN B 763 -17.49 63.18 -3.09
N VAL B 764 -18.17 63.28 -1.94
CA VAL B 764 -19.29 64.19 -1.81
C VAL B 764 -18.85 65.63 -2.03
N ALA B 765 -17.57 65.91 -1.81
CA ALA B 765 -17.05 67.25 -2.07
C ALA B 765 -17.12 67.61 -3.56
N GLY B 766 -17.24 66.62 -4.44
CA GLY B 766 -17.27 66.91 -5.87
C GLY B 766 -18.47 67.72 -6.29
N VAL B 767 -19.55 67.66 -5.51
CA VAL B 767 -20.72 68.46 -5.79
C VAL B 767 -20.75 69.73 -4.94
N PHE B 768 -20.07 69.75 -3.81
CA PHE B 768 -20.06 70.95 -2.98
C PHE B 768 -19.28 72.08 -3.61
N TYR B 769 -18.35 71.76 -4.50
CA TYR B 769 -17.53 72.78 -5.14
C TYR B 769 -18.18 73.34 -6.40
N ILE B 770 -19.02 72.55 -7.08
CA ILE B 770 -19.80 73.10 -8.18
C ILE B 770 -21.01 73.86 -7.67
N LEU B 771 -21.36 73.69 -6.40
CA LEU B 771 -22.44 74.47 -5.80
C LEU B 771 -21.93 75.82 -5.33
N VAL B 772 -20.87 75.83 -4.51
CA VAL B 772 -20.29 77.08 -4.05
C VAL B 772 -19.68 77.86 -5.21
N GLY B 773 -19.20 77.16 -6.24
CA GLY B 773 -18.80 77.85 -7.45
C GLY B 773 -19.95 78.60 -8.09
N GLY B 774 -21.17 78.07 -8.00
CA GLY B 774 -22.33 78.83 -8.43
C GLY B 774 -22.69 79.95 -7.48
N LEU B 775 -22.44 79.76 -6.18
CA LEU B 775 -22.63 80.85 -5.23
C LEU B 775 -21.65 81.98 -5.49
N GLY B 776 -20.45 81.67 -5.99
CA GLY B 776 -19.53 82.72 -6.37
C GLY B 776 -19.90 83.37 -7.69
N LEU B 777 -20.50 82.60 -8.60
CA LEU B 777 -20.93 83.17 -9.86
C LEU B 777 -22.20 84.00 -9.70
N ALA B 778 -23.03 83.66 -8.71
CA ALA B 778 -24.27 84.39 -8.50
C ALA B 778 -24.02 85.79 -7.97
N MET B 779 -22.90 86.00 -7.27
CA MET B 779 -22.59 87.33 -6.76
C MET B 779 -21.97 88.21 -7.84
N LEU B 780 -21.34 87.63 -8.84
CA LEU B 780 -20.78 88.43 -9.93
C LEU B 780 -21.88 88.90 -10.87
N VAL B 781 -22.97 88.15 -10.99
CA VAL B 781 -24.09 88.60 -11.80
C VAL B 781 -25.00 89.52 -11.00
N ALA B 782 -24.97 89.41 -9.67
CA ALA B 782 -25.86 90.22 -8.85
C ALA B 782 -25.40 91.67 -8.80
N LEU B 783 -24.12 91.93 -9.04
CA LEU B 783 -23.59 93.27 -8.96
C LEU B 783 -23.74 94.05 -10.27
N ILE B 784 -23.74 93.36 -11.42
CA ILE B 784 -23.93 94.04 -12.70
C ILE B 784 -25.38 94.42 -12.93
N GLU B 785 -26.32 93.87 -12.17
CA GLU B 785 -27.71 94.25 -12.26
C GLU B 785 -28.05 95.46 -11.39
N PHE B 786 -27.20 95.79 -10.42
CA PHE B 786 -27.43 96.91 -9.52
C PHE B 786 -26.89 98.23 -10.07
N CYS B 787 -26.05 98.18 -11.10
CA CYS B 787 -25.47 99.39 -11.70
C CYS B 787 -26.02 99.71 -13.08
N TYR B 788 -26.17 98.71 -13.95
CA TYR B 788 -26.64 98.95 -15.31
C TYR B 788 -28.13 99.30 -15.33
N ASN C 1 64.11 -38.67 -48.91
CA ASN C 1 63.27 -37.75 -48.14
C ASN C 1 61.90 -37.61 -48.78
N SER C 2 61.10 -38.67 -48.69
CA SER C 2 59.74 -38.69 -49.25
C SER C 2 58.75 -38.77 -48.09
N ILE C 3 58.44 -37.62 -47.52
CA ILE C 3 57.52 -37.54 -46.38
C ILE C 3 56.10 -37.73 -46.91
N GLN C 4 55.46 -38.83 -46.50
CA GLN C 4 54.13 -39.18 -46.97
C GLN C 4 53.08 -38.70 -45.97
N ILE C 5 51.99 -38.13 -46.49
CA ILE C 5 50.90 -37.60 -45.67
C ILE C 5 49.58 -38.08 -46.26
N GLY C 6 48.52 -37.92 -45.47
CA GLY C 6 47.19 -38.36 -45.85
C GLY C 6 46.30 -37.17 -46.19
N GLY C 7 45.51 -37.33 -47.26
CA GLY C 7 44.64 -36.26 -47.70
C GLY C 7 43.18 -36.68 -47.84
N LEU C 8 42.32 -36.08 -47.02
CA LEU C 8 40.89 -36.38 -47.01
C LEU C 8 40.14 -35.13 -47.48
N PHE C 9 39.59 -35.20 -48.69
CA PHE C 9 38.84 -34.09 -49.26
C PHE C 9 37.46 -34.56 -49.67
N PRO C 10 36.41 -33.80 -49.37
CA PRO C 10 35.06 -34.21 -49.76
C PRO C 10 34.81 -33.95 -51.24
N ARG C 11 33.81 -34.66 -51.78
CA ARG C 11 33.37 -34.42 -53.14
C ARG C 11 32.44 -33.22 -53.16
N GLY C 12 32.61 -32.36 -54.17
CA GLY C 12 32.02 -31.05 -54.20
C GLY C 12 32.95 -29.95 -53.75
N ALA C 13 34.06 -30.30 -53.10
CA ALA C 13 35.07 -29.33 -52.67
C ALA C 13 36.12 -29.22 -53.77
N ASP C 14 35.81 -28.42 -54.78
CA ASP C 14 36.75 -28.18 -55.88
C ASP C 14 37.86 -27.22 -55.44
N GLN C 15 37.48 -26.02 -55.00
CA GLN C 15 38.45 -24.99 -54.67
C GLN C 15 39.31 -25.36 -53.47
N GLU C 16 38.77 -26.15 -52.54
CA GLU C 16 39.54 -26.54 -51.36
C GLU C 16 40.69 -27.45 -51.73
N TYR C 17 40.46 -28.40 -52.65
CA TYR C 17 41.54 -29.30 -53.07
C TYR C 17 42.57 -28.57 -53.93
N SER C 18 42.14 -27.57 -54.69
CA SER C 18 43.06 -26.84 -55.55
C SER C 18 44.07 -26.05 -54.73
N ALA C 19 43.60 -25.30 -53.74
CA ALA C 19 44.49 -24.52 -52.89
C ALA C 19 45.52 -25.39 -52.18
N PHE C 20 45.23 -26.69 -52.00
CA PHE C 20 46.22 -27.59 -51.42
C PHE C 20 47.39 -27.81 -52.37
N ARG C 21 47.11 -27.90 -53.67
CA ARG C 21 48.18 -28.11 -54.65
C ARG C 21 49.04 -26.86 -54.81
N VAL C 22 48.43 -25.68 -54.73
CA VAL C 22 49.19 -24.44 -54.83
C VAL C 22 50.11 -24.28 -53.63
N GLY C 23 49.62 -24.62 -52.44
CA GLY C 23 50.49 -24.62 -51.27
C GLY C 23 51.58 -25.67 -51.34
N MET C 24 51.34 -26.74 -52.09
CA MET C 24 52.36 -27.78 -52.23
C MET C 24 53.52 -27.34 -53.11
N VAL C 25 53.27 -26.39 -54.02
CA VAL C 25 54.33 -25.93 -54.93
C VAL C 25 55.09 -24.74 -54.34
N GLN C 26 54.38 -23.81 -53.71
CA GLN C 26 55.03 -22.57 -53.26
C GLN C 26 55.94 -22.80 -52.07
N PHE C 27 55.69 -23.85 -51.28
CA PHE C 27 56.46 -24.09 -50.06
C PHE C 27 57.35 -25.32 -50.16
N SER C 28 57.58 -25.83 -51.36
CA SER C 28 58.45 -26.99 -51.53
C SER C 28 59.92 -26.54 -51.52
N THR C 29 60.81 -27.51 -51.28
CA THR C 29 62.23 -27.23 -51.19
C THR C 29 63.00 -28.50 -51.50
N SER C 30 64.33 -28.35 -51.64
CA SER C 30 65.20 -29.47 -51.97
C SER C 30 65.53 -30.34 -50.76
N GLU C 31 65.28 -29.85 -49.54
CA GLU C 31 65.58 -30.64 -48.35
C GLU C 31 64.67 -31.85 -48.25
N PHE C 32 63.36 -31.63 -48.39
CA PHE C 32 62.39 -32.72 -48.34
C PHE C 32 61.18 -32.34 -49.19
N ARG C 33 60.40 -33.35 -49.57
CA ARG C 33 59.26 -33.16 -50.43
C ARG C 33 58.08 -33.94 -49.86
N LEU C 34 56.94 -33.27 -49.72
CA LEU C 34 55.75 -33.90 -49.16
C LEU C 34 55.05 -34.73 -50.22
N THR C 35 54.55 -35.90 -49.82
CA THR C 35 53.89 -36.85 -50.71
C THR C 35 52.47 -37.08 -50.21
N PRO C 36 51.49 -36.34 -50.72
CA PRO C 36 50.10 -36.52 -50.25
C PRO C 36 49.42 -37.68 -50.96
N HIS C 37 48.77 -38.53 -50.17
CA HIS C 37 47.96 -39.62 -50.71
C HIS C 37 46.49 -39.20 -50.60
N ILE C 38 45.85 -39.01 -51.74
CA ILE C 38 44.51 -38.42 -51.81
C ILE C 38 43.46 -39.52 -51.87
N ASP C 39 42.35 -39.30 -51.17
CA ASP C 39 41.21 -40.21 -51.17
C ASP C 39 39.94 -39.37 -51.19
N ASN C 40 39.29 -39.30 -52.37
CA ASN C 40 38.03 -38.59 -52.50
C ASN C 40 36.92 -39.41 -51.84
N LEU C 41 36.32 -38.87 -50.79
CA LEU C 41 35.30 -39.57 -50.03
C LEU C 41 34.22 -38.61 -49.59
N GLU C 42 33.03 -39.15 -49.35
CA GLU C 42 31.92 -38.37 -48.83
C GLU C 42 32.13 -38.12 -47.34
N VAL C 43 32.15 -36.85 -46.94
CA VAL C 43 32.51 -36.50 -45.57
C VAL C 43 31.38 -36.79 -44.57
N ALA C 44 30.16 -36.99 -45.04
CA ALA C 44 29.02 -37.19 -44.16
C ALA C 44 28.78 -38.65 -43.80
N ASN C 45 29.73 -39.53 -44.08
CA ASN C 45 29.62 -40.95 -43.75
C ASN C 45 30.81 -41.33 -42.88
N SER C 46 30.52 -41.80 -41.66
CA SER C 46 31.58 -42.14 -40.73
C SER C 46 32.33 -43.39 -41.16
N PHE C 47 31.64 -44.35 -41.78
CA PHE C 47 32.30 -45.59 -42.18
C PHE C 47 33.40 -45.32 -43.21
N ALA C 48 33.08 -44.52 -44.22
CA ALA C 48 34.08 -44.23 -45.26
C ALA C 48 35.26 -43.45 -44.70
N VAL C 49 34.98 -42.52 -43.77
CA VAL C 49 36.06 -41.76 -43.15
C VAL C 49 36.95 -42.68 -42.33
N THR C 50 36.35 -43.60 -41.59
CA THR C 50 37.12 -44.58 -40.83
C THR C 50 37.98 -45.43 -41.76
N ASN C 51 37.36 -45.98 -42.82
CA ASN C 51 38.11 -46.81 -43.75
C ASN C 51 39.19 -46.01 -44.48
N ALA C 52 38.89 -44.75 -44.78
CA ALA C 52 39.90 -43.90 -45.43
C ALA C 52 41.03 -43.56 -44.47
N PHE C 53 40.69 -43.27 -43.20
CA PHE C 53 41.72 -43.01 -42.20
C PHE C 53 42.61 -44.22 -41.99
N CYS C 54 42.01 -45.42 -41.97
CA CYS C 54 42.80 -46.64 -41.82
C CYS C 54 43.56 -46.98 -43.08
N SER C 55 43.05 -46.55 -44.25
CA SER C 55 43.81 -46.72 -45.49
C SER C 55 45.05 -45.86 -45.51
N GLN C 56 44.98 -44.64 -44.92
CA GLN C 56 46.17 -43.82 -44.78
C GLN C 56 47.12 -44.40 -43.74
N PHE C 57 46.55 -44.97 -42.67
CA PHE C 57 47.39 -45.53 -41.60
C PHE C 57 48.10 -46.80 -42.05
N SER C 58 47.48 -47.58 -42.92
CA SER C 58 48.08 -48.83 -43.39
C SER C 58 49.24 -48.58 -44.34
N ARG C 59 49.29 -47.42 -44.99
CA ARG C 59 50.35 -47.12 -45.93
C ARG C 59 51.51 -46.34 -45.31
N GLY C 60 51.36 -45.87 -44.09
CA GLY C 60 52.45 -45.19 -43.41
C GLY C 60 52.51 -43.70 -43.69
N VAL C 61 51.64 -42.93 -43.05
CA VAL C 61 51.64 -41.47 -43.18
C VAL C 61 52.08 -40.87 -41.86
N TYR C 62 52.74 -39.72 -41.95
CA TYR C 62 53.23 -39.02 -40.76
C TYR C 62 52.27 -37.93 -40.29
N ALA C 63 51.37 -37.47 -41.14
CA ALA C 63 50.35 -36.49 -40.77
C ALA C 63 49.22 -36.60 -41.79
N ILE C 64 48.03 -36.17 -41.37
CA ILE C 64 46.84 -36.25 -42.21
C ILE C 64 46.19 -34.88 -42.27
N PHE C 65 45.98 -34.37 -43.47
CA PHE C 65 45.20 -33.16 -43.70
C PHE C 65 43.83 -33.57 -44.22
N GLY C 66 42.78 -33.12 -43.54
CA GLY C 66 41.44 -33.51 -43.92
C GLY C 66 40.40 -32.61 -43.31
N PHE C 67 39.15 -32.89 -43.64
CA PHE C 67 37.99 -32.14 -43.17
C PHE C 67 37.08 -33.07 -42.37
N TYR C 68 35.99 -32.51 -41.84
CA TYR C 68 34.99 -33.32 -41.16
C TYR C 68 33.68 -32.56 -41.10
N ASP C 69 32.65 -33.26 -40.64
CA ASP C 69 31.30 -32.75 -40.47
C ASP C 69 30.88 -32.94 -39.01
N LYS C 70 29.66 -32.51 -38.68
CA LYS C 70 29.15 -32.63 -37.32
C LYS C 70 29.16 -34.09 -36.87
N LYS C 71 28.86 -35.02 -37.77
CA LYS C 71 28.75 -36.42 -37.37
C LYS C 71 30.11 -37.12 -37.38
N SER C 72 30.94 -36.87 -38.40
CA SER C 72 32.19 -37.58 -38.55
C SER C 72 33.33 -37.03 -37.69
N VAL C 73 33.16 -35.85 -37.10
CA VAL C 73 34.24 -35.26 -36.31
C VAL C 73 34.57 -36.11 -35.10
N ASN C 74 33.57 -36.78 -34.51
CA ASN C 74 33.82 -37.62 -33.34
C ASN C 74 34.73 -38.79 -33.69
N THR C 75 34.71 -39.23 -34.94
CA THR C 75 35.59 -40.33 -35.35
C THR C 75 37.04 -39.88 -35.41
N ILE C 76 37.29 -38.74 -36.04
CA ILE C 76 38.67 -38.30 -36.27
C ILE C 76 39.37 -37.98 -34.96
N THR C 77 38.70 -37.24 -34.07
CA THR C 77 39.34 -36.85 -32.82
C THR C 77 39.69 -38.07 -31.97
N SER C 78 38.84 -39.10 -31.97
CA SER C 78 39.07 -40.25 -31.12
C SER C 78 40.11 -41.18 -31.70
N PHE C 79 40.08 -41.40 -33.02
CA PHE C 79 41.12 -42.20 -33.67
C PHE C 79 42.48 -41.55 -33.53
N CYS C 80 42.58 -40.26 -33.90
CA CYS C 80 43.84 -39.54 -33.79
C CYS C 80 44.30 -39.47 -32.34
N GLY C 81 43.36 -39.34 -31.40
CA GLY C 81 43.73 -39.33 -30.00
C GLY C 81 44.32 -40.63 -29.51
N THR C 82 43.87 -41.75 -30.08
CA THR C 82 44.36 -43.05 -29.64
C THR C 82 45.68 -43.40 -30.32
N LEU C 83 45.75 -43.24 -31.64
CA LEU C 83 46.91 -43.67 -32.41
C LEU C 83 48.00 -42.61 -32.52
N HIS C 84 47.77 -41.42 -31.97
CA HIS C 84 48.76 -40.34 -31.91
C HIS C 84 49.11 -39.75 -33.26
N VAL C 85 48.26 -39.90 -34.27
CA VAL C 85 48.48 -39.30 -35.58
C VAL C 85 47.84 -37.92 -35.57
N SER C 86 48.63 -36.90 -35.89
CA SER C 86 48.12 -35.52 -35.86
C SER C 86 47.27 -35.23 -37.09
N PHE C 87 46.21 -34.46 -36.88
CA PHE C 87 45.20 -34.19 -37.90
C PHE C 87 45.10 -32.68 -38.11
N ILE C 88 45.35 -32.25 -39.35
CA ILE C 88 45.26 -30.83 -39.72
C ILE C 88 43.92 -30.60 -40.40
N THR C 89 43.24 -29.52 -40.03
CA THR C 89 41.89 -29.32 -40.53
C THR C 89 41.49 -27.85 -40.61
N PRO C 90 40.84 -27.43 -41.69
CA PRO C 90 40.21 -26.10 -41.73
C PRO C 90 38.77 -26.07 -41.26
N SER C 91 38.20 -27.21 -40.87
CA SER C 91 36.81 -27.25 -40.43
C SER C 91 36.66 -26.61 -39.05
N PHE C 92 35.41 -26.51 -38.59
CA PHE C 92 35.11 -25.77 -37.38
C PHE C 92 35.77 -26.41 -36.16
N PRO C 93 36.09 -25.62 -35.14
CA PRO C 93 36.79 -26.17 -33.98
C PRO C 93 35.93 -27.16 -33.19
N THR C 94 36.61 -28.05 -32.47
CA THR C 94 35.94 -29.08 -31.71
C THR C 94 35.33 -28.50 -30.44
N ASP C 95 34.19 -29.09 -30.03
CA ASP C 95 33.48 -28.66 -28.82
C ASP C 95 34.26 -29.15 -27.60
N GLY C 96 35.33 -28.43 -27.28
CA GLY C 96 36.14 -28.77 -26.14
C GLY C 96 37.63 -28.74 -26.41
N THR C 97 38.38 -29.69 -25.83
CA THR C 97 39.83 -29.77 -25.98
C THR C 97 40.19 -31.21 -26.32
N HIS C 98 40.66 -31.44 -27.55
CA HIS C 98 41.04 -32.76 -27.99
C HIS C 98 42.46 -32.72 -28.54
N PRO C 99 43.28 -33.72 -28.24
CA PRO C 99 44.68 -33.71 -28.68
C PRO C 99 44.85 -34.22 -30.11
N PHE C 100 46.02 -33.89 -30.68
CA PHE C 100 46.40 -34.30 -32.02
C PHE C 100 45.43 -33.80 -33.08
N VAL C 101 44.86 -32.62 -32.87
CA VAL C 101 43.98 -31.97 -33.83
C VAL C 101 44.45 -30.54 -34.02
N ILE C 102 44.75 -30.16 -35.26
CA ILE C 102 45.25 -28.82 -35.56
C ILE C 102 44.20 -28.04 -36.32
N GLN C 103 43.32 -27.34 -35.59
CA GLN C 103 42.21 -26.62 -36.20
C GLN C 103 42.72 -25.30 -36.76
N MET C 104 42.77 -25.19 -38.08
CA MET C 104 43.18 -23.95 -38.72
C MET C 104 42.16 -22.84 -38.56
N ARG C 105 40.90 -23.19 -38.32
CA ARG C 105 39.85 -22.19 -38.21
C ARG C 105 39.85 -21.57 -36.81
N PRO C 106 39.76 -20.25 -36.69
CA PRO C 106 39.73 -19.63 -35.37
C PRO C 106 38.34 -19.65 -34.75
N ASP C 107 38.30 -19.35 -33.45
CA ASP C 107 37.07 -19.40 -32.68
C ASP C 107 36.22 -18.18 -32.99
N LEU C 108 35.05 -18.40 -33.60
CA LEU C 108 34.14 -17.34 -33.96
C LEU C 108 33.19 -16.94 -32.83
N LYS C 109 33.11 -17.74 -31.77
CA LYS C 109 32.14 -17.48 -30.70
C LYS C 109 32.39 -16.13 -30.05
N GLY C 110 33.63 -15.88 -29.61
CA GLY C 110 33.92 -14.64 -28.91
C GLY C 110 33.71 -13.40 -29.77
N ALA C 111 33.89 -13.54 -31.09
CA ALA C 111 33.74 -12.39 -31.98
C ALA C 111 32.27 -12.00 -32.14
N LEU C 112 31.39 -12.98 -32.30
CA LEU C 112 29.98 -12.68 -32.46
C LEU C 112 29.37 -12.13 -31.17
N LEU C 113 29.82 -12.63 -30.02
CA LEU C 113 29.34 -12.11 -28.75
C LEU C 113 29.70 -10.64 -28.58
N SER C 114 30.88 -10.24 -29.07
CA SER C 114 31.29 -8.84 -28.99
C SER C 114 30.59 -7.99 -30.04
N LEU C 115 30.24 -8.58 -31.19
CA LEU C 115 29.57 -7.80 -32.22
C LEU C 115 28.14 -7.46 -31.84
N ILE C 116 27.43 -8.42 -31.23
CA ILE C 116 26.10 -8.14 -30.69
C ILE C 116 26.18 -7.08 -29.62
N GLU C 117 27.27 -7.09 -28.83
CA GLU C 117 27.47 -6.09 -27.79
C GLU C 117 27.70 -4.70 -28.38
N TYR C 118 28.27 -4.63 -29.59
CA TYR C 118 28.61 -3.33 -30.17
C TYR C 118 27.35 -2.58 -30.60
N TYR C 119 26.47 -3.25 -31.36
CA TYR C 119 25.25 -2.59 -31.82
C TYR C 119 24.21 -2.39 -30.73
N GLN C 120 24.52 -2.78 -29.49
CA GLN C 120 23.62 -2.61 -28.36
C GLN C 120 22.28 -3.29 -28.61
N TRP C 121 22.35 -4.52 -29.13
CA TRP C 121 21.15 -5.34 -29.32
C TRP C 121 20.78 -6.00 -27.99
N ASP C 122 19.56 -5.77 -27.53
CA ASP C 122 19.00 -6.52 -26.41
C ASP C 122 17.76 -7.31 -26.81
N LYS C 123 17.58 -7.55 -28.11
CA LYS C 123 16.51 -8.39 -28.64
C LYS C 123 16.77 -8.67 -30.11
N PHE C 124 16.93 -9.94 -30.46
CA PHE C 124 17.24 -10.30 -31.84
C PHE C 124 16.88 -11.75 -32.08
N ALA C 125 16.96 -12.16 -33.36
CA ALA C 125 16.75 -13.53 -33.78
C ALA C 125 18.08 -14.16 -34.15
N TYR C 126 18.11 -15.49 -34.12
CA TYR C 126 19.33 -16.26 -34.34
C TYR C 126 18.98 -17.47 -35.20
N LEU C 127 19.26 -17.38 -36.50
CA LEU C 127 18.95 -18.46 -37.44
C LEU C 127 20.18 -19.35 -37.59
N TYR C 128 20.06 -20.60 -37.15
CA TYR C 128 21.18 -21.53 -37.09
C TYR C 128 20.86 -22.80 -37.87
N ASP C 129 21.91 -23.47 -38.32
CA ASP C 129 21.80 -24.77 -38.98
C ASP C 129 22.67 -25.77 -38.24
N SER C 130 22.20 -27.01 -38.16
CA SER C 130 22.90 -28.07 -37.43
C SER C 130 23.94 -28.76 -38.32
N ASP C 131 24.82 -27.96 -38.93
CA ASP C 131 25.88 -28.47 -39.79
C ASP C 131 27.27 -28.25 -39.24
N ARG C 132 27.55 -27.09 -38.65
CA ARG C 132 28.84 -26.78 -38.07
C ARG C 132 28.80 -26.81 -36.55
N GLY C 133 27.91 -27.60 -35.97
CA GLY C 133 27.77 -27.68 -34.54
C GLY C 133 26.93 -26.55 -33.98
N LEU C 134 26.65 -26.65 -32.68
CA LEU C 134 25.82 -25.68 -31.98
C LEU C 134 26.61 -24.96 -30.88
N SER C 135 27.91 -24.77 -31.10
CA SER C 135 28.74 -24.16 -30.07
C SER C 135 28.50 -22.65 -29.99
N THR C 136 28.25 -22.01 -31.13
CA THR C 136 27.89 -20.61 -31.11
C THR C 136 26.47 -20.38 -30.59
N LEU C 137 25.59 -21.36 -30.81
CA LEU C 137 24.22 -21.24 -30.32
C LEU C 137 24.18 -21.29 -28.80
N GLN C 138 24.94 -22.20 -28.19
CA GLN C 138 25.04 -22.22 -26.74
C GLN C 138 25.76 -20.99 -26.21
N ALA C 139 26.68 -20.43 -27.00
CA ALA C 139 27.44 -19.27 -26.54
C ALA C 139 26.55 -18.05 -26.38
N VAL C 140 25.58 -17.86 -27.27
CA VAL C 140 24.67 -16.73 -27.14
C VAL C 140 23.57 -17.03 -26.14
N LEU C 141 23.18 -18.30 -26.00
CA LEU C 141 22.15 -18.66 -25.03
C LEU C 141 22.68 -18.66 -23.61
N ASP C 142 23.97 -18.96 -23.43
CA ASP C 142 24.59 -18.80 -22.12
C ASP C 142 24.71 -17.33 -21.74
N SER C 143 24.91 -16.47 -22.73
CA SER C 143 24.92 -15.02 -22.49
C SER C 143 23.51 -14.44 -22.46
N ALA C 144 22.50 -15.21 -22.92
CA ALA C 144 21.15 -14.69 -23.02
C ALA C 144 20.56 -14.37 -21.65
N ALA C 145 21.04 -15.02 -20.60
CA ALA C 145 20.62 -14.69 -19.25
C ALA C 145 21.55 -13.68 -18.59
N GLU C 146 22.86 -13.89 -18.75
CA GLU C 146 23.84 -12.99 -18.16
C GLU C 146 23.66 -11.56 -18.66
N LYS C 147 23.77 -11.36 -19.98
CA LYS C 147 23.59 -10.04 -20.57
C LYS C 147 22.13 -9.68 -20.81
N LYS C 148 21.20 -10.56 -20.43
CA LYS C 148 19.76 -10.27 -20.45
C LYS C 148 19.28 -9.87 -21.83
N TRP C 149 19.46 -10.78 -22.78
CA TRP C 149 18.86 -10.66 -24.10
C TRP C 149 17.57 -11.48 -24.14
N GLN C 150 16.87 -11.42 -25.28
CA GLN C 150 15.67 -12.22 -25.52
C GLN C 150 15.80 -12.80 -26.93
N VAL C 151 16.59 -13.87 -27.04
CA VAL C 151 16.89 -14.46 -28.35
C VAL C 151 15.68 -15.19 -28.89
N THR C 152 15.56 -15.21 -30.21
CA THR C 152 14.52 -15.97 -30.91
C THR C 152 15.22 -16.93 -31.88
N ALA C 153 15.87 -17.94 -31.33
CA ALA C 153 16.65 -18.88 -32.12
C ALA C 153 15.72 -19.88 -32.82
N ILE C 154 15.91 -20.03 -34.12
CA ILE C 154 15.08 -20.93 -34.94
C ILE C 154 16.00 -21.87 -35.68
N ASN C 155 15.68 -23.17 -35.66
CA ASN C 155 16.44 -24.16 -36.40
C ASN C 155 15.99 -24.17 -37.85
N VAL C 156 16.88 -23.81 -38.76
CA VAL C 156 16.57 -23.76 -40.19
C VAL C 156 17.27 -24.86 -40.97
N GLY C 157 18.11 -25.67 -40.32
CA GLY C 157 18.86 -26.68 -41.05
C GLY C 157 18.00 -27.84 -41.52
N ASN C 158 16.90 -28.11 -40.84
CA ASN C 158 16.05 -29.26 -41.17
C ASN C 158 14.87 -28.83 -42.03
N ILE C 159 15.17 -28.52 -43.29
CA ILE C 159 14.17 -28.17 -44.28
C ILE C 159 14.56 -28.81 -45.61
N ASN C 160 13.56 -29.14 -46.41
CA ASN C 160 13.76 -29.75 -47.73
C ASN C 160 13.64 -28.68 -48.82
N ASN C 161 14.15 -29.02 -50.00
CA ASN C 161 14.29 -28.02 -51.06
C ASN C 161 13.01 -27.82 -51.87
N ASP C 162 12.16 -28.84 -51.98
CA ASP C 162 10.97 -28.70 -52.81
C ASP C 162 9.88 -27.91 -52.11
N LYS C 163 9.85 -27.92 -50.78
CA LYS C 163 8.97 -27.06 -50.00
C LYS C 163 9.69 -25.85 -49.43
N LYS C 164 10.79 -25.44 -50.08
CA LYS C 164 11.63 -24.36 -49.54
C LYS C 164 10.93 -23.01 -49.64
N ASP C 165 10.05 -22.84 -50.62
CA ASP C 165 9.40 -21.54 -50.80
C ASP C 165 8.28 -21.35 -49.79
N GLU C 166 7.61 -22.42 -49.38
CA GLU C 166 6.48 -22.29 -48.47
C GLU C 166 6.94 -22.20 -47.02
N THR C 167 8.00 -22.92 -46.65
CA THR C 167 8.46 -22.93 -45.27
C THR C 167 9.32 -21.72 -44.93
N TYR C 168 9.98 -21.13 -45.93
CA TYR C 168 10.73 -19.90 -45.68
C TYR C 168 9.79 -18.73 -45.40
N ARG C 169 8.78 -18.55 -46.24
CA ARG C 169 7.77 -17.53 -45.98
C ARG C 169 6.96 -17.86 -44.73
N SER C 170 6.85 -19.14 -44.38
CA SER C 170 6.22 -19.52 -43.12
C SER C 170 7.08 -19.09 -41.94
N LEU C 171 8.39 -19.06 -42.11
CA LEU C 171 9.28 -18.68 -41.02
C LEU C 171 9.16 -17.20 -40.66
N PHE C 172 9.28 -16.33 -41.66
CA PHE C 172 9.28 -14.90 -41.40
C PHE C 172 7.93 -14.39 -40.91
N GLN C 173 6.84 -15.11 -41.17
CA GLN C 173 5.56 -14.71 -40.61
C GLN C 173 5.51 -14.96 -39.11
N ASP C 174 6.23 -15.96 -38.62
CA ASP C 174 6.37 -16.13 -37.18
C ASP C 174 7.34 -15.13 -36.58
N LEU C 175 8.36 -14.72 -37.33
CA LEU C 175 9.26 -13.66 -36.87
C LEU C 175 8.55 -12.32 -36.81
N GLU C 176 7.53 -12.12 -37.66
CA GLU C 176 6.77 -10.88 -37.65
C GLU C 176 5.86 -10.75 -36.43
N LEU C 177 5.65 -11.84 -35.68
CA LEU C 177 4.89 -11.75 -34.44
C LEU C 177 5.57 -10.81 -33.45
N LYS C 178 6.89 -10.92 -33.33
CA LYS C 178 7.66 -10.06 -32.45
C LYS C 178 8.11 -8.76 -33.12
N LYS C 179 7.82 -8.59 -34.41
CA LYS C 179 8.35 -7.49 -35.21
C LYS C 179 9.88 -7.47 -35.15
N GLU C 180 10.46 -8.63 -35.43
CA GLU C 180 11.91 -8.79 -35.35
C GLU C 180 12.57 -8.11 -36.54
N ARG C 181 13.48 -7.18 -36.26
CA ARG C 181 14.23 -6.49 -37.31
C ARG C 181 15.72 -6.81 -37.29
N ARG C 182 16.21 -7.52 -36.28
CA ARG C 182 17.61 -7.85 -36.13
C ARG C 182 17.76 -9.37 -36.16
N VAL C 183 18.36 -9.89 -37.23
CA VAL C 183 18.41 -11.32 -37.48
C VAL C 183 19.86 -11.72 -37.75
N ILE C 184 20.37 -12.67 -36.96
CA ILE C 184 21.70 -13.22 -37.13
C ILE C 184 21.59 -14.46 -38.03
N LEU C 185 22.55 -14.61 -38.94
CA LEU C 185 22.63 -15.78 -39.82
C LEU C 185 23.91 -16.54 -39.50
N ASP C 186 23.80 -17.55 -38.64
CA ASP C 186 24.90 -18.46 -38.37
C ASP C 186 24.69 -19.70 -39.25
N CYS C 187 24.97 -19.53 -40.53
CA CYS C 187 24.71 -20.56 -41.52
C CYS C 187 25.86 -20.63 -42.52
N GLU C 188 25.82 -21.69 -43.34
CA GLU C 188 26.83 -21.88 -44.37
C GLU C 188 26.70 -20.83 -45.47
N ARG C 189 27.76 -20.69 -46.26
CA ARG C 189 27.78 -19.67 -47.31
C ARG C 189 26.78 -19.96 -48.42
N ASP C 190 26.41 -21.22 -48.62
CA ASP C 190 25.43 -21.56 -49.65
C ASP C 190 24.00 -21.52 -49.13
N LYS C 191 23.79 -21.70 -47.83
CA LYS C 191 22.46 -21.59 -47.25
C LYS C 191 22.10 -20.16 -46.89
N VAL C 192 23.08 -19.28 -46.72
CA VAL C 192 22.78 -17.86 -46.53
C VAL C 192 22.18 -17.28 -47.81
N ASN C 193 22.80 -17.58 -48.96
CA ASN C 193 22.26 -17.11 -50.24
C ASN C 193 20.89 -17.70 -50.53
N ASP C 194 20.56 -18.85 -49.95
CA ASP C 194 19.19 -19.35 -50.02
C ASP C 194 18.25 -18.49 -49.17
N ILE C 195 18.71 -18.09 -47.99
CA ILE C 195 17.91 -17.21 -47.13
C ILE C 195 17.82 -15.82 -47.75
N VAL C 196 18.95 -15.30 -48.24
CA VAL C 196 18.98 -13.95 -48.80
C VAL C 196 18.05 -13.84 -50.00
N ASP C 197 18.04 -14.86 -50.86
CA ASP C 197 17.16 -14.84 -52.03
C ASP C 197 15.69 -14.84 -51.62
N GLN C 198 15.37 -15.39 -50.45
CA GLN C 198 13.99 -15.38 -49.97
C GLN C 198 13.67 -14.15 -49.12
N VAL C 199 14.69 -13.45 -48.63
CA VAL C 199 14.46 -12.18 -47.94
C VAL C 199 14.05 -11.11 -48.94
N ILE C 200 14.66 -11.12 -50.13
CA ILE C 200 14.32 -10.13 -51.15
C ILE C 200 12.91 -10.34 -51.66
N THR C 201 12.52 -11.60 -51.87
CA THR C 201 11.22 -11.89 -52.50
C THR C 201 10.07 -11.39 -51.64
N ILE C 202 10.12 -11.65 -50.34
CA ILE C 202 9.05 -11.19 -49.46
C ILE C 202 9.16 -9.70 -49.16
N GLY C 203 10.35 -9.11 -49.31
CA GLY C 203 10.51 -7.69 -49.14
C GLY C 203 10.89 -7.27 -47.74
N LYS C 204 11.84 -7.98 -47.13
CA LYS C 204 12.32 -7.62 -45.80
C LYS C 204 13.77 -7.20 -45.81
N HIS C 205 14.13 -6.31 -46.75
CA HIS C 205 15.49 -5.77 -46.80
C HIS C 205 15.46 -4.27 -47.08
N VAL C 206 14.41 -3.58 -46.66
CA VAL C 206 14.29 -2.14 -46.84
C VAL C 206 14.88 -1.43 -45.63
N LYS C 207 14.71 -0.11 -45.57
CA LYS C 207 15.18 0.65 -44.41
C LYS C 207 14.48 0.18 -43.16
N GLY C 208 15.25 -0.28 -42.18
CA GLY C 208 14.69 -0.77 -40.94
C GLY C 208 15.35 -2.04 -40.43
N TYR C 209 15.51 -3.02 -41.31
CA TYR C 209 16.11 -4.29 -40.92
C TYR C 209 17.63 -4.16 -40.78
N HIS C 210 18.23 -5.19 -40.19
CA HIS C 210 19.68 -5.26 -40.00
C HIS C 210 20.04 -6.72 -39.76
N TYR C 211 21.06 -7.20 -40.45
CA TYR C 211 21.44 -8.60 -40.40
C TYR C 211 22.90 -8.76 -40.07
N ILE C 212 23.24 -9.91 -39.49
CA ILE C 212 24.61 -10.28 -39.19
C ILE C 212 24.88 -11.63 -39.86
N ILE C 213 25.95 -11.69 -40.64
CA ILE C 213 26.39 -12.92 -41.29
C ILE C 213 27.48 -13.53 -40.41
N ALA C 214 27.16 -14.63 -39.73
CA ALA C 214 28.04 -15.21 -38.74
C ALA C 214 28.84 -16.35 -39.38
N ASN C 215 29.90 -15.98 -40.07
CA ASN C 215 30.89 -16.92 -40.59
C ASN C 215 32.09 -16.11 -41.07
N LEU C 216 33.21 -16.80 -41.24
CA LEU C 216 34.48 -16.16 -41.60
C LEU C 216 34.59 -15.84 -43.09
N GLY C 217 33.48 -15.85 -43.82
CA GLY C 217 33.50 -15.53 -45.23
C GLY C 217 32.39 -14.58 -45.64
N PHE C 218 32.52 -13.31 -45.28
CA PHE C 218 31.51 -12.33 -45.64
C PHE C 218 31.55 -12.03 -47.14
N THR C 219 32.74 -11.73 -47.66
CA THR C 219 32.90 -11.36 -49.06
C THR C 219 32.89 -12.55 -50.01
N ASP C 220 32.87 -13.78 -49.49
CA ASP C 220 32.88 -14.95 -50.37
C ASP C 220 31.52 -15.12 -51.05
N GLY C 221 30.44 -15.08 -50.29
CA GLY C 221 29.12 -15.20 -50.87
C GLY C 221 28.68 -13.92 -51.57
N ASP C 222 27.67 -14.06 -52.43
CA ASP C 222 27.16 -12.91 -53.18
C ASP C 222 26.44 -11.95 -52.23
N LEU C 223 26.85 -10.68 -52.28
CA LEU C 223 26.30 -9.67 -51.40
C LEU C 223 25.64 -8.50 -52.14
N LEU C 224 25.77 -8.44 -53.47
CA LEU C 224 25.25 -7.28 -54.19
C LEU C 224 23.73 -7.24 -54.19
N LYS C 225 23.07 -8.39 -54.03
CA LYS C 225 21.62 -8.43 -54.17
C LYS C 225 20.88 -7.82 -52.99
N ILE C 226 21.55 -7.52 -51.88
CA ILE C 226 20.93 -6.83 -50.77
C ILE C 226 21.78 -5.63 -50.40
N GLN C 227 22.60 -5.16 -51.34
CA GLN C 227 23.51 -4.05 -51.08
C GLN C 227 22.76 -2.71 -51.11
N PHE C 228 21.91 -2.52 -52.11
CA PHE C 228 21.18 -1.26 -52.27
C PHE C 228 19.76 -1.32 -51.70
N GLY C 229 19.46 -2.32 -50.88
CA GLY C 229 18.11 -2.45 -50.36
C GLY C 229 17.76 -1.41 -49.32
N GLY C 230 18.70 -1.12 -48.42
CA GLY C 230 18.46 -0.17 -47.36
C GLY C 230 18.84 -0.69 -45.99
N ALA C 231 18.62 -1.99 -45.77
CA ALA C 231 18.98 -2.62 -44.51
C ALA C 231 20.48 -2.82 -44.43
N GLU C 232 21.03 -2.62 -43.23
CA GLU C 232 22.46 -2.82 -43.01
C GLU C 232 22.76 -4.31 -42.82
N VAL C 233 23.96 -4.72 -43.23
CA VAL C 233 24.37 -6.11 -43.21
C VAL C 233 25.79 -6.19 -42.68
N SER C 234 25.98 -6.87 -41.55
CA SER C 234 27.29 -7.06 -40.96
C SER C 234 27.79 -8.49 -41.19
N GLY C 235 29.08 -8.69 -40.98
CA GLY C 235 29.67 -10.00 -41.18
C GLY C 235 31.14 -9.99 -40.83
N PHE C 236 31.69 -11.19 -40.73
CA PHE C 236 33.09 -11.39 -40.35
C PHE C 236 33.90 -11.84 -41.55
N GLN C 237 35.20 -11.54 -41.50
CA GLN C 237 36.13 -11.90 -42.56
C GLN C 237 37.49 -12.17 -41.95
N ILE C 238 38.11 -13.29 -42.38
CA ILE C 238 39.43 -13.66 -41.93
C ILE C 238 40.50 -13.38 -42.99
N VAL C 239 40.17 -13.49 -44.26
CA VAL C 239 41.14 -13.31 -45.34
C VAL C 239 41.19 -11.81 -45.65
N ASP C 240 42.21 -11.12 -45.15
CA ASP C 240 42.35 -9.69 -45.35
C ASP C 240 42.93 -9.43 -46.74
N TYR C 241 42.10 -8.94 -47.65
CA TYR C 241 42.55 -8.67 -49.01
C TYR C 241 43.41 -7.42 -49.13
N ASP C 242 43.46 -6.59 -48.08
CA ASP C 242 44.33 -5.43 -48.09
C ASP C 242 45.76 -5.76 -47.68
N ASP C 243 46.01 -6.97 -47.20
CA ASP C 243 47.35 -7.36 -46.78
C ASP C 243 48.24 -7.61 -47.99
N SER C 244 49.53 -7.33 -47.82
CA SER C 244 50.46 -7.39 -48.94
C SER C 244 50.81 -8.83 -49.32
N LEU C 245 50.80 -9.75 -48.36
CA LEU C 245 51.06 -11.15 -48.68
C LEU C 245 49.88 -11.77 -49.40
N VAL C 246 48.66 -11.29 -49.12
CA VAL C 246 47.47 -11.81 -49.79
C VAL C 246 47.38 -11.29 -51.21
N SER C 247 47.73 -10.01 -51.42
CA SER C 247 47.63 -9.44 -52.76
C SER C 247 48.60 -10.10 -53.72
N LYS C 248 49.80 -10.46 -53.23
CA LYS C 248 50.74 -11.21 -54.08
C LYS C 248 50.23 -12.61 -54.38
N PHE C 249 49.44 -13.19 -53.47
CA PHE C 249 48.85 -14.50 -53.74
C PHE C 249 47.68 -14.36 -54.72
N ILE C 250 46.84 -13.34 -54.55
CA ILE C 250 45.71 -13.15 -55.45
C ILE C 250 46.19 -12.81 -56.86
N GLU C 251 47.31 -12.10 -56.97
CA GLU C 251 47.86 -11.79 -58.29
C GLU C 251 48.30 -13.04 -59.03
N ARG C 252 48.70 -14.08 -58.29
CA ARG C 252 49.02 -15.37 -58.90
C ARG C 252 47.81 -16.28 -59.02
N TRP C 253 46.84 -16.13 -58.11
CA TRP C 253 45.68 -17.02 -58.09
C TRP C 253 44.78 -16.78 -59.29
N SER C 254 44.45 -15.53 -59.57
CA SER C 254 43.49 -15.22 -60.63
C SER C 254 44.02 -15.53 -62.02
N THR C 255 45.34 -15.59 -62.19
CA THR C 255 45.92 -15.85 -63.50
C THR C 255 45.91 -17.32 -63.90
N LEU C 256 45.57 -18.22 -62.98
CA LEU C 256 45.64 -19.65 -63.26
C LEU C 256 44.47 -20.08 -64.14
N GLU C 257 44.71 -21.11 -64.94
CA GLU C 257 43.70 -21.62 -65.86
C GLU C 257 42.66 -22.45 -65.12
N GLU C 258 41.40 -22.27 -65.50
CA GLU C 258 40.30 -22.86 -64.75
C GLU C 258 40.11 -24.35 -65.05
N LYS C 259 40.70 -24.86 -66.11
CA LYS C 259 40.48 -26.26 -66.47
C LYS C 259 41.21 -27.20 -65.52
N GLU C 260 42.44 -26.86 -65.15
CA GLU C 260 43.21 -27.72 -64.24
C GLU C 260 42.76 -27.53 -62.79
N TYR C 261 42.64 -26.29 -62.34
CA TYR C 261 42.19 -25.98 -60.99
C TYR C 261 40.77 -25.44 -61.05
N PRO C 262 39.76 -26.25 -60.69
CA PRO C 262 38.36 -25.80 -60.84
C PRO C 262 38.00 -24.77 -59.79
N GLY C 263 37.59 -23.59 -60.26
CA GLY C 263 37.12 -22.54 -59.37
C GLY C 263 38.17 -21.60 -58.85
N ALA C 264 39.24 -21.37 -59.63
CA ALA C 264 40.37 -20.58 -59.17
C ALA C 264 40.66 -19.35 -60.04
N HIS C 265 39.84 -19.07 -61.04
CA HIS C 265 40.07 -17.94 -61.93
C HIS C 265 39.36 -16.67 -61.46
N THR C 266 39.06 -16.56 -60.17
CA THR C 266 38.44 -15.38 -59.61
C THR C 266 39.46 -14.62 -58.75
N ALA C 267 39.05 -13.45 -58.28
CA ALA C 267 39.89 -12.66 -57.41
C ALA C 267 39.73 -13.03 -55.94
N THR C 268 38.59 -13.61 -55.55
CA THR C 268 38.31 -13.99 -54.19
C THR C 268 38.57 -15.47 -53.97
N ILE C 269 38.90 -15.82 -52.73
CA ILE C 269 39.12 -17.20 -52.31
C ILE C 269 38.34 -17.43 -51.03
N LYS C 270 37.72 -18.61 -50.91
CA LYS C 270 36.91 -18.90 -49.75
C LYS C 270 37.79 -19.17 -48.52
N TYR C 271 37.21 -18.92 -47.34
CA TYR C 271 37.99 -19.04 -46.11
C TYR C 271 38.39 -20.47 -45.82
N THR C 272 37.59 -21.45 -46.28
CA THR C 272 38.00 -22.85 -46.15
C THR C 272 39.19 -23.16 -47.04
N SER C 273 39.27 -22.52 -48.22
CA SER C 273 40.38 -22.78 -49.13
C SER C 273 41.63 -22.01 -48.72
N ALA C 274 41.47 -20.81 -48.17
CA ALA C 274 42.61 -20.03 -47.74
C ALA C 274 43.35 -20.72 -46.60
N LEU C 275 42.60 -21.22 -45.62
CA LEU C 275 43.20 -22.00 -44.54
C LEU C 275 43.77 -23.31 -45.04
N THR C 276 43.26 -23.83 -46.15
CA THR C 276 43.87 -25.02 -46.76
C THR C 276 45.26 -24.70 -47.29
N TYR C 277 45.42 -23.54 -47.95
CA TYR C 277 46.74 -23.12 -48.39
C TYR C 277 47.65 -22.84 -47.20
N ASP C 278 47.11 -22.21 -46.15
CA ASP C 278 47.90 -21.93 -44.96
C ASP C 278 48.30 -23.21 -44.23
N ALA C 279 47.47 -24.26 -44.31
CA ALA C 279 47.77 -25.49 -43.59
C ALA C 279 48.99 -26.20 -44.16
N VAL C 280 49.20 -26.11 -45.48
CA VAL C 280 50.39 -26.71 -46.07
C VAL C 280 51.65 -26.02 -45.54
N GLN C 281 51.58 -24.71 -45.34
CA GLN C 281 52.71 -23.98 -44.80
C GLN C 281 53.04 -24.41 -43.37
N VAL C 282 52.02 -24.78 -42.60
CA VAL C 282 52.25 -25.21 -41.23
C VAL C 282 52.82 -26.63 -41.20
N MET C 283 52.29 -27.53 -42.04
CA MET C 283 52.84 -28.87 -42.11
C MET C 283 54.26 -28.87 -42.63
N THR C 284 54.59 -27.97 -43.56
CA THR C 284 55.95 -27.85 -44.06
C THR C 284 56.90 -27.37 -42.96
N GLU C 285 56.53 -26.27 -42.28
CA GLU C 285 57.36 -25.76 -41.20
C GLU C 285 57.48 -26.72 -40.04
N ALA C 286 56.54 -27.67 -39.92
CA ALA C 286 56.63 -28.67 -38.86
C ALA C 286 57.73 -29.68 -39.14
N PHE C 287 57.71 -30.28 -40.34
CA PHE C 287 58.73 -31.26 -40.68
C PHE C 287 60.08 -30.62 -40.99
N ARG C 288 60.09 -29.31 -41.23
CA ARG C 288 61.37 -28.61 -41.41
C ARG C 288 62.07 -28.43 -40.08
N ASN C 289 61.32 -28.04 -39.05
CA ASN C 289 61.90 -27.88 -37.72
C ASN C 289 62.33 -29.20 -37.10
N LEU C 290 61.73 -30.31 -37.52
CA LEU C 290 62.14 -31.62 -37.02
C LEU C 290 63.53 -32.03 -37.49
N ARG C 291 63.97 -31.48 -38.62
CA ARG C 291 65.32 -31.76 -39.11
C ARG C 291 66.36 -30.92 -38.39
N LYS C 292 66.02 -29.66 -38.10
CA LYS C 292 66.98 -28.76 -37.45
C LYS C 292 67.20 -29.09 -35.98
N GLN C 293 66.24 -29.76 -35.34
CA GLN C 293 66.39 -30.17 -33.95
C GLN C 293 66.91 -31.59 -33.81
N ARG C 294 67.25 -32.24 -34.92
CA ARG C 294 67.82 -33.60 -34.92
C ARG C 294 66.86 -34.59 -34.25
N ILE C 295 65.69 -34.74 -34.86
CA ILE C 295 64.67 -35.68 -34.41
C ILE C 295 64.35 -36.61 -35.56
N GLU C 296 64.56 -37.91 -35.35
CA GLU C 296 64.29 -38.92 -36.37
C GLU C 296 62.84 -39.38 -36.23
N ILE C 297 62.07 -39.23 -37.31
CA ILE C 297 60.63 -39.50 -37.30
C ILE C 297 60.26 -40.65 -38.23
N SER C 298 61.24 -41.34 -38.80
CA SER C 298 60.94 -42.43 -39.72
C SER C 298 60.33 -43.61 -38.97
N ARG C 299 59.37 -44.27 -39.62
CA ARG C 299 58.71 -45.42 -39.02
C ARG C 299 59.66 -46.61 -38.94
N ARG C 300 59.46 -47.43 -37.90
CA ARG C 300 60.22 -48.68 -37.79
C ARG C 300 59.86 -49.62 -38.93
N GLY C 301 58.58 -49.70 -39.27
CA GLY C 301 58.12 -50.55 -40.36
C GLY C 301 56.67 -50.31 -40.69
N ASN C 302 55.92 -51.39 -40.95
CA ASN C 302 54.50 -51.27 -41.23
C ASN C 302 53.72 -51.02 -39.94
N ALA C 303 52.74 -50.12 -40.03
CA ALA C 303 51.88 -49.87 -38.88
C ALA C 303 50.97 -51.06 -38.61
N GLY C 304 50.49 -51.71 -39.66
CA GLY C 304 49.65 -52.88 -39.53
C GLY C 304 48.18 -52.56 -39.76
N ASP C 305 47.33 -53.00 -38.84
CA ASP C 305 45.89 -52.74 -38.89
C ASP C 305 45.53 -51.70 -37.86
N CYS C 306 44.69 -50.74 -38.25
CA CYS C 306 44.28 -49.68 -37.33
C CYS C 306 43.44 -50.23 -36.17
N LEU C 307 42.79 -51.37 -36.36
CA LEU C 307 42.03 -52.03 -35.29
C LEU C 307 42.92 -52.91 -34.41
N ALA C 308 44.10 -52.43 -34.05
CA ALA C 308 45.02 -53.23 -33.26
C ALA C 308 44.52 -53.34 -31.82
N ASN C 309 44.42 -54.58 -31.33
CA ASN C 309 43.99 -54.83 -29.96
C ASN C 309 44.97 -55.77 -29.27
N PRO C 310 45.75 -55.26 -28.30
CA PRO C 310 45.74 -53.89 -27.76
C PRO C 310 46.26 -52.82 -28.73
N ALA C 311 45.84 -51.57 -28.51
CA ALA C 311 46.23 -50.48 -29.39
C ALA C 311 47.69 -50.09 -29.14
N VAL C 312 48.41 -49.86 -30.24
CA VAL C 312 49.82 -49.51 -30.19
C VAL C 312 49.99 -48.12 -30.79
N PRO C 313 50.16 -47.08 -29.96
CA PRO C 313 50.44 -45.75 -30.50
C PRO C 313 51.93 -45.53 -30.71
N TRP C 314 52.34 -45.22 -31.94
CA TRP C 314 53.75 -45.03 -32.22
C TRP C 314 54.29 -43.83 -31.43
N GLY C 315 55.53 -43.96 -30.95
CA GLY C 315 56.06 -42.98 -30.03
C GLY C 315 56.38 -41.65 -30.68
N GLN C 316 56.90 -41.69 -31.91
CA GLN C 316 57.31 -40.45 -32.58
C GLN C 316 56.12 -39.60 -33.01
N GLY C 317 54.88 -40.05 -32.80
CA GLY C 317 53.74 -39.22 -33.13
C GLY C 317 53.57 -38.06 -32.18
N VAL C 318 54.09 -38.18 -30.97
CA VAL C 318 53.97 -37.09 -30.01
C VAL C 318 54.92 -35.95 -30.37
N GLU C 319 56.02 -36.25 -31.07
CA GLU C 319 56.93 -35.19 -31.50
C GLU C 319 56.34 -34.39 -32.65
N ILE C 320 55.53 -35.03 -33.50
CA ILE C 320 54.89 -34.31 -34.59
C ILE C 320 53.81 -33.39 -34.06
N GLU C 321 53.07 -33.83 -33.04
CA GLU C 321 52.09 -32.96 -32.40
C GLU C 321 52.78 -31.74 -31.79
N ARG C 322 53.89 -31.96 -31.09
CA ARG C 322 54.63 -30.84 -30.48
C ARG C 322 55.16 -29.90 -31.55
N ALA C 323 55.66 -30.45 -32.66
CA ALA C 323 56.25 -29.61 -33.71
C ALA C 323 55.18 -28.80 -34.43
N LEU C 324 54.04 -29.43 -34.74
CA LEU C 324 52.99 -28.73 -35.48
C LEU C 324 52.44 -27.56 -34.69
N LYS C 325 52.27 -27.73 -33.37
CA LYS C 325 51.71 -26.67 -32.54
C LYS C 325 52.70 -25.56 -32.23
N GLN C 326 54.00 -25.84 -32.34
CA GLN C 326 55.02 -24.83 -32.11
C GLN C 326 55.19 -23.87 -33.29
N VAL C 327 54.58 -24.16 -34.43
CA VAL C 327 54.82 -23.38 -35.64
C VAL C 327 54.19 -21.99 -35.50
N GLN C 328 54.92 -20.97 -35.93
CA GLN C 328 54.40 -19.61 -35.98
C GLN C 328 54.90 -18.95 -37.26
N VAL C 329 53.99 -18.71 -38.20
CA VAL C 329 54.27 -18.03 -39.45
C VAL C 329 53.10 -17.12 -39.78
N GLU C 330 53.23 -16.39 -40.89
CA GLU C 330 52.19 -15.48 -41.36
C GLU C 330 51.57 -16.07 -42.63
N GLY C 331 50.26 -16.30 -42.60
CA GLY C 331 49.57 -16.84 -43.74
C GLY C 331 48.39 -16.00 -44.18
N LEU C 332 47.51 -16.56 -45.02
CA LEU C 332 46.37 -15.80 -45.54
C LEU C 332 45.38 -15.43 -44.44
N SER C 333 45.37 -16.15 -43.32
CA SER C 333 44.48 -15.84 -42.20
C SER C 333 45.12 -14.92 -41.18
N GLY C 334 46.08 -14.10 -41.59
CA GLY C 334 46.75 -13.24 -40.63
C GLY C 334 47.81 -14.04 -39.89
N ASN C 335 47.88 -13.82 -38.57
CA ASN C 335 48.85 -14.52 -37.74
C ASN C 335 48.34 -15.91 -37.42
N ILE C 336 49.20 -16.92 -37.57
CA ILE C 336 48.84 -18.32 -37.40
C ILE C 336 49.67 -18.88 -36.25
N LYS C 337 49.06 -18.97 -35.07
CA LYS C 337 49.72 -19.54 -33.90
C LYS C 337 48.72 -20.44 -33.18
N PHE C 338 49.26 -21.42 -32.45
CA PHE C 338 48.43 -22.45 -31.82
C PHE C 338 48.78 -22.58 -30.35
N ASP C 339 47.82 -23.10 -29.59
CA ASP C 339 48.01 -23.43 -28.18
C ASP C 339 48.22 -24.94 -28.03
N GLN C 340 48.30 -25.39 -26.78
CA GLN C 340 48.57 -26.80 -26.53
C GLN C 340 47.45 -27.71 -27.01
N ASN C 341 46.22 -27.18 -27.12
CA ASN C 341 45.10 -27.98 -27.59
C ASN C 341 44.95 -27.94 -29.11
N GLY C 342 45.45 -26.90 -29.77
CA GLY C 342 45.32 -26.75 -31.21
C GLY C 342 44.44 -25.60 -31.64
N LYS C 343 43.76 -24.94 -30.71
CA LYS C 343 42.94 -23.78 -31.06
C LYS C 343 43.81 -22.68 -31.64
N ARG C 344 43.23 -21.92 -32.57
CA ARG C 344 43.89 -20.72 -33.05
C ARG C 344 43.94 -19.70 -31.92
N ILE C 345 45.11 -19.06 -31.76
CA ILE C 345 45.31 -18.00 -30.79
C ILE C 345 46.03 -16.86 -31.47
N ASN C 346 45.85 -15.66 -30.93
CA ASN C 346 46.52 -14.46 -31.44
C ASN C 346 46.17 -14.23 -32.91
N TYR C 347 44.88 -14.33 -33.21
CA TYR C 347 44.37 -14.19 -34.57
C TYR C 347 43.59 -12.89 -34.70
N THR C 348 43.27 -12.55 -35.96
CA THR C 348 42.64 -11.28 -36.28
C THR C 348 41.45 -11.53 -37.19
N ILE C 349 40.25 -11.35 -36.66
CA ILE C 349 39.01 -11.41 -37.44
C ILE C 349 38.55 -9.98 -37.69
N ASN C 350 38.45 -9.61 -38.97
CA ASN C 350 37.95 -8.30 -39.35
C ASN C 350 36.43 -8.35 -39.47
N ILE C 351 35.78 -7.27 -39.06
CA ILE C 351 34.33 -7.15 -39.09
C ILE C 351 33.95 -6.18 -40.21
N MET C 352 33.00 -6.59 -41.04
CA MET C 352 32.66 -5.85 -42.25
C MET C 352 31.21 -5.40 -42.21
N GLU C 353 30.94 -4.29 -42.89
CA GLU C 353 29.59 -3.78 -43.08
C GLU C 353 29.36 -3.49 -44.55
N LEU C 354 28.09 -3.51 -44.95
CA LEU C 354 27.68 -3.38 -46.35
C LEU C 354 26.94 -2.07 -46.53
N LYS C 355 27.54 -1.14 -47.27
CA LYS C 355 26.94 0.15 -47.56
C LYS C 355 26.62 0.24 -49.05
N THR C 356 26.55 1.46 -49.59
CA THR C 356 26.18 1.64 -50.98
C THR C 356 27.31 1.26 -51.93
N ASN C 357 28.56 1.38 -51.49
CA ASN C 357 29.72 1.14 -52.35
C ASN C 357 30.24 -0.28 -52.28
N GLY C 358 29.67 -1.13 -51.43
CA GLY C 358 30.12 -2.49 -51.31
C GLY C 358 30.65 -2.80 -49.92
N PRO C 359 31.44 -3.87 -49.79
CA PRO C 359 31.98 -4.23 -48.48
C PRO C 359 33.04 -3.23 -48.02
N ARG C 360 33.03 -2.93 -46.73
CA ARG C 360 33.92 -1.94 -46.15
C ARG C 360 34.40 -2.42 -44.79
N LYS C 361 35.70 -2.25 -44.54
CA LYS C 361 36.31 -2.71 -43.29
C LYS C 361 35.96 -1.75 -42.16
N ILE C 362 35.24 -2.25 -41.15
CA ILE C 362 34.80 -1.42 -40.05
C ILE C 362 35.24 -1.97 -38.69
N GLY C 363 35.66 -3.23 -38.59
CA GLY C 363 35.96 -3.85 -37.31
C GLY C 363 37.25 -4.62 -37.34
N TYR C 364 37.62 -5.11 -36.15
CA TYR C 364 38.88 -5.80 -35.92
C TYR C 364 38.83 -6.43 -34.53
N TRP C 365 38.85 -7.75 -34.46
CA TRP C 365 38.64 -8.48 -33.21
C TRP C 365 39.88 -9.30 -32.86
N SER C 366 40.12 -9.43 -31.55
CA SER C 366 41.25 -10.18 -31.03
C SER C 366 40.80 -10.94 -29.78
N GLU C 367 41.60 -11.95 -29.42
CA GLU C 367 41.28 -12.72 -28.23
C GLU C 367 41.57 -11.95 -26.95
N VAL C 368 42.42 -10.92 -27.02
CA VAL C 368 42.77 -10.12 -25.86
C VAL C 368 42.00 -8.81 -25.89
N ASP C 369 41.67 -8.33 -27.08
CA ASP C 369 41.00 -7.05 -27.28
C ASP C 369 39.72 -7.27 -28.07
N LYS C 370 38.61 -6.75 -27.55
CA LYS C 370 37.29 -6.93 -28.16
C LYS C 370 36.87 -5.62 -28.81
N MET C 371 36.78 -5.63 -30.15
CA MET C 371 36.16 -4.57 -30.93
C MET C 371 36.92 -3.25 -30.90
N VAL C 372 37.58 -2.90 -32.01
CA VAL C 372 38.26 -1.61 -32.16
C VAL C 372 38.71 -1.45 -33.61
N LEU C 373 38.56 -0.24 -34.15
CA LEU C 373 39.05 0.06 -35.49
C LEU C 373 39.15 1.57 -35.65
N THR C 374 40.23 2.03 -36.28
CA THR C 374 40.44 3.45 -36.51
C THR C 374 39.55 3.93 -37.65
N GLU C 375 38.84 5.03 -37.42
CA GLU C 375 37.80 5.51 -38.32
C GLU C 375 38.33 6.29 -39.51
N ASP C 376 39.63 6.19 -39.83
CA ASP C 376 40.14 6.83 -41.03
C ASP C 376 39.57 6.18 -42.29
N ASP C 377 39.33 4.87 -42.24
CA ASP C 377 38.69 4.18 -43.36
C ASP C 377 37.18 4.25 -43.26
N THR C 378 36.64 4.41 -42.05
CA THR C 378 35.19 4.44 -41.84
C THR C 378 34.56 5.62 -42.58
N SER C 379 33.93 5.31 -43.72
CA SER C 379 33.29 6.25 -44.68
C SER C 379 34.33 6.44 -45.86
N GLY C 380 34.89 7.60 -46.24
CA GLY C 380 34.75 8.96 -45.73
C GLY C 380 33.99 9.89 -46.66
N LEU C 381 32.94 9.36 -47.30
CA LEU C 381 32.08 10.19 -48.14
C LEU C 381 31.02 10.90 -47.32
N GLU C 382 30.40 10.20 -46.38
CA GLU C 382 29.48 10.77 -45.40
C GLU C 382 28.24 11.37 -46.08
N GLN C 383 27.49 10.50 -46.75
CA GLN C 383 26.25 10.86 -47.43
C GLN C 383 25.08 10.32 -46.61
N LYS C 384 24.56 11.16 -45.71
CA LYS C 384 23.46 10.80 -44.84
C LYS C 384 22.15 11.39 -45.35
N THR C 385 21.11 10.57 -45.39
CA THR C 385 19.77 11.01 -45.78
C THR C 385 18.79 10.60 -44.68
N VAL C 386 18.14 11.60 -44.08
CA VAL C 386 17.31 11.40 -42.90
C VAL C 386 15.85 11.33 -43.31
N VAL C 387 15.14 10.31 -42.82
CA VAL C 387 13.71 10.16 -43.02
C VAL C 387 13.02 10.70 -41.76
N VAL C 388 12.17 11.71 -41.95
CA VAL C 388 11.45 12.35 -40.85
C VAL C 388 9.97 12.01 -41.00
N THR C 389 9.33 11.63 -39.89
CA THR C 389 7.93 11.29 -39.88
C THR C 389 7.13 12.31 -39.10
N THR C 390 5.90 12.56 -39.54
CA THR C 390 5.00 13.47 -38.87
C THR C 390 3.57 13.12 -39.28
N ILE C 391 2.61 13.86 -38.74
CA ILE C 391 1.19 13.63 -38.97
C ILE C 391 0.56 14.91 -39.50
N LEU C 392 -0.44 14.74 -40.36
CA LEU C 392 -1.17 15.88 -40.93
C LEU C 392 -2.20 16.36 -39.92
N GLU C 393 -1.92 17.51 -39.29
CA GLU C 393 -2.88 18.16 -38.42
C GLU C 393 -2.53 19.63 -38.30
N SER C 394 -3.55 20.48 -38.37
CA SER C 394 -3.37 21.92 -38.31
C SER C 394 -3.01 22.37 -36.90
N PRO C 395 -2.10 23.36 -36.78
CA PRO C 395 -1.34 23.96 -37.88
C PRO C 395 0.12 23.50 -37.87
N TYR C 396 0.38 22.34 -37.30
CA TYR C 396 1.76 21.86 -37.18
C TYR C 396 2.29 21.38 -38.52
N VAL C 397 1.51 20.60 -39.25
CA VAL C 397 1.85 20.13 -40.59
C VAL C 397 0.60 20.23 -41.44
N MET C 398 0.66 21.01 -42.52
CA MET C 398 -0.48 21.22 -43.39
C MET C 398 -0.05 21.12 -44.85
N MET C 399 -1.01 20.84 -45.72
CA MET C 399 -0.76 20.79 -47.16
C MET C 399 -1.10 22.14 -47.78
N LYS C 400 -0.26 22.57 -48.71
CA LYS C 400 -0.37 23.91 -49.28
C LYS C 400 -1.57 24.01 -50.22
N LYS C 401 -1.80 25.23 -50.71
CA LYS C 401 -2.92 25.47 -51.63
C LYS C 401 -2.67 24.81 -52.98
N ASN C 402 -1.43 24.84 -53.46
CA ASN C 402 -1.05 24.26 -54.74
C ASN C 402 -0.12 23.06 -54.50
N HIS C 403 -0.69 22.01 -53.94
CA HIS C 403 0.09 20.82 -53.60
C HIS C 403 0.32 19.90 -54.80
N GLU C 404 -0.50 20.02 -55.84
CA GLU C 404 -0.37 19.12 -56.98
C GLU C 404 0.81 19.49 -57.87
N MET C 405 1.07 20.78 -58.04
CA MET C 405 2.13 21.21 -58.95
C MET C 405 3.51 21.07 -58.34
N LEU C 406 3.63 21.17 -57.02
CA LEU C 406 4.92 21.08 -56.35
C LEU C 406 5.22 19.63 -55.94
N GLU C 407 6.46 19.40 -55.54
CA GLU C 407 6.91 18.07 -55.15
C GLU C 407 8.07 18.20 -54.16
N GLY C 408 8.11 17.31 -53.18
CA GLY C 408 9.20 17.27 -52.23
C GLY C 408 8.86 17.80 -50.86
N ASN C 409 9.83 18.47 -50.22
CA ASN C 409 9.61 18.99 -48.87
C ASN C 409 8.73 20.24 -48.90
N GLU C 410 8.77 21.01 -49.98
CA GLU C 410 7.94 22.20 -50.09
C GLU C 410 6.46 21.88 -50.19
N ARG C 411 6.10 20.61 -50.36
CA ARG C 411 4.69 20.24 -50.48
C ARG C 411 3.90 20.67 -49.25
N TYR C 412 4.51 20.61 -48.07
CA TYR C 412 3.82 20.85 -46.82
C TYR C 412 4.33 22.12 -46.16
N GLU C 413 3.48 22.70 -45.31
CA GLU C 413 3.81 23.90 -44.57
C GLU C 413 3.18 23.81 -43.18
N GLY C 414 3.88 24.32 -42.18
CA GLY C 414 3.36 24.30 -40.83
C GLY C 414 4.43 24.64 -39.81
N TYR C 415 4.05 24.53 -38.54
CA TYR C 415 4.96 24.84 -37.44
C TYR C 415 6.14 23.88 -37.42
N CYS C 416 5.86 22.58 -37.34
CA CYS C 416 6.93 21.59 -37.32
C CYS C 416 7.71 21.59 -38.62
N VAL C 417 7.06 21.94 -39.73
CA VAL C 417 7.77 22.04 -41.01
C VAL C 417 8.88 23.08 -40.91
N ASP C 418 8.54 24.28 -40.43
CA ASP C 418 9.57 25.29 -40.18
C ASP C 418 10.55 24.80 -39.12
N LEU C 419 10.07 24.08 -38.11
CA LEU C 419 10.95 23.53 -37.10
C LEU C 419 11.89 22.49 -37.70
N ALA C 420 11.41 21.72 -38.67
CA ALA C 420 12.22 20.68 -39.30
C ALA C 420 13.49 21.27 -39.90
N ALA C 421 13.40 22.45 -40.49
CA ALA C 421 14.57 23.11 -41.03
C ALA C 421 15.46 23.65 -39.92
N GLU C 422 14.87 24.37 -38.96
CA GLU C 422 15.64 24.93 -37.86
C GLU C 422 16.35 23.83 -37.06
N ILE C 423 15.76 22.64 -37.00
CA ILE C 423 16.46 21.50 -36.42
C ILE C 423 17.64 21.09 -37.31
N ALA C 424 17.39 20.96 -38.61
CA ALA C 424 18.43 20.53 -39.54
C ALA C 424 19.54 21.57 -39.68
N LYS C 425 19.26 22.84 -39.38
CA LYS C 425 20.29 23.87 -39.55
C LYS C 425 21.32 23.81 -38.43
N HIS C 426 20.88 23.54 -37.20
CA HIS C 426 21.77 23.46 -36.06
C HIS C 426 22.40 22.08 -35.88
N CYS C 427 22.14 21.16 -36.80
CA CYS C 427 22.82 19.86 -36.84
C CYS C 427 23.49 19.59 -38.17
N GLY C 428 22.82 19.86 -39.29
CA GLY C 428 23.41 19.67 -40.60
C GLY C 428 23.12 18.30 -41.18
N PHE C 429 21.90 18.09 -41.63
CA PHE C 429 21.53 16.82 -42.26
C PHE C 429 20.44 17.06 -43.29
N LYS C 430 20.48 16.29 -44.37
CA LYS C 430 19.51 16.37 -45.45
C LYS C 430 18.30 15.50 -45.10
N TYR C 431 17.19 16.14 -44.73
CA TYR C 431 16.03 15.43 -44.23
C TYR C 431 14.99 15.23 -45.33
N LYS C 432 13.89 14.58 -44.96
CA LYS C 432 12.80 14.28 -45.87
C LYS C 432 11.53 14.13 -45.05
N LEU C 433 10.49 14.90 -45.39
CA LEU C 433 9.27 14.96 -44.60
C LEU C 433 8.30 13.90 -45.08
N THR C 434 8.14 12.84 -44.29
CA THR C 434 7.25 11.73 -44.60
C THR C 434 6.02 11.78 -43.69
N ILE C 435 4.87 11.46 -44.26
CA ILE C 435 3.62 11.38 -43.51
C ILE C 435 3.46 9.97 -42.97
N VAL C 436 2.98 9.86 -41.74
CA VAL C 436 2.77 8.54 -41.14
C VAL C 436 1.63 7.83 -41.86
N GLY C 437 1.78 6.53 -42.07
CA GLY C 437 0.86 5.80 -42.90
C GLY C 437 -0.49 5.51 -42.27
N ASP C 438 -0.56 5.54 -40.93
CA ASP C 438 -1.80 5.27 -40.22
C ASP C 438 -2.24 6.43 -39.35
N GLY C 439 -1.36 6.97 -38.52
CA GLY C 439 -1.71 8.07 -37.64
C GLY C 439 -1.71 7.69 -36.18
N LYS C 440 -2.61 8.32 -35.40
CA LYS C 440 -2.82 8.00 -33.98
C LYS C 440 -1.59 8.28 -33.12
N TYR C 441 -0.69 9.16 -33.58
CA TYR C 441 0.52 9.53 -32.85
C TYR C 441 1.35 8.29 -32.50
N GLY C 442 1.26 7.84 -31.25
CA GLY C 442 2.01 6.68 -30.80
C GLY C 442 1.35 5.94 -29.65
N ALA C 443 0.83 4.75 -29.93
CA ALA C 443 0.13 3.95 -28.93
C ALA C 443 0.60 2.50 -29.02
N ARG C 444 0.25 1.72 -27.99
CA ARG C 444 0.62 0.32 -27.91
C ARG C 444 -0.63 -0.52 -27.67
N ASP C 445 -0.80 -1.56 -28.48
CA ASP C 445 -1.97 -2.42 -28.38
C ASP C 445 -1.92 -3.23 -27.09
N ALA C 446 -3.11 -3.62 -26.62
CA ALA C 446 -3.18 -4.39 -25.38
C ALA C 446 -2.84 -5.86 -25.60
N ASP C 447 -3.45 -6.48 -26.62
CA ASP C 447 -3.22 -7.90 -26.86
C ASP C 447 -1.85 -8.14 -27.49
N THR C 448 -1.65 -7.62 -28.70
CA THR C 448 -0.43 -7.93 -29.46
C THR C 448 0.78 -7.17 -28.95
N LYS C 449 0.57 -5.99 -28.35
CA LYS C 449 1.66 -5.14 -27.85
C LYS C 449 2.62 -4.76 -28.98
N ILE C 450 2.04 -4.25 -30.08
CA ILE C 450 2.79 -3.75 -31.21
C ILE C 450 2.51 -2.25 -31.31
N TRP C 451 3.58 -1.46 -31.40
CA TRP C 451 3.42 -0.01 -31.50
C TRP C 451 2.95 0.38 -32.90
N ASN C 452 2.24 1.51 -32.97
CA ASN C 452 1.73 2.02 -34.23
C ASN C 452 1.93 3.52 -34.28
N GLY C 453 1.84 4.08 -35.48
CA GLY C 453 1.98 5.51 -35.66
C GLY C 453 3.43 5.96 -35.77
N MET C 454 3.63 7.26 -35.51
CA MET C 454 4.95 7.85 -35.68
C MET C 454 5.97 7.22 -34.74
N VAL C 455 5.59 6.96 -33.50
CA VAL C 455 6.52 6.36 -32.54
C VAL C 455 6.94 4.98 -33.03
N GLY C 456 6.02 4.25 -33.66
CA GLY C 456 6.35 2.92 -34.15
C GLY C 456 7.40 2.96 -35.25
N GLU C 457 7.33 3.96 -36.13
CA GLU C 457 8.28 4.06 -37.23
C GLU C 457 9.66 4.49 -36.76
N LEU C 458 9.85 4.75 -35.47
CA LEU C 458 11.16 4.96 -34.88
C LEU C 458 11.73 3.70 -34.25
N VAL C 459 10.90 2.93 -33.55
CA VAL C 459 11.36 1.71 -32.93
C VAL C 459 11.69 0.66 -33.98
N TYR C 460 10.95 0.63 -35.08
CA TYR C 460 11.15 -0.35 -36.13
C TYR C 460 12.12 0.11 -37.21
N GLY C 461 12.72 1.29 -37.06
CA GLY C 461 13.73 1.75 -37.99
C GLY C 461 13.21 2.26 -39.31
N LYS C 462 11.89 2.39 -39.47
CA LYS C 462 11.35 2.89 -40.74
C LYS C 462 11.53 4.40 -40.88
N ALA C 463 11.73 5.11 -39.78
CA ALA C 463 12.09 6.51 -39.80
C ALA C 463 13.30 6.73 -38.90
N ASP C 464 13.91 7.91 -39.00
CA ASP C 464 15.08 8.25 -38.21
C ASP C 464 14.80 9.27 -37.12
N ILE C 465 13.69 9.98 -37.19
CA ILE C 465 13.29 10.95 -36.17
C ILE C 465 11.82 11.29 -36.36
N ALA C 466 11.15 11.71 -35.29
CA ALA C 466 9.73 12.06 -35.34
C ALA C 466 9.56 13.48 -34.80
N ILE C 467 9.34 14.43 -35.70
CA ILE C 467 9.08 15.83 -35.34
C ILE C 467 7.60 16.09 -35.60
N ALA C 468 6.85 16.39 -34.53
CA ALA C 468 5.40 16.56 -34.58
C ALA C 468 4.89 17.03 -33.22
N PRO C 469 3.60 17.36 -33.07
CA PRO C 469 3.10 17.65 -31.72
C PRO C 469 2.91 16.38 -30.92
N LEU C 470 4.03 15.73 -30.57
CA LEU C 470 4.00 14.41 -29.96
C LEU C 470 3.97 14.54 -28.43
N THR C 471 2.95 13.97 -27.81
CA THR C 471 2.81 14.05 -26.36
C THR C 471 3.96 13.33 -25.67
N ILE C 472 4.55 13.99 -24.68
CA ILE C 472 5.65 13.40 -23.91
C ILE C 472 5.01 12.62 -22.77
N THR C 473 4.70 11.35 -23.02
CA THR C 473 4.13 10.47 -22.02
C THR C 473 5.16 9.44 -21.57
N LEU C 474 4.88 8.79 -20.44
CA LEU C 474 5.82 7.82 -19.89
C LEU C 474 5.89 6.57 -20.75
N VAL C 475 4.75 6.09 -21.24
CA VAL C 475 4.74 4.87 -22.05
C VAL C 475 5.56 5.05 -23.31
N ARG C 476 5.67 6.29 -23.82
CA ARG C 476 6.48 6.53 -25.00
C ARG C 476 7.94 6.76 -24.65
N GLU C 477 8.22 7.33 -23.47
CA GLU C 477 9.61 7.54 -23.06
C GLU C 477 10.34 6.22 -22.87
N GLU C 478 9.61 5.15 -22.56
CA GLU C 478 10.24 3.85 -22.37
C GLU C 478 10.79 3.30 -23.68
N VAL C 479 10.24 3.70 -24.82
CA VAL C 479 10.63 3.13 -26.10
C VAL C 479 11.38 4.11 -27.00
N ILE C 480 11.24 5.42 -26.80
CA ILE C 480 11.94 6.41 -27.60
C ILE C 480 12.46 7.53 -26.71
N ASP C 481 13.58 8.13 -27.12
CA ASP C 481 14.16 9.25 -26.41
C ASP C 481 13.46 10.54 -26.84
N PHE C 482 12.80 11.20 -25.90
CA PHE C 482 12.19 12.49 -26.17
C PHE C 482 13.19 13.61 -25.97
N SER C 483 13.03 14.67 -26.76
CA SER C 483 13.73 15.91 -26.49
C SER C 483 12.97 16.70 -25.43
N LYS C 484 13.62 17.74 -24.91
CA LYS C 484 12.95 18.63 -23.98
C LYS C 484 11.76 19.30 -24.68
N PRO C 485 10.80 19.82 -23.93
CA PRO C 485 9.60 20.39 -24.55
C PRO C 485 9.93 21.64 -25.35
N PHE C 486 9.51 21.65 -26.62
CA PHE C 486 9.58 22.85 -27.44
C PHE C 486 8.33 23.71 -27.32
N MET C 487 7.33 23.27 -26.57
CA MET C 487 6.05 23.98 -26.51
C MET C 487 5.28 23.43 -25.31
N SER C 488 5.27 24.20 -24.22
CA SER C 488 4.53 23.83 -23.03
C SER C 488 3.05 24.10 -23.23
N LEU C 489 2.22 23.24 -22.64
CA LEU C 489 0.78 23.32 -22.84
C LEU C 489 0.07 22.64 -21.66
N GLY C 490 -1.25 22.51 -21.77
CA GLY C 490 -2.05 21.85 -20.76
C GLY C 490 -3.50 21.84 -21.19
N ILE C 491 -4.31 21.14 -20.41
CA ILE C 491 -5.75 21.07 -20.68
C ILE C 491 -6.40 22.41 -20.33
N SER C 492 -7.33 22.85 -21.17
CA SER C 492 -7.92 24.18 -21.03
C SER C 492 -9.43 24.08 -21.23
N ILE C 493 -10.07 25.25 -21.34
CA ILE C 493 -11.51 25.35 -21.48
C ILE C 493 -11.83 26.22 -22.70
N MET C 494 -12.94 25.91 -23.36
CA MET C 494 -13.39 26.66 -24.53
C MET C 494 -14.89 26.89 -24.43
N ILE C 495 -15.30 28.15 -24.54
CA ILE C 495 -16.71 28.54 -24.47
C ILE C 495 -17.00 29.56 -25.58
N LYS C 496 -18.28 29.88 -25.73
CA LYS C 496 -18.70 30.82 -26.75
C LYS C 496 -18.34 32.25 -26.35
N LYS C 497 -18.51 33.18 -27.30
CA LYS C 497 -18.27 34.59 -27.06
C LYS C 497 -19.46 35.20 -26.34
N PRO C 498 -19.29 35.66 -25.10
CA PRO C 498 -20.44 36.11 -24.30
C PRO C 498 -20.85 37.54 -24.63
N GLN C 499 -21.97 37.95 -24.01
CA GLN C 499 -22.45 39.33 -24.05
C GLN C 499 -22.75 39.79 -25.48
N LYS C 500 -23.56 39.02 -26.18
CA LYS C 500 -23.87 39.30 -27.57
C LYS C 500 -25.10 40.19 -27.75
N SER C 501 -25.62 40.77 -26.68
CA SER C 501 -26.91 41.45 -26.71
C SER C 501 -27.16 42.22 -25.40
N LYS C 502 -28.02 43.25 -25.37
CA LYS C 502 -28.74 43.84 -26.51
C LYS C 502 -29.14 45.29 -26.21
N PRO C 503 -28.68 46.23 -27.04
CA PRO C 503 -29.16 47.61 -26.92
C PRO C 503 -30.32 47.90 -27.86
N GLY C 504 -30.96 49.05 -27.70
CA GLY C 504 -32.04 49.46 -28.58
C GLY C 504 -33.22 50.03 -27.82
N VAL C 505 -34.08 50.75 -28.55
CA VAL C 505 -35.23 51.40 -27.93
C VAL C 505 -36.32 50.43 -27.50
N PHE C 506 -36.23 49.16 -27.91
CA PHE C 506 -37.19 48.17 -27.44
C PHE C 506 -36.91 47.78 -25.99
N SER C 507 -35.66 47.87 -25.55
CA SER C 507 -35.31 47.63 -24.17
C SER C 507 -35.53 48.84 -23.28
N PHE C 508 -35.90 49.98 -23.87
CA PHE C 508 -36.21 51.20 -23.14
C PHE C 508 -37.53 51.11 -22.36
N LEU C 509 -38.26 50.00 -22.49
CA LEU C 509 -39.53 49.79 -21.80
C LEU C 509 -39.58 48.38 -21.22
N ASP C 510 -38.49 47.98 -20.57
CA ASP C 510 -38.33 46.60 -20.11
C ASP C 510 -38.74 46.37 -18.65
N PRO C 511 -38.24 47.14 -17.66
CA PRO C 511 -38.54 46.82 -16.27
C PRO C 511 -40.02 46.97 -16.00
N LEU C 512 -40.52 48.21 -16.09
CA LEU C 512 -41.94 48.41 -16.29
C LEU C 512 -42.33 47.62 -17.52
N ALA C 513 -43.13 46.56 -17.33
CA ALA C 513 -43.39 45.61 -18.40
C ALA C 513 -44.17 46.27 -19.54
N TYR C 514 -44.32 45.52 -20.63
CA TYR C 514 -45.03 46.02 -21.81
C TYR C 514 -46.46 46.43 -21.48
N GLU C 515 -47.07 45.79 -20.48
CA GLU C 515 -48.46 46.08 -20.12
C GLU C 515 -48.61 47.31 -19.24
N ILE C 516 -47.53 47.77 -18.61
CA ILE C 516 -47.64 48.90 -17.70
C ILE C 516 -47.41 50.23 -18.40
N TRP C 517 -46.56 50.26 -19.43
CA TRP C 517 -46.39 51.49 -20.20
C TRP C 517 -47.66 51.86 -20.96
N MET C 518 -48.47 50.86 -21.32
CA MET C 518 -49.78 51.10 -21.91
C MET C 518 -50.88 51.23 -20.87
N CYS C 519 -50.57 51.01 -19.59
CA CYS C 519 -51.52 51.20 -18.51
C CYS C 519 -51.34 52.51 -17.78
N ILE C 520 -50.12 53.05 -17.76
CA ILE C 520 -49.89 54.37 -17.17
C ILE C 520 -50.59 55.45 -17.98
N VAL C 521 -50.75 55.24 -19.29
CA VAL C 521 -51.39 56.24 -20.13
C VAL C 521 -52.89 56.28 -19.92
N PHE C 522 -53.49 55.19 -19.43
CA PHE C 522 -54.92 55.23 -19.10
C PHE C 522 -55.19 56.06 -17.87
N ALA C 523 -54.20 56.19 -16.99
CA ALA C 523 -54.39 56.97 -15.77
C ALA C 523 -54.10 58.44 -15.98
N TYR C 524 -53.23 58.78 -16.94
CA TYR C 524 -52.93 60.17 -17.20
C TYR C 524 -54.13 60.90 -17.80
N ILE C 525 -54.72 60.35 -18.87
CA ILE C 525 -55.89 60.96 -19.46
C ILE C 525 -57.11 60.83 -18.56
N GLY C 526 -57.11 59.85 -17.65
CA GLY C 526 -58.20 59.72 -16.69
C GLY C 526 -58.17 60.78 -15.60
N VAL C 527 -57.00 61.35 -15.32
CA VAL C 527 -56.90 62.45 -14.37
C VAL C 527 -57.01 63.81 -15.06
N SER C 528 -56.52 63.92 -16.30
CA SER C 528 -56.70 65.14 -17.06
C SER C 528 -58.15 65.37 -17.49
N VAL C 529 -58.99 64.34 -17.40
CA VAL C 529 -60.41 64.48 -17.68
C VAL C 529 -61.23 64.71 -16.42
N VAL C 530 -60.69 64.40 -15.24
CA VAL C 530 -61.37 64.72 -13.99
C VAL C 530 -61.14 66.17 -13.61
N LEU C 531 -59.94 66.69 -13.85
CA LEU C 531 -59.70 68.12 -13.70
C LEU C 531 -60.52 68.94 -14.68
N PHE C 532 -61.07 68.30 -15.71
CA PHE C 532 -62.04 68.95 -16.58
C PHE C 532 -63.35 69.20 -15.85
N LEU C 533 -63.70 68.34 -14.90
CA LEU C 533 -65.00 68.36 -14.24
C LEU C 533 -65.01 69.10 -12.91
N VAL C 534 -63.97 68.91 -12.09
CA VAL C 534 -64.02 69.42 -10.72
C VAL C 534 -63.93 70.94 -10.68
N SER C 535 -63.29 71.55 -11.68
CA SER C 535 -63.14 72.99 -11.71
C SER C 535 -64.42 73.67 -12.20
N ILE C 545 -61.62 73.67 -24.01
CA ILE C 545 -60.96 72.38 -24.14
C ILE C 545 -59.46 72.55 -24.30
N PHE C 546 -59.04 73.75 -24.75
CA PHE C 546 -57.63 73.98 -25.03
C PHE C 546 -56.87 74.50 -23.81
N ASN C 547 -57.53 75.24 -22.91
CA ASN C 547 -56.86 75.77 -21.74
C ASN C 547 -57.07 74.93 -20.49
N SER C 548 -58.05 74.03 -20.48
CA SER C 548 -58.21 73.12 -19.36
C SER C 548 -57.29 71.92 -19.47
N LEU C 549 -57.02 71.47 -20.70
CA LEU C 549 -56.01 70.43 -20.88
C LEU C 549 -54.61 70.98 -20.66
N TRP C 550 -54.41 72.28 -20.90
CA TRP C 550 -53.14 72.92 -20.58
C TRP C 550 -53.01 73.14 -19.08
N PHE C 551 -54.13 73.37 -18.39
CA PHE C 551 -54.09 73.52 -16.94
C PHE C 551 -53.91 72.17 -16.25
N SER C 552 -54.56 71.13 -16.78
CA SER C 552 -54.38 69.80 -16.22
C SER C 552 -52.98 69.27 -16.48
N LEU C 553 -52.40 69.61 -17.63
CA LEU C 553 -51.02 69.21 -17.90
C LEU C 553 -50.03 70.06 -17.11
N GLY C 554 -50.40 71.31 -16.80
CA GLY C 554 -49.55 72.12 -15.94
C GLY C 554 -49.53 71.64 -14.50
N ALA C 555 -50.57 70.92 -14.09
CA ALA C 555 -50.59 70.29 -12.78
C ALA C 555 -49.96 68.91 -12.79
N PHE C 556 -49.84 68.28 -13.97
CA PHE C 556 -49.24 66.95 -14.05
C PHE C 556 -47.73 67.02 -13.88
N MET C 557 -47.08 67.99 -14.52
CA MET C 557 -45.62 68.07 -14.44
C MET C 557 -45.15 68.42 -13.04
N GLN C 558 -45.94 69.20 -12.30
CA GLN C 558 -45.58 69.56 -10.92
C GLN C 558 -46.40 68.71 -9.95
N GLN C 559 -46.01 67.44 -9.88
CA GLN C 559 -46.66 66.45 -9.01
C GLN C 559 -48.12 66.27 -9.37
N GLY C 560 -49.01 67.03 -8.73
CA GLY C 560 -50.44 66.90 -8.97
C GLY C 560 -51.21 68.20 -8.94
N SER C 567 -60.39 74.34 -4.67
CA SER C 567 -61.57 73.53 -4.43
C SER C 567 -61.18 72.27 -3.66
N LEU C 568 -62.11 71.77 -2.85
CA LEU C 568 -61.90 70.52 -2.14
C LEU C 568 -61.98 69.32 -3.06
N SER C 569 -62.66 69.44 -4.20
CA SER C 569 -62.79 68.32 -5.11
C SER C 569 -61.52 68.11 -5.92
N GLY C 570 -60.83 69.19 -6.30
CA GLY C 570 -59.63 69.05 -7.09
C GLY C 570 -58.37 68.77 -6.28
N ARG C 571 -58.41 69.05 -4.98
CA ARG C 571 -57.22 68.85 -4.16
C ARG C 571 -56.97 67.38 -3.89
N ILE C 572 -58.05 66.60 -3.76
CA ILE C 572 -57.89 65.16 -3.52
C ILE C 572 -57.61 64.41 -4.80
N VAL C 573 -57.88 65.01 -5.96
CA VAL C 573 -57.43 64.41 -7.22
C VAL C 573 -55.91 64.43 -7.30
N GLY C 574 -55.30 65.60 -7.07
CA GLY C 574 -53.86 65.69 -7.12
C GLY C 574 -53.18 65.00 -5.95
N GLY C 575 -53.91 64.81 -4.86
CA GLY C 575 -53.38 64.12 -3.70
C GLY C 575 -53.28 62.63 -3.92
N VAL C 576 -54.29 62.04 -4.56
CA VAL C 576 -54.29 60.61 -4.83
C VAL C 576 -53.45 60.30 -6.08
N TRP C 577 -53.45 61.18 -7.07
CA TRP C 577 -52.56 61.00 -8.21
C TRP C 577 -51.10 61.09 -7.81
N TRP C 578 -50.79 61.91 -6.82
CA TRP C 578 -49.41 62.05 -6.36
C TRP C 578 -48.91 60.77 -5.73
N PHE C 579 -49.77 60.06 -4.98
CA PHE C 579 -49.41 58.76 -4.45
C PHE C 579 -49.16 57.77 -5.56
N PHE C 580 -50.04 57.75 -6.57
CA PHE C 580 -49.93 56.77 -7.64
C PHE C 580 -48.68 56.97 -8.48
N THR C 581 -48.38 58.21 -8.86
CA THR C 581 -47.19 58.46 -9.64
C THR C 581 -45.92 58.26 -8.80
N LEU C 582 -46.02 58.46 -7.48
CA LEU C 582 -44.87 58.21 -6.62
C LEU C 582 -44.51 56.72 -6.58
N ILE C 583 -45.53 55.86 -6.58
CA ILE C 583 -45.28 54.43 -6.50
C ILE C 583 -44.60 53.92 -7.76
N ILE C 584 -45.02 54.43 -8.92
CA ILE C 584 -44.51 53.89 -10.18
C ILE C 584 -43.05 54.29 -10.39
N ILE C 585 -42.71 55.55 -10.11
CA ILE C 585 -41.32 55.97 -10.30
C ILE C 585 -40.40 55.25 -9.32
N SER C 586 -40.90 54.90 -8.14
CA SER C 586 -40.08 54.18 -7.17
C SER C 586 -39.94 52.71 -7.54
N SER C 587 -41.05 52.05 -7.89
CA SER C 587 -40.98 50.70 -8.40
C SER C 587 -40.22 50.62 -9.72
N TYR C 588 -40.15 51.74 -10.46
CA TYR C 588 -39.32 51.79 -11.64
C TYR C 588 -37.84 51.88 -11.27
N THR C 589 -37.50 52.83 -10.40
CA THR C 589 -36.10 53.00 -10.01
C THR C 589 -35.61 51.80 -9.20
N ALA C 590 -36.48 51.22 -8.37
CA ALA C 590 -36.08 50.07 -7.55
C ALA C 590 -35.74 48.88 -8.42
N ASN C 591 -36.61 48.56 -9.38
CA ASN C 591 -36.36 47.39 -10.23
C ASN C 591 -35.22 47.65 -11.20
N LEU C 592 -34.97 48.92 -11.53
CA LEU C 592 -33.89 49.23 -12.45
C LEU C 592 -32.53 48.98 -11.82
N ALA C 593 -32.42 49.17 -10.50
CA ALA C 593 -31.18 48.81 -9.81
C ALA C 593 -30.98 47.31 -9.77
N ALA C 594 -32.08 46.54 -9.73
CA ALA C 594 -31.98 45.09 -9.63
C ALA C 594 -31.34 44.48 -10.87
N PHE C 595 -31.75 44.94 -12.06
CA PHE C 595 -31.15 44.42 -13.29
C PHE C 595 -29.69 44.84 -13.43
N LEU C 596 -29.27 45.88 -12.73
CA LEU C 596 -27.87 46.29 -12.74
C LEU C 596 -27.06 45.63 -11.64
N THR C 597 -27.68 45.34 -10.50
CA THR C 597 -27.00 44.56 -9.46
C THR C 597 -26.83 43.11 -9.91
N VAL C 598 -27.84 42.56 -10.59
CA VAL C 598 -27.74 41.19 -11.07
C VAL C 598 -26.75 41.09 -12.23
N GLU C 599 -26.66 42.14 -13.05
CA GLU C 599 -25.66 42.15 -14.12
C GLU C 599 -24.26 42.22 -13.55
N ARG C 600 -24.05 42.78 -12.42
CA ARG C 600 -22.78 43.10 -11.78
C ARG C 600 -22.19 41.87 -11.12
N MET C 601 -22.90 40.75 -11.09
CA MET C 601 -22.36 39.52 -10.53
C MET C 601 -21.21 39.02 -11.40
N VAL C 602 -21.82 38.60 -12.90
CA VAL C 602 -21.49 37.75 -14.03
C VAL C 602 -20.20 37.00 -13.72
N SER C 603 -19.99 35.88 -14.42
CA SER C 603 -18.88 34.99 -14.12
C SER C 603 -17.49 35.61 -14.41
N PRO C 604 -17.25 36.12 -15.64
CA PRO C 604 -18.00 36.06 -16.89
C PRO C 604 -17.85 34.81 -17.81
N ILE C 605 -16.70 34.16 -18.14
CA ILE C 605 -15.29 34.29 -17.73
C ILE C 605 -15.03 33.95 -16.25
N GLU C 606 -15.06 32.67 -15.94
CA GLU C 606 -14.73 32.15 -14.62
C GLU C 606 -13.61 31.13 -14.72
N SER C 607 -13.20 30.61 -13.56
CA SER C 607 -12.08 29.69 -13.46
C SER C 607 -12.54 28.25 -13.71
N ALA C 608 -11.58 27.32 -13.67
CA ALA C 608 -11.90 25.92 -13.93
C ALA C 608 -12.69 25.31 -12.78
N GLU C 609 -12.50 25.81 -11.55
CA GLU C 609 -13.25 25.27 -10.43
C GLU C 609 -14.69 25.75 -10.44
N ASP C 610 -14.92 27.03 -10.77
CA ASP C 610 -16.27 27.57 -10.80
C ASP C 610 -17.10 26.98 -11.93
N LEU C 611 -16.45 26.44 -12.97
CA LEU C 611 -17.19 25.73 -14.01
C LEU C 611 -17.88 24.49 -13.46
N SER C 612 -17.27 23.84 -12.47
CA SER C 612 -17.84 22.63 -11.90
C SER C 612 -18.99 22.89 -10.95
N LYS C 613 -19.11 24.12 -10.43
CA LYS C 613 -20.06 24.38 -9.37
C LYS C 613 -21.49 24.43 -9.87
N GLN C 614 -21.70 24.96 -11.07
CA GLN C 614 -23.03 25.11 -11.63
C GLN C 614 -23.25 24.11 -12.76
N THR C 615 -24.51 23.74 -12.98
CA THR C 615 -24.89 22.76 -13.99
C THR C 615 -25.84 23.35 -15.03
N GLU C 616 -25.93 24.67 -15.12
CA GLU C 616 -26.73 25.29 -16.17
C GLU C 616 -26.01 25.21 -17.51
N ILE C 617 -24.74 25.60 -17.53
CA ILE C 617 -23.88 25.44 -18.70
C ILE C 617 -23.16 24.10 -18.57
N ALA C 618 -23.41 23.20 -19.51
CA ALA C 618 -22.81 21.87 -19.47
C ALA C 618 -21.37 21.91 -20.00
N TYR C 619 -20.66 20.81 -19.77
CA TYR C 619 -19.26 20.70 -20.21
C TYR C 619 -18.90 19.24 -20.38
N GLY C 620 -17.89 19.00 -21.21
CA GLY C 620 -17.44 17.65 -21.50
C GLY C 620 -16.10 17.66 -22.20
N THR C 621 -15.64 16.47 -22.55
CA THR C 621 -14.34 16.30 -23.20
C THR C 621 -14.51 15.36 -24.40
N LEU C 622 -13.39 14.87 -24.91
CA LEU C 622 -13.39 13.87 -25.97
C LEU C 622 -13.66 12.49 -25.37
N ASP C 623 -14.30 11.63 -26.17
CA ASP C 623 -14.77 10.35 -25.64
C ASP C 623 -13.62 9.37 -25.40
N SER C 624 -12.56 9.43 -26.19
CA SER C 624 -11.42 8.53 -26.04
C SER C 624 -10.15 9.31 -26.31
N GLY C 625 -9.41 9.64 -25.25
CA GLY C 625 -8.18 10.38 -25.42
C GLY C 625 -7.54 10.66 -24.09
N SER C 626 -6.41 11.38 -24.15
CA SER C 626 -5.68 11.75 -22.94
C SER C 626 -6.46 12.71 -22.06
N THR C 627 -7.40 13.47 -22.64
CA THR C 627 -8.13 14.45 -21.86
C THR C 627 -9.10 13.78 -20.89
N LYS C 628 -9.82 12.76 -21.36
CA LYS C 628 -10.80 12.09 -20.51
C LYS C 628 -10.12 11.32 -19.39
N GLU C 629 -9.07 10.56 -19.73
CA GLU C 629 -8.37 9.76 -18.72
C GLU C 629 -7.77 10.60 -17.60
N PHE C 630 -7.47 11.88 -17.88
CA PHE C 630 -6.96 12.75 -16.83
C PHE C 630 -7.97 12.88 -15.68
N PHE C 631 -9.23 13.13 -16.01
CA PHE C 631 -10.25 13.27 -14.98
C PHE C 631 -10.58 11.93 -14.32
N ARG C 632 -10.26 10.81 -14.96
CA ARG C 632 -10.60 9.51 -14.42
C ARG C 632 -9.88 9.23 -13.11
N ARG C 633 -8.57 9.01 -13.18
CA ARG C 633 -7.79 8.63 -12.00
C ARG C 633 -7.29 9.83 -11.21
N SER C 634 -7.77 11.04 -11.52
CA SER C 634 -7.37 12.21 -10.74
C SER C 634 -7.96 12.13 -9.34
N LYS C 635 -7.10 12.25 -8.33
CA LYS C 635 -7.51 12.22 -6.94
C LYS C 635 -7.72 13.60 -6.35
N ILE C 636 -7.65 14.65 -7.18
CA ILE C 636 -7.89 16.00 -6.72
C ILE C 636 -9.40 16.23 -6.61
N ALA C 637 -9.81 16.92 -5.55
CA ALA C 637 -11.23 17.10 -5.28
C ALA C 637 -11.93 17.87 -6.39
N VAL C 638 -11.30 18.96 -6.86
CA VAL C 638 -11.92 19.80 -7.89
C VAL C 638 -12.13 19.00 -9.17
N PHE C 639 -11.12 18.23 -9.57
CA PHE C 639 -11.19 17.48 -10.82
C PHE C 639 -11.96 16.18 -10.67
N ASP C 640 -12.05 15.62 -9.46
CA ASP C 640 -12.90 14.46 -9.26
C ASP C 640 -14.37 14.85 -9.30
N LYS C 641 -14.70 16.03 -8.77
CA LYS C 641 -16.07 16.52 -8.83
C LYS C 641 -16.50 16.76 -10.28
N MET C 642 -15.57 17.23 -11.12
CA MET C 642 -15.86 17.33 -12.55
C MET C 642 -16.04 15.96 -13.19
N TRP C 643 -15.30 14.96 -12.71
CA TRP C 643 -15.36 13.63 -13.32
C TRP C 643 -16.68 12.94 -12.97
N THR C 644 -17.07 12.98 -11.69
CA THR C 644 -18.33 12.36 -11.29
C THR C 644 -19.53 13.01 -11.94
N TYR C 645 -19.41 14.27 -12.35
CA TYR C 645 -20.51 14.93 -13.06
C TYR C 645 -20.61 14.43 -14.49
N MET C 646 -19.51 14.50 -15.24
CA MET C 646 -19.54 14.13 -16.65
C MET C 646 -19.79 12.64 -16.84
N ARG C 647 -19.40 11.81 -15.88
CA ARG C 647 -19.63 10.37 -16.01
C ARG C 647 -21.12 10.05 -15.97
N SER C 648 -21.86 10.69 -15.09
CA SER C 648 -23.30 10.47 -14.95
C SER C 648 -24.13 11.43 -15.78
N ALA C 649 -23.50 12.29 -16.58
CA ALA C 649 -24.22 13.32 -17.30
C ALA C 649 -25.04 12.72 -18.44
N GLU C 650 -26.32 13.06 -18.48
CA GLU C 650 -27.21 12.64 -19.57
C GLU C 650 -28.06 13.83 -20.02
N PRO C 651 -28.09 14.10 -21.34
CA PRO C 651 -27.47 13.36 -22.44
C PRO C 651 -25.94 13.39 -22.45
N SER C 652 -25.35 12.55 -23.28
CA SER C 652 -23.89 12.36 -23.26
C SER C 652 -23.17 13.65 -23.61
N VAL C 653 -22.28 14.09 -22.71
CA VAL C 653 -21.51 15.31 -22.94
C VAL C 653 -20.25 15.06 -23.75
N PHE C 654 -19.92 13.81 -24.04
CA PHE C 654 -18.75 13.51 -24.84
C PHE C 654 -19.06 13.67 -26.32
N VAL C 655 -18.01 13.70 -27.14
CA VAL C 655 -18.13 13.81 -28.59
C VAL C 655 -17.19 12.80 -29.24
N ARG C 656 -17.48 12.49 -30.50
CA ARG C 656 -16.72 11.46 -31.20
C ARG C 656 -15.35 11.97 -31.64
N THR C 657 -15.32 13.10 -32.33
CA THR C 657 -14.08 13.66 -32.86
C THR C 657 -13.87 15.07 -32.34
N THR C 658 -12.67 15.59 -32.56
CA THR C 658 -12.33 16.95 -32.12
C THR C 658 -13.14 18.00 -32.90
N ALA C 659 -13.47 17.70 -34.15
CA ALA C 659 -14.25 18.65 -34.94
C ALA C 659 -15.66 18.83 -34.37
N GLU C 660 -16.24 17.74 -33.85
CA GLU C 660 -17.57 17.85 -33.24
C GLU C 660 -17.54 18.71 -31.99
N GLY C 661 -16.55 18.49 -31.12
CA GLY C 661 -16.47 19.25 -29.89
C GLY C 661 -16.35 20.74 -30.13
N VAL C 662 -15.60 21.13 -31.17
CA VAL C 662 -15.52 22.54 -31.54
C VAL C 662 -16.87 23.03 -32.01
N ALA C 663 -17.53 22.27 -32.89
CA ALA C 663 -18.80 22.70 -33.44
C ALA C 663 -19.90 22.75 -32.39
N ARG C 664 -19.89 21.84 -31.41
CA ARG C 664 -20.98 21.79 -30.45
C ARG C 664 -21.00 23.04 -29.55
N VAL C 665 -19.84 23.63 -29.28
CA VAL C 665 -19.82 24.85 -28.48
C VAL C 665 -20.44 26.01 -29.24
N ARG C 666 -20.25 26.05 -30.56
CA ARG C 666 -20.73 27.18 -31.34
C ARG C 666 -22.25 27.18 -31.47
N LYS C 667 -22.89 26.00 -31.40
CA LYS C 667 -24.32 25.87 -31.65
C LYS C 667 -25.12 25.61 -30.37
N SER C 668 -24.53 25.89 -29.21
CA SER C 668 -25.21 25.69 -27.94
C SER C 668 -25.66 26.99 -27.28
N LYS C 669 -25.58 28.11 -28.00
CA LYS C 669 -25.99 29.41 -27.48
C LYS C 669 -25.23 29.77 -26.21
N GLY C 670 -23.95 29.39 -26.15
CA GLY C 670 -23.15 29.65 -24.97
C GLY C 670 -23.51 28.78 -23.78
N LYS C 671 -24.21 27.67 -23.99
CA LYS C 671 -24.64 26.79 -22.91
C LYS C 671 -23.94 25.44 -22.97
N TYR C 672 -22.70 25.41 -23.45
CA TYR C 672 -21.90 24.19 -23.45
C TYR C 672 -20.43 24.57 -23.59
N ALA C 673 -19.57 23.80 -22.94
CA ALA C 673 -18.14 24.04 -22.95
C ALA C 673 -17.41 22.77 -23.37
N TYR C 674 -16.18 22.95 -23.86
CA TYR C 674 -15.33 21.84 -24.27
C TYR C 674 -13.94 22.02 -23.69
N LEU C 675 -13.37 20.92 -23.21
CA LEU C 675 -12.05 20.91 -22.59
C LEU C 675 -11.06 20.22 -23.52
N LEU C 676 -9.91 20.86 -23.74
CA LEU C 676 -8.90 20.30 -24.63
C LEU C 676 -7.57 20.99 -24.35
N GLU C 677 -6.53 20.50 -25.02
CA GLU C 677 -5.20 21.06 -24.82
C GLU C 677 -5.16 22.53 -25.24
N SER C 678 -4.28 23.30 -24.57
CA SER C 678 -4.24 24.74 -24.79
C SER C 678 -3.81 25.07 -26.22
N THR C 679 -2.95 24.25 -26.81
CA THR C 679 -2.51 24.50 -28.18
C THR C 679 -3.69 24.43 -29.14
N MET C 680 -4.42 23.31 -29.11
CA MET C 680 -5.58 23.17 -29.98
C MET C 680 -6.71 24.13 -29.60
N ASN C 681 -6.72 24.63 -28.35
CA ASN C 681 -7.70 25.64 -27.97
C ASN C 681 -7.33 27.01 -28.51
N GLU C 682 -6.06 27.39 -28.37
CA GLU C 682 -5.62 28.70 -28.86
C GLU C 682 -5.72 28.81 -30.37
N TYR C 683 -5.62 27.68 -31.08
CA TYR C 683 -5.65 27.74 -32.53
C TYR C 683 -7.06 27.94 -33.07
N ILE C 684 -8.06 27.35 -32.41
CA ILE C 684 -9.44 27.57 -32.83
C ILE C 684 -9.90 28.98 -32.47
N GLU C 685 -9.28 29.59 -31.46
CA GLU C 685 -9.58 30.98 -31.13
C GLU C 685 -9.21 31.92 -32.27
N GLN C 686 -8.25 31.52 -33.12
CA GLN C 686 -7.69 32.37 -34.15
C GLN C 686 -8.11 31.95 -35.56
N ARG C 687 -9.26 31.28 -35.69
CA ARG C 687 -9.79 30.89 -36.99
C ARG C 687 -11.27 31.22 -37.05
N LYS C 688 -11.74 31.58 -38.24
CA LYS C 688 -13.12 32.03 -38.43
C LYS C 688 -14.14 30.95 -38.05
N PRO C 689 -15.30 31.37 -37.52
CA PRO C 689 -15.72 32.76 -37.34
C PRO C 689 -15.44 33.38 -35.96
N CYS C 690 -14.27 33.06 -35.37
CA CYS C 690 -13.74 33.80 -34.21
C CYS C 690 -14.74 33.89 -33.06
N ASP C 691 -15.52 32.84 -32.85
CA ASP C 691 -16.50 32.86 -31.78
C ASP C 691 -16.09 32.05 -30.55
N THR C 692 -14.99 31.30 -30.63
CA THR C 692 -14.47 30.59 -29.49
C THR C 692 -13.48 31.46 -28.71
N MET C 693 -13.12 31.01 -27.51
CA MET C 693 -12.18 31.76 -26.68
C MET C 693 -11.65 30.85 -25.57
N LYS C 694 -10.34 30.88 -25.37
CA LYS C 694 -9.72 30.20 -24.24
C LYS C 694 -9.90 31.04 -22.99
N VAL C 695 -10.40 30.41 -21.92
CA VAL C 695 -10.66 31.07 -20.66
C VAL C 695 -9.99 30.30 -19.53
N GLY C 696 -9.44 31.02 -18.56
CA GLY C 696 -8.77 30.40 -17.45
C GLY C 696 -7.41 29.86 -17.83
N GLY C 697 -6.70 29.37 -16.80
CA GLY C 697 -5.39 28.79 -16.99
C GLY C 697 -5.45 27.30 -17.29
N ASN C 698 -4.29 26.75 -17.66
CA ASN C 698 -4.21 25.34 -17.94
C ASN C 698 -4.44 24.52 -16.68
N LEU C 699 -4.80 23.25 -16.88
CA LEU C 699 -5.15 22.37 -15.76
C LEU C 699 -3.94 21.57 -15.27
N ASP C 700 -3.18 20.97 -16.19
CA ASP C 700 -2.02 20.17 -15.84
C ASP C 700 -0.81 20.65 -16.64
N SER C 701 0.34 20.07 -16.34
CA SER C 701 1.61 20.43 -16.95
C SER C 701 2.03 19.34 -17.92
N LYS C 702 2.21 19.70 -19.19
CA LYS C 702 2.68 18.79 -20.20
C LYS C 702 3.23 19.59 -21.37
N GLY C 703 3.87 18.90 -22.30
CA GLY C 703 4.45 19.55 -23.45
C GLY C 703 4.80 18.55 -24.52
N TYR C 704 5.03 19.07 -25.73
CA TYR C 704 5.38 18.26 -26.88
C TYR C 704 6.89 18.07 -26.97
N GLY C 705 7.31 17.00 -27.65
CA GLY C 705 8.72 16.70 -27.79
C GLY C 705 9.03 15.98 -29.08
N ILE C 706 10.29 16.06 -29.48
CA ILE C 706 10.77 15.41 -30.69
C ILE C 706 11.35 14.06 -30.32
N ALA C 707 10.79 13.00 -30.91
CA ALA C 707 11.19 11.64 -30.57
C ALA C 707 12.26 11.14 -31.52
N THR C 708 13.20 10.37 -30.98
CA THR C 708 14.28 9.73 -31.72
C THR C 708 14.37 8.28 -31.28
N PRO C 709 14.95 7.41 -32.11
CA PRO C 709 15.25 6.05 -31.65
C PRO C 709 16.29 6.06 -30.55
N LYS C 710 16.17 5.10 -29.64
CA LYS C 710 17.11 5.01 -28.53
C LYS C 710 18.50 4.65 -29.03
N GLY C 711 19.51 5.23 -28.40
CA GLY C 711 20.89 5.00 -28.79
C GLY C 711 21.32 5.66 -30.07
N SER C 712 20.45 6.43 -30.71
CA SER C 712 20.80 7.06 -31.98
C SER C 712 21.75 8.22 -31.77
N SER C 713 22.65 8.41 -32.74
CA SER C 713 23.60 9.50 -32.68
C SER C 713 22.92 10.87 -32.78
N LEU C 714 21.72 10.93 -33.35
CA LEU C 714 21.01 12.20 -33.45
C LEU C 714 20.49 12.68 -32.10
N GLY C 715 20.29 11.77 -31.15
CA GLY C 715 19.64 12.07 -29.88
C GLY C 715 20.09 13.32 -29.15
N THR C 716 21.17 13.22 -28.37
CA THR C 716 21.61 14.38 -27.58
C THR C 716 21.86 15.63 -28.41
N PRO C 717 22.46 15.57 -29.62
CA PRO C 717 22.56 16.81 -30.42
C PRO C 717 21.22 17.47 -30.69
N VAL C 718 20.19 16.69 -31.02
CA VAL C 718 18.87 17.27 -31.27
C VAL C 718 18.31 17.89 -30.00
N ASN C 719 18.49 17.21 -28.86
CA ASN C 719 18.01 17.75 -27.60
C ASN C 719 18.72 19.05 -27.25
N LEU C 720 20.04 19.10 -27.45
CA LEU C 720 20.77 20.34 -27.22
C LEU C 720 20.27 21.44 -28.14
N ALA C 721 19.95 21.11 -29.39
CA ALA C 721 19.49 22.12 -30.34
C ALA C 721 18.15 22.71 -29.95
N VAL C 722 17.27 21.88 -29.37
CA VAL C 722 15.96 22.37 -28.98
C VAL C 722 16.08 23.41 -27.86
N LEU C 723 16.97 23.16 -26.90
CA LEU C 723 17.22 24.15 -25.86
C LEU C 723 17.77 25.44 -26.45
N LYS C 724 18.58 25.33 -27.51
CA LYS C 724 19.12 26.52 -28.15
C LYS C 724 18.02 27.35 -28.78
N LEU C 725 17.02 26.70 -29.37
CA LEU C 725 15.96 27.43 -30.06
C LEU C 725 15.00 28.09 -29.08
N SER C 726 14.86 27.54 -27.88
CA SER C 726 13.93 28.12 -26.90
C SER C 726 14.49 29.40 -26.30
N GLU C 727 15.79 29.40 -25.99
CA GLU C 727 16.38 30.53 -25.29
C GLU C 727 16.76 31.67 -26.22
N GLN C 728 17.05 31.35 -27.50
CA GLN C 728 17.29 32.39 -28.48
C GLN C 728 16.02 33.14 -28.88
N GLY C 729 14.85 32.65 -28.47
CA GLY C 729 13.60 33.27 -28.83
C GLY C 729 13.00 32.77 -30.13
N VAL C 730 13.40 31.60 -30.60
CA VAL C 730 12.92 31.07 -31.88
C VAL C 730 11.61 30.32 -31.72
N LEU C 731 11.54 29.43 -30.72
CA LEU C 731 10.33 28.63 -30.51
C LEU C 731 9.16 29.51 -30.08
N ASP C 732 9.45 30.63 -29.41
CA ASP C 732 8.38 31.58 -29.11
C ASP C 732 7.92 32.30 -30.36
N LYS C 733 8.85 32.57 -31.28
CA LYS C 733 8.49 33.25 -32.52
C LYS C 733 7.71 32.34 -33.44
N LEU C 734 8.14 31.08 -33.57
CA LEU C 734 7.41 30.13 -34.41
C LEU C 734 6.02 29.85 -33.87
N LYS C 735 5.86 29.88 -32.54
CA LYS C 735 4.54 29.73 -31.95
C LYS C 735 3.61 30.86 -32.39
N ASN C 736 4.11 32.10 -32.31
CA ASN C 736 3.29 33.24 -32.66
C ASN C 736 2.98 33.29 -34.16
N LYS C 737 3.82 32.67 -34.99
CA LYS C 737 3.69 32.81 -36.43
C LYS C 737 2.44 32.11 -36.95
N TRP C 738 2.34 30.79 -36.71
CA TRP C 738 1.23 30.03 -37.27
C TRP C 738 -0.04 30.12 -36.44
N TRP C 739 0.02 30.70 -35.24
CA TRP C 739 -1.16 30.89 -34.41
C TRP C 739 -1.80 32.27 -34.65
N TYR C 740 -1.05 33.33 -34.40
CA TYR C 740 -1.58 34.69 -34.37
C TYR C 740 -1.33 35.48 -35.65
N ASP C 741 -0.11 35.41 -36.20
CA ASP C 741 0.19 36.20 -37.39
C ASP C 741 -0.62 35.73 -38.60
N LYS C 742 -0.40 34.50 -39.04
CA LYS C 742 -1.19 33.94 -40.13
C LYS C 742 -2.64 33.66 -39.73
N GLY C 743 -3.02 33.92 -38.48
CA GLY C 743 -4.37 33.62 -38.04
C GLY C 743 -5.39 34.56 -38.65
N GLU C 744 -6.56 34.00 -38.98
CA GLU C 744 -7.59 34.77 -39.65
C GLU C 744 -8.32 35.73 -38.72
N CYS C 745 -8.20 35.55 -37.41
CA CYS C 745 -8.81 36.45 -36.43
C CYS C 745 -7.73 37.30 -35.75
N GLY C 746 -6.81 37.85 -36.54
CA GLY C 746 -5.72 38.62 -35.96
C GLY C 746 -6.20 39.86 -35.21
N ALA C 747 -7.36 40.39 -35.59
CA ALA C 747 -7.91 41.56 -34.90
C ALA C 747 -8.74 41.19 -33.68
N LYS C 748 -9.14 39.93 -33.56
CA LYS C 748 -9.99 39.49 -32.47
C LYS C 748 -9.20 39.03 -31.25
N ASP C 749 -7.89 39.26 -31.22
CA ASP C 749 -7.04 38.84 -30.11
C ASP C 749 -6.55 40.02 -29.27
N SER C 750 -6.10 41.10 -29.91
CA SER C 750 -5.54 42.21 -29.16
C SER C 750 -6.62 43.06 -28.50
N GLY C 751 -7.79 43.14 -29.12
CA GLY C 751 -8.85 44.00 -28.59
C GLY C 751 -10.05 43.24 -28.07
N SER C 752 -9.85 41.98 -27.70
CA SER C 752 -10.94 41.15 -27.20
C SER C 752 -11.23 41.36 -25.72
N LYS C 753 -10.45 42.20 -25.03
CA LYS C 753 -10.64 42.43 -23.61
C LYS C 753 -10.57 43.92 -23.26
N GLU C 754 -10.90 44.79 -24.21
CA GLU C 754 -10.85 46.24 -24.02
C GLU C 754 -12.26 46.80 -24.17
N LYS C 755 -12.89 47.14 -23.05
CA LYS C 755 -14.25 47.67 -23.06
C LYS C 755 -14.54 48.29 -21.71
N THR C 756 -14.80 49.59 -21.69
CA THR C 756 -15.13 50.29 -20.47
C THR C 756 -16.54 49.90 -20.01
N SER C 757 -16.81 50.12 -18.72
CA SER C 757 -18.05 49.70 -18.10
C SER C 757 -18.59 50.77 -17.16
N ALA C 758 -19.87 51.11 -17.34
CA ALA C 758 -20.60 52.03 -16.47
C ALA C 758 -22.08 51.88 -16.76
N LEU C 759 -22.66 52.86 -17.47
CA LEU C 759 -23.94 52.69 -18.13
C LEU C 759 -23.79 53.15 -19.57
N SER C 760 -24.44 52.43 -20.48
CA SER C 760 -24.25 52.67 -21.91
C SER C 760 -25.12 53.82 -22.39
N LEU C 761 -24.56 54.64 -23.29
CA LEU C 761 -25.34 55.66 -23.97
C LEU C 761 -26.25 55.08 -25.04
N SER C 762 -26.06 53.82 -25.41
CA SER C 762 -26.79 53.23 -26.54
C SER C 762 -28.29 53.16 -26.29
N ASN C 763 -28.73 53.23 -25.04
CA ASN C 763 -30.15 53.26 -24.73
C ASN C 763 -30.57 54.52 -23.98
N VAL C 764 -29.63 55.37 -23.56
CA VAL C 764 -30.01 56.69 -23.08
C VAL C 764 -30.60 57.51 -24.22
N ALA C 765 -30.19 57.23 -25.46
CA ALA C 765 -30.82 57.86 -26.61
C ALA C 765 -32.29 57.49 -26.72
N GLY C 766 -32.72 56.38 -26.12
CA GLY C 766 -34.11 55.99 -26.20
C GLY C 766 -35.04 57.00 -25.54
N VAL C 767 -34.51 57.78 -24.59
CA VAL C 767 -35.29 58.87 -24.01
C VAL C 767 -34.97 60.21 -24.67
N PHE C 768 -33.86 60.32 -25.39
CA PHE C 768 -33.61 61.53 -26.16
C PHE C 768 -34.47 61.57 -27.42
N TYR C 769 -34.79 60.41 -27.99
CA TYR C 769 -35.65 60.38 -29.17
C TYR C 769 -37.09 60.70 -28.82
N ILE C 770 -37.54 60.33 -27.62
CA ILE C 770 -38.90 60.66 -27.20
C ILE C 770 -38.99 62.10 -26.69
N LEU C 771 -37.86 62.72 -26.34
CA LEU C 771 -37.87 64.14 -25.99
C LEU C 771 -37.91 65.01 -27.23
N VAL C 772 -36.97 64.78 -28.17
CA VAL C 772 -36.97 65.54 -29.42
C VAL C 772 -38.22 65.24 -30.24
N GLY C 773 -38.77 64.03 -30.10
CA GLY C 773 -40.06 63.75 -30.71
C GLY C 773 -41.18 64.56 -30.12
N GLY C 774 -41.06 64.95 -28.85
CA GLY C 774 -42.02 65.82 -28.21
C GLY C 774 -41.73 67.28 -28.44
N LEU C 775 -40.43 67.61 -28.61
CA LEU C 775 -40.07 68.98 -28.96
C LEU C 775 -40.54 69.32 -30.37
N GLY C 776 -40.49 68.36 -31.29
CA GLY C 776 -41.03 68.58 -32.62
C GLY C 776 -42.53 68.68 -32.61
N LEU C 777 -43.19 67.92 -31.73
CA LEU C 777 -44.63 68.04 -31.58
C LEU C 777 -45.01 69.37 -30.93
N ALA C 778 -44.11 69.93 -30.11
CA ALA C 778 -44.38 71.21 -29.47
C ALA C 778 -44.36 72.37 -30.46
N MET C 779 -43.73 72.19 -31.62
CA MET C 779 -43.75 73.21 -32.66
C MET C 779 -44.92 73.05 -33.61
N LEU C 780 -45.44 71.83 -33.76
CA LEU C 780 -46.62 71.62 -34.59
C LEU C 780 -47.88 72.18 -33.93
N VAL C 781 -47.93 72.16 -32.60
CA VAL C 781 -49.08 72.73 -31.90
C VAL C 781 -48.92 74.24 -31.76
N ALA C 782 -47.69 74.74 -31.78
CA ALA C 782 -47.47 76.18 -31.61
C ALA C 782 -47.95 76.96 -32.82
N LEU C 783 -47.87 76.39 -34.02
CA LEU C 783 -48.21 77.12 -35.22
C LEU C 783 -49.72 77.18 -35.44
N ILE C 784 -50.44 76.12 -35.09
CA ILE C 784 -51.90 76.14 -35.26
C ILE C 784 -52.56 77.03 -34.22
N GLU C 785 -51.82 77.41 -33.18
CA GLU C 785 -52.36 78.37 -32.23
C GLU C 785 -52.07 79.79 -32.67
N PHE C 786 -50.99 80.00 -33.42
CA PHE C 786 -50.66 81.34 -33.89
C PHE C 786 -51.55 81.75 -35.06
N CYS C 787 -52.03 80.78 -35.84
CA CYS C 787 -52.87 81.10 -36.98
C CYS C 787 -54.33 81.26 -36.58
N TYR C 788 -54.79 80.52 -35.57
CA TYR C 788 -56.19 80.58 -35.17
C TYR C 788 -56.50 81.89 -34.48
N ASN D 1 20.60 -73.84 -32.15
CA ASN D 1 20.23 -72.55 -32.75
C ASN D 1 20.86 -71.39 -31.98
N SER D 2 22.18 -71.38 -31.93
CA SER D 2 22.92 -70.32 -31.25
C SER D 2 22.88 -69.06 -32.10
N ILE D 3 21.94 -68.17 -31.81
CA ILE D 3 21.83 -66.90 -32.51
C ILE D 3 22.82 -65.92 -31.88
N GLN D 4 23.91 -65.64 -32.59
CA GLN D 4 24.96 -64.78 -32.07
C GLN D 4 24.57 -63.32 -32.25
N ILE D 5 24.61 -62.56 -31.16
CA ILE D 5 24.32 -61.13 -31.18
C ILE D 5 25.42 -60.41 -30.42
N GLY D 6 25.60 -59.14 -30.76
CA GLY D 6 26.60 -58.31 -30.11
C GLY D 6 26.07 -57.66 -28.85
N GLY D 7 26.91 -57.61 -27.83
CA GLY D 7 26.55 -56.98 -26.58
C GLY D 7 27.49 -55.87 -26.17
N LEU D 8 27.07 -54.62 -26.36
CA LEU D 8 27.85 -53.44 -26.01
C LEU D 8 27.26 -52.82 -24.74
N PHE D 9 28.12 -52.56 -23.76
CA PHE D 9 27.67 -51.99 -22.49
C PHE D 9 28.75 -51.08 -21.92
N PRO D 10 28.37 -49.95 -21.35
CA PRO D 10 29.36 -49.07 -20.70
C PRO D 10 29.93 -49.71 -19.45
N ARG D 11 31.01 -49.10 -18.95
CA ARG D 11 31.64 -49.61 -17.73
C ARG D 11 30.75 -49.39 -16.51
N GLY D 12 30.16 -48.20 -16.39
CA GLY D 12 29.33 -47.87 -15.24
C GLY D 12 27.85 -47.99 -15.53
N ALA D 13 27.43 -49.15 -16.03
CA ALA D 13 26.01 -49.43 -16.30
C ALA D 13 25.73 -50.82 -15.73
N ASP D 14 25.57 -50.90 -14.41
CA ASP D 14 25.36 -52.18 -13.75
C ASP D 14 23.94 -52.69 -13.97
N GLN D 15 22.93 -51.93 -13.57
CA GLN D 15 21.56 -52.39 -13.67
C GLN D 15 21.10 -52.55 -15.11
N GLU D 16 21.72 -51.84 -16.07
CA GLU D 16 21.40 -52.07 -17.47
C GLU D 16 21.83 -53.47 -17.91
N TYR D 17 22.94 -53.96 -17.37
CA TYR D 17 23.42 -55.30 -17.72
C TYR D 17 22.67 -56.39 -16.97
N SER D 18 22.26 -56.12 -15.72
CA SER D 18 21.50 -57.11 -14.96
C SER D 18 20.15 -57.39 -15.62
N ALA D 19 19.39 -56.33 -15.91
CA ALA D 19 18.10 -56.50 -16.57
C ALA D 19 18.24 -57.21 -17.90
N PHE D 20 19.38 -57.04 -18.58
CA PHE D 20 19.64 -57.78 -19.80
C PHE D 20 19.69 -59.28 -19.53
N ARG D 21 20.25 -59.67 -18.39
CA ARG D 21 20.29 -61.08 -18.02
C ARG D 21 18.93 -61.58 -17.55
N VAL D 22 18.05 -60.69 -17.09
CA VAL D 22 16.71 -61.11 -16.69
C VAL D 22 15.86 -61.43 -17.92
N GLY D 23 16.07 -60.68 -19.00
CA GLY D 23 15.32 -60.93 -20.21
C GLY D 23 15.79 -62.16 -20.97
N MET D 24 17.08 -62.48 -20.85
CA MET D 24 17.61 -63.65 -21.55
C MET D 24 16.97 -64.93 -21.05
N VAL D 25 16.70 -65.02 -19.76
CA VAL D 25 16.11 -66.22 -19.18
C VAL D 25 14.58 -66.17 -19.23
N GLN D 26 14.00 -64.97 -19.03
CA GLN D 26 12.55 -64.85 -19.06
C GLN D 26 11.99 -65.08 -20.46
N PHE D 27 12.78 -64.84 -21.49
CA PHE D 27 12.32 -64.95 -22.87
C PHE D 27 13.17 -65.94 -23.68
N SER D 28 13.76 -66.92 -23.01
CA SER D 28 14.41 -68.01 -23.72
C SER D 28 13.39 -69.09 -24.05
N THR D 29 13.61 -69.78 -25.16
CA THR D 29 12.71 -70.84 -25.61
C THR D 29 13.53 -71.97 -26.21
N SER D 30 12.91 -73.14 -26.29
CA SER D 30 13.57 -74.33 -26.82
C SER D 30 13.61 -74.38 -28.33
N GLU D 31 13.07 -73.37 -29.01
CA GLU D 31 13.21 -73.30 -30.46
C GLU D 31 14.57 -72.74 -30.87
N PHE D 32 15.08 -71.76 -30.12
CA PHE D 32 16.37 -71.17 -30.40
C PHE D 32 16.86 -70.44 -29.16
N ARG D 33 18.18 -70.29 -29.06
CA ARG D 33 18.83 -69.65 -27.93
C ARG D 33 19.67 -68.48 -28.43
N LEU D 34 19.52 -67.33 -27.79
CA LEU D 34 20.38 -66.19 -28.06
C LEU D 34 21.69 -66.35 -27.28
N THR D 35 22.81 -66.04 -27.95
CA THR D 35 24.13 -66.19 -27.36
C THR D 35 24.81 -64.82 -27.32
N PRO D 36 24.63 -64.06 -26.24
CA PRO D 36 25.21 -62.72 -26.18
C PRO D 36 26.73 -62.75 -26.05
N HIS D 37 27.39 -61.90 -26.83
CA HIS D 37 28.82 -61.68 -26.73
C HIS D 37 29.00 -60.29 -26.12
N ILE D 38 29.47 -60.23 -24.89
CA ILE D 38 29.46 -59.00 -24.09
C ILE D 38 30.84 -58.35 -24.16
N ASP D 39 30.87 -57.05 -24.40
CA ASP D 39 32.10 -56.26 -24.44
C ASP D 39 31.90 -55.03 -23.57
N ASN D 40 32.52 -55.01 -22.39
CA ASN D 40 32.51 -53.84 -21.52
C ASN D 40 33.51 -52.82 -22.05
N LEU D 41 33.01 -51.65 -22.44
CA LEU D 41 33.85 -50.62 -23.03
C LEU D 41 33.33 -49.25 -22.62
N GLU D 42 34.17 -48.23 -22.85
CA GLU D 42 33.79 -46.86 -22.57
C GLU D 42 32.91 -46.35 -23.70
N VAL D 43 31.72 -45.85 -23.35
CA VAL D 43 30.73 -45.55 -24.37
C VAL D 43 31.06 -44.26 -25.12
N ALA D 44 31.80 -43.33 -24.50
CA ALA D 44 32.03 -42.03 -25.11
C ALA D 44 33.11 -42.10 -26.18
N ASN D 45 34.22 -42.78 -25.90
CA ASN D 45 35.32 -42.88 -26.83
C ASN D 45 34.90 -43.60 -28.11
N SER D 46 34.76 -42.85 -29.20
CA SER D 46 34.26 -43.43 -30.44
C SER D 46 35.27 -44.32 -31.15
N PHE D 47 36.54 -44.28 -30.75
CA PHE D 47 37.50 -45.24 -31.30
C PHE D 47 37.22 -46.64 -30.78
N ALA D 48 36.88 -46.76 -29.49
CA ALA D 48 36.61 -48.07 -28.91
C ALA D 48 35.33 -48.66 -29.48
N VAL D 49 34.25 -47.85 -29.53
CA VAL D 49 32.99 -48.32 -30.09
C VAL D 49 33.17 -48.78 -31.52
N THR D 50 34.12 -48.18 -32.24
CA THR D 50 34.43 -48.65 -33.59
C THR D 50 35.09 -50.01 -33.56
N ASN D 51 36.11 -50.17 -32.70
CA ASN D 51 36.81 -51.45 -32.63
C ASN D 51 35.93 -52.53 -32.02
N ALA D 52 35.09 -52.17 -31.04
CA ALA D 52 34.22 -53.16 -30.41
C ALA D 52 33.11 -53.61 -31.34
N PHE D 53 32.67 -52.74 -32.25
CA PHE D 53 31.70 -53.17 -33.26
C PHE D 53 32.35 -54.12 -34.25
N CYS D 54 33.57 -53.80 -34.69
CA CYS D 54 34.28 -54.68 -35.62
C CYS D 54 34.62 -56.01 -34.97
N SER D 55 34.72 -56.03 -33.64
CA SER D 55 34.90 -57.30 -32.94
C SER D 55 33.63 -58.14 -33.01
N GLN D 56 32.47 -57.49 -32.95
CA GLN D 56 31.20 -58.22 -33.08
C GLN D 56 30.97 -58.66 -34.52
N PHE D 57 31.24 -57.79 -35.49
CA PHE D 57 31.01 -58.12 -36.89
C PHE D 57 31.98 -59.18 -37.39
N SER D 58 33.12 -59.36 -36.72
CA SER D 58 34.09 -60.37 -37.14
C SER D 58 33.63 -61.77 -36.76
N ARG D 59 33.00 -61.93 -35.60
CA ARG D 59 32.50 -63.23 -35.14
C ARG D 59 31.17 -63.59 -35.77
N GLY D 60 30.57 -62.71 -36.57
CA GLY D 60 29.36 -63.03 -37.30
C GLY D 60 28.09 -62.87 -36.50
N VAL D 61 27.92 -61.74 -35.82
CA VAL D 61 26.70 -61.47 -35.08
C VAL D 61 25.59 -61.10 -36.05
N TYR D 62 24.36 -61.47 -35.71
CA TYR D 62 23.21 -61.11 -36.54
C TYR D 62 22.69 -59.73 -36.19
N ALA D 63 22.72 -59.38 -34.90
CA ALA D 63 22.28 -58.07 -34.42
C ALA D 63 23.23 -57.64 -33.31
N ILE D 64 23.03 -56.42 -32.82
CA ILE D 64 23.86 -55.85 -31.76
C ILE D 64 22.97 -55.04 -30.82
N PHE D 65 23.15 -55.23 -29.52
CA PHE D 65 22.49 -54.43 -28.50
C PHE D 65 23.54 -53.59 -27.77
N GLY D 66 23.26 -52.31 -27.62
CA GLY D 66 24.22 -51.44 -26.96
C GLY D 66 23.63 -50.08 -26.66
N PHE D 67 24.50 -49.16 -26.25
CA PHE D 67 24.17 -47.78 -25.95
C PHE D 67 25.08 -46.86 -26.75
N TYR D 68 24.85 -45.55 -26.66
CA TYR D 68 25.77 -44.60 -27.26
C TYR D 68 25.66 -43.25 -26.55
N ASP D 69 26.67 -42.42 -26.78
CA ASP D 69 26.74 -41.04 -26.33
C ASP D 69 26.56 -40.12 -27.53
N LYS D 70 26.41 -38.83 -27.25
CA LYS D 70 26.29 -37.85 -28.33
C LYS D 70 27.51 -37.89 -29.25
N LYS D 71 28.67 -38.30 -28.73
CA LYS D 71 29.86 -38.41 -29.57
C LYS D 71 29.89 -39.73 -30.33
N SER D 72 29.49 -40.83 -29.68
CA SER D 72 29.59 -42.14 -30.30
C SER D 72 28.37 -42.49 -31.14
N VAL D 73 27.28 -41.73 -31.06
CA VAL D 73 26.05 -42.11 -31.76
C VAL D 73 26.24 -42.06 -33.26
N ASN D 74 27.03 -41.10 -33.75
CA ASN D 74 27.23 -40.98 -35.19
C ASN D 74 28.03 -42.17 -35.74
N THR D 75 29.00 -42.65 -34.97
CA THR D 75 29.79 -43.81 -35.41
C THR D 75 28.92 -45.05 -35.54
N ILE D 76 27.82 -45.12 -34.79
CA ILE D 76 26.93 -46.27 -34.87
C ILE D 76 26.01 -46.15 -36.08
N THR D 77 25.44 -44.97 -36.31
CA THR D 77 24.37 -44.84 -37.29
C THR D 77 24.87 -44.93 -38.72
N SER D 78 26.14 -44.59 -38.96
CA SER D 78 26.68 -44.67 -40.31
C SER D 78 27.24 -46.04 -40.63
N PHE D 79 27.85 -46.71 -39.64
CA PHE D 79 28.32 -48.07 -39.86
C PHE D 79 27.15 -49.03 -40.06
N CYS D 80 26.10 -48.89 -39.25
CA CYS D 80 24.95 -49.79 -39.38
C CYS D 80 24.19 -49.55 -40.68
N GLY D 81 24.22 -48.32 -41.21
CA GLY D 81 23.58 -48.07 -42.47
C GLY D 81 24.31 -48.68 -43.65
N THR D 82 25.64 -48.76 -43.56
CA THR D 82 26.42 -49.32 -44.66
C THR D 82 26.42 -50.83 -44.63
N LEU D 83 26.80 -51.44 -43.50
CA LEU D 83 26.93 -52.89 -43.41
C LEU D 83 25.60 -53.61 -43.21
N HIS D 84 24.50 -52.87 -43.05
CA HIS D 84 23.16 -53.44 -42.90
C HIS D 84 23.02 -54.28 -41.63
N VAL D 85 23.79 -53.96 -40.60
CA VAL D 85 23.71 -54.64 -39.31
C VAL D 85 22.76 -53.88 -38.40
N SER D 86 21.82 -54.58 -37.79
CA SER D 86 20.83 -53.95 -36.94
C SER D 86 21.44 -53.58 -35.59
N PHE D 87 20.78 -52.63 -34.93
CA PHE D 87 21.27 -52.11 -33.65
C PHE D 87 20.07 -51.69 -32.80
N ILE D 88 19.86 -52.37 -31.69
CA ILE D 88 18.79 -52.06 -30.75
C ILE D 88 19.41 -51.30 -29.58
N THR D 89 18.84 -50.14 -29.24
CA THR D 89 19.42 -49.30 -28.21
C THR D 89 18.36 -48.62 -27.36
N PRO D 90 18.57 -48.56 -26.04
CA PRO D 90 17.67 -47.76 -25.18
C PRO D 90 18.06 -46.29 -25.11
N SER D 91 19.23 -45.92 -25.62
CA SER D 91 19.69 -44.54 -25.52
C SER D 91 18.82 -43.62 -26.39
N PHE D 92 19.10 -42.33 -26.30
CA PHE D 92 18.20 -41.31 -26.83
C PHE D 92 18.02 -41.45 -28.35
N PRO D 93 16.87 -41.03 -28.87
CA PRO D 93 16.62 -41.16 -30.31
C PRO D 93 17.58 -40.30 -31.13
N THR D 94 17.83 -40.74 -32.35
CA THR D 94 18.71 -40.02 -33.26
C THR D 94 18.00 -38.81 -33.85
N ASP D 95 18.78 -37.76 -34.12
CA ASP D 95 18.24 -36.50 -34.63
C ASP D 95 17.98 -36.62 -36.14
N GLY D 96 16.91 -37.35 -36.45
CA GLY D 96 16.50 -37.50 -37.84
C GLY D 96 15.85 -38.83 -38.17
N THR D 97 16.30 -39.45 -39.26
CA THR D 97 15.75 -40.72 -39.75
C THR D 97 16.92 -41.57 -40.22
N HIS D 98 17.45 -42.40 -39.32
CA HIS D 98 18.60 -43.24 -39.65
C HIS D 98 18.20 -44.71 -39.73
N PRO D 99 18.65 -45.44 -40.74
CA PRO D 99 18.25 -46.83 -40.91
C PRO D 99 19.11 -47.79 -40.11
N PHE D 100 18.57 -49.00 -39.93
CA PHE D 100 19.22 -50.07 -39.18
C PHE D 100 19.50 -49.65 -37.74
N VAL D 101 18.54 -48.95 -37.14
CA VAL D 101 18.60 -48.55 -35.74
C VAL D 101 17.22 -48.79 -35.14
N ILE D 102 17.17 -49.47 -34.00
CA ILE D 102 15.93 -49.77 -33.30
C ILE D 102 15.99 -49.06 -31.96
N GLN D 103 15.42 -47.86 -31.89
CA GLN D 103 15.49 -47.04 -30.69
C GLN D 103 14.36 -47.42 -29.75
N MET D 104 14.71 -47.99 -28.58
CA MET D 104 13.70 -48.38 -27.62
C MET D 104 13.13 -47.19 -26.85
N ARG D 105 13.87 -46.09 -26.78
CA ARG D 105 13.42 -44.93 -26.05
C ARG D 105 12.46 -44.10 -26.90
N PRO D 106 11.31 -43.69 -26.38
CA PRO D 106 10.37 -42.87 -27.16
C PRO D 106 10.86 -41.44 -27.28
N ASP D 107 10.11 -40.64 -28.03
CA ASP D 107 10.44 -39.24 -28.31
C ASP D 107 9.82 -38.38 -27.23
N LEU D 108 10.64 -37.93 -26.28
CA LEU D 108 10.14 -37.15 -25.15
C LEU D 108 9.75 -35.73 -25.53
N LYS D 109 10.23 -35.22 -26.67
CA LYS D 109 10.06 -33.81 -27.00
C LYS D 109 8.59 -33.40 -27.00
N GLY D 110 7.71 -34.24 -27.56
CA GLY D 110 6.31 -33.89 -27.66
C GLY D 110 5.61 -33.82 -26.32
N ALA D 111 5.98 -34.70 -25.39
CA ALA D 111 5.33 -34.70 -24.07
C ALA D 111 5.64 -33.43 -23.31
N LEU D 112 6.91 -32.99 -23.32
CA LEU D 112 7.31 -31.80 -22.57
C LEU D 112 6.56 -30.57 -23.04
N LEU D 113 6.54 -30.34 -24.37
CA LEU D 113 5.84 -29.17 -24.92
C LEU D 113 4.36 -29.19 -24.56
N SER D 114 3.78 -30.36 -24.35
CA SER D 114 2.40 -30.45 -23.88
C SER D 114 2.30 -30.12 -22.40
N LEU D 115 3.27 -30.57 -21.61
CA LEU D 115 3.22 -30.33 -20.16
C LEU D 115 3.40 -28.85 -19.85
N ILE D 116 4.34 -28.19 -20.53
CA ILE D 116 4.50 -26.75 -20.37
C ILE D 116 3.22 -26.03 -20.77
N GLU D 117 2.56 -26.52 -21.81
CA GLU D 117 1.31 -25.91 -22.25
C GLU D 117 0.20 -26.11 -21.23
N TYR D 118 0.20 -27.26 -20.54
CA TYR D 118 -0.86 -27.52 -19.57
C TYR D 118 -0.81 -26.52 -18.42
N TYR D 119 0.37 -26.32 -17.82
CA TYR D 119 0.49 -25.42 -16.70
C TYR D 119 0.35 -23.95 -17.08
N GLN D 120 0.30 -23.64 -18.37
CA GLN D 120 0.25 -22.26 -18.86
C GLN D 120 1.48 -21.47 -18.40
N TRP D 121 2.65 -21.95 -18.83
CA TRP D 121 3.91 -21.30 -18.52
C TRP D 121 4.25 -20.31 -19.63
N ASP D 122 4.41 -19.04 -19.27
CA ASP D 122 4.79 -17.99 -20.20
C ASP D 122 6.25 -17.56 -20.04
N LYS D 123 6.92 -17.97 -18.97
CA LYS D 123 8.31 -17.62 -18.73
C LYS D 123 8.90 -18.62 -17.75
N PHE D 124 10.05 -19.19 -18.10
CA PHE D 124 10.65 -20.22 -17.27
C PHE D 124 12.13 -20.36 -17.63
N ALA D 125 12.86 -21.03 -16.74
CA ALA D 125 14.26 -21.35 -16.96
C ALA D 125 14.37 -22.78 -17.49
N TYR D 126 15.46 -23.05 -18.21
CA TYR D 126 15.66 -24.34 -18.85
C TYR D 126 17.15 -24.69 -18.77
N LEU D 127 17.55 -25.32 -17.68
CA LEU D 127 18.89 -25.89 -17.62
C LEU D 127 18.97 -27.06 -18.59
N TYR D 128 20.20 -27.38 -18.99
CA TYR D 128 20.37 -28.49 -19.93
C TYR D 128 21.80 -29.01 -19.86
N ASP D 129 21.94 -30.33 -19.99
CA ASP D 129 23.23 -31.00 -20.06
C ASP D 129 23.49 -31.44 -21.49
N SER D 130 24.75 -31.39 -21.90
CA SER D 130 25.14 -31.80 -23.25
C SER D 130 25.59 -33.26 -23.27
N ASP D 131 24.83 -34.13 -22.62
CA ASP D 131 25.10 -35.56 -22.58
C ASP D 131 24.13 -36.37 -23.43
N ARG D 132 22.84 -36.08 -23.36
CA ARG D 132 21.83 -36.74 -24.18
C ARG D 132 21.40 -35.87 -25.36
N GLY D 133 22.25 -34.94 -25.78
CA GLY D 133 21.94 -34.05 -26.87
C GLY D 133 21.11 -32.86 -26.42
N LEU D 134 21.05 -31.85 -27.29
CA LEU D 134 20.19 -30.68 -27.09
C LEU D 134 18.98 -30.72 -28.01
N SER D 135 18.57 -31.91 -28.45
CA SER D 135 17.41 -32.02 -29.34
C SER D 135 16.13 -31.60 -28.64
N THR D 136 16.02 -31.90 -27.35
CA THR D 136 14.88 -31.40 -26.58
C THR D 136 14.99 -29.89 -26.36
N LEU D 137 16.20 -29.34 -26.40
CA LEU D 137 16.36 -27.89 -26.26
C LEU D 137 15.90 -27.17 -27.51
N GLN D 138 16.23 -27.69 -28.70
CA GLN D 138 15.79 -27.07 -29.93
C GLN D 138 14.28 -27.22 -30.13
N ALA D 139 13.62 -28.11 -29.38
CA ALA D 139 12.19 -28.27 -29.50
C ALA D 139 11.44 -27.21 -28.71
N VAL D 140 11.97 -26.79 -27.57
CA VAL D 140 11.30 -25.75 -26.79
C VAL D 140 11.64 -24.36 -27.34
N LEU D 141 12.83 -24.19 -27.91
CA LEU D 141 13.21 -22.88 -28.45
C LEU D 141 12.52 -22.61 -29.78
N ASP D 142 12.36 -23.64 -30.62
CA ASP D 142 11.53 -23.48 -31.82
C ASP D 142 10.13 -23.02 -31.45
N SER D 143 9.54 -23.64 -30.43
CA SER D 143 8.21 -23.30 -29.95
C SER D 143 8.22 -22.18 -28.91
N ALA D 144 9.38 -21.58 -28.65
CA ALA D 144 9.43 -20.43 -27.76
C ALA D 144 8.89 -19.18 -28.44
N ALA D 145 9.25 -18.98 -29.71
CA ALA D 145 8.68 -17.87 -30.47
C ALA D 145 7.22 -18.11 -30.78
N GLU D 146 6.86 -19.36 -31.10
CA GLU D 146 5.51 -19.68 -31.54
C GLU D 146 4.48 -19.32 -30.46
N LYS D 147 4.58 -19.93 -29.29
CA LYS D 147 3.65 -19.69 -28.20
C LYS D 147 4.10 -18.56 -27.29
N LYS D 148 5.12 -17.79 -27.69
CA LYS D 148 5.62 -16.64 -26.95
C LYS D 148 6.03 -17.02 -25.52
N TRP D 149 7.17 -17.68 -25.39
CA TRP D 149 7.78 -17.98 -24.10
C TRP D 149 9.09 -17.23 -23.97
N GLN D 150 9.43 -16.85 -22.75
CA GLN D 150 10.71 -16.20 -22.45
C GLN D 150 11.58 -17.25 -21.75
N VAL D 151 12.31 -18.03 -22.54
CA VAL D 151 13.11 -19.12 -22.03
C VAL D 151 14.46 -18.58 -21.57
N THR D 152 14.95 -19.11 -20.45
CA THR D 152 16.26 -18.75 -19.89
C THR D 152 17.09 -20.04 -19.86
N ALA D 153 17.78 -20.32 -20.97
CA ALA D 153 18.50 -21.58 -21.13
C ALA D 153 19.93 -21.43 -20.64
N ILE D 154 20.32 -22.25 -19.67
CA ILE D 154 21.67 -22.26 -19.12
C ILE D 154 22.28 -23.64 -19.35
N ASN D 155 23.47 -23.67 -19.94
CA ASN D 155 24.18 -24.92 -20.14
C ASN D 155 24.76 -25.39 -18.81
N VAL D 156 24.14 -26.42 -18.22
CA VAL D 156 24.55 -26.93 -16.91
C VAL D 156 25.48 -28.13 -17.02
N GLY D 157 25.82 -28.55 -18.24
CA GLY D 157 26.61 -29.76 -18.43
C GLY D 157 28.10 -29.62 -18.16
N ASN D 158 28.72 -28.56 -18.67
CA ASN D 158 30.17 -28.38 -18.57
C ASN D 158 30.52 -27.73 -17.23
N ILE D 159 30.61 -28.58 -16.20
CA ILE D 159 31.05 -28.15 -14.88
C ILE D 159 31.88 -29.28 -14.25
N ASN D 160 32.90 -28.88 -13.48
CA ASN D 160 33.76 -29.82 -12.80
C ASN D 160 33.25 -30.09 -11.38
N ASN D 161 33.88 -31.05 -10.71
CA ASN D 161 33.38 -31.56 -9.45
C ASN D 161 33.94 -30.86 -8.22
N ASP D 162 35.06 -30.14 -8.34
CA ASP D 162 35.63 -29.44 -7.19
C ASP D 162 35.18 -27.99 -7.10
N LYS D 163 34.66 -27.42 -8.18
CA LYS D 163 34.03 -26.10 -8.16
C LYS D 163 32.53 -26.24 -8.44
N LYS D 164 31.89 -27.21 -7.81
CA LYS D 164 30.49 -27.51 -8.07
C LYS D 164 29.57 -26.64 -7.22
N ASP D 165 29.88 -26.51 -5.93
CA ASP D 165 29.01 -25.75 -5.04
C ASP D 165 29.09 -24.26 -5.32
N GLU D 166 30.19 -23.79 -5.90
CA GLU D 166 30.33 -22.37 -6.17
C GLU D 166 29.54 -21.97 -7.43
N THR D 167 29.60 -22.78 -8.48
CA THR D 167 28.90 -22.44 -9.71
C THR D 167 27.39 -22.63 -9.57
N TYR D 168 26.95 -23.59 -8.76
CA TYR D 168 25.52 -23.83 -8.62
C TYR D 168 24.83 -22.66 -7.92
N ARG D 169 25.39 -22.18 -6.81
CA ARG D 169 24.82 -21.02 -6.14
C ARG D 169 24.87 -19.79 -7.03
N SER D 170 25.94 -19.65 -7.82
CA SER D 170 26.03 -18.53 -8.75
C SER D 170 25.00 -18.67 -9.87
N LEU D 171 24.61 -19.90 -10.22
CA LEU D 171 23.61 -20.08 -11.25
C LEU D 171 22.23 -19.61 -10.78
N PHE D 172 21.89 -19.92 -9.52
CA PHE D 172 20.58 -19.53 -9.00
C PHE D 172 20.55 -18.08 -8.55
N GLN D 173 21.70 -17.49 -8.27
CA GLN D 173 21.77 -16.04 -8.12
C GLN D 173 21.80 -15.33 -9.46
N ASP D 174 21.92 -16.08 -10.56
CA ASP D 174 21.63 -15.57 -11.89
C ASP D 174 20.17 -15.81 -12.26
N LEU D 175 19.58 -16.89 -11.75
CA LEU D 175 18.14 -17.12 -11.85
C LEU D 175 17.35 -16.35 -10.80
N GLU D 176 18.03 -15.57 -9.96
CA GLU D 176 17.37 -14.65 -9.05
C GLU D 176 17.24 -13.25 -9.63
N LEU D 177 17.98 -12.95 -10.71
CA LEU D 177 17.81 -11.67 -11.39
C LEU D 177 16.42 -11.55 -12.01
N LYS D 178 15.97 -12.61 -12.68
CA LYS D 178 14.64 -12.65 -13.26
C LYS D 178 13.56 -12.98 -12.23
N LYS D 179 13.94 -13.26 -10.99
CA LYS D 179 13.02 -13.80 -9.98
C LYS D 179 12.32 -15.05 -10.51
N GLU D 180 13.12 -15.99 -11.00
CA GLU D 180 12.60 -17.18 -11.65
C GLU D 180 12.05 -18.15 -10.62
N ARG D 181 10.80 -18.57 -10.82
CA ARG D 181 10.15 -19.55 -9.97
C ARG D 181 9.81 -20.84 -10.70
N ARG D 182 10.05 -20.91 -12.01
CA ARG D 182 9.65 -22.05 -12.83
C ARG D 182 10.85 -22.50 -13.65
N VAL D 183 11.36 -23.70 -13.34
CA VAL D 183 12.58 -24.21 -13.94
C VAL D 183 12.31 -25.56 -14.59
N ILE D 184 12.96 -25.81 -15.72
CA ILE D 184 13.07 -27.14 -16.30
C ILE D 184 14.51 -27.60 -16.13
N LEU D 185 14.69 -28.88 -15.78
CA LEU D 185 16.02 -29.41 -15.50
C LEU D 185 16.62 -30.11 -16.72
N ASP D 186 15.95 -31.14 -17.24
CA ASP D 186 16.38 -31.86 -18.44
C ASP D 186 17.83 -32.35 -18.29
N CYS D 187 17.99 -33.31 -17.38
CA CYS D 187 19.31 -33.87 -17.09
C CYS D 187 19.17 -35.36 -16.81
N GLU D 188 20.30 -36.05 -16.88
CA GLU D 188 20.34 -37.47 -16.54
C GLU D 188 20.16 -37.63 -15.03
N ARG D 189 19.61 -38.78 -14.64
CA ARG D 189 19.12 -38.96 -13.27
C ARG D 189 20.22 -38.73 -12.23
N ASP D 190 21.47 -39.05 -12.55
CA ASP D 190 22.55 -38.77 -11.62
C ASP D 190 22.70 -37.27 -11.37
N LYS D 191 22.63 -36.47 -12.42
CA LYS D 191 22.77 -35.03 -12.27
C LYS D 191 21.51 -34.39 -11.70
N VAL D 192 20.37 -35.09 -11.75
CA VAL D 192 19.14 -34.55 -11.16
C VAL D 192 19.32 -34.36 -9.66
N ASN D 193 19.78 -35.40 -8.96
CA ASN D 193 19.89 -35.34 -7.52
C ASN D 193 21.00 -34.41 -7.06
N ASP D 194 22.05 -34.24 -7.86
CA ASP D 194 23.09 -33.28 -7.50
C ASP D 194 22.55 -31.86 -7.54
N ILE D 195 21.71 -31.55 -8.54
CA ILE D 195 21.03 -30.26 -8.58
C ILE D 195 20.03 -30.14 -7.44
N VAL D 196 19.16 -31.15 -7.31
CA VAL D 196 18.10 -31.12 -6.30
C VAL D 196 18.70 -30.96 -4.89
N ASP D 197 19.83 -31.62 -4.64
CA ASP D 197 20.49 -31.48 -3.34
C ASP D 197 20.89 -30.03 -3.09
N GLN D 198 21.54 -29.40 -4.07
CA GLN D 198 21.89 -27.99 -3.93
C GLN D 198 20.66 -27.11 -3.82
N VAL D 199 19.57 -27.49 -4.50
CA VAL D 199 18.32 -26.74 -4.40
C VAL D 199 17.86 -26.66 -2.95
N ILE D 200 18.05 -27.75 -2.20
CA ILE D 200 17.62 -27.79 -0.81
C ILE D 200 18.54 -26.93 0.05
N THR D 201 19.85 -26.96 -0.22
CA THR D 201 20.80 -26.30 0.67
C THR D 201 20.75 -24.78 0.54
N ILE D 202 20.44 -24.27 -0.65
CA ILE D 202 20.25 -22.83 -0.80
C ILE D 202 18.83 -22.40 -0.45
N GLY D 203 17.86 -23.32 -0.46
CA GLY D 203 16.52 -23.02 -0.03
C GLY D 203 15.60 -22.57 -1.14
N LYS D 204 15.66 -23.24 -2.29
CA LYS D 204 14.77 -22.91 -3.40
C LYS D 204 13.78 -24.04 -3.66
N HIS D 205 13.09 -24.49 -2.61
CA HIS D 205 12.10 -25.55 -2.75
C HIS D 205 10.91 -25.31 -1.83
N VAL D 206 10.75 -24.10 -1.30
CA VAL D 206 9.64 -23.77 -0.40
C VAL D 206 8.41 -23.48 -1.23
N LYS D 207 7.33 -23.03 -0.59
CA LYS D 207 6.12 -22.66 -1.30
C LYS D 207 6.41 -21.50 -2.24
N GLY D 208 6.21 -21.73 -3.54
CA GLY D 208 6.48 -20.71 -4.53
C GLY D 208 7.06 -21.27 -5.82
N TYR D 209 8.09 -22.10 -5.71
CA TYR D 209 8.78 -22.64 -6.86
C TYR D 209 7.99 -23.79 -7.48
N HIS D 210 8.45 -24.24 -8.64
CA HIS D 210 7.83 -25.34 -9.36
C HIS D 210 8.82 -25.80 -10.42
N TYR D 211 9.14 -27.08 -10.41
CA TYR D 211 10.17 -27.64 -11.27
C TYR D 211 9.59 -28.70 -12.20
N ILE D 212 10.32 -29.01 -13.25
CA ILE D 212 9.92 -30.00 -14.25
C ILE D 212 11.14 -30.85 -14.58
N ILE D 213 11.15 -32.08 -14.10
CA ILE D 213 12.24 -33.02 -14.38
C ILE D 213 11.97 -33.65 -15.75
N ALA D 214 12.75 -33.26 -16.75
CA ALA D 214 12.53 -33.70 -18.12
C ALA D 214 13.38 -34.94 -18.40
N ASN D 215 12.91 -36.07 -17.88
CA ASN D 215 13.50 -37.37 -18.17
C ASN D 215 12.44 -38.44 -17.93
N LEU D 216 12.58 -39.57 -18.62
CA LEU D 216 11.58 -40.63 -18.56
C LEU D 216 11.54 -41.34 -17.21
N GLY D 217 12.49 -41.06 -16.31
CA GLY D 217 12.48 -41.69 -15.00
C GLY D 217 12.22 -40.70 -13.88
N PHE D 218 10.94 -40.45 -13.58
CA PHE D 218 10.60 -39.53 -12.51
C PHE D 218 10.72 -40.19 -11.14
N THR D 219 10.20 -41.41 -11.00
CA THR D 219 10.29 -42.14 -9.74
C THR D 219 11.61 -42.86 -9.58
N ASP D 220 12.47 -42.88 -10.61
CA ASP D 220 13.70 -43.66 -10.57
C ASP D 220 14.77 -43.01 -9.71
N GLY D 221 14.69 -41.70 -9.47
CA GLY D 221 15.58 -41.03 -8.55
C GLY D 221 14.93 -40.77 -7.21
N ASP D 222 15.73 -40.31 -6.26
CA ASP D 222 15.23 -40.03 -4.92
C ASP D 222 14.41 -38.74 -4.96
N LEU D 223 13.16 -38.82 -4.51
CA LEU D 223 12.24 -37.69 -4.52
C LEU D 223 11.78 -37.25 -3.14
N LEU D 224 11.97 -38.08 -2.10
CA LEU D 224 11.41 -37.78 -0.79
C LEU D 224 12.01 -36.54 -0.15
N LYS D 225 13.21 -36.13 -0.55
CA LYS D 225 13.87 -35.01 0.11
C LYS D 225 13.14 -33.69 -0.16
N ILE D 226 12.70 -33.47 -1.40
CA ILE D 226 12.04 -32.23 -1.77
C ILE D 226 10.53 -32.40 -1.68
N GLN D 227 10.08 -33.50 -1.08
CA GLN D 227 8.66 -33.82 -1.09
C GLN D 227 7.88 -32.88 -0.18
N PHE D 228 8.45 -32.53 0.97
CA PHE D 228 7.72 -31.78 1.99
C PHE D 228 8.11 -30.30 2.04
N GLY D 229 8.93 -29.83 1.11
CA GLY D 229 9.37 -28.45 1.16
C GLY D 229 8.26 -27.46 0.87
N GLY D 230 7.38 -27.80 -0.07
CA GLY D 230 6.28 -26.92 -0.43
C GLY D 230 6.16 -26.72 -1.92
N ALA D 231 7.29 -26.69 -2.62
CA ALA D 231 7.28 -26.50 -4.05
C ALA D 231 6.71 -27.73 -4.76
N GLU D 232 6.00 -27.49 -5.85
CA GLU D 232 5.50 -28.57 -6.69
C GLU D 232 6.60 -29.04 -7.64
N VAL D 233 6.58 -30.33 -7.97
CA VAL D 233 7.56 -30.93 -8.84
C VAL D 233 6.84 -31.78 -9.89
N SER D 234 7.18 -31.56 -11.15
CA SER D 234 6.61 -32.33 -12.26
C SER D 234 7.68 -33.20 -12.89
N GLY D 235 7.24 -34.18 -13.68
CA GLY D 235 8.17 -35.08 -14.32
C GLY D 235 7.44 -36.08 -15.19
N PHE D 236 8.19 -37.08 -15.65
CA PHE D 236 7.68 -38.07 -16.60
C PHE D 236 8.10 -39.46 -16.18
N GLN D 237 7.20 -40.43 -16.38
CA GLN D 237 7.46 -41.82 -16.05
C GLN D 237 6.95 -42.70 -17.19
N ILE D 238 7.81 -43.60 -17.65
CA ILE D 238 7.44 -44.51 -18.74
C ILE D 238 7.17 -45.90 -18.17
N VAL D 239 7.86 -46.24 -17.08
CA VAL D 239 7.70 -47.54 -16.43
C VAL D 239 6.55 -47.40 -15.43
N ASP D 240 5.38 -47.89 -15.81
CA ASP D 240 4.18 -47.73 -14.98
C ASP D 240 4.13 -48.83 -13.93
N TYR D 241 4.12 -48.45 -12.66
CA TYR D 241 4.13 -49.39 -11.54
C TYR D 241 2.72 -49.80 -11.11
N ASP D 242 1.70 -49.42 -11.87
CA ASP D 242 0.34 -49.88 -11.62
C ASP D 242 -0.10 -50.98 -12.57
N ASP D 243 0.61 -51.17 -13.68
CA ASP D 243 0.32 -52.28 -14.58
C ASP D 243 0.49 -53.61 -13.84
N SER D 244 -0.34 -54.58 -14.21
CA SER D 244 -0.25 -55.91 -13.64
C SER D 244 0.87 -56.75 -14.27
N LEU D 245 1.40 -56.32 -15.41
CA LEU D 245 2.54 -57.02 -16.01
C LEU D 245 3.84 -56.61 -15.32
N VAL D 246 3.94 -55.34 -14.92
CA VAL D 246 5.14 -54.88 -14.24
C VAL D 246 5.15 -55.36 -12.79
N SER D 247 3.98 -55.39 -12.14
CA SER D 247 3.91 -55.85 -10.77
C SER D 247 4.38 -57.29 -10.63
N LYS D 248 4.04 -58.14 -11.61
CA LYS D 248 4.58 -59.49 -11.62
C LYS D 248 6.08 -59.50 -11.88
N PHE D 249 6.58 -58.52 -12.64
CA PHE D 249 8.02 -58.42 -12.85
C PHE D 249 8.71 -57.86 -11.62
N ILE D 250 8.05 -56.98 -10.87
CA ILE D 250 8.67 -56.38 -9.70
C ILE D 250 8.71 -57.35 -8.53
N GLU D 251 7.64 -58.14 -8.35
CA GLU D 251 7.61 -59.12 -7.27
C GLU D 251 8.71 -60.17 -7.43
N ARG D 252 9.19 -60.38 -8.65
CA ARG D 252 10.35 -61.23 -8.89
C ARG D 252 11.66 -60.44 -8.83
N TRP D 253 11.64 -59.20 -9.31
CA TRP D 253 12.83 -58.35 -9.23
C TRP D 253 13.17 -58.00 -7.78
N SER D 254 12.17 -57.88 -6.92
CA SER D 254 12.40 -57.53 -5.53
C SER D 254 12.97 -58.67 -4.70
N THR D 255 13.08 -59.87 -5.25
CA THR D 255 13.54 -61.03 -4.50
C THR D 255 14.94 -61.49 -4.88
N LEU D 256 15.46 -61.10 -6.04
CA LEU D 256 16.77 -61.57 -6.47
C LEU D 256 17.87 -61.01 -5.57
N GLU D 257 18.86 -61.85 -5.30
CA GLU D 257 20.00 -61.44 -4.49
C GLU D 257 20.81 -60.37 -5.21
N GLU D 258 21.32 -59.42 -4.44
CA GLU D 258 22.04 -58.28 -5.01
C GLU D 258 23.48 -58.61 -5.39
N LYS D 259 24.00 -59.77 -4.99
CA LYS D 259 25.38 -60.10 -5.31
C LYS D 259 25.53 -60.54 -6.77
N GLU D 260 24.61 -61.35 -7.27
CA GLU D 260 24.72 -61.82 -8.66
C GLU D 260 24.32 -60.71 -9.63
N TYR D 261 23.15 -60.11 -9.43
CA TYR D 261 22.68 -59.02 -10.29
C TYR D 261 22.80 -57.71 -9.52
N PRO D 262 23.83 -56.91 -9.76
CA PRO D 262 24.01 -55.68 -8.97
C PRO D 262 22.91 -54.67 -9.25
N GLY D 263 22.52 -53.96 -8.19
CA GLY D 263 21.48 -52.94 -8.27
C GLY D 263 20.16 -53.49 -8.74
N ALA D 264 19.72 -54.60 -8.15
CA ALA D 264 18.50 -55.25 -8.61
C ALA D 264 17.62 -55.76 -7.46
N HIS D 265 17.92 -55.42 -6.21
CA HIS D 265 17.03 -55.81 -5.12
C HIS D 265 16.27 -54.61 -4.59
N THR D 266 15.42 -54.02 -5.44
CA THR D 266 14.57 -52.89 -5.06
C THR D 266 13.21 -53.07 -5.71
N ALA D 267 12.24 -52.28 -5.26
CA ALA D 267 10.91 -52.30 -5.85
C ALA D 267 10.81 -51.47 -7.12
N THR D 268 11.84 -50.70 -7.46
CA THR D 268 11.83 -49.83 -8.62
C THR D 268 12.92 -50.26 -9.60
N ILE D 269 12.74 -49.86 -10.87
CA ILE D 269 13.68 -50.17 -11.94
C ILE D 269 13.86 -48.93 -12.79
N LYS D 270 15.09 -48.68 -13.23
CA LYS D 270 15.38 -47.53 -14.06
C LYS D 270 14.79 -47.71 -15.45
N TYR D 271 14.48 -46.58 -16.10
CA TYR D 271 13.84 -46.65 -17.41
C TYR D 271 14.81 -47.10 -18.49
N THR D 272 16.11 -46.87 -18.31
CA THR D 272 17.09 -47.47 -19.20
C THR D 272 17.11 -48.98 -19.02
N SER D 273 17.09 -49.45 -17.78
CA SER D 273 17.05 -50.89 -17.52
C SER D 273 15.76 -51.51 -18.02
N ALA D 274 14.62 -50.84 -17.76
CA ALA D 274 13.33 -51.38 -18.21
C ALA D 274 13.27 -51.48 -19.72
N LEU D 275 13.91 -50.56 -20.43
CA LEU D 275 13.95 -50.65 -21.89
C LEU D 275 14.89 -51.74 -22.36
N THR D 276 15.96 -52.01 -21.59
CA THR D 276 16.85 -53.12 -21.90
C THR D 276 16.10 -54.45 -21.86
N TYR D 277 15.35 -54.68 -20.78
CA TYR D 277 14.56 -55.89 -20.65
C TYR D 277 13.57 -56.04 -21.80
N ASP D 278 12.87 -54.96 -22.15
CA ASP D 278 11.95 -55.01 -23.27
C ASP D 278 12.67 -55.07 -24.61
N ALA D 279 13.93 -54.67 -24.67
CA ALA D 279 14.67 -54.76 -25.92
C ALA D 279 14.97 -56.20 -26.29
N VAL D 280 15.05 -57.10 -25.30
CA VAL D 280 15.28 -58.51 -25.60
C VAL D 280 14.01 -59.14 -26.15
N GLN D 281 12.84 -58.78 -25.60
CA GLN D 281 11.59 -59.33 -26.08
C GLN D 281 11.34 -58.98 -27.55
N VAL D 282 11.82 -57.81 -27.98
CA VAL D 282 11.74 -57.45 -29.39
C VAL D 282 12.70 -58.31 -30.20
N MET D 283 13.94 -58.45 -29.72
CA MET D 283 14.93 -59.27 -30.42
C MET D 283 14.49 -60.73 -30.48
N THR D 284 13.83 -61.21 -29.41
CA THR D 284 13.40 -62.61 -29.38
C THR D 284 12.22 -62.84 -30.31
N GLU D 285 11.19 -62.00 -30.21
CA GLU D 285 10.05 -62.12 -31.12
C GLU D 285 10.43 -61.80 -32.56
N ALA D 286 11.57 -61.14 -32.78
CA ALA D 286 12.02 -60.86 -34.15
C ALA D 286 12.54 -62.13 -34.81
N PHE D 287 13.54 -62.76 -34.19
CA PHE D 287 14.06 -64.01 -34.75
C PHE D 287 13.03 -65.13 -34.72
N ARG D 288 12.03 -65.02 -33.85
CA ARG D 288 10.97 -66.03 -33.82
C ARG D 288 10.09 -65.93 -35.06
N ASN D 289 9.71 -64.71 -35.45
CA ASN D 289 8.91 -64.52 -36.65
C ASN D 289 9.67 -64.87 -37.92
N LEU D 290 11.00 -64.82 -37.90
CA LEU D 290 11.78 -65.22 -39.06
C LEU D 290 11.65 -66.72 -39.33
N ARG D 291 11.46 -67.52 -38.29
CA ARG D 291 11.25 -68.95 -38.46
C ARG D 291 9.82 -69.28 -38.87
N LYS D 292 8.86 -68.42 -38.55
CA LYS D 292 7.47 -68.66 -38.94
C LYS D 292 7.22 -68.25 -40.39
N GLN D 293 7.99 -67.31 -40.91
CA GLN D 293 7.86 -66.87 -42.30
C GLN D 293 8.76 -67.64 -43.25
N ARG D 294 9.47 -68.64 -42.76
CA ARG D 294 10.45 -69.41 -43.55
C ARG D 294 11.48 -68.49 -44.17
N ILE D 295 12.42 -68.00 -43.36
CA ILE D 295 13.47 -67.09 -43.81
C ILE D 295 14.79 -67.57 -43.22
N GLU D 296 15.73 -67.96 -44.08
CA GLU D 296 17.05 -68.40 -43.63
C GLU D 296 17.92 -67.19 -43.30
N ILE D 297 18.59 -67.24 -42.14
CA ILE D 297 19.40 -66.11 -41.70
C ILE D 297 20.76 -66.60 -41.21
N SER D 298 21.10 -67.86 -41.53
CA SER D 298 22.38 -68.41 -41.12
C SER D 298 23.47 -67.96 -42.08
N ARG D 299 24.47 -67.26 -41.56
CA ARG D 299 25.52 -66.71 -42.42
C ARG D 299 26.34 -67.83 -43.04
N ARG D 300 26.79 -67.61 -44.28
CA ARG D 300 27.46 -68.67 -45.03
C ARG D 300 28.88 -68.90 -44.55
N GLY D 301 29.61 -67.83 -44.27
CA GLY D 301 31.00 -67.93 -43.85
C GLY D 301 31.39 -66.79 -42.94
N ASN D 302 32.65 -66.39 -43.01
CA ASN D 302 33.16 -65.30 -42.19
C ASN D 302 32.86 -63.96 -42.84
N ALA D 303 32.63 -62.95 -42.00
CA ALA D 303 32.47 -61.59 -42.49
C ALA D 303 33.80 -60.95 -42.87
N GLY D 304 34.91 -61.51 -42.41
CA GLY D 304 36.21 -60.94 -42.72
C GLY D 304 36.50 -59.76 -41.83
N ASP D 305 36.87 -58.64 -42.44
CA ASP D 305 37.13 -57.40 -41.72
C ASP D 305 36.01 -56.41 -42.01
N CYS D 306 35.66 -55.62 -40.99
CA CYS D 306 34.61 -54.62 -41.16
C CYS D 306 35.00 -53.59 -42.22
N LEU D 307 36.28 -53.26 -42.33
CA LEU D 307 36.76 -52.32 -43.32
C LEU D 307 36.93 -53.02 -44.67
N ALA D 308 35.87 -53.68 -45.14
CA ALA D 308 35.93 -54.41 -46.40
C ALA D 308 35.83 -53.43 -47.56
N ASN D 309 36.81 -53.49 -48.47
CA ASN D 309 36.80 -52.66 -49.66
C ASN D 309 36.91 -53.53 -50.90
N PRO D 310 35.87 -53.53 -51.76
CA PRO D 310 34.63 -52.75 -51.68
C PRO D 310 33.71 -53.16 -50.53
N ALA D 311 32.88 -52.22 -50.07
CA ALA D 311 31.96 -52.47 -48.97
C ALA D 311 30.93 -53.51 -49.39
N VAL D 312 30.97 -54.68 -48.74
CA VAL D 312 30.05 -55.77 -49.06
C VAL D 312 28.99 -55.90 -47.97
N PRO D 313 27.77 -55.44 -48.21
CA PRO D 313 26.70 -55.63 -47.22
C PRO D 313 25.97 -56.95 -47.42
N TRP D 314 25.84 -57.74 -46.35
CA TRP D 314 25.16 -59.02 -46.45
C TRP D 314 23.67 -58.79 -46.70
N GLY D 315 23.07 -59.67 -47.50
CA GLY D 315 21.71 -59.41 -47.97
C GLY D 315 20.65 -59.67 -46.92
N GLN D 316 20.83 -60.73 -46.15
CA GLN D 316 19.81 -61.11 -45.19
C GLN D 316 19.65 -60.10 -44.06
N GLY D 317 20.58 -59.15 -43.92
CA GLY D 317 20.42 -58.13 -42.90
C GLY D 317 19.22 -57.25 -43.14
N VAL D 318 18.77 -57.14 -44.40
CA VAL D 318 17.57 -56.39 -44.69
C VAL D 318 16.34 -57.10 -44.13
N GLU D 319 16.36 -58.43 -44.12
CA GLU D 319 15.24 -59.19 -43.55
C GLU D 319 15.22 -59.10 -42.03
N ILE D 320 16.38 -58.88 -41.41
CA ILE D 320 16.43 -58.76 -39.96
C ILE D 320 15.88 -57.41 -39.50
N GLU D 321 16.23 -56.35 -40.23
CA GLU D 321 15.67 -55.03 -39.94
C GLU D 321 14.15 -55.04 -40.13
N ARG D 322 13.66 -55.72 -41.17
CA ARG D 322 12.23 -55.79 -41.42
C ARG D 322 11.50 -56.48 -40.28
N ALA D 323 12.04 -57.59 -39.80
CA ALA D 323 11.39 -58.34 -38.74
C ALA D 323 11.40 -57.56 -37.42
N LEU D 324 12.51 -56.89 -37.11
CA LEU D 324 12.60 -56.13 -35.87
C LEU D 324 11.55 -55.02 -35.82
N LYS D 325 11.29 -54.38 -36.95
CA LYS D 325 10.34 -53.27 -36.99
C LYS D 325 8.90 -53.73 -37.14
N GLN D 326 8.66 -55.01 -37.39
CA GLN D 326 7.31 -55.56 -37.43
C GLN D 326 6.89 -56.16 -36.09
N VAL D 327 7.74 -56.08 -35.07
CA VAL D 327 7.40 -56.60 -33.75
C VAL D 327 6.36 -55.69 -33.10
N GLN D 328 5.48 -56.30 -32.30
CA GLN D 328 4.42 -55.54 -31.63
C GLN D 328 3.96 -56.35 -30.41
N VAL D 329 4.65 -56.14 -29.29
CA VAL D 329 4.36 -56.85 -28.04
C VAL D 329 4.24 -55.81 -26.92
N GLU D 330 3.88 -56.29 -25.73
CA GLU D 330 3.76 -55.47 -24.55
C GLU D 330 4.97 -55.68 -23.64
N GLY D 331 5.37 -54.60 -22.95
CA GLY D 331 6.52 -54.66 -22.08
C GLY D 331 6.46 -53.70 -20.91
N LEU D 332 7.62 -53.37 -20.33
CA LEU D 332 7.65 -52.49 -19.17
C LEU D 332 7.37 -51.04 -19.54
N SER D 333 7.56 -50.67 -20.81
CA SER D 333 7.33 -49.31 -21.28
C SER D 333 5.98 -49.13 -21.94
N GLY D 334 4.98 -49.88 -21.49
CA GLY D 334 3.65 -49.67 -22.01
C GLY D 334 3.50 -50.39 -23.34
N ASN D 335 2.91 -49.72 -24.31
CA ASN D 335 2.72 -50.26 -25.66
C ASN D 335 3.97 -49.98 -26.48
N ILE D 336 4.48 -51.02 -27.15
CA ILE D 336 5.71 -50.94 -27.90
C ILE D 336 5.40 -51.17 -29.38
N LYS D 337 5.82 -50.24 -30.22
CA LYS D 337 5.57 -50.33 -31.65
C LYS D 337 6.51 -49.36 -32.37
N PHE D 338 6.93 -49.76 -33.57
CA PHE D 338 7.87 -48.98 -34.37
C PHE D 338 7.27 -48.64 -35.73
N ASP D 339 7.75 -47.53 -36.30
CA ASP D 339 7.51 -47.21 -37.69
C ASP D 339 8.74 -47.62 -38.50
N GLN D 340 8.83 -47.15 -39.74
CA GLN D 340 9.89 -47.64 -40.63
C GLN D 340 11.28 -47.19 -40.20
N ASN D 341 11.40 -46.13 -39.41
CA ASN D 341 12.71 -45.67 -38.96
C ASN D 341 13.21 -46.45 -37.76
N GLY D 342 12.30 -46.95 -36.93
CA GLY D 342 12.66 -47.50 -35.63
C GLY D 342 12.24 -46.64 -34.46
N LYS D 343 11.50 -45.55 -34.69
CA LYS D 343 11.00 -44.70 -33.63
C LYS D 343 9.81 -45.37 -32.95
N ARG D 344 9.72 -45.19 -31.63
CA ARG D 344 8.55 -45.66 -30.90
C ARG D 344 7.31 -44.89 -31.32
N ILE D 345 6.20 -45.61 -31.49
CA ILE D 345 4.91 -45.01 -31.83
C ILE D 345 3.84 -45.66 -30.98
N ASN D 346 2.65 -45.06 -31.01
CA ASN D 346 1.49 -45.48 -30.22
C ASN D 346 1.80 -45.51 -28.72
N TYR D 347 2.90 -44.88 -28.31
CA TYR D 347 3.36 -45.02 -26.94
C TYR D 347 2.61 -44.06 -26.02
N THR D 348 2.80 -44.27 -24.71
CA THR D 348 2.10 -43.53 -23.67
C THR D 348 3.10 -43.14 -22.60
N ILE D 349 3.18 -41.84 -22.31
CA ILE D 349 4.08 -41.31 -21.29
C ILE D 349 3.22 -40.74 -20.17
N ASN D 350 3.38 -41.28 -18.97
CA ASN D 350 2.63 -40.80 -17.82
C ASN D 350 3.28 -39.56 -17.22
N ILE D 351 2.46 -38.58 -16.86
CA ILE D 351 2.93 -37.34 -16.24
C ILE D 351 2.63 -37.41 -14.75
N MET D 352 3.65 -37.13 -13.94
CA MET D 352 3.54 -37.23 -12.49
C MET D 352 3.85 -35.89 -11.85
N GLU D 353 3.15 -35.58 -10.77
CA GLU D 353 3.47 -34.47 -9.89
C GLU D 353 4.08 -35.01 -8.61
N LEU D 354 4.27 -34.12 -7.63
CA LEU D 354 4.77 -34.52 -6.31
C LEU D 354 3.97 -33.78 -5.25
N LYS D 355 3.34 -34.53 -4.35
CA LYS D 355 2.50 -33.95 -3.32
C LYS D 355 2.96 -34.38 -1.93
N THR D 356 2.03 -34.43 -0.98
CA THR D 356 2.37 -34.87 0.37
C THR D 356 2.51 -36.39 0.45
N ASN D 357 1.77 -37.13 -0.36
CA ASN D 357 1.68 -38.58 -0.25
C ASN D 357 2.63 -39.33 -1.17
N GLY D 358 3.39 -38.62 -2.02
CA GLY D 358 4.33 -39.27 -2.89
C GLY D 358 3.99 -39.11 -4.37
N PRO D 359 4.66 -39.87 -5.23
CA PRO D 359 4.43 -39.75 -6.67
C PRO D 359 3.00 -40.12 -7.03
N ARG D 360 2.33 -39.21 -7.75
CA ARG D 360 0.91 -39.34 -8.05
C ARG D 360 0.70 -39.16 -9.55
N LYS D 361 0.12 -40.18 -10.18
CA LYS D 361 -0.23 -40.07 -11.59
C LYS D 361 -1.33 -39.02 -11.77
N ILE D 362 -1.11 -38.11 -12.73
CA ILE D 362 -2.07 -37.05 -13.02
C ILE D 362 -2.59 -37.11 -14.45
N GLY D 363 -2.07 -38.02 -15.27
CA GLY D 363 -2.54 -38.17 -16.63
C GLY D 363 -1.54 -38.95 -17.46
N TYR D 364 -1.74 -38.91 -18.77
CA TYR D 364 -0.80 -39.54 -19.70
C TYR D 364 -0.80 -38.77 -21.01
N TRP D 365 0.24 -39.01 -21.80
CA TRP D 365 0.48 -38.30 -23.05
C TRP D 365 0.64 -39.31 -24.18
N SER D 366 0.18 -38.93 -25.36
CA SER D 366 0.29 -39.78 -26.54
C SER D 366 0.41 -38.91 -27.78
N GLU D 367 0.63 -39.56 -28.93
CA GLU D 367 0.83 -38.84 -30.18
C GLU D 367 -0.49 -38.43 -30.81
N VAL D 368 -1.51 -39.28 -30.75
CA VAL D 368 -2.74 -39.02 -31.49
C VAL D 368 -3.55 -37.91 -30.81
N ASP D 369 -3.76 -38.00 -29.51
CA ASP D 369 -4.31 -36.92 -28.72
C ASP D 369 -3.31 -36.58 -27.63
N LYS D 370 -2.95 -35.30 -27.54
CA LYS D 370 -1.77 -34.86 -26.80
C LYS D 370 -1.89 -35.05 -25.29
N MET D 371 -2.59 -34.15 -24.62
CA MET D 371 -2.59 -34.07 -23.16
C MET D 371 -3.91 -34.63 -22.63
N VAL D 372 -3.84 -35.81 -22.02
CA VAL D 372 -5.02 -36.48 -21.46
C VAL D 372 -5.00 -36.27 -19.95
N LEU D 373 -6.03 -35.60 -19.44
CA LEU D 373 -6.13 -35.32 -18.02
C LEU D 373 -6.72 -36.51 -17.26
N THR D 374 -6.49 -36.51 -15.95
CA THR D 374 -7.11 -37.46 -15.03
C THR D 374 -7.70 -36.64 -13.88
N GLU D 375 -8.99 -36.35 -13.96
CA GLU D 375 -9.67 -35.49 -12.98
C GLU D 375 -9.75 -36.24 -11.65
N ASP D 376 -8.65 -36.18 -10.90
CA ASP D 376 -8.54 -36.87 -9.61
C ASP D 376 -8.17 -35.89 -8.50
N ASP D 377 -8.61 -34.64 -8.60
CA ASP D 377 -8.30 -33.60 -7.63
C ASP D 377 -9.61 -33.00 -7.12
N THR D 378 -9.86 -33.14 -5.82
CA THR D 378 -11.07 -32.59 -5.22
C THR D 378 -10.95 -31.08 -5.05
N SER D 379 -12.09 -30.44 -4.80
CA SER D 379 -12.14 -28.99 -4.64
C SER D 379 -11.56 -28.61 -3.29
N GLY D 380 -10.44 -27.87 -3.29
CA GLY D 380 -9.76 -27.58 -2.04
C GLY D 380 -10.44 -26.52 -1.22
N LEU D 381 -10.97 -25.49 -1.87
CA LEU D 381 -11.60 -24.40 -1.18
C LEU D 381 -13.01 -24.78 -0.73
N GLU D 382 -13.39 -24.33 0.46
CA GLU D 382 -14.72 -24.59 1.00
C GLU D 382 -15.68 -23.52 0.47
N GLN D 383 -16.67 -23.96 -0.31
CA GLN D 383 -17.60 -23.03 -0.96
C GLN D 383 -18.82 -22.78 -0.07
N LYS D 384 -18.54 -22.25 1.12
CA LYS D 384 -19.60 -21.86 2.07
C LYS D 384 -20.08 -20.47 1.69
N THR D 385 -20.88 -20.42 0.63
CA THR D 385 -21.39 -19.15 0.14
C THR D 385 -22.47 -18.60 1.07
N VAL D 386 -22.26 -17.39 1.56
CA VAL D 386 -23.14 -16.79 2.55
C VAL D 386 -24.38 -16.23 1.86
N VAL D 387 -25.55 -16.48 2.46
CA VAL D 387 -26.83 -16.06 1.92
C VAL D 387 -27.21 -14.73 2.55
N VAL D 388 -27.48 -13.73 1.72
CA VAL D 388 -27.82 -12.38 2.16
C VAL D 388 -29.20 -12.02 1.62
N THR D 389 -30.04 -11.49 2.50
CA THR D 389 -31.41 -11.12 2.14
C THR D 389 -31.62 -9.63 2.33
N THR D 390 -32.52 -9.07 1.51
CA THR D 390 -32.81 -7.64 1.52
C THR D 390 -34.21 -7.43 0.94
N ILE D 391 -34.58 -6.17 0.73
CA ILE D 391 -35.89 -5.81 0.20
C ILE D 391 -35.72 -4.77 -0.89
N LEU D 392 -36.57 -4.84 -1.92
CA LEU D 392 -36.56 -3.89 -3.02
C LEU D 392 -37.21 -2.60 -2.55
N GLU D 393 -36.39 -1.60 -2.23
CA GLU D 393 -36.88 -0.29 -1.81
C GLU D 393 -35.74 0.72 -1.96
N SER D 394 -36.01 1.81 -2.67
CA SER D 394 -34.99 2.81 -2.97
C SER D 394 -34.60 3.63 -1.75
N PRO D 395 -33.34 4.10 -1.70
CA PRO D 395 -32.26 3.82 -2.65
C PRO D 395 -31.26 2.79 -2.13
N TYR D 396 -31.75 1.87 -1.29
CA TYR D 396 -30.85 0.94 -0.62
C TYR D 396 -30.49 -0.23 -1.52
N VAL D 397 -31.47 -0.84 -2.18
CA VAL D 397 -31.24 -1.86 -3.19
C VAL D 397 -32.22 -1.61 -4.34
N MET D 398 -31.70 -1.44 -5.55
CA MET D 398 -32.52 -1.13 -6.72
C MET D 398 -32.09 -1.98 -7.89
N MET D 399 -33.03 -2.27 -8.79
CA MET D 399 -32.73 -2.99 -10.01
C MET D 399 -32.24 -2.02 -11.08
N LYS D 400 -31.24 -2.46 -11.85
CA LYS D 400 -30.57 -1.57 -12.78
C LYS D 400 -31.43 -1.28 -14.00
N LYS D 401 -30.94 -0.37 -14.85
CA LYS D 401 -31.66 0.04 -16.05
C LYS D 401 -31.66 -1.05 -17.10
N ASN D 402 -30.73 -1.99 -17.05
CA ASN D 402 -30.69 -3.14 -17.95
C ASN D 402 -30.53 -4.41 -17.11
N HIS D 403 -31.54 -4.70 -16.30
CA HIS D 403 -31.47 -5.81 -15.37
C HIS D 403 -31.71 -7.17 -16.03
N GLU D 404 -32.31 -7.19 -17.22
CA GLU D 404 -32.60 -8.45 -17.87
C GLU D 404 -31.38 -9.03 -18.58
N MET D 405 -30.52 -8.17 -19.12
CA MET D 405 -29.33 -8.67 -19.81
C MET D 405 -28.25 -9.15 -18.84
N LEU D 406 -28.24 -8.62 -17.62
CA LEU D 406 -27.22 -8.97 -16.64
C LEU D 406 -27.65 -10.20 -15.84
N GLU D 407 -26.77 -10.65 -14.95
CA GLU D 407 -27.00 -11.86 -14.17
C GLU D 407 -26.11 -11.82 -12.93
N GLY D 408 -26.63 -12.39 -11.84
CA GLY D 408 -25.86 -12.52 -10.62
C GLY D 408 -26.02 -11.35 -9.66
N ASN D 409 -24.92 -10.98 -8.99
CA ASN D 409 -24.96 -9.86 -8.05
C ASN D 409 -24.97 -8.51 -8.75
N GLU D 410 -24.53 -8.43 -10.00
CA GLU D 410 -24.55 -7.19 -10.76
C GLU D 410 -25.96 -6.79 -11.20
N ARG D 411 -26.97 -7.60 -10.91
CA ARG D 411 -28.34 -7.25 -11.30
C ARG D 411 -28.85 -6.04 -10.53
N TYR D 412 -28.48 -5.93 -9.25
CA TYR D 412 -28.97 -4.88 -8.38
C TYR D 412 -27.86 -3.89 -8.04
N GLU D 413 -28.28 -2.71 -7.59
CA GLU D 413 -27.35 -1.68 -7.15
C GLU D 413 -28.04 -0.77 -6.14
N GLY D 414 -27.27 -0.21 -5.24
CA GLY D 414 -27.80 0.67 -4.22
C GLY D 414 -26.79 0.87 -3.11
N TYR D 415 -27.28 1.42 -2.00
CA TYR D 415 -26.43 1.63 -0.83
C TYR D 415 -26.02 0.31 -0.20
N CYS D 416 -27.00 -0.55 0.12
CA CYS D 416 -26.71 -1.83 0.73
C CYS D 416 -26.03 -2.80 -0.24
N VAL D 417 -26.02 -2.49 -1.54
CA VAL D 417 -25.31 -3.34 -2.50
C VAL D 417 -23.80 -3.11 -2.40
N ASP D 418 -23.39 -1.85 -2.33
CA ASP D 418 -21.98 -1.56 -2.08
C ASP D 418 -21.58 -1.85 -0.64
N LEU D 419 -22.55 -1.88 0.29
CA LEU D 419 -22.24 -2.22 1.66
C LEU D 419 -22.00 -3.72 1.82
N ALA D 420 -22.68 -4.55 1.04
CA ALA D 420 -22.46 -5.99 1.12
C ALA D 420 -21.07 -6.38 0.63
N ALA D 421 -20.49 -5.60 -0.29
CA ALA D 421 -19.14 -5.88 -0.75
C ALA D 421 -18.10 -5.43 0.27
N GLU D 422 -18.34 -4.31 0.95
CA GLU D 422 -17.40 -3.82 1.95
C GLU D 422 -17.37 -4.74 3.17
N ILE D 423 -18.54 -5.29 3.56
CA ILE D 423 -18.56 -6.25 4.65
C ILE D 423 -17.87 -7.54 4.26
N ALA D 424 -18.02 -7.95 2.99
CA ALA D 424 -17.37 -9.15 2.51
C ALA D 424 -15.87 -8.97 2.31
N LYS D 425 -15.39 -7.73 2.28
CA LYS D 425 -13.95 -7.49 2.10
C LYS D 425 -13.21 -7.60 3.42
N HIS D 426 -13.77 -7.03 4.50
CA HIS D 426 -13.13 -7.06 5.81
C HIS D 426 -13.42 -8.34 6.58
N CYS D 427 -14.18 -9.27 6.01
CA CYS D 427 -14.42 -10.57 6.62
C CYS D 427 -13.90 -11.72 5.79
N GLY D 428 -14.08 -11.68 4.47
CA GLY D 428 -13.47 -12.65 3.58
C GLY D 428 -14.34 -13.84 3.25
N PHE D 429 -15.46 -13.61 2.58
CA PHE D 429 -16.33 -14.70 2.16
C PHE D 429 -17.06 -14.30 0.88
N LYS D 430 -17.43 -15.31 0.10
CA LYS D 430 -18.24 -15.09 -1.09
C LYS D 430 -19.71 -15.07 -0.69
N TYR D 431 -20.47 -14.17 -1.33
CA TYR D 431 -21.85 -13.93 -0.93
C TYR D 431 -22.79 -14.05 -2.13
N LYS D 432 -24.08 -14.03 -1.83
CA LYS D 432 -25.13 -14.09 -2.85
C LYS D 432 -26.31 -13.26 -2.37
N LEU D 433 -26.83 -12.41 -3.27
CA LEU D 433 -27.91 -11.50 -2.93
C LEU D 433 -29.24 -12.12 -3.35
N THR D 434 -30.13 -12.31 -2.38
CA THR D 434 -31.43 -12.93 -2.62
C THR D 434 -32.54 -12.03 -2.10
N ILE D 435 -33.66 -12.04 -2.81
CA ILE D 435 -34.82 -11.23 -2.45
C ILE D 435 -35.65 -11.96 -1.40
N VAL D 436 -36.21 -11.20 -0.46
CA VAL D 436 -37.10 -11.79 0.54
C VAL D 436 -38.41 -12.19 -0.12
N GLY D 437 -39.04 -13.23 0.42
CA GLY D 437 -40.23 -13.79 -0.18
C GLY D 437 -41.49 -12.95 -0.04
N ASP D 438 -42.02 -12.86 1.19
CA ASP D 438 -43.33 -12.24 1.38
C ASP D 438 -43.27 -10.72 1.16
N GLY D 439 -42.12 -10.10 1.36
CA GLY D 439 -41.98 -8.69 1.07
C GLY D 439 -41.87 -7.80 2.31
N LYS D 440 -42.89 -7.80 3.16
CA LYS D 440 -42.88 -6.94 4.33
C LYS D 440 -42.04 -7.55 5.43
N TYR D 441 -41.18 -6.73 6.05
CA TYR D 441 -40.13 -7.20 6.93
C TYR D 441 -40.39 -6.82 8.38
N GLY D 442 -39.78 -7.59 9.28
CA GLY D 442 -39.73 -7.28 10.69
C GLY D 442 -41.07 -7.20 11.39
N ALA D 443 -41.87 -8.27 11.30
CA ALA D 443 -43.18 -8.30 11.93
C ALA D 443 -43.41 -9.65 12.59
N ARG D 444 -44.27 -9.65 13.60
CA ARG D 444 -44.65 -10.86 14.31
C ARG D 444 -46.16 -10.88 14.47
N ASP D 445 -46.79 -11.98 14.11
CA ASP D 445 -48.24 -12.08 14.15
C ASP D 445 -48.74 -12.21 15.59
N ALA D 446 -50.02 -11.87 15.78
CA ALA D 446 -50.59 -11.89 17.12
C ALA D 446 -51.03 -13.28 17.54
N ASP D 447 -51.58 -14.06 16.62
CA ASP D 447 -52.08 -15.40 16.94
C ASP D 447 -50.99 -16.46 16.79
N THR D 448 -50.49 -16.64 15.56
CA THR D 448 -49.56 -17.74 15.30
C THR D 448 -48.17 -17.47 15.88
N LYS D 449 -47.76 -16.21 15.95
CA LYS D 449 -46.43 -15.82 16.42
C LYS D 449 -45.34 -16.48 15.58
N ILE D 450 -45.45 -16.32 14.25
CA ILE D 450 -44.47 -16.80 13.29
C ILE D 450 -43.85 -15.59 12.62
N TRP D 451 -42.52 -15.50 12.65
CA TRP D 451 -41.83 -14.38 12.05
C TRP D 451 -41.90 -14.45 10.52
N ASN D 452 -41.91 -13.27 9.89
CA ASN D 452 -41.93 -13.16 8.44
C ASN D 452 -40.91 -12.11 8.01
N GLY D 453 -40.70 -12.04 6.70
CA GLY D 453 -39.80 -11.04 6.16
C GLY D 453 -38.33 -11.41 6.34
N MET D 454 -37.49 -10.39 6.41
CA MET D 454 -36.05 -10.61 6.55
C MET D 454 -35.70 -11.14 7.92
N VAL D 455 -36.43 -10.73 8.96
CA VAL D 455 -36.15 -11.25 10.30
C VAL D 455 -36.51 -12.73 10.39
N GLY D 456 -37.47 -13.18 9.58
CA GLY D 456 -37.87 -14.58 9.65
C GLY D 456 -36.89 -15.52 8.96
N GLU D 457 -36.22 -15.05 7.91
CA GLU D 457 -35.32 -15.91 7.16
C GLU D 457 -34.02 -16.18 7.91
N LEU D 458 -33.73 -15.45 8.98
CA LEU D 458 -32.54 -15.69 9.77
C LEU D 458 -32.80 -16.66 10.92
N VAL D 459 -33.98 -16.57 11.53
CA VAL D 459 -34.28 -17.40 12.69
C VAL D 459 -34.53 -18.84 12.28
N TYR D 460 -35.14 -19.05 11.11
CA TYR D 460 -35.48 -20.38 10.65
C TYR D 460 -34.40 -21.01 9.77
N GLY D 461 -33.31 -20.29 9.49
CA GLY D 461 -32.16 -20.86 8.81
C GLY D 461 -32.11 -20.67 7.31
N LYS D 462 -33.07 -19.96 6.71
CA LYS D 462 -33.07 -19.78 5.27
C LYS D 462 -32.01 -18.79 4.81
N ALA D 463 -31.47 -17.98 5.71
CA ALA D 463 -30.44 -17.01 5.35
C ALA D 463 -29.44 -16.90 6.48
N ASP D 464 -28.24 -16.40 6.14
CA ASP D 464 -27.16 -16.28 7.10
C ASP D 464 -26.94 -14.86 7.62
N ILE D 465 -27.45 -13.84 6.91
CA ILE D 465 -27.27 -12.46 7.32
C ILE D 465 -28.28 -11.61 6.55
N ALA D 466 -28.59 -10.43 7.09
CA ALA D 466 -29.58 -9.54 6.48
C ALA D 466 -29.04 -8.11 6.54
N ILE D 467 -28.67 -7.57 5.39
CA ILE D 467 -28.17 -6.21 5.27
C ILE D 467 -29.23 -5.38 4.55
N ALA D 468 -29.88 -4.48 5.28
CA ALA D 468 -31.00 -3.72 4.73
C ALA D 468 -31.41 -2.60 5.66
N PRO D 469 -32.26 -1.65 5.22
CA PRO D 469 -32.85 -0.69 6.16
C PRO D 469 -33.81 -1.36 7.12
N LEU D 470 -33.29 -1.96 8.18
CA LEU D 470 -34.07 -2.71 9.15
C LEU D 470 -34.01 -1.98 10.49
N THR D 471 -35.16 -1.54 10.98
CA THR D 471 -35.20 -0.76 12.22
C THR D 471 -34.71 -1.60 13.40
N ILE D 472 -33.91 -0.97 14.26
CA ILE D 472 -33.39 -1.63 15.46
C ILE D 472 -34.44 -1.45 16.55
N THR D 473 -35.23 -2.50 16.77
CA THR D 473 -36.25 -2.52 17.81
C THR D 473 -35.92 -3.64 18.80
N LEU D 474 -36.51 -3.53 19.99
CA LEU D 474 -36.24 -4.51 21.04
C LEU D 474 -36.81 -5.88 20.67
N VAL D 475 -38.00 -5.92 20.06
CA VAL D 475 -38.62 -7.19 19.71
C VAL D 475 -37.76 -7.97 18.73
N ARG D 476 -36.98 -7.27 17.91
CA ARG D 476 -36.09 -7.94 16.96
C ARG D 476 -34.76 -8.33 17.58
N GLU D 477 -34.28 -7.57 18.56
CA GLU D 477 -33.02 -7.91 19.21
C GLU D 477 -33.10 -9.19 20.03
N GLU D 478 -34.30 -9.56 20.48
CA GLU D 478 -34.47 -10.77 21.29
C GLU D 478 -34.43 -12.05 20.46
N VAL D 479 -34.45 -11.96 19.13
CA VAL D 479 -34.47 -13.16 18.30
C VAL D 479 -33.23 -13.22 17.41
N ILE D 480 -32.70 -12.05 17.04
CA ILE D 480 -31.49 -11.97 16.21
C ILE D 480 -30.55 -10.95 16.80
N ASP D 481 -29.29 -11.04 16.41
CA ASP D 481 -28.23 -10.15 16.89
C ASP D 481 -28.01 -9.03 15.89
N PHE D 482 -28.28 -7.79 16.31
CA PHE D 482 -28.04 -6.64 15.47
C PHE D 482 -26.59 -6.18 15.57
N SER D 483 -26.12 -5.55 14.52
CA SER D 483 -24.84 -4.85 14.56
C SER D 483 -25.06 -3.41 14.99
N LYS D 484 -23.96 -2.70 15.24
CA LYS D 484 -24.05 -1.30 15.61
C LYS D 484 -24.60 -0.49 14.44
N PRO D 485 -25.32 0.60 14.72
CA PRO D 485 -26.06 1.30 13.65
C PRO D 485 -25.14 1.92 12.61
N PHE D 486 -25.45 1.68 11.35
CA PHE D 486 -24.67 2.21 10.23
C PHE D 486 -25.28 3.48 9.63
N MET D 487 -26.41 3.95 10.15
CA MET D 487 -27.07 5.13 9.59
C MET D 487 -28.08 5.64 10.63
N SER D 488 -27.65 6.57 11.46
CA SER D 488 -28.53 7.18 12.44
C SER D 488 -29.61 8.00 11.74
N LEU D 489 -30.81 8.01 12.33
CA LEU D 489 -31.93 8.68 11.71
C LEU D 489 -32.97 9.01 12.79
N GLY D 490 -34.03 9.68 12.38
CA GLY D 490 -35.13 10.04 13.25
C GLY D 490 -36.29 10.56 12.42
N ILE D 491 -37.42 10.76 13.10
CA ILE D 491 -38.60 11.27 12.41
C ILE D 491 -38.39 12.74 12.07
N SER D 492 -38.60 13.07 10.79
CA SER D 492 -38.37 14.42 10.29
C SER D 492 -39.62 14.94 9.60
N ILE D 493 -39.60 16.23 9.26
CA ILE D 493 -40.73 16.92 8.67
C ILE D 493 -40.45 17.20 7.20
N MET D 494 -41.45 16.96 6.36
CA MET D 494 -41.36 17.27 4.94
C MET D 494 -42.47 18.24 4.56
N ILE D 495 -42.10 19.25 3.77
CA ILE D 495 -43.04 20.22 3.21
C ILE D 495 -42.61 20.55 1.79
N LYS D 496 -43.42 21.35 1.11
CA LYS D 496 -43.07 21.82 -0.21
C LYS D 496 -41.99 22.91 -0.09
N LYS D 497 -41.53 23.41 -1.24
CA LYS D 497 -40.51 24.44 -1.29
C LYS D 497 -41.13 25.72 -1.84
N PRO D 498 -41.66 26.60 -0.99
CA PRO D 498 -42.22 27.87 -1.48
C PRO D 498 -41.13 28.73 -2.10
N GLN D 499 -41.41 29.24 -3.31
CA GLN D 499 -40.50 30.19 -3.95
C GLN D 499 -40.61 31.58 -3.37
N LYS D 500 -41.67 31.86 -2.61
CA LYS D 500 -41.99 33.13 -1.97
C LYS D 500 -42.45 34.19 -2.96
N SER D 501 -42.52 33.89 -4.26
CA SER D 501 -43.13 34.79 -5.21
C SER D 501 -44.64 34.75 -5.04
N LYS D 502 -45.18 35.57 -4.13
CA LYS D 502 -46.60 35.59 -3.79
C LYS D 502 -47.17 36.94 -4.21
N PRO D 503 -47.55 37.10 -5.48
CA PRO D 503 -48.08 38.38 -5.94
C PRO D 503 -49.52 38.59 -5.52
N GLY D 504 -49.87 39.86 -5.29
CA GLY D 504 -51.24 40.20 -4.91
C GLY D 504 -51.34 41.65 -4.48
N VAL D 505 -52.23 41.90 -3.53
CA VAL D 505 -52.42 43.23 -2.99
C VAL D 505 -51.97 43.33 -1.52
N PHE D 506 -51.78 42.20 -0.83
CA PHE D 506 -51.16 42.24 0.48
C PHE D 506 -49.65 42.43 0.38
N SER D 507 -49.03 41.89 -0.68
CA SER D 507 -47.61 42.13 -0.93
C SER D 507 -47.33 43.56 -1.38
N PHE D 508 -48.37 44.38 -1.54
CA PHE D 508 -48.18 45.79 -1.84
C PHE D 508 -47.50 46.52 -0.68
N LEU D 509 -48.14 46.50 0.49
CA LEU D 509 -47.61 47.22 1.64
C LEU D 509 -46.52 46.41 2.35
N ASP D 510 -45.49 46.01 1.60
CA ASP D 510 -44.49 45.09 2.14
C ASP D 510 -43.24 45.80 2.64
N PRO D 511 -42.55 46.64 1.83
CA PRO D 511 -41.29 47.23 2.30
C PRO D 511 -41.53 48.10 3.52
N LEU D 512 -42.31 49.16 3.36
CA LEU D 512 -42.86 49.86 4.51
C LEU D 512 -43.74 48.89 5.28
N ALA D 513 -43.38 48.64 6.54
CA ALA D 513 -44.03 47.61 7.32
C ALA D 513 -45.50 47.97 7.59
N TYR D 514 -46.23 46.97 8.08
CA TYR D 514 -47.66 47.14 8.38
C TYR D 514 -47.92 48.34 9.29
N GLU D 515 -46.96 48.66 10.16
CA GLU D 515 -47.16 49.75 11.11
C GLU D 515 -46.98 51.12 10.47
N ILE D 516 -46.10 51.24 9.48
CA ILE D 516 -45.77 52.55 8.95
C ILE D 516 -46.88 53.08 8.04
N TRP D 517 -47.52 52.20 7.27
CA TRP D 517 -48.62 52.64 6.40
C TRP D 517 -49.78 53.20 7.22
N MET D 518 -49.95 52.73 8.45
CA MET D 518 -50.97 53.27 9.34
C MET D 518 -50.42 54.36 10.25
N CYS D 519 -49.11 54.59 10.25
CA CYS D 519 -48.52 55.70 10.99
C CYS D 519 -48.26 56.92 10.13
N ILE D 520 -48.19 56.74 8.80
CA ILE D 520 -48.03 57.89 7.91
C ILE D 520 -49.33 58.68 7.81
N VAL D 521 -50.48 58.01 7.94
CA VAL D 521 -51.75 58.71 7.83
C VAL D 521 -51.98 59.64 9.02
N PHE D 522 -51.38 59.34 10.17
CA PHE D 522 -51.55 60.19 11.32
C PHE D 522 -50.72 61.47 11.21
N ALA D 523 -49.59 61.41 10.51
CA ALA D 523 -48.83 62.62 10.24
C ALA D 523 -49.48 63.44 9.13
N TYR D 524 -50.20 62.78 8.22
CA TYR D 524 -50.91 63.49 7.16
C TYR D 524 -52.05 64.32 7.72
N ILE D 525 -52.85 63.74 8.60
CA ILE D 525 -53.91 64.51 9.24
C ILE D 525 -53.33 65.47 10.27
N GLY D 526 -52.15 65.16 10.81
CA GLY D 526 -51.55 66.01 11.82
C GLY D 526 -50.96 67.28 11.26
N VAL D 527 -50.49 67.25 10.02
CA VAL D 527 -49.95 68.45 9.38
C VAL D 527 -51.05 69.26 8.72
N SER D 528 -52.05 68.59 8.12
CA SER D 528 -53.16 69.30 7.52
C SER D 528 -54.04 70.00 8.56
N VAL D 529 -53.99 69.57 9.81
CA VAL D 529 -54.71 70.26 10.88
C VAL D 529 -53.89 71.41 11.47
N VAL D 530 -52.57 71.42 11.24
CA VAL D 530 -51.76 72.56 11.66
C VAL D 530 -51.91 73.72 10.69
N LEU D 531 -52.03 73.43 9.39
CA LEU D 531 -52.35 74.46 8.42
C LEU D 531 -53.70 75.10 8.70
N PHE D 532 -54.55 74.43 9.48
CA PHE D 532 -55.80 75.04 9.92
C PHE D 532 -55.54 76.19 10.88
N LEU D 533 -54.53 76.03 11.75
CA LEU D 533 -54.28 76.99 12.82
C LEU D 533 -53.34 78.12 12.42
N VAL D 534 -52.37 77.86 11.54
CA VAL D 534 -51.35 78.86 11.26
C VAL D 534 -51.91 79.99 10.39
N SER D 535 -52.89 79.68 9.53
CA SER D 535 -53.44 80.69 8.64
C SER D 535 -54.58 81.45 9.33
N ILE D 545 -64.40 75.58 7.80
CA ILE D 545 -63.54 74.42 7.90
C ILE D 545 -63.56 73.62 6.60
N PHE D 546 -64.55 73.89 5.76
CA PHE D 546 -64.67 73.18 4.48
C PHE D 546 -63.71 73.72 3.43
N ASN D 547 -63.17 74.93 3.63
CA ASN D 547 -62.20 75.50 2.69
C ASN D 547 -60.77 75.43 3.21
N SER D 548 -60.58 75.40 4.53
CA SER D 548 -59.23 75.28 5.07
C SER D 548 -58.70 73.86 4.90
N LEU D 549 -59.56 72.86 5.06
CA LEU D 549 -59.17 71.49 4.75
C LEU D 549 -58.96 71.30 3.26
N TRP D 550 -59.64 72.10 2.43
CA TRP D 550 -59.39 72.08 1.00
C TRP D 550 -58.04 72.71 0.67
N PHE D 551 -57.65 73.72 1.44
CA PHE D 551 -56.36 74.36 1.20
C PHE D 551 -55.21 73.53 1.73
N SER D 552 -55.43 72.82 2.84
CA SER D 552 -54.37 72.00 3.41
C SER D 552 -54.13 70.75 2.58
N LEU D 553 -55.18 70.19 1.98
CA LEU D 553 -55.00 69.07 1.07
C LEU D 553 -54.51 69.51 -0.30
N GLY D 554 -54.71 70.78 -0.68
CA GLY D 554 -54.05 71.32 -1.85
C GLY D 554 -52.60 71.66 -1.58
N ALA D 555 -52.28 71.95 -0.33
CA ALA D 555 -50.90 72.15 0.10
C ALA D 555 -50.27 70.87 0.62
N PHE D 556 -50.95 69.74 0.47
CA PHE D 556 -50.41 68.42 0.79
C PHE D 556 -49.98 67.65 -0.44
N MET D 557 -50.71 67.79 -1.55
CA MET D 557 -50.35 67.07 -2.77
C MET D 557 -49.07 67.64 -3.38
N GLN D 558 -48.91 68.96 -3.35
CA GLN D 558 -47.71 69.60 -3.90
C GLN D 558 -46.67 69.74 -2.79
N GLN D 559 -46.07 68.60 -2.45
CA GLN D 559 -45.05 68.50 -1.42
C GLN D 559 -45.58 68.96 -0.07
N GLY D 560 -45.49 70.25 0.21
CA GLY D 560 -45.94 70.79 1.48
C GLY D 560 -46.40 72.24 1.41
N ILE D 563 -50.32 76.64 -0.10
CA ILE D 563 -50.72 77.56 -1.16
C ILE D 563 -50.92 78.95 -0.57
N SER D 564 -50.13 79.90 -1.05
CA SER D 564 -50.06 81.27 -0.54
C SER D 564 -49.82 81.30 0.96
N PRO D 565 -48.65 80.84 1.44
CA PRO D 565 -48.35 80.95 2.88
C PRO D 565 -47.55 82.20 3.21
N ARG D 566 -48.26 83.28 3.59
CA ARG D 566 -47.59 84.55 3.84
C ARG D 566 -46.93 84.61 5.21
N SER D 567 -47.38 83.80 6.16
CA SER D 567 -46.87 83.87 7.52
C SER D 567 -45.55 83.12 7.64
N LEU D 568 -44.79 83.46 8.68
CA LEU D 568 -43.57 82.71 9.00
C LEU D 568 -43.91 81.36 9.60
N SER D 569 -45.08 81.22 10.22
CA SER D 569 -45.45 79.96 10.84
C SER D 569 -45.85 78.92 9.79
N GLY D 570 -46.57 79.35 8.75
CA GLY D 570 -47.04 78.41 7.75
C GLY D 570 -45.95 77.83 6.87
N ARG D 571 -44.79 78.48 6.82
CA ARG D 571 -43.70 78.00 5.97
C ARG D 571 -43.01 76.80 6.59
N ILE D 572 -42.54 76.93 7.82
CA ILE D 572 -41.75 75.88 8.45
C ILE D 572 -42.55 74.61 8.67
N VAL D 573 -43.89 74.69 8.63
CA VAL D 573 -44.70 73.48 8.70
C VAL D 573 -44.51 72.65 7.44
N GLY D 574 -44.41 73.30 6.28
CA GLY D 574 -44.17 72.58 5.05
C GLY D 574 -42.71 72.25 4.83
N GLY D 575 -41.80 73.04 5.40
CA GLY D 575 -40.38 72.78 5.23
C GLY D 575 -39.91 71.54 5.96
N VAL D 576 -40.57 71.19 7.07
CA VAL D 576 -40.22 69.97 7.80
C VAL D 576 -41.03 68.79 7.29
N TRP D 577 -42.29 69.02 6.89
CA TRP D 577 -43.10 67.95 6.33
C TRP D 577 -42.51 67.44 5.03
N TRP D 578 -42.00 68.35 4.19
CA TRP D 578 -41.36 67.94 2.95
C TRP D 578 -40.11 67.11 3.22
N PHE D 579 -39.38 67.42 4.29
CA PHE D 579 -38.23 66.62 4.68
C PHE D 579 -38.65 65.27 5.24
N PHE D 580 -39.78 65.22 5.94
CA PHE D 580 -40.24 63.97 6.53
C PHE D 580 -40.69 62.99 5.46
N THR D 581 -41.46 63.46 4.47
CA THR D 581 -41.91 62.56 3.42
C THR D 581 -40.79 62.23 2.45
N LEU D 582 -39.80 63.12 2.31
CA LEU D 582 -38.66 62.83 1.46
C LEU D 582 -37.91 61.60 1.94
N ILE D 583 -37.80 61.43 3.25
CA ILE D 583 -37.13 60.25 3.80
C ILE D 583 -37.98 59.01 3.58
N ILE D 584 -39.29 59.12 3.77
CA ILE D 584 -40.16 57.95 3.64
C ILE D 584 -40.16 57.44 2.21
N ILE D 585 -40.28 58.33 1.23
CA ILE D 585 -40.29 57.90 -0.16
C ILE D 585 -38.93 57.35 -0.57
N SER D 586 -37.86 57.80 0.07
CA SER D 586 -36.53 57.27 -0.23
C SER D 586 -36.33 55.90 0.40
N SER D 587 -36.68 55.76 1.69
CA SER D 587 -36.59 54.47 2.34
C SER D 587 -37.55 53.46 1.73
N TYR D 588 -38.69 53.94 1.22
CA TYR D 588 -39.60 53.07 0.49
C TYR D 588 -38.99 52.59 -0.81
N THR D 589 -38.31 53.49 -1.53
CA THR D 589 -37.71 53.11 -2.80
C THR D 589 -36.50 52.20 -2.59
N ALA D 590 -35.71 52.47 -1.54
CA ALA D 590 -34.50 51.68 -1.31
C ALA D 590 -34.84 50.24 -0.94
N ASN D 591 -35.73 50.06 0.02
CA ASN D 591 -36.06 48.70 0.46
C ASN D 591 -36.82 47.92 -0.61
N LEU D 592 -37.55 48.62 -1.49
CA LEU D 592 -38.21 47.95 -2.59
C LEU D 592 -37.20 47.32 -3.54
N ALA D 593 -36.13 48.06 -3.87
CA ALA D 593 -35.06 47.49 -4.67
C ALA D 593 -34.34 46.39 -3.92
N ALA D 594 -34.20 46.55 -2.61
CA ALA D 594 -33.42 45.61 -1.81
C ALA D 594 -33.93 44.19 -1.94
N PHE D 595 -35.24 44.01 -2.07
CA PHE D 595 -35.83 42.68 -2.18
C PHE D 595 -36.42 42.41 -3.56
N LEU D 596 -36.04 43.20 -4.56
CA LEU D 596 -36.10 42.76 -5.94
C LEU D 596 -34.79 42.14 -6.40
N THR D 597 -33.69 42.46 -5.70
CA THR D 597 -32.39 41.88 -6.01
C THR D 597 -32.30 40.44 -5.51
N VAL D 598 -32.72 40.18 -4.28
CA VAL D 598 -32.60 38.87 -3.65
C VAL D 598 -33.98 38.34 -3.29
N GLU D 599 -34.08 37.02 -3.20
CA GLU D 599 -35.31 36.32 -2.82
C GLU D 599 -34.98 35.37 -1.68
N ARG D 600 -35.29 35.77 -0.45
CA ARG D 600 -34.88 35.02 0.73
C ARG D 600 -35.69 33.75 0.93
N MET D 601 -36.86 33.65 0.30
CA MET D 601 -37.85 32.57 0.38
C MET D 601 -38.77 32.71 1.60
N VAL D 602 -38.51 33.64 2.51
CA VAL D 602 -39.38 33.93 3.66
C VAL D 602 -39.60 32.69 4.51
N SER D 603 -40.30 31.70 3.97
CA SER D 603 -40.57 30.43 4.64
C SER D 603 -39.25 29.66 4.86
N PRO D 604 -39.29 28.59 5.68
CA PRO D 604 -40.37 28.04 6.50
C PRO D 604 -40.12 28.02 8.00
N ILE D 605 -41.18 27.85 8.78
CA ILE D 605 -41.06 27.52 10.20
C ILE D 605 -40.66 26.05 10.29
N GLU D 606 -39.37 25.79 10.51
CA GLU D 606 -38.84 24.45 10.34
C GLU D 606 -39.02 23.57 11.56
N SER D 607 -39.05 24.15 12.75
CA SER D 607 -39.11 23.36 13.97
C SER D 607 -40.44 22.62 14.08
N ALA D 608 -40.43 21.57 14.90
CA ALA D 608 -41.62 20.71 15.01
C ALA D 608 -42.71 21.38 15.85
N GLU D 609 -42.34 22.16 16.86
CA GLU D 609 -43.35 22.79 17.70
C GLU D 609 -44.09 23.91 16.97
N ASP D 610 -43.43 24.55 16.00
CA ASP D 610 -44.11 25.56 15.21
C ASP D 610 -45.17 24.95 14.30
N LEU D 611 -44.90 23.74 13.79
CA LEU D 611 -45.87 23.07 12.92
C LEU D 611 -47.14 22.71 13.67
N SER D 612 -47.05 22.47 14.98
CA SER D 612 -48.22 22.07 15.75
C SER D 612 -49.04 23.27 16.21
N LYS D 613 -48.41 24.44 16.40
CA LYS D 613 -49.11 25.57 16.98
C LYS D 613 -50.13 26.19 16.02
N GLN D 614 -50.05 25.90 14.73
CA GLN D 614 -50.97 26.44 13.75
C GLN D 614 -51.74 25.32 13.06
N THR D 615 -52.97 25.63 12.65
CA THR D 615 -53.83 24.66 11.99
C THR D 615 -54.18 25.03 10.56
N GLU D 616 -53.61 26.11 10.02
CA GLU D 616 -53.82 26.43 8.61
C GLU D 616 -53.22 25.35 7.72
N ILE D 617 -51.96 25.01 7.95
CA ILE D 617 -51.30 23.92 7.25
C ILE D 617 -51.49 22.65 8.07
N ALA D 618 -52.07 21.63 7.45
CA ALA D 618 -52.32 20.38 8.15
C ALA D 618 -51.07 19.49 8.14
N TYR D 619 -51.14 18.40 8.90
CA TYR D 619 -50.02 17.47 8.98
C TYR D 619 -50.52 16.12 9.51
N GLY D 620 -49.84 15.06 9.08
CA GLY D 620 -50.20 13.73 9.50
C GLY D 620 -49.03 12.76 9.32
N THR D 621 -49.33 11.48 9.54
CA THR D 621 -48.33 10.42 9.44
C THR D 621 -48.91 9.25 8.64
N LEU D 622 -48.14 8.17 8.56
CA LEU D 622 -48.62 6.97 7.91
C LEU D 622 -49.64 6.26 8.79
N ASP D 623 -50.55 5.51 8.14
CA ASP D 623 -51.65 4.90 8.87
C ASP D 623 -51.18 3.78 9.78
N SER D 624 -50.15 3.03 9.39
CA SER D 624 -49.65 1.91 10.18
C SER D 624 -48.14 1.87 10.07
N GLY D 625 -47.46 2.02 11.21
CA GLY D 625 -46.01 1.99 11.23
C GLY D 625 -45.50 2.47 12.57
N SER D 626 -44.17 2.55 12.65
CA SER D 626 -43.53 3.03 13.87
C SER D 626 -43.64 4.55 14.04
N THR D 627 -44.03 5.26 12.98
CA THR D 627 -44.14 6.71 13.06
C THR D 627 -45.38 7.12 13.86
N LYS D 628 -46.51 6.46 13.62
CA LYS D 628 -47.74 6.81 14.31
C LYS D 628 -47.73 6.30 15.74
N GLU D 629 -47.17 5.12 15.98
CA GLU D 629 -47.10 4.58 17.32
C GLU D 629 -46.20 5.39 18.24
N PHE D 630 -45.28 6.18 17.67
CA PHE D 630 -44.44 7.04 18.49
C PHE D 630 -45.27 8.11 19.20
N PHE D 631 -46.14 8.79 18.46
CA PHE D 631 -46.93 9.87 19.03
C PHE D 631 -48.01 9.35 19.98
N ARG D 632 -48.43 8.10 19.83
CA ARG D 632 -49.52 7.58 20.65
C ARG D 632 -49.14 7.54 22.12
N ARG D 633 -48.14 6.75 22.48
CA ARG D 633 -47.71 6.63 23.86
C ARG D 633 -46.60 7.61 24.21
N SER D 634 -46.39 8.66 23.41
CA SER D 634 -45.43 9.70 23.76
C SER D 634 -45.98 10.55 24.89
N LYS D 635 -45.20 10.67 25.97
CA LYS D 635 -45.64 11.44 27.12
C LYS D 635 -44.82 12.72 27.27
N ILE D 636 -44.63 13.42 26.16
CA ILE D 636 -44.01 14.74 26.15
C ILE D 636 -45.08 15.75 25.78
N ALA D 637 -44.98 16.95 26.37
CA ALA D 637 -46.04 17.94 26.22
C ALA D 637 -46.24 18.34 24.75
N VAL D 638 -45.15 18.43 23.99
CA VAL D 638 -45.26 18.89 22.61
C VAL D 638 -45.88 17.81 21.73
N PHE D 639 -45.43 16.57 21.87
CA PHE D 639 -45.87 15.51 20.98
C PHE D 639 -47.30 15.06 21.29
N ASP D 640 -47.74 15.21 22.55
CA ASP D 640 -49.11 14.82 22.88
C ASP D 640 -50.12 15.76 22.24
N LYS D 641 -49.77 17.04 22.06
CA LYS D 641 -50.64 17.96 21.37
C LYS D 641 -50.75 17.63 19.88
N MET D 642 -49.66 17.13 19.28
CA MET D 642 -49.71 16.69 17.90
C MET D 642 -50.57 15.43 17.76
N TRP D 643 -50.50 14.53 18.75
CA TRP D 643 -51.28 13.31 18.68
C TRP D 643 -52.78 13.58 18.85
N THR D 644 -53.13 14.44 19.81
CA THR D 644 -54.54 14.77 20.03
C THR D 644 -55.14 15.56 18.87
N TYR D 645 -54.31 16.21 18.05
CA TYR D 645 -54.81 16.90 16.88
C TYR D 645 -55.08 15.93 15.75
N MET D 646 -54.09 15.11 15.39
CA MET D 646 -54.25 14.17 14.28
C MET D 646 -55.30 13.11 14.59
N ARG D 647 -55.50 12.79 15.87
CA ARG D 647 -56.49 11.78 16.23
C ARG D 647 -57.90 12.27 15.95
N SER D 648 -58.14 13.57 16.04
CA SER D 648 -59.45 14.16 15.81
C SER D 648 -59.41 15.18 14.69
N ALA D 649 -58.62 14.90 13.65
CA ALA D 649 -58.45 15.80 12.52
C ALA D 649 -59.31 15.30 11.36
N GLU D 650 -60.30 16.08 10.98
CA GLU D 650 -61.16 15.74 9.84
C GLU D 650 -61.03 16.80 8.75
N PRO D 651 -60.88 16.37 7.48
CA PRO D 651 -60.86 14.98 7.01
C PRO D 651 -59.59 14.21 7.36
N SER D 652 -59.56 12.93 7.00
CA SER D 652 -58.49 12.01 7.40
C SER D 652 -57.12 12.49 6.95
N VAL D 653 -56.25 12.81 7.92
CA VAL D 653 -54.92 13.31 7.60
C VAL D 653 -53.92 12.19 7.31
N PHE D 654 -54.29 10.94 7.54
CA PHE D 654 -53.40 9.82 7.30
C PHE D 654 -53.53 9.32 5.87
N VAL D 655 -52.54 8.54 5.44
CA VAL D 655 -52.50 8.00 4.09
C VAL D 655 -52.26 6.51 4.15
N ARG D 656 -52.58 5.82 3.06
CA ARG D 656 -52.46 4.38 3.01
C ARG D 656 -51.00 3.95 2.96
N THR D 657 -50.25 4.44 1.97
CA THR D 657 -48.85 4.10 1.80
C THR D 657 -47.99 5.35 1.85
N THR D 658 -46.67 5.12 1.86
CA THR D 658 -45.74 6.26 1.85
C THR D 658 -45.73 6.97 0.51
N ALA D 659 -45.98 6.23 -0.59
CA ALA D 659 -46.06 6.85 -1.90
C ALA D 659 -47.23 7.82 -1.99
N GLU D 660 -48.30 7.57 -1.21
CA GLU D 660 -49.40 8.52 -1.16
C GLU D 660 -49.05 9.75 -0.33
N GLY D 661 -48.23 9.58 0.71
CA GLY D 661 -47.88 10.71 1.56
C GLY D 661 -47.02 11.74 0.87
N VAL D 662 -46.19 11.29 -0.07
CA VAL D 662 -45.34 12.23 -0.80
C VAL D 662 -46.16 13.01 -1.83
N ALA D 663 -47.08 12.33 -2.52
CA ALA D 663 -47.85 12.99 -3.56
C ALA D 663 -48.87 13.95 -2.98
N ARG D 664 -49.31 13.72 -1.74
CA ARG D 664 -50.31 14.59 -1.14
C ARG D 664 -49.72 15.95 -0.76
N VAL D 665 -48.45 15.98 -0.36
CA VAL D 665 -47.80 17.26 -0.08
C VAL D 665 -47.62 18.05 -1.37
N ARG D 666 -47.42 17.37 -2.50
CA ARG D 666 -47.16 18.07 -3.75
C ARG D 666 -48.40 18.78 -4.28
N LYS D 667 -49.59 18.23 -4.02
CA LYS D 667 -50.83 18.76 -4.59
C LYS D 667 -51.63 19.58 -3.59
N SER D 668 -51.02 20.00 -2.48
CA SER D 668 -51.72 20.71 -1.43
C SER D 668 -51.46 22.21 -1.44
N LYS D 669 -50.72 22.71 -2.43
CA LYS D 669 -50.39 24.14 -2.54
C LYS D 669 -49.65 24.63 -1.29
N GLY D 670 -48.91 23.74 -0.64
CA GLY D 670 -48.18 24.11 0.56
C GLY D 670 -49.03 24.21 1.82
N LYS D 671 -50.12 23.46 1.88
CA LYS D 671 -51.02 23.47 3.03
C LYS D 671 -51.14 22.10 3.68
N TYR D 672 -50.09 21.29 3.59
CA TYR D 672 -50.11 19.94 4.16
C TYR D 672 -48.68 19.46 4.33
N ALA D 673 -48.42 18.72 5.40
CA ALA D 673 -47.10 18.21 5.73
C ALA D 673 -47.19 16.71 6.03
N TYR D 674 -46.04 16.04 5.92
CA TYR D 674 -45.94 14.61 6.16
C TYR D 674 -44.72 14.33 7.02
N LEU D 675 -44.89 13.49 8.03
CA LEU D 675 -43.83 13.13 8.96
C LEU D 675 -43.36 11.70 8.65
N LEU D 676 -42.05 11.51 8.62
CA LEU D 676 -41.48 10.21 8.27
C LEU D 676 -40.02 10.19 8.69
N GLU D 677 -39.39 9.03 8.50
CA GLU D 677 -37.98 8.86 8.82
C GLU D 677 -37.11 9.78 7.96
N SER D 678 -36.01 10.25 8.54
CA SER D 678 -35.20 11.26 7.88
C SER D 678 -34.44 10.69 6.69
N THR D 679 -34.13 9.39 6.70
CA THR D 679 -33.41 8.80 5.58
C THR D 679 -34.27 8.79 4.32
N MET D 680 -35.56 8.50 4.46
CA MET D 680 -36.45 8.53 3.31
C MET D 680 -36.77 9.96 2.89
N ASN D 681 -36.92 10.87 3.87
CA ASN D 681 -37.23 12.26 3.55
C ASN D 681 -36.07 12.93 2.82
N GLU D 682 -34.84 12.68 3.26
CA GLU D 682 -33.67 13.26 2.60
C GLU D 682 -33.54 12.77 1.17
N TYR D 683 -33.93 11.52 0.89
CA TYR D 683 -33.81 10.99 -0.45
C TYR D 683 -34.81 11.62 -1.39
N ILE D 684 -36.03 11.88 -0.91
CA ILE D 684 -37.03 12.52 -1.76
C ILE D 684 -36.66 13.97 -2.02
N GLU D 685 -35.86 14.57 -1.15
CA GLU D 685 -35.45 15.96 -1.35
C GLU D 685 -34.54 16.10 -2.56
N GLN D 686 -33.85 15.03 -2.94
CA GLN D 686 -32.88 15.08 -4.03
C GLN D 686 -33.41 14.49 -5.34
N ARG D 687 -34.67 14.08 -5.39
CA ARG D 687 -35.26 13.50 -6.58
C ARG D 687 -36.28 14.47 -7.18
N LYS D 688 -36.40 14.42 -8.50
CA LYS D 688 -37.29 15.32 -9.22
C LYS D 688 -38.75 15.12 -8.80
N PRO D 689 -39.55 16.20 -8.81
CA PRO D 689 -39.23 17.55 -9.30
C PRO D 689 -38.47 18.45 -8.32
N CYS D 690 -37.95 17.88 -7.24
CA CYS D 690 -37.09 18.60 -6.29
C CYS D 690 -37.83 19.78 -5.65
N ASP D 691 -39.01 19.49 -5.10
CA ASP D 691 -39.79 20.51 -4.41
C ASP D 691 -40.03 20.22 -2.94
N THR D 692 -39.67 19.03 -2.45
CA THR D 692 -39.72 18.74 -1.03
C THR D 692 -38.44 19.22 -0.36
N MET D 693 -38.45 19.23 0.98
CA MET D 693 -37.30 19.72 1.73
C MET D 693 -37.43 19.28 3.17
N LYS D 694 -36.33 18.79 3.74
CA LYS D 694 -36.29 18.46 5.16
C LYS D 694 -36.13 19.74 5.98
N VAL D 695 -36.98 19.91 6.97
CA VAL D 695 -36.99 21.11 7.81
C VAL D 695 -36.97 20.69 9.27
N GLY D 696 -36.14 21.38 10.05
CA GLY D 696 -36.03 21.11 11.47
C GLY D 696 -35.23 19.87 11.78
N GLY D 697 -34.94 19.70 13.06
CA GLY D 697 -34.20 18.53 13.52
C GLY D 697 -35.11 17.33 13.71
N ASN D 698 -34.47 16.16 13.83
CA ASN D 698 -35.21 14.92 14.01
C ASN D 698 -35.86 14.87 15.38
N LEU D 699 -36.90 14.04 15.49
CA LEU D 699 -37.67 13.94 16.72
C LEU D 699 -37.07 12.92 17.68
N ASP D 700 -36.73 11.73 17.19
CA ASP D 700 -36.27 10.63 18.04
C ASP D 700 -34.91 10.15 17.56
N SER D 701 -34.37 9.17 18.29
CA SER D 701 -33.02 8.65 18.06
C SER D 701 -33.11 7.15 17.80
N LYS D 702 -32.89 6.74 16.56
CA LYS D 702 -32.90 5.33 16.18
C LYS D 702 -31.90 5.14 15.04
N GLY D 703 -31.81 3.92 14.54
CA GLY D 703 -30.89 3.63 13.45
C GLY D 703 -31.12 2.24 12.88
N TYR D 704 -30.65 2.07 11.65
CA TYR D 704 -30.72 0.79 10.97
C TYR D 704 -29.56 -0.10 11.41
N GLY D 705 -29.72 -1.41 11.16
CA GLY D 705 -28.69 -2.35 11.56
C GLY D 705 -28.73 -3.61 10.75
N ILE D 706 -27.60 -4.33 10.75
CA ILE D 706 -27.46 -5.61 10.07
C ILE D 706 -27.76 -6.72 11.06
N ALA D 707 -28.63 -7.64 10.67
CA ALA D 707 -29.10 -8.70 11.56
C ALA D 707 -28.37 -10.00 11.27
N THR D 708 -27.99 -10.70 12.34
CA THR D 708 -27.29 -11.98 12.27
C THR D 708 -27.93 -12.97 13.23
N PRO D 709 -27.89 -14.26 12.89
CA PRO D 709 -28.45 -15.27 13.80
C PRO D 709 -27.67 -15.35 15.10
N LYS D 710 -28.40 -15.67 16.17
CA LYS D 710 -27.77 -15.79 17.49
C LYS D 710 -26.89 -17.03 17.55
N GLY D 711 -25.70 -16.86 18.12
CA GLY D 711 -24.77 -17.96 18.21
C GLY D 711 -24.03 -18.26 16.92
N SER D 712 -24.13 -17.41 15.91
CA SER D 712 -23.45 -17.64 14.65
C SER D 712 -21.99 -17.19 14.75
N SER D 713 -21.15 -17.78 13.88
CA SER D 713 -19.72 -17.47 13.88
C SER D 713 -19.40 -16.14 13.21
N LEU D 714 -20.37 -15.52 12.54
CA LEU D 714 -20.16 -14.23 11.89
C LEU D 714 -20.85 -13.08 12.62
N GLY D 715 -21.35 -13.32 13.84
CA GLY D 715 -22.09 -12.29 14.54
C GLY D 715 -21.21 -11.16 15.02
N THR D 716 -20.10 -11.49 15.68
CA THR D 716 -19.16 -10.50 16.19
C THR D 716 -18.23 -9.97 15.10
N PRO D 717 -17.72 -10.81 14.18
CA PRO D 717 -16.87 -10.26 13.10
C PRO D 717 -17.54 -9.18 12.27
N VAL D 718 -18.87 -9.23 12.11
CA VAL D 718 -19.56 -8.19 11.35
C VAL D 718 -19.76 -6.94 12.21
N ASN D 719 -20.08 -7.12 13.50
CA ASN D 719 -20.24 -5.98 14.39
C ASN D 719 -18.96 -5.18 14.50
N LEU D 720 -17.82 -5.86 14.45
CA LEU D 720 -16.54 -5.16 14.48
C LEU D 720 -16.23 -4.49 13.15
N ALA D 721 -16.63 -5.13 12.05
CA ALA D 721 -16.38 -4.57 10.73
C ALA D 721 -17.22 -3.33 10.46
N VAL D 722 -18.36 -3.20 11.13
CA VAL D 722 -19.21 -2.02 10.93
C VAL D 722 -18.58 -0.80 11.57
N LEU D 723 -18.10 -0.93 12.82
CA LEU D 723 -17.45 0.18 13.48
C LEU D 723 -16.21 0.64 12.73
N LYS D 724 -15.55 -0.27 12.01
CA LYS D 724 -14.39 0.12 11.22
C LYS D 724 -14.79 1.00 10.03
N LEU D 725 -15.99 0.78 9.49
CA LEU D 725 -16.41 1.55 8.32
C LEU D 725 -16.82 2.96 8.69
N SER D 726 -17.39 3.15 9.88
CA SER D 726 -17.85 4.48 10.27
C SER D 726 -16.68 5.38 10.66
N GLU D 727 -15.57 4.79 11.11
CA GLU D 727 -14.41 5.59 11.48
C GLU D 727 -13.53 5.91 10.28
N GLN D 728 -13.44 5.00 9.32
CA GLN D 728 -12.70 5.26 8.08
C GLN D 728 -13.44 6.18 7.13
N GLY D 729 -14.61 6.68 7.52
CA GLY D 729 -15.38 7.55 6.64
C GLY D 729 -16.02 6.85 5.47
N VAL D 730 -16.16 5.52 5.53
CA VAL D 730 -16.72 4.79 4.40
C VAL D 730 -18.24 4.89 4.40
N LEU D 731 -18.87 4.75 5.57
CA LEU D 731 -20.32 4.81 5.64
C LEU D 731 -20.84 6.18 5.24
N ASP D 732 -20.17 7.24 5.69
CA ASP D 732 -20.61 8.60 5.33
C ASP D 732 -20.34 8.89 3.86
N LYS D 733 -19.36 8.23 3.26
CA LYS D 733 -19.11 8.41 1.83
C LYS D 733 -20.12 7.64 0.99
N LEU D 734 -20.56 6.47 1.47
CA LEU D 734 -21.62 5.75 0.79
C LEU D 734 -22.97 6.44 0.93
N LYS D 735 -23.19 7.10 2.08
CA LYS D 735 -24.41 7.90 2.25
C LYS D 735 -24.40 9.09 1.29
N ASN D 736 -23.28 9.81 1.24
CA ASN D 736 -23.16 10.92 0.30
C ASN D 736 -23.20 10.47 -1.15
N LYS D 737 -22.92 9.19 -1.41
CA LYS D 737 -22.89 8.68 -2.77
C LYS D 737 -24.30 8.53 -3.33
N TRP D 738 -25.12 7.69 -2.71
CA TRP D 738 -26.42 7.31 -3.25
C TRP D 738 -27.53 8.28 -2.91
N TRP D 739 -27.26 9.30 -2.10
CA TRP D 739 -28.26 10.33 -1.78
C TRP D 739 -28.02 11.60 -2.57
N TYR D 740 -26.82 12.18 -2.46
CA TYR D 740 -26.52 13.49 -3.03
C TYR D 740 -25.78 13.40 -4.36
N ASP D 741 -24.81 12.51 -4.48
CA ASP D 741 -23.98 12.47 -5.69
C ASP D 741 -24.77 11.98 -6.90
N LYS D 742 -25.37 10.80 -6.80
CA LYS D 742 -26.19 10.28 -7.88
C LYS D 742 -27.60 10.87 -7.90
N GLY D 743 -27.91 11.78 -6.97
CA GLY D 743 -29.23 12.39 -6.96
C GLY D 743 -29.42 13.34 -8.12
N GLU D 744 -30.67 13.48 -8.54
CA GLU D 744 -31.04 14.37 -9.65
C GLU D 744 -31.55 15.70 -9.13
N CYS D 745 -30.79 16.32 -8.24
CA CYS D 745 -31.21 17.57 -7.58
C CYS D 745 -31.24 18.70 -8.60
N GLY D 746 -32.43 19.12 -8.99
CA GLY D 746 -32.64 20.29 -9.82
C GLY D 746 -32.91 21.56 -9.04
N ALA D 747 -32.82 21.51 -7.72
CA ALA D 747 -33.04 22.67 -6.86
C ALA D 747 -31.73 23.31 -6.39
N LYS D 748 -30.59 22.74 -6.76
CA LYS D 748 -29.30 23.33 -6.44
C LYS D 748 -28.82 24.31 -7.50
N ASP D 749 -29.36 24.22 -8.72
CA ASP D 749 -28.99 25.12 -9.81
C ASP D 749 -30.12 26.06 -10.22
N SER D 750 -31.37 25.68 -9.98
CA SER D 750 -32.48 26.56 -10.32
C SER D 750 -32.60 27.72 -9.35
N GLY D 751 -32.23 27.51 -8.09
CA GLY D 751 -32.29 28.58 -7.11
C GLY D 751 -31.16 29.58 -7.20
N SER D 752 -30.17 29.32 -8.04
CA SER D 752 -29.03 30.21 -8.26
C SER D 752 -28.90 30.55 -9.74
N LYS D 753 -29.99 31.02 -10.33
CA LYS D 753 -30.03 31.40 -11.74
C LYS D 753 -30.16 32.90 -11.88
N GLU D 754 -30.07 33.37 -13.12
CA GLU D 754 -29.98 34.80 -13.41
C GLU D 754 -31.38 35.39 -13.49
N LYS D 755 -31.75 36.20 -12.50
CA LYS D 755 -32.98 36.99 -12.54
C LYS D 755 -32.62 38.40 -13.03
N THR D 756 -33.36 39.01 -13.96
CA THR D 756 -34.62 38.57 -14.58
C THR D 756 -35.75 38.32 -13.58
N SER D 757 -35.81 39.15 -12.53
CA SER D 757 -36.95 39.12 -11.63
C SER D 757 -38.17 39.79 -12.25
N ALA D 758 -37.93 40.86 -13.01
CA ALA D 758 -38.97 41.58 -13.76
C ALA D 758 -40.02 42.20 -12.84
N LEU D 759 -41.00 42.88 -13.44
CA LEU D 759 -42.02 43.61 -12.71
C LEU D 759 -43.38 42.98 -12.93
N SER D 760 -44.16 42.88 -11.86
CA SER D 760 -45.42 42.13 -11.85
C SER D 760 -46.59 43.07 -12.06
N LEU D 761 -47.38 42.83 -13.11
CA LEU D 761 -48.57 43.63 -13.35
C LEU D 761 -49.65 43.35 -12.29
N SER D 762 -49.66 42.14 -11.73
CA SER D 762 -50.66 41.80 -10.72
C SER D 762 -50.50 42.61 -9.45
N ASN D 763 -49.30 43.14 -9.19
CA ASN D 763 -49.08 43.97 -8.01
C ASN D 763 -49.10 45.46 -8.34
N VAL D 764 -48.91 45.84 -9.60
CA VAL D 764 -49.06 47.24 -9.99
C VAL D 764 -50.52 47.66 -9.91
N ALA D 765 -51.45 46.72 -10.14
CA ALA D 765 -52.87 47.04 -10.08
C ALA D 765 -53.30 47.49 -8.68
N GLY D 766 -52.53 47.15 -7.64
CA GLY D 766 -52.91 47.54 -6.29
C GLY D 766 -53.00 49.03 -6.11
N VAL D 767 -52.18 49.79 -6.85
CA VAL D 767 -52.26 51.24 -6.79
C VAL D 767 -53.17 51.82 -7.87
N PHE D 768 -53.40 51.08 -8.95
CA PHE D 768 -54.39 51.52 -9.94
C PHE D 768 -55.80 51.45 -9.40
N TYR D 769 -56.04 50.67 -8.35
CA TYR D 769 -57.36 50.58 -7.75
C TYR D 769 -57.56 51.61 -6.65
N ILE D 770 -56.49 52.03 -5.96
CA ILE D 770 -56.62 53.11 -4.99
C ILE D 770 -56.71 54.46 -5.69
N LEU D 771 -56.21 54.57 -6.93
CA LEU D 771 -56.31 55.82 -7.68
C LEU D 771 -57.72 56.02 -8.21
N VAL D 772 -58.27 55.01 -8.91
CA VAL D 772 -59.64 55.12 -9.42
C VAL D 772 -60.63 55.21 -8.27
N GLY D 773 -60.29 54.62 -7.12
CA GLY D 773 -61.10 54.84 -5.94
C GLY D 773 -61.09 56.29 -5.50
N GLY D 774 -59.95 56.96 -5.63
CA GLY D 774 -59.90 58.38 -5.36
C GLY D 774 -60.59 59.22 -6.42
N LEU D 775 -60.58 58.74 -7.68
CA LEU D 775 -61.33 59.42 -8.73
C LEU D 775 -62.82 59.27 -8.54
N GLY D 776 -63.27 58.13 -8.00
CA GLY D 776 -64.67 57.97 -7.67
C GLY D 776 -65.08 58.82 -6.48
N LEU D 777 -64.18 58.95 -5.49
CA LEU D 777 -64.44 59.85 -4.37
C LEU D 777 -64.37 61.31 -4.81
N ALA D 778 -63.60 61.60 -5.86
CA ALA D 778 -63.48 62.96 -6.36
C ALA D 778 -64.77 63.42 -7.03
N MET D 779 -65.55 62.48 -7.57
CA MET D 779 -66.83 62.83 -8.15
C MET D 779 -67.92 62.97 -7.11
N LEU D 780 -67.75 62.37 -5.93
CA LEU D 780 -68.72 62.50 -4.86
C LEU D 780 -68.57 63.81 -4.11
N VAL D 781 -67.34 64.32 -4.00
CA VAL D 781 -67.13 65.61 -3.35
C VAL D 781 -67.39 66.77 -4.32
N ALA D 782 -67.31 66.52 -5.63
CA ALA D 782 -67.58 67.58 -6.60
C ALA D 782 -69.05 67.98 -6.58
N LEU D 783 -69.95 67.03 -6.34
CA LEU D 783 -71.38 67.33 -6.39
C LEU D 783 -71.84 68.10 -5.16
N ILE D 784 -71.25 67.83 -3.99
CA ILE D 784 -71.66 68.55 -2.79
C ILE D 784 -71.12 69.98 -2.76
N GLU D 785 -70.13 70.29 -3.59
CA GLU D 785 -69.68 71.67 -3.72
C GLU D 785 -70.59 72.48 -4.63
N PHE D 786 -71.22 71.83 -5.62
CA PHE D 786 -72.11 72.52 -6.53
C PHE D 786 -73.48 72.79 -5.92
N CYS D 787 -73.83 72.12 -4.82
CA CYS D 787 -75.13 72.31 -4.19
C CYS D 787 -75.09 73.38 -3.10
N TYR D 788 -74.02 73.43 -2.32
CA TYR D 788 -73.90 74.41 -1.25
C TYR D 788 -72.92 75.52 -1.63
C1 NAG E . -15.82 -44.31 42.31
C2 NAG E . -16.75 -45.51 42.10
C3 NAG E . -18.06 -45.28 42.82
C4 NAG E . -17.82 -44.97 44.30
C5 NAG E . -16.80 -43.83 44.45
C6 NAG E . -16.38 -43.61 45.89
C7 NAG E . -16.43 -46.79 40.03
C8 NAG E . -16.78 -46.91 38.58
N2 NAG E . -16.98 -45.77 40.69
O1 NAG E . -14.60 -44.55 41.68
O3 NAG E . -18.90 -46.43 42.69
O4 NAG E . -19.03 -44.60 44.93
O5 NAG E . -15.61 -44.11 43.71
O6 NAG E . -15.86 -42.30 46.10
O7 NAG E . -15.66 -47.58 40.58
CL1 6ZQ F . -31.91 50.62 6.86
CAC 6ZQ F . -31.16 50.39 8.46
CAD 6ZQ F . -31.11 49.12 9.02
CAE 6ZQ F . -30.53 48.92 10.26
CAN 6ZQ F . -29.99 50.00 10.94
CAM 6ZQ F . -30.02 51.27 10.38
CAL 6ZQ F . -30.61 51.46 9.14
NAK 6ZQ F . -30.64 52.80 8.58
CAJ 6ZQ F . -31.80 53.46 8.65
OAA 6ZQ F . -32.90 52.84 9.25
CAI 6ZQ F . -31.93 54.77 8.14
CAH 6ZQ F . -33.15 55.50 8.20
CAG 6ZQ F . -33.22 56.78 7.68
FAF 6ZQ F . -34.39 57.48 7.74
CAO 6ZQ F . -32.08 57.36 7.09
CAP 6ZQ F . -30.90 56.65 7.02
CAQ 6ZQ F . -30.83 55.33 7.57
NAR 6ZQ F . -29.68 54.60 7.52
CAS 6ZQ F . -29.58 53.37 8.00
CAT 6ZQ F . -28.20 52.69 7.89
CAU 6ZQ F . -28.05 51.36 7.17
CAV 6ZQ F . -26.68 50.79 7.56
NAY 6ZQ F . -26.55 49.56 8.00
CAW 6ZQ F . -25.57 51.62 7.45
CAX 6ZQ F . -24.32 51.15 7.81
CBA 6ZQ F . -24.23 49.84 8.25
CAZ 6ZQ F . -25.37 49.07 8.34
CBB 6ZQ F . -25.25 47.62 8.84
NBE 6ZQ F . -25.21 47.56 10.29
CBD 6ZQ F . -25.85 46.34 10.74
CBC 6ZQ F . -27.29 46.63 11.16
CBF 6ZQ F . -23.83 47.55 10.75
CBG 6ZQ F . -23.66 48.48 11.94
C1 NAG G . 41.68 -12.63 33.73
C2 NAG G . 42.79 -13.08 34.66
C3 NAG G . 44.14 -12.87 33.98
C4 NAG G . 44.17 -13.58 32.64
C5 NAG G . 42.95 -13.20 31.78
C6 NAG G . 42.83 -14.03 30.53
C7 NAG G . 43.11 -12.93 37.08
C8 NAG G . 42.98 -12.04 38.30
N2 NAG G . 42.73 -12.37 35.92
O3 NAG G . 45.18 -13.38 34.82
O4 NAG G . 45.35 -13.21 31.93
O5 NAG G . 41.74 -13.39 32.53
O6 NAG G . 43.04 -15.41 30.82
O7 NAG G . 43.52 -14.07 37.15
CL1 6ZQ H . -20.25 56.59 -4.60
CAC 6ZQ H . -18.57 56.51 -5.18
CAD 6ZQ H . -17.60 55.94 -4.38
CAE 6ZQ H . -16.28 55.87 -4.80
CAN 6ZQ H . -15.93 56.38 -6.03
CAM 6ZQ H . -16.90 56.96 -6.84
CAL 6ZQ H . -18.22 57.01 -6.43
NAK 6ZQ H . -19.22 57.64 -7.30
CAJ 6ZQ H . -19.75 58.77 -6.88
OAA 6ZQ H . -19.39 59.32 -5.64
CAI 6ZQ H . -20.73 59.46 -7.67
CAH 6ZQ H . -21.32 60.68 -7.24
CAG 6ZQ H . -22.26 61.31 -8.05
FAF 6ZQ H . -22.84 62.48 -7.65
CAO 6ZQ H . -22.62 60.75 -9.27
CAP 6ZQ H . -22.04 59.55 -9.68
CAQ 6ZQ H . -21.06 58.91 -8.86
NAR 6ZQ H . -20.47 57.74 -9.23
CAS 6ZQ H . -19.58 57.12 -8.48
CAT 6ZQ H . -18.99 55.81 -9.04
CAU 6ZQ H . -19.42 54.54 -8.29
CAV 6ZQ H . -18.66 53.31 -8.80
NAY 6ZQ H . -18.08 52.49 -7.95
CAW 6ZQ H . -18.59 53.10 -10.17
CAX 6ZQ H . -17.92 51.99 -10.65
CBA 6ZQ H . -17.32 51.14 -9.73
CAZ 6ZQ H . -17.43 51.42 -8.38
CBB 6ZQ H . -16.77 50.47 -7.36
NBE 6ZQ H . -15.41 50.86 -7.03
CBD 6ZQ H . -15.05 50.32 -5.74
CBC 6ZQ H . -15.59 51.18 -4.61
CBF 6ZQ H . -14.49 50.32 -8.02
CBG 6ZQ H . -13.85 51.45 -8.82
C1 NAG I . 51.53 -11.18 -32.24
C2 NAG I . 52.70 -12.04 -31.80
C3 NAG I . 54.00 -11.31 -32.08
C4 NAG I . 54.08 -10.92 -33.55
C5 NAG I . 52.82 -10.18 -33.99
C6 NAG I . 52.75 -10.01 -35.49
C7 NAG I . 52.99 -13.60 -29.94
C8 NAG I . 52.81 -13.82 -28.46
N2 NAG I . 52.59 -12.41 -30.40
O3 NAG I . 55.10 -12.16 -31.74
O4 NAG I . 55.20 -10.07 -33.74
O5 NAG I . 51.64 -10.92 -33.62
O6 NAG I . 52.76 -11.27 -36.16
O7 NAG I . 53.49 -14.45 -30.67
CL1 6ZQ J . -30.84 50.97 -17.76
CAC 6ZQ J . -30.61 49.98 -19.24
CAD 6ZQ J . -29.34 49.52 -19.56
CAE 6ZQ J . -29.14 48.77 -20.69
CAN 6ZQ J . -30.21 48.46 -21.51
CAM 6ZQ J . -31.47 48.92 -21.19
CAL 6ZQ J . -31.69 49.67 -20.05
NAK 6ZQ J . -33.03 50.15 -19.71
CAJ 6ZQ J . -33.27 51.47 -19.76
OAA 6ZQ J . -32.23 52.36 -20.11
CAI 6ZQ J . -34.56 51.99 -19.44
CAH 6ZQ J . -34.86 53.39 -19.47
CAG 6ZQ J . -36.15 53.82 -19.15
FAF 6ZQ J . -36.47 55.15 -19.18
CAO 6ZQ J . -37.14 52.91 -18.80
CAP 6ZQ J . -36.84 51.55 -18.77
CAQ 6ZQ J . -35.52 51.11 -19.10
NAR 6ZQ J . -35.21 49.78 -19.08
CAS 6ZQ J . -34.02 49.31 -19.37
CAT 6ZQ J . -33.85 47.78 -19.29
CAU 6ZQ J . -33.01 47.19 -18.16
CAV 6ZQ J . -33.05 45.67 -18.28
NAY 6ZQ J . -31.96 44.98 -18.54
CAW 6ZQ J . -34.27 45.02 -18.10
CAX 6ZQ J . -34.33 43.64 -18.21
CBA 6ZQ J . -33.16 42.96 -18.49
CAZ 6ZQ J . -31.98 43.66 -18.65
CBB 6ZQ J . -30.69 42.90 -18.95
NBE 6ZQ J . -30.37 42.93 -20.37
CBD 6ZQ J . -28.96 42.68 -20.56
CBC 6ZQ J . -28.15 43.98 -20.41
CBF 6ZQ J . -31.13 41.90 -21.06
CBG 6ZQ J . -31.82 42.49 -22.29
C1 NAG K . -3.21 -49.32 -26.73
C2 NAG K . -4.68 -49.64 -26.99
C3 NAG K . -5.57 -49.10 -25.86
C4 NAG K . -5.05 -49.55 -24.50
C5 NAG K . -3.57 -49.18 -24.37
C6 NAG K . -2.96 -49.64 -23.06
C7 NAG K . -5.54 -49.87 -29.29
C8 NAG K . -5.93 -49.15 -30.53
N2 NAG K . -5.10 -49.11 -28.28
O3 NAG K . -6.90 -49.55 -26.05
O4 NAG K . -5.79 -48.91 -23.47
O5 NAG K . -2.84 -49.79 -25.43
O6 NAG K . -3.01 -51.05 -22.92
O7 NAG K . -5.61 -51.09 -29.19
CL1 6ZQ L . -42.43 43.91 -6.73
CAC 6ZQ L . -43.03 42.55 -5.75
CAD 6ZQ L . -42.94 41.27 -6.27
CAE 6ZQ L . -43.40 40.18 -5.54
CAN 6ZQ L . -43.95 40.38 -4.29
CAM 6ZQ L . -44.06 41.66 -3.77
CAL 6ZQ L . -43.58 42.76 -4.49
NAK 6ZQ L . -43.71 44.11 -3.92
CAJ 6ZQ L . -44.48 44.97 -4.59
OAA 6ZQ L . -45.11 44.58 -5.77
CAI 6ZQ L . -44.67 46.30 -4.12
CAH 6ZQ L . -45.49 47.23 -4.81
CAG 6ZQ L . -45.63 48.52 -4.31
FAF 6ZQ L . -46.42 49.42 -4.98
CAO 6ZQ L . -44.99 48.89 -3.13
CAP 6ZQ L . -44.19 47.98 -2.46
CAQ 6ZQ L . -44.04 46.66 -2.97
NAR 6ZQ L . -43.26 45.73 -2.33
CAS 6ZQ L . -43.10 44.51 -2.79
CAT 6ZQ L . -42.20 43.60 -1.94
CAU 6ZQ L . -40.87 43.20 -2.57
CAV 6ZQ L . -40.26 42.08 -1.74
NAY 6ZQ L . -39.81 40.98 -2.31
CAW 6ZQ L . -40.21 42.23 -0.36
CAX 6ZQ L . -39.67 41.23 0.43
CBA 6ZQ L . -39.19 40.10 -0.22
CAZ 6ZQ L . -39.28 40.01 -1.61
CBB 6ZQ L . -38.75 38.76 -2.32
NBE 6ZQ L . -39.63 37.60 -2.16
CBD 6ZQ L . -39.52 36.74 -3.33
CBC 6ZQ L . -40.38 37.27 -4.47
CBF 6ZQ L . -39.21 36.84 -1.00
CBG 6ZQ L . -40.28 36.90 0.11
#